data_7Y6S
#
_entry.id   7Y6S
#
_cell.length_a   1.00
_cell.length_b   1.00
_cell.length_c   1.00
_cell.angle_alpha   90.00
_cell.angle_beta   90.00
_cell.angle_gamma   90.00
#
_symmetry.space_group_name_H-M   'P 1'
#
loop_
_entity.id
_entity.type
_entity.pdbx_description
1 polymer 'Spike glycoprotein'
2 branched beta-D-mannopyranose-(1-4)-2-acetamido-2-deoxy-beta-D-glucopyranose-(1-4)-[alpha-L-fucopyranose-(1-6)]2-acetamido-2-deoxy-beta-D-glucopyranose
3 branched alpha-D-mannopyranose-(1-2)-alpha-D-mannopyranose-(1-3)-[alpha-D-mannopyranose-(1-3)-alpha-D-mannopyranose-(1-6)]beta-D-mannopyranose-(1-4)-2-acetamido-2-deoxy-beta-D-glucopyranose-(1-4)-2-acetamido-2-deoxy-beta-D-glucopyranose
4 branched alpha-L-fucopyranose-(1-6)-2-acetamido-2-deoxy-beta-D-glucopyranose
5 branched beta-D-mannopyranose-(1-4)-2-acetamido-2-deoxy-beta-D-glucopyranose-(1-4)-2-acetamido-2-deoxy-beta-D-glucopyranose
6 branched 2-acetamido-2-deoxy-beta-D-glucopyranose-(1-4)-2-acetamido-2-deoxy-beta-D-glucopyranose
7 branched 2-acetamido-2-deoxy-beta-D-glucopyranose-(1-4)-[alpha-L-fucopyranose-(1-6)]2-acetamido-2-deoxy-beta-D-glucopyranose
8 non-polymer 2-acetamido-2-deoxy-beta-D-glucopyranose
#
_entity_poly.entity_id   1
_entity_poly.type   'polypeptide(L)'
_entity_poly.pdbx_seq_one_letter_code
;LPQDVTRCSAKTNFRRFFSKFNVQAPAVVVLGGYLPIGENQGVNSTWYCAGQHPTASGVHGIFVSHIRGGHGFEIGISQE
PFDPSGYQLYLHKATNGNTNATARLRICQFPSIKTLGPTANNDVTIGRNCLFNKAIPAHMSEHSVVGITWDNDRVTVFSD
KIYYFYFKNDWSRVATKCYNSGGCAMQYVYEPTYYMLNVTSAGEDGISYQPCTANCIGYAANVFATEPNGHIPEGFSFNN
WFLLSNDSTLVHGKVVSNQPLLVNCLLAIPKIYGLGQFFSFNQTIDGVCNGAAVQRAPEALRFNINDTSVILAEGSIVLH
TALGTNFSFVCSNSSNPHLATFAIPLGATQVPYYCFFKVDTYNSTVYKFLAVLPPTVREIVITKYGDVYVNGFGYLHLGL
LDAVTINFTGHGTDDDVSGFWTIASTNFVDALIEVQGTAIQRILYCDDPVSQLKCSQVAFDLDDGFYPFSSRNLLSHEQP
ISFVTLPSFNAHSFVNITVSASFGGHSGANLIASDTTINGFSSFCVDTRQFTISLSYNVTNSYGYVSNSQDSNCPFTLQS
VNDYLSFSKFCVSTSLLASACTIDLFGYPEFGSGVKFTSLYFQFTKGELITGTPKPLEGVTDVSFMTLDVCTKYTIYGFK
GEGIITLTNSSFLAGVYYTSDSGQLLAFKNVTSGAVYSVTPCSFSEQAAYVDDDIVGVISSLSSSTFNSTRELPGFFYHS
NDGSNCTEPVLVYSNIGVCKSGSIGYVPSQSGQVKIAPTVTGNISIPTNFSMSIRTEYLQLYNTPVSVDCATYVCNGNSR
CKQLLTQYTAACKTIESALQLSARLESVEVNSMLTISEEALQLATISSFNGDGYNFTNVLGVSVYDPARGRVVQKRSFIE
DLLFNKVVTNGLGTVDEDYKRCSNGRSVADLVCAQYYSGVMVLPGVVDAEKLHMYSASLIGGMVLGGFTAAAALPFSYAV
QARLNYLALQTDVLQRNQQLLAESFNSAIGNITSAFESVKEASSQTSRGLNTVAHALTKVQEVVNSQGAALTQLTVQLQH
NFQAISSSIDDIYSRLDPPSADVQVDRLITGRLSALNAFVAQTLTKYTEVQASRKLAQQKVNECVKSQSQRYGFCGGDGE
HIFSLVQAAPQGLLFLHTVLVPSDFVDVIAIAGLCVNDEIALTLREPGLVLFTHELQNHTATEYFVSSRRMFEPRKPTVS
DFVQIESCVVTYVNLTRDQLPDVIPDYIDVNKTRDEILASLPNRTGPSLPLDVFNATYLNLTGEIADLEQRSESLRNTTE
ELQSLIYNINNTLVDLEWLNRVETYIKWPEFGSGGYIPEAPRDGQAYVRKDGEWVLLSTFLKGQDNSADIQHSGRPLESR
GPFEQKLISEEDLNMHTGHHHHHH
;
_entity_poly.pdbx_strand_id   A,B,C
#
loop_
_chem_comp.id
_chem_comp.type
_chem_comp.name
_chem_comp.formula
BMA D-saccharide, beta linking beta-D-mannopyranose 'C6 H12 O6'
FUC L-saccharide, alpha linking alpha-L-fucopyranose 'C6 H12 O5'
MAN D-saccharide, alpha linking alpha-D-mannopyranose 'C6 H12 O6'
NAG D-saccharide, beta linking 2-acetamido-2-deoxy-beta-D-glucopyranose 'C8 H15 N O6'
#
# COMPACT_ATOMS: atom_id res chain seq x y z
N ASN A 13 -38.47 -70.58 5.33
CA ASN A 13 -37.84 -69.27 5.44
C ASN A 13 -37.22 -68.86 4.10
N PHE A 14 -36.75 -67.62 4.05
CA PHE A 14 -36.15 -67.06 2.84
C PHE A 14 -34.65 -66.85 2.97
N ARG A 15 -34.04 -67.36 4.04
CA ARG A 15 -32.62 -67.11 4.28
C ARG A 15 -31.76 -67.69 3.16
N ARG A 16 -32.05 -68.92 2.74
CA ARG A 16 -31.31 -69.53 1.64
C ARG A 16 -31.54 -68.76 0.35
N PHE A 17 -32.76 -68.26 0.14
CA PHE A 17 -33.06 -67.48 -1.05
C PHE A 17 -32.26 -66.17 -1.07
N PHE A 18 -32.22 -65.46 0.06
CA PHE A 18 -31.53 -64.17 0.09
C PHE A 18 -30.02 -64.31 0.09
N SER A 19 -29.48 -65.49 0.35
CA SER A 19 -28.03 -65.68 0.28
C SER A 19 -27.50 -65.49 -1.13
N LYS A 20 -28.34 -65.64 -2.16
CA LYS A 20 -27.88 -65.43 -3.52
C LYS A 20 -27.56 -63.96 -3.78
N PHE A 21 -28.25 -63.04 -3.09
CA PHE A 21 -27.89 -61.62 -3.14
C PHE A 21 -26.70 -61.43 -2.21
N ASN A 22 -25.51 -61.69 -2.75
CA ASN A 22 -24.31 -61.65 -1.95
C ASN A 22 -24.14 -60.27 -1.32
N VAL A 23 -23.87 -60.24 -0.02
CA VAL A 23 -23.76 -58.99 0.72
C VAL A 23 -22.86 -59.22 1.92
N GLN A 24 -22.06 -58.20 2.24
CA GLN A 24 -21.15 -58.30 3.38
C GLN A 24 -21.94 -58.44 4.68
N ALA A 25 -21.30 -59.04 5.68
CA ALA A 25 -22.01 -59.39 6.91
C ALA A 25 -22.60 -58.20 7.65
N PRO A 26 -21.85 -57.12 7.95
CA PRO A 26 -22.40 -56.09 8.83
C PRO A 26 -23.22 -55.02 8.14
N ALA A 27 -23.66 -55.29 6.91
CA ALA A 27 -24.33 -54.28 6.09
C ALA A 27 -25.83 -54.52 6.05
N VAL A 28 -26.59 -53.45 6.26
CA VAL A 28 -28.04 -53.44 6.07
C VAL A 28 -28.34 -52.86 4.69
N VAL A 29 -29.20 -53.53 3.93
CA VAL A 29 -29.32 -53.31 2.50
C VAL A 29 -30.80 -53.38 2.11
N VAL A 30 -31.10 -52.95 0.88
CA VAL A 30 -32.46 -52.87 0.37
C VAL A 30 -32.59 -53.73 -0.88
N LEU A 31 -33.64 -54.54 -0.92
CA LEU A 31 -34.03 -55.34 -2.08
C LEU A 31 -35.21 -54.73 -2.79
N GLY A 32 -35.25 -54.90 -4.10
CA GLY A 32 -36.36 -54.43 -4.90
C GLY A 32 -36.56 -55.28 -6.12
N GLY A 33 -37.81 -55.36 -6.58
CA GLY A 33 -38.17 -56.08 -7.77
C GLY A 33 -39.22 -57.15 -7.49
N TYR A 34 -39.42 -58.02 -8.48
CA TYR A 34 -40.41 -59.08 -8.38
C TYR A 34 -39.89 -60.19 -7.46
N LEU A 35 -39.87 -59.92 -6.16
CA LEU A 35 -39.39 -60.87 -5.17
C LEU A 35 -40.53 -61.73 -4.68
N PRO A 36 -40.25 -62.79 -3.91
CA PRO A 36 -41.33 -63.55 -3.28
C PRO A 36 -42.20 -62.66 -2.42
N ILE A 37 -43.50 -62.90 -2.47
CA ILE A 37 -44.46 -61.94 -1.92
C ILE A 37 -44.67 -62.10 -0.42
N GLY A 38 -44.32 -63.24 0.16
CA GLY A 38 -44.42 -63.43 1.59
C GLY A 38 -45.54 -64.37 1.99
N GLU A 39 -45.92 -64.27 3.27
CA GLU A 39 -46.91 -65.17 3.84
C GLU A 39 -48.10 -64.47 4.49
N ASN A 40 -47.87 -63.36 5.18
CA ASN A 40 -48.93 -62.71 5.96
C ASN A 40 -49.03 -61.21 5.77
N GLN A 41 -48.06 -60.57 5.13
CA GLN A 41 -48.03 -59.12 4.99
C GLN A 41 -48.60 -58.72 3.63
N GLY A 42 -49.30 -57.59 3.60
CA GLY A 42 -49.89 -57.12 2.35
C GLY A 42 -50.97 -58.09 1.86
N VAL A 43 -51.29 -57.96 0.57
CA VAL A 43 -52.19 -58.91 -0.07
C VAL A 43 -51.44 -60.22 -0.18
N ASN A 44 -50.38 -60.22 -1.01
CA ASN A 44 -49.36 -61.25 -1.06
C ASN A 44 -49.85 -62.65 -0.75
N SER A 45 -49.16 -63.32 0.17
CA SER A 45 -49.54 -64.66 0.66
C SER A 45 -49.87 -65.60 -0.48
N THR A 46 -51.07 -66.19 -0.45
CA THR A 46 -51.57 -67.05 -1.51
C THR A 46 -50.61 -68.18 -1.83
N TRP A 47 -50.21 -68.92 -0.79
CA TRP A 47 -49.58 -70.21 -1.04
C TRP A 47 -50.65 -71.18 -1.52
N TYR A 48 -50.60 -71.55 -2.80
CA TYR A 48 -51.52 -72.56 -3.30
C TYR A 48 -51.27 -73.89 -2.61
N CYS A 49 -50.00 -74.25 -2.43
CA CYS A 49 -49.55 -75.34 -1.57
C CYS A 49 -50.16 -76.69 -1.95
N ALA A 50 -50.81 -76.78 -3.10
CA ALA A 50 -51.44 -78.02 -3.53
C ALA A 50 -51.59 -77.98 -5.05
N GLY A 51 -51.88 -79.14 -5.63
CA GLY A 51 -52.07 -79.25 -7.05
C GLY A 51 -53.43 -78.72 -7.48
N GLN A 52 -53.78 -77.52 -7.00
CA GLN A 52 -55.05 -76.91 -7.33
C GLN A 52 -55.19 -76.60 -8.81
N HIS A 53 -54.08 -76.45 -9.52
CA HIS A 53 -54.05 -76.04 -10.92
C HIS A 53 -54.77 -74.72 -11.14
N PRO A 54 -54.22 -73.61 -10.66
CA PRO A 54 -54.82 -72.30 -10.91
C PRO A 54 -54.32 -71.72 -12.22
N THR A 55 -54.91 -70.60 -12.61
CA THR A 55 -54.50 -69.92 -13.82
C THR A 55 -54.83 -68.43 -13.70
N ALA A 56 -53.86 -67.59 -14.07
CA ALA A 56 -53.99 -66.15 -13.92
C ALA A 56 -53.45 -65.49 -15.18
N SER A 57 -53.55 -64.16 -15.23
CA SER A 57 -53.07 -63.36 -16.35
C SER A 57 -52.30 -62.16 -15.81
N GLY A 58 -51.39 -61.66 -16.63
CA GLY A 58 -50.60 -60.50 -16.22
C GLY A 58 -49.53 -60.78 -15.21
N VAL A 59 -49.26 -62.06 -14.89
CA VAL A 59 -48.25 -62.38 -13.89
C VAL A 59 -46.87 -62.09 -14.47
N HIS A 60 -46.01 -61.47 -13.66
CA HIS A 60 -44.65 -61.20 -14.09
C HIS A 60 -43.61 -62.14 -13.48
N GLY A 61 -43.89 -62.72 -12.32
CA GLY A 61 -42.99 -63.69 -11.75
C GLY A 61 -43.73 -64.76 -10.97
N ILE A 62 -43.09 -65.92 -10.85
CA ILE A 62 -43.61 -67.01 -10.05
C ILE A 62 -42.51 -67.51 -9.13
N PHE A 63 -42.92 -68.09 -8.01
CA PHE A 63 -42.00 -68.67 -7.04
C PHE A 63 -42.59 -69.96 -6.51
N VAL A 64 -41.73 -70.88 -6.09
CA VAL A 64 -42.19 -72.15 -5.54
C VAL A 64 -41.64 -72.35 -4.13
N PHE A 73 -44.95 -81.18 -9.85
CA PHE A 73 -44.79 -79.76 -10.11
C PHE A 73 -44.77 -79.50 -11.62
N GLU A 74 -45.87 -78.93 -12.12
CA GLU A 74 -46.00 -78.61 -13.53
C GLU A 74 -46.16 -77.10 -13.69
N ILE A 75 -45.38 -76.51 -14.59
CA ILE A 75 -45.41 -75.08 -14.84
C ILE A 75 -45.56 -74.87 -16.34
N GLY A 76 -46.51 -74.02 -16.73
CA GLY A 76 -46.63 -73.64 -18.12
C GLY A 76 -46.85 -72.15 -18.30
N ILE A 77 -45.91 -71.50 -18.97
CA ILE A 77 -45.93 -70.05 -19.17
C ILE A 77 -46.06 -69.77 -20.65
N SER A 78 -47.02 -68.93 -21.01
CA SER A 78 -47.33 -68.65 -22.40
C SER A 78 -47.92 -67.25 -22.51
N GLN A 79 -48.00 -66.75 -23.74
CA GLN A 79 -48.67 -65.48 -23.97
C GLN A 79 -50.15 -65.61 -23.63
N GLU A 80 -50.73 -64.53 -23.11
CA GLU A 80 -52.17 -64.57 -22.81
C GLU A 80 -53.01 -64.82 -24.05
N PRO A 81 -52.77 -64.17 -25.20
CA PRO A 81 -53.46 -64.58 -26.43
C PRO A 81 -53.05 -65.96 -26.93
N PHE A 82 -51.94 -66.52 -26.43
CA PHE A 82 -51.46 -67.84 -26.84
C PHE A 82 -51.15 -67.84 -28.34
N ASP A 83 -50.18 -67.02 -28.71
CA ASP A 83 -49.75 -66.96 -30.11
C ASP A 83 -48.83 -68.15 -30.41
N PRO A 84 -49.14 -68.96 -31.42
CA PRO A 84 -48.26 -70.10 -31.75
C PRO A 84 -46.87 -69.67 -32.17
N SER A 85 -46.72 -68.51 -32.80
CA SER A 85 -45.40 -68.04 -33.20
C SER A 85 -44.54 -67.75 -31.97
N GLY A 86 -45.16 -67.24 -30.90
CA GLY A 86 -44.42 -66.98 -29.68
C GLY A 86 -43.98 -68.27 -29.01
N TYR A 87 -42.96 -68.16 -28.19
CA TYR A 87 -42.36 -69.31 -27.53
C TYR A 87 -42.95 -69.50 -26.14
N GLN A 88 -43.29 -70.74 -25.81
CA GLN A 88 -43.86 -71.10 -24.52
C GLN A 88 -42.83 -71.89 -23.72
N LEU A 89 -43.09 -72.00 -22.42
CA LEU A 89 -42.20 -72.69 -21.49
C LEU A 89 -42.98 -73.75 -20.72
N TYR A 90 -42.52 -74.99 -20.80
CA TYR A 90 -43.10 -76.11 -20.07
C TYR A 90 -42.08 -76.62 -19.07
N LEU A 91 -42.55 -76.98 -17.87
CA LEU A 91 -41.68 -77.53 -16.85
C LEU A 91 -42.41 -78.65 -16.12
N HIS A 92 -41.75 -79.79 -15.96
CA HIS A 92 -42.37 -80.94 -15.32
C HIS A 92 -41.30 -81.75 -14.60
N LYS A 93 -41.64 -82.23 -13.40
CA LYS A 93 -40.74 -83.09 -12.64
C LYS A 93 -41.53 -83.91 -11.62
N ARG A 104 -37.21 -81.87 -15.94
CA ARG A 104 -37.31 -81.69 -17.38
C ARG A 104 -37.90 -80.33 -17.72
N LEU A 105 -37.31 -79.68 -18.73
CA LEU A 105 -37.70 -78.34 -19.13
C LEU A 105 -37.90 -78.32 -20.63
N ARG A 106 -38.84 -77.48 -21.07
CA ARG A 106 -39.19 -77.40 -22.49
C ARG A 106 -39.50 -75.94 -22.83
N ILE A 107 -38.51 -75.22 -23.35
CA ILE A 107 -38.73 -73.92 -23.97
C ILE A 107 -38.99 -74.19 -25.44
N CYS A 108 -40.25 -74.11 -25.84
CA CYS A 108 -40.68 -74.64 -27.12
C CYS A 108 -41.72 -73.71 -27.71
N GLN A 109 -42.44 -74.19 -28.73
CA GLN A 109 -43.52 -73.42 -29.32
C GLN A 109 -44.86 -73.80 -28.70
N ARG A 128 -43.10 -78.57 -31.01
CA ARG A 128 -42.79 -78.25 -32.39
C ARG A 128 -41.35 -77.79 -32.56
N ASN A 129 -41.11 -76.50 -32.34
CA ASN A 129 -39.78 -75.91 -32.37
C ASN A 129 -39.39 -75.60 -30.94
N CYS A 130 -38.31 -76.21 -30.48
CA CYS A 130 -37.88 -76.11 -29.09
C CYS A 130 -36.55 -75.37 -29.05
N LEU A 131 -36.54 -74.18 -28.43
CA LEU A 131 -35.27 -73.51 -28.19
C LEU A 131 -34.46 -74.20 -27.12
N PHE A 132 -35.11 -75.03 -26.31
CA PHE A 132 -34.41 -75.86 -25.31
C PHE A 132 -35.33 -77.00 -24.95
N ASN A 133 -34.85 -78.23 -25.13
CA ASN A 133 -35.63 -79.44 -24.87
C ASN A 133 -34.81 -80.46 -24.11
N LYS A 134 -34.07 -79.99 -23.10
CA LYS A 134 -33.26 -80.84 -22.24
C LYS A 134 -33.81 -80.81 -20.82
N ALA A 135 -33.08 -81.45 -19.90
CA ALA A 135 -33.46 -81.51 -18.50
C ALA A 135 -32.44 -80.81 -17.63
N ILE A 136 -32.92 -80.23 -16.53
CA ILE A 136 -32.07 -79.52 -15.58
C ILE A 136 -32.31 -80.10 -14.19
N PRO A 137 -31.27 -80.37 -13.41
CA PRO A 137 -31.50 -80.83 -12.04
C PRO A 137 -32.29 -79.79 -11.25
N ALA A 138 -33.31 -80.27 -10.54
CA ALA A 138 -34.25 -79.41 -9.84
C ALA A 138 -34.50 -79.92 -8.43
N HIS A 139 -33.44 -80.25 -7.71
CA HIS A 139 -33.56 -80.70 -6.34
C HIS A 139 -33.14 -79.58 -5.39
N MET A 140 -33.90 -79.42 -4.32
CA MET A 140 -33.64 -78.38 -3.33
C MET A 140 -34.41 -78.72 -2.06
N SER A 141 -34.05 -78.03 -0.98
CA SER A 141 -34.77 -78.21 0.27
C SER A 141 -36.17 -77.61 0.18
N GLU A 142 -37.04 -78.05 1.08
CA GLU A 142 -38.39 -77.47 1.13
C GLU A 142 -38.34 -76.01 1.52
N HIS A 143 -37.33 -75.61 2.29
CA HIS A 143 -37.14 -74.21 2.65
C HIS A 143 -36.46 -73.41 1.55
N SER A 144 -35.87 -74.08 0.57
CA SER A 144 -35.23 -73.38 -0.53
C SER A 144 -36.29 -72.78 -1.45
N VAL A 145 -36.05 -71.56 -1.92
CA VAL A 145 -36.99 -70.82 -2.75
C VAL A 145 -36.38 -70.66 -4.13
N VAL A 146 -37.12 -71.11 -5.14
CA VAL A 146 -36.68 -71.06 -6.53
C VAL A 146 -37.82 -70.46 -7.34
N GLY A 147 -37.50 -69.51 -8.22
CA GLY A 147 -38.52 -68.88 -9.03
C GLY A 147 -37.96 -68.37 -10.33
N ILE A 148 -38.84 -67.78 -11.13
CA ILE A 148 -38.49 -67.19 -12.41
C ILE A 148 -39.23 -65.87 -12.55
N THR A 149 -38.58 -64.89 -13.18
CA THR A 149 -39.14 -63.57 -13.39
C THR A 149 -38.91 -63.18 -14.84
N TRP A 150 -39.84 -62.42 -15.41
CA TRP A 150 -39.71 -61.95 -16.78
C TRP A 150 -40.30 -60.55 -16.91
N ASP A 151 -39.57 -59.67 -17.59
CA ASP A 151 -40.04 -58.32 -17.86
C ASP A 151 -39.08 -57.67 -18.85
N ASN A 152 -39.62 -56.80 -19.70
CA ASN A 152 -38.83 -55.97 -20.61
C ASN A 152 -37.98 -56.83 -21.55
N ASP A 153 -38.49 -58.00 -21.92
CA ASP A 153 -37.77 -58.97 -22.75
C ASP A 153 -36.54 -59.53 -22.04
N ARG A 154 -36.60 -59.65 -20.71
CA ARG A 154 -35.51 -60.23 -19.93
C ARG A 154 -36.09 -61.24 -18.95
N VAL A 155 -35.32 -62.28 -18.69
CA VAL A 155 -35.73 -63.37 -17.80
C VAL A 155 -34.64 -63.57 -16.76
N THR A 156 -35.03 -63.69 -15.50
CA THR A 156 -34.12 -63.98 -14.40
C THR A 156 -34.55 -65.25 -13.69
N VAL A 157 -33.55 -66.01 -13.22
CA VAL A 157 -33.78 -67.27 -12.54
C VAL A 157 -33.04 -67.23 -11.21
N PHE A 158 -33.55 -68.00 -10.23
CA PHE A 158 -33.02 -67.96 -8.88
C PHE A 158 -32.50 -69.31 -8.40
N SER A 159 -32.13 -70.19 -9.32
CA SER A 159 -31.66 -71.53 -8.93
C SER A 159 -30.17 -71.47 -8.65
N ASP A 160 -29.83 -71.18 -7.39
CA ASP A 160 -28.47 -71.23 -6.86
C ASP A 160 -27.60 -70.09 -7.40
N LYS A 161 -28.12 -69.34 -8.37
CA LYS A 161 -27.47 -68.15 -8.90
C LYS A 161 -28.55 -67.29 -9.54
N ILE A 162 -28.23 -66.01 -9.71
CA ILE A 162 -29.16 -65.06 -10.32
C ILE A 162 -28.81 -65.04 -11.81
N TYR A 163 -29.41 -65.96 -12.56
CA TYR A 163 -29.14 -66.01 -13.99
C TYR A 163 -29.83 -64.85 -14.70
N TYR A 164 -29.54 -64.73 -15.99
CA TYR A 164 -30.03 -63.61 -16.78
C TYR A 164 -30.06 -64.04 -18.23
N PHE A 165 -31.21 -63.91 -18.88
CA PHE A 165 -31.35 -64.27 -20.28
C PHE A 165 -32.20 -63.23 -20.97
N TYR A 166 -31.61 -62.52 -21.93
CA TYR A 166 -32.36 -61.60 -22.76
C TYR A 166 -33.23 -62.40 -23.72
N PHE A 167 -34.54 -62.43 -23.46
CA PHE A 167 -35.45 -63.24 -24.27
C PHE A 167 -36.68 -62.40 -24.60
N LYS A 168 -36.87 -62.11 -25.88
CA LYS A 168 -38.06 -61.38 -26.33
C LYS A 168 -39.30 -62.20 -26.05
N ASN A 169 -40.14 -61.74 -25.12
CA ASN A 169 -41.26 -62.55 -24.66
C ASN A 169 -42.43 -61.65 -24.31
N ASP A 170 -43.62 -62.26 -24.24
CA ASP A 170 -44.86 -61.62 -23.81
C ASP A 170 -45.58 -62.51 -22.81
N TRP A 171 -44.80 -63.02 -21.85
CA TRP A 171 -45.27 -64.04 -20.90
C TRP A 171 -46.18 -63.43 -19.85
N SER A 172 -47.42 -63.17 -20.24
CA SER A 172 -48.42 -62.67 -19.31
C SER A 172 -49.37 -63.75 -18.79
N ARG A 173 -49.28 -64.97 -19.32
CA ARG A 173 -50.18 -66.06 -18.98
C ARG A 173 -49.39 -67.21 -18.37
N VAL A 174 -49.90 -67.77 -17.28
CA VAL A 174 -49.20 -68.83 -16.56
C VAL A 174 -50.20 -69.88 -16.10
N ALA A 175 -49.76 -71.14 -16.10
CA ALA A 175 -50.52 -72.25 -15.55
C ALA A 175 -49.58 -73.08 -14.70
N THR A 176 -50.06 -73.48 -13.53
CA THR A 176 -49.26 -74.17 -12.54
C THR A 176 -50.00 -75.38 -11.99
N LYS A 177 -49.24 -76.30 -11.41
CA LYS A 177 -49.81 -77.46 -10.73
C LYS A 177 -49.88 -77.20 -9.22
N MET A 186 -45.40 -71.56 -3.63
CA MET A 186 -45.97 -71.56 -4.97
C MET A 186 -46.96 -70.42 -5.14
N GLN A 187 -46.44 -69.22 -5.43
CA GLN A 187 -47.27 -68.02 -5.56
C GLN A 187 -46.80 -67.19 -6.74
N TYR A 188 -47.74 -66.39 -7.27
CA TYR A 188 -47.51 -65.50 -8.39
C TYR A 188 -47.12 -64.10 -7.90
N VAL A 189 -46.42 -63.36 -8.75
CA VAL A 189 -46.01 -61.99 -8.47
C VAL A 189 -46.39 -61.10 -9.64
N TYR A 190 -47.23 -60.10 -9.40
CA TYR A 190 -47.63 -59.13 -10.42
C TYR A 190 -46.91 -57.79 -10.28
N GLU A 191 -46.67 -57.33 -9.06
CA GLU A 191 -46.13 -56.02 -8.80
C GLU A 191 -44.81 -56.10 -8.04
N PRO A 192 -43.81 -55.31 -8.42
CA PRO A 192 -42.53 -55.36 -7.71
C PRO A 192 -42.70 -54.97 -6.25
N THR A 193 -41.96 -55.65 -5.39
CA THR A 193 -41.99 -55.41 -3.95
C THR A 193 -40.61 -54.96 -3.48
N TYR A 194 -40.48 -54.78 -2.18
CA TYR A 194 -39.22 -54.30 -1.61
C TYR A 194 -39.01 -54.96 -0.26
N TYR A 195 -37.74 -55.03 0.14
CA TYR A 195 -37.34 -55.69 1.37
C TYR A 195 -36.17 -54.94 1.98
N MET A 196 -35.97 -55.14 3.27
CA MET A 196 -34.81 -54.63 3.98
C MET A 196 -34.13 -55.83 4.63
N LEU A 197 -32.84 -56.01 4.32
CA LEU A 197 -32.05 -57.09 4.90
C LEU A 197 -31.16 -56.48 5.97
N ASN A 198 -31.41 -56.81 7.23
CA ASN A 198 -30.51 -56.43 8.31
C ASN A 198 -29.47 -57.53 8.52
N VAL A 199 -28.67 -57.74 7.48
CA VAL A 199 -27.67 -58.81 7.53
C VAL A 199 -26.66 -58.49 8.62
N THR A 200 -26.31 -59.49 9.42
CA THR A 200 -25.33 -59.34 10.47
C THR A 200 -24.26 -60.42 10.50
N SER A 201 -24.42 -61.49 9.73
CA SER A 201 -23.46 -62.59 9.74
C SER A 201 -23.41 -63.22 8.36
N ALA A 202 -22.30 -63.89 8.07
CA ALA A 202 -22.12 -64.54 6.78
C ALA A 202 -23.03 -65.74 6.63
N GLY A 203 -23.34 -66.08 5.38
CA GLY A 203 -24.22 -67.20 5.11
C GLY A 203 -25.66 -66.86 5.42
N GLU A 204 -26.45 -67.92 5.59
CA GLU A 204 -27.87 -67.76 5.88
C GLU A 204 -28.14 -67.22 7.28
N ASP A 205 -27.11 -67.13 8.12
CA ASP A 205 -27.28 -66.76 9.52
C ASP A 205 -27.30 -65.23 9.65
N GLY A 206 -28.26 -64.73 10.44
CA GLY A 206 -28.31 -63.33 10.75
C GLY A 206 -28.77 -62.43 9.62
N ILE A 207 -29.51 -62.98 8.66
CA ILE A 207 -30.00 -62.16 7.54
C ILE A 207 -31.07 -61.19 8.03
N SER A 208 -32.02 -61.69 8.83
CA SER A 208 -33.04 -60.85 9.46
C SER A 208 -33.83 -60.04 8.43
N TYR A 209 -34.23 -60.70 7.34
CA TYR A 209 -34.99 -60.04 6.31
C TYR A 209 -36.39 -59.67 6.80
N GLN A 210 -36.87 -58.51 6.36
CA GLN A 210 -38.23 -58.09 6.62
C GLN A 210 -38.75 -57.36 5.39
N PRO A 211 -40.07 -57.35 5.18
CA PRO A 211 -40.64 -56.59 4.06
C PRO A 211 -40.61 -55.09 4.35
N CYS A 212 -40.85 -54.33 3.28
CA CYS A 212 -40.90 -52.88 3.35
C CYS A 212 -42.05 -52.35 2.51
N THR A 213 -42.49 -51.14 2.85
CA THR A 213 -43.38 -50.37 2.01
C THR A 213 -42.52 -49.61 0.99
N ALA A 214 -43.11 -48.65 0.27
CA ALA A 214 -42.35 -47.94 -0.76
C ALA A 214 -41.23 -47.09 -0.17
N ASN A 215 -41.39 -46.59 1.05
CA ASN A 215 -40.42 -45.65 1.61
C ASN A 215 -39.02 -46.24 1.67
N CYS A 216 -38.91 -47.56 1.86
CA CYS A 216 -37.60 -48.19 1.95
C CYS A 216 -36.78 -48.03 0.68
N ILE A 217 -37.41 -47.77 -0.47
CA ILE A 217 -36.64 -47.55 -1.69
C ILE A 217 -35.74 -46.33 -1.55
N GLY A 218 -36.13 -45.39 -0.69
CA GLY A 218 -35.28 -44.24 -0.45
C GLY A 218 -34.15 -44.48 0.50
N TYR A 219 -34.10 -45.67 1.11
CA TYR A 219 -33.07 -45.98 2.08
C TYR A 219 -31.72 -46.25 1.40
N ALA A 220 -31.74 -46.62 0.12
CA ALA A 220 -30.50 -46.83 -0.62
C ALA A 220 -29.72 -45.54 -0.71
N ALA A 221 -28.42 -45.62 -0.47
CA ALA A 221 -27.60 -44.42 -0.42
C ALA A 221 -27.34 -43.81 -1.79
N ASN A 222 -27.56 -44.55 -2.86
CA ASN A 222 -27.28 -44.05 -4.20
C ASN A 222 -28.54 -43.58 -4.94
N VAL A 223 -29.68 -43.53 -4.26
CA VAL A 223 -30.91 -43.01 -4.85
C VAL A 223 -31.45 -41.92 -3.94
N PHE A 224 -32.31 -41.08 -4.52
CA PHE A 224 -32.85 -39.93 -3.80
C PHE A 224 -34.21 -39.58 -4.38
N ALA A 225 -34.96 -38.80 -3.64
CA ALA A 225 -36.25 -38.29 -4.08
C ALA A 225 -36.05 -36.88 -4.61
N THR A 226 -36.28 -36.69 -5.90
CA THR A 226 -36.09 -35.39 -6.52
C THR A 226 -37.08 -34.38 -5.94
N GLU A 227 -36.58 -33.19 -5.62
CA GLU A 227 -37.46 -32.14 -5.18
C GLU A 227 -38.32 -31.65 -6.34
N PRO A 228 -39.49 -31.09 -6.07
CA PRO A 228 -40.38 -30.69 -7.16
C PRO A 228 -39.76 -29.72 -8.15
N ASN A 229 -38.88 -28.83 -7.69
CA ASN A 229 -38.20 -27.92 -8.61
C ASN A 229 -37.08 -28.59 -9.39
N GLY A 230 -36.73 -29.83 -9.07
CA GLY A 230 -35.71 -30.57 -9.78
C GLY A 230 -34.35 -30.60 -9.10
N HIS A 231 -34.25 -30.13 -7.87
CA HIS A 231 -32.97 -30.09 -7.18
C HIS A 231 -32.68 -31.42 -6.50
N ILE A 232 -31.41 -31.81 -6.51
CA ILE A 232 -30.99 -32.98 -5.73
C ILE A 232 -31.11 -32.66 -4.25
N PRO A 233 -31.78 -33.49 -3.45
CA PRO A 233 -31.95 -33.17 -2.04
C PRO A 233 -30.62 -33.09 -1.31
N GLU A 234 -30.58 -32.26 -0.28
CA GLU A 234 -29.38 -32.10 0.52
C GLU A 234 -29.05 -33.39 1.25
N GLY A 235 -27.77 -33.56 1.57
CA GLY A 235 -27.30 -34.75 2.24
C GLY A 235 -27.01 -35.92 1.33
N PHE A 236 -27.22 -35.79 0.02
CA PHE A 236 -26.91 -36.87 -0.90
C PHE A 236 -25.42 -37.13 -0.92
N SER A 237 -25.05 -38.40 -1.08
CA SER A 237 -23.64 -38.77 -0.97
C SER A 237 -22.85 -38.36 -2.19
N PHE A 238 -23.45 -38.40 -3.38
CA PHE A 238 -22.74 -38.23 -4.64
C PHE A 238 -21.59 -39.23 -4.73
N ASN A 239 -21.91 -40.49 -4.41
CA ASN A 239 -20.87 -41.51 -4.31
C ASN A 239 -20.17 -41.73 -5.64
N ASN A 240 -20.92 -41.77 -6.74
CA ASN A 240 -20.32 -41.91 -8.06
C ASN A 240 -20.84 -40.84 -9.02
N TRP A 241 -21.29 -39.71 -8.47
CA TRP A 241 -21.70 -38.57 -9.28
C TRP A 241 -20.48 -37.68 -9.48
N PHE A 242 -19.73 -37.94 -10.54
CA PHE A 242 -18.55 -37.15 -10.85
C PHE A 242 -18.95 -35.83 -11.51
N LEU A 243 -18.16 -34.79 -11.26
CA LEU A 243 -18.31 -33.56 -12.02
C LEU A 243 -17.60 -33.71 -13.36
N LEU A 244 -18.30 -33.38 -14.42
CA LEU A 244 -17.81 -33.67 -15.76
C LEU A 244 -16.82 -32.63 -16.23
N SER A 245 -15.82 -33.07 -16.99
CA SER A 245 -14.74 -32.20 -17.41
C SER A 245 -14.05 -32.78 -18.63
N ASN A 246 -13.74 -31.91 -19.59
CA ASN A 246 -13.07 -32.29 -20.83
C ASN A 246 -11.57 -32.39 -20.66
N ASP A 247 -11.06 -32.03 -19.49
CA ASP A 247 -9.64 -31.84 -19.26
C ASP A 247 -9.35 -32.22 -17.81
N SER A 248 -8.27 -31.67 -17.26
CA SER A 248 -7.88 -31.90 -15.88
C SER A 248 -9.08 -31.94 -14.96
N THR A 249 -9.09 -32.92 -14.06
CA THR A 249 -10.14 -33.07 -13.07
C THR A 249 -9.66 -32.45 -11.77
N LEU A 250 -10.47 -31.55 -11.20
CA LEU A 250 -10.07 -30.91 -9.96
C LEU A 250 -9.96 -31.95 -8.85
N VAL A 251 -8.93 -31.81 -8.02
CA VAL A 251 -8.69 -32.76 -6.95
C VAL A 251 -9.11 -32.22 -5.59
N HIS A 252 -9.18 -30.91 -5.42
CA HIS A 252 -9.67 -30.34 -4.17
C HIS A 252 -9.97 -28.86 -4.33
N GLY A 253 -11.17 -28.43 -3.97
CA GLY A 253 -11.52 -27.03 -4.03
C GLY A 253 -13.02 -26.85 -4.19
N LYS A 254 -13.38 -25.66 -4.66
CA LYS A 254 -14.76 -25.30 -4.96
C LYS A 254 -14.80 -24.68 -6.35
N VAL A 255 -15.76 -25.10 -7.16
CA VAL A 255 -15.85 -24.64 -8.55
C VAL A 255 -17.30 -24.31 -8.88
N VAL A 256 -17.52 -23.14 -9.46
CA VAL A 256 -18.81 -22.79 -10.02
C VAL A 256 -18.79 -23.19 -11.50
N SER A 257 -19.53 -24.24 -11.84
CA SER A 257 -19.46 -24.80 -13.18
C SER A 257 -20.87 -25.14 -13.66
N ASN A 258 -21.02 -25.19 -14.98
CA ASN A 258 -22.29 -25.55 -15.60
C ASN A 258 -22.33 -27.07 -15.76
N GLN A 259 -22.98 -27.74 -14.81
CA GLN A 259 -23.02 -29.18 -14.82
C GLN A 259 -24.45 -29.68 -14.91
N PRO A 260 -24.69 -30.84 -15.51
CA PRO A 260 -26.06 -31.38 -15.60
C PRO A 260 -26.52 -31.97 -14.27
N LEU A 261 -26.75 -31.10 -13.29
CA LEU A 261 -27.21 -31.53 -11.97
C LEU A 261 -28.67 -31.23 -11.72
N LEU A 262 -29.37 -30.63 -12.68
CA LEU A 262 -30.79 -30.33 -12.51
C LEU A 262 -31.57 -31.56 -12.94
N VAL A 263 -31.78 -32.47 -12.01
CA VAL A 263 -32.38 -33.77 -12.32
C VAL A 263 -33.87 -33.60 -12.54
N ASN A 264 -34.37 -34.19 -13.62
CA ASN A 264 -35.80 -34.19 -13.92
C ASN A 264 -36.48 -35.43 -13.36
N CYS A 265 -35.94 -36.61 -13.68
CA CYS A 265 -36.51 -37.86 -13.23
C CYS A 265 -35.38 -38.84 -12.94
N LEU A 266 -35.52 -39.63 -11.88
CA LEU A 266 -34.52 -40.60 -11.48
C LEU A 266 -35.14 -41.99 -11.51
N LEU A 267 -34.46 -42.92 -12.18
CA LEU A 267 -34.96 -44.29 -12.36
C LEU A 267 -34.12 -45.22 -11.49
N ALA A 268 -34.55 -45.42 -10.24
CA ALA A 268 -33.90 -46.41 -9.39
C ALA A 268 -34.27 -47.80 -9.89
N ILE A 269 -33.27 -48.56 -10.31
CA ILE A 269 -33.50 -49.86 -10.94
C ILE A 269 -32.69 -50.92 -10.20
N PRO A 270 -33.30 -52.04 -9.80
CA PRO A 270 -32.55 -53.08 -9.11
C PRO A 270 -31.41 -53.62 -9.97
N LYS A 271 -30.30 -53.95 -9.31
CA LYS A 271 -29.11 -54.39 -10.02
C LYS A 271 -29.34 -55.70 -10.75
N ILE A 272 -30.35 -56.46 -10.35
CA ILE A 272 -30.61 -57.77 -10.97
C ILE A 272 -31.02 -57.60 -12.43
N TYR A 273 -31.86 -56.63 -12.71
CA TYR A 273 -32.47 -56.49 -14.04
C TYR A 273 -31.66 -55.58 -14.94
N GLY A 274 -31.37 -56.05 -16.14
CA GLY A 274 -30.90 -55.17 -17.17
C GLY A 274 -32.04 -54.31 -17.69
N LEU A 275 -31.69 -53.26 -18.41
CA LEU A 275 -32.68 -52.29 -18.87
C LEU A 275 -32.71 -52.22 -20.39
N GLY A 276 -33.90 -52.33 -20.96
CA GLY A 276 -34.11 -52.10 -22.37
C GLY A 276 -35.00 -50.89 -22.60
N GLN A 277 -34.43 -49.81 -23.13
CA GLN A 277 -35.15 -48.55 -23.20
C GLN A 277 -34.75 -47.77 -24.44
N PHE A 278 -35.59 -46.80 -24.79
CA PHE A 278 -35.33 -45.85 -25.86
C PHE A 278 -35.59 -44.46 -25.30
N PHE A 279 -34.53 -43.73 -25.01
CA PHE A 279 -34.66 -42.35 -24.53
C PHE A 279 -34.48 -41.38 -25.68
N SER A 280 -35.21 -40.27 -25.63
CA SER A 280 -35.11 -39.22 -26.61
C SER A 280 -34.83 -37.91 -25.91
N PHE A 281 -33.91 -37.13 -26.46
CA PHE A 281 -33.58 -35.84 -25.89
C PHE A 281 -34.64 -34.80 -26.16
N ASN A 282 -35.78 -35.16 -26.74
CA ASN A 282 -36.81 -34.20 -27.06
C ASN A 282 -38.14 -34.51 -26.38
N GLN A 283 -38.28 -35.67 -25.74
CA GLN A 283 -39.46 -36.03 -24.98
C GLN A 283 -39.06 -36.41 -23.57
N THR A 284 -39.99 -36.26 -22.63
CA THR A 284 -39.75 -36.69 -21.27
C THR A 284 -39.63 -38.21 -21.22
N ILE A 285 -38.71 -38.71 -20.39
CA ILE A 285 -38.46 -40.15 -20.33
C ILE A 285 -39.56 -40.85 -19.55
N ASP A 286 -39.67 -42.15 -19.78
CA ASP A 286 -40.66 -42.98 -19.12
C ASP A 286 -40.05 -43.51 -17.81
N GLY A 287 -40.71 -44.48 -17.18
CA GLY A 287 -40.24 -45.06 -15.95
C GLY A 287 -40.82 -44.39 -14.72
N VAL A 288 -40.81 -45.14 -13.61
CA VAL A 288 -41.34 -44.66 -12.34
C VAL A 288 -40.27 -43.77 -11.72
N CYS A 289 -40.48 -42.46 -11.78
CA CYS A 289 -39.53 -41.52 -11.18
C CYS A 289 -39.52 -41.69 -9.67
N ASN A 290 -38.32 -41.73 -9.08
CA ASN A 290 -38.21 -42.00 -7.65
C ASN A 290 -38.83 -40.89 -6.82
N GLY A 291 -38.58 -39.63 -7.19
CA GLY A 291 -39.12 -38.52 -6.43
C GLY A 291 -40.21 -37.77 -7.15
N ALA A 292 -40.05 -36.46 -7.29
CA ALA A 292 -41.01 -35.62 -8.00
C ALA A 292 -40.53 -35.45 -9.44
N ALA A 293 -41.27 -36.01 -10.37
CA ALA A 293 -40.91 -35.91 -11.78
C ALA A 293 -41.14 -34.50 -12.31
N VAL A 294 -40.34 -34.12 -13.31
CA VAL A 294 -40.48 -32.85 -14.00
C VAL A 294 -40.64 -33.15 -15.48
N GLN A 295 -41.67 -32.56 -16.09
CA GLN A 295 -41.99 -32.85 -17.49
C GLN A 295 -41.13 -31.98 -18.40
N ARG A 296 -39.89 -32.41 -18.57
CA ARG A 296 -38.97 -31.74 -19.48
C ARG A 296 -38.16 -32.78 -20.24
N ALA A 297 -37.75 -32.41 -21.44
CA ALA A 297 -36.90 -33.28 -22.25
C ALA A 297 -35.49 -33.27 -21.69
N PRO A 298 -34.84 -34.42 -21.54
CA PRO A 298 -33.48 -34.43 -20.99
C PRO A 298 -32.50 -33.70 -21.88
N GLU A 299 -31.54 -33.03 -21.26
CA GLU A 299 -30.35 -32.56 -21.95
C GLU A 299 -29.14 -33.44 -21.72
N ALA A 300 -29.18 -34.26 -20.67
CA ALA A 300 -28.11 -35.20 -20.37
C ALA A 300 -28.73 -36.43 -19.71
N LEU A 301 -28.18 -37.59 -20.02
CA LEU A 301 -28.59 -38.85 -19.40
C LEU A 301 -27.40 -39.40 -18.62
N ARG A 302 -27.59 -39.62 -17.33
CA ARG A 302 -26.51 -40.00 -16.43
C ARG A 302 -26.78 -41.41 -15.93
N PHE A 303 -26.02 -42.37 -16.42
CA PHE A 303 -26.14 -43.77 -16.02
C PHE A 303 -25.12 -44.07 -14.94
N ASN A 304 -25.59 -44.47 -13.77
CA ASN A 304 -24.74 -44.84 -12.65
C ASN A 304 -24.89 -46.33 -12.42
N ILE A 305 -23.78 -47.07 -12.55
CA ILE A 305 -23.78 -48.52 -12.47
C ILE A 305 -22.68 -48.94 -11.50
N ASN A 306 -22.70 -50.23 -11.13
CA ASN A 306 -21.67 -50.76 -10.26
C ASN A 306 -20.45 -51.27 -11.03
N ASP A 307 -20.65 -52.25 -11.89
CA ASP A 307 -19.54 -52.89 -12.57
C ASP A 307 -19.63 -52.69 -14.09
N THR A 308 -18.49 -52.82 -14.75
CA THR A 308 -18.41 -52.52 -16.16
C THR A 308 -19.01 -53.63 -17.01
N SER A 309 -19.20 -54.82 -16.45
CA SER A 309 -19.71 -55.95 -17.23
C SER A 309 -21.10 -55.68 -17.79
N VAL A 310 -21.80 -54.69 -17.25
CA VAL A 310 -23.11 -54.33 -17.78
C VAL A 310 -22.99 -53.85 -19.21
N ILE A 311 -21.98 -53.02 -19.48
CA ILE A 311 -21.89 -52.34 -20.77
C ILE A 311 -21.09 -53.16 -21.80
N LEU A 312 -20.30 -54.14 -21.36
CA LEU A 312 -19.36 -54.82 -22.25
C LEU A 312 -20.03 -55.49 -23.45
N ALA A 313 -21.33 -55.78 -23.36
CA ALA A 313 -22.01 -56.37 -24.50
C ALA A 313 -22.01 -55.40 -25.68
N GLU A 314 -21.89 -55.95 -26.87
CA GLU A 314 -21.85 -55.12 -28.07
C GLU A 314 -23.19 -54.42 -28.27
N GLY A 315 -23.13 -53.17 -28.72
CA GLY A 315 -24.35 -52.42 -28.92
C GLY A 315 -25.06 -52.04 -27.64
N SER A 316 -24.33 -51.92 -26.53
CA SER A 316 -24.95 -51.52 -25.28
C SER A 316 -25.54 -50.12 -25.40
N ILE A 317 -24.85 -49.23 -26.09
CA ILE A 317 -25.29 -47.87 -26.32
C ILE A 317 -25.42 -47.66 -27.82
N VAL A 318 -26.57 -47.16 -28.25
CA VAL A 318 -26.82 -46.87 -29.66
C VAL A 318 -27.26 -45.41 -29.74
N LEU A 319 -26.31 -44.51 -29.95
CA LEU A 319 -26.61 -43.10 -30.10
C LEU A 319 -27.23 -42.83 -31.46
N HIS A 320 -28.29 -42.02 -31.48
CA HIS A 320 -28.98 -41.66 -32.71
C HIS A 320 -28.82 -40.16 -32.93
N THR A 321 -28.33 -39.78 -34.10
CA THR A 321 -28.15 -38.38 -34.43
C THR A 321 -29.38 -37.82 -35.13
N ALA A 322 -29.35 -36.51 -35.36
CA ALA A 322 -30.42 -35.87 -36.12
C ALA A 322 -30.43 -36.38 -37.56
N LEU A 323 -29.25 -36.60 -38.14
CA LEU A 323 -29.15 -37.06 -39.51
C LEU A 323 -29.56 -38.52 -39.67
N GLY A 324 -29.71 -39.26 -38.57
CA GLY A 324 -30.09 -40.65 -38.63
C GLY A 324 -28.95 -41.63 -38.47
N THR A 325 -27.74 -41.14 -38.17
CA THR A 325 -26.59 -42.03 -38.02
C THR A 325 -26.67 -42.81 -36.72
N ASN A 326 -26.23 -44.06 -36.77
CA ASN A 326 -26.23 -44.95 -35.61
C ASN A 326 -24.80 -45.04 -35.09
N PHE A 327 -24.65 -44.95 -33.78
CA PHE A 327 -23.36 -45.14 -33.12
C PHE A 327 -23.49 -46.28 -32.12
N SER A 328 -22.87 -47.42 -32.43
CA SER A 328 -22.99 -48.61 -31.59
C SER A 328 -21.74 -48.76 -30.75
N PHE A 329 -21.93 -49.00 -29.46
CA PHE A 329 -20.83 -49.13 -28.52
C PHE A 329 -20.22 -50.52 -28.67
N VAL A 330 -18.98 -50.57 -29.14
CA VAL A 330 -18.33 -51.82 -29.54
C VAL A 330 -16.98 -51.92 -28.83
N CYS A 331 -16.77 -53.01 -28.11
CA CYS A 331 -15.57 -53.19 -27.30
C CYS A 331 -14.92 -54.54 -27.64
N SER A 332 -13.67 -54.68 -27.20
CA SER A 332 -12.91 -55.89 -27.50
C SER A 332 -11.74 -56.06 -26.53
N TYR A 354 -10.64 -52.14 -24.54
CA TYR A 354 -10.73 -51.12 -25.58
C TYR A 354 -12.17 -50.98 -26.01
N CYS A 355 -12.57 -49.81 -26.51
CA CYS A 355 -13.97 -49.58 -26.83
C CYS A 355 -14.09 -48.50 -27.87
N PHE A 356 -14.87 -48.74 -28.92
CA PHE A 356 -15.09 -47.76 -29.97
C PHE A 356 -16.56 -47.72 -30.34
N PHE A 357 -16.98 -46.58 -30.89
CA PHE A 357 -18.36 -46.35 -31.31
C PHE A 357 -18.47 -46.63 -32.80
N LYS A 358 -18.82 -47.87 -33.14
CA LYS A 358 -19.01 -48.22 -34.54
C LYS A 358 -20.10 -47.35 -35.14
N VAL A 359 -19.81 -46.77 -36.31
CA VAL A 359 -20.72 -45.83 -36.95
C VAL A 359 -21.51 -46.55 -38.02
N ASP A 360 -22.82 -46.33 -38.03
CA ASP A 360 -23.70 -46.92 -39.04
C ASP A 360 -24.61 -45.86 -39.64
N VAL A 366 -18.18 -47.44 -40.19
CA VAL A 366 -16.80 -47.21 -39.78
C VAL A 366 -16.72 -47.19 -38.26
N TYR A 367 -15.50 -47.28 -37.72
CA TYR A 367 -15.28 -47.26 -36.29
C TYR A 367 -14.65 -45.93 -35.89
N LYS A 368 -14.99 -45.46 -34.69
CA LYS A 368 -14.42 -44.22 -34.16
C LYS A 368 -14.03 -44.46 -32.70
N PHE A 369 -12.74 -44.31 -32.41
CA PHE A 369 -12.18 -44.75 -31.14
C PHE A 369 -12.74 -43.88 -30.01
N LEU A 370 -13.42 -44.52 -29.05
CA LEU A 370 -13.91 -43.78 -27.89
C LEU A 370 -12.82 -43.60 -26.84
N ALA A 371 -12.37 -44.71 -26.25
CA ALA A 371 -11.42 -44.64 -25.15
C ALA A 371 -10.93 -46.04 -24.81
N VAL A 372 -9.77 -46.10 -24.16
CA VAL A 372 -9.34 -47.31 -23.50
C VAL A 372 -10.17 -47.42 -22.22
N LEU A 373 -11.01 -48.42 -22.14
CA LEU A 373 -12.05 -48.46 -21.13
C LEU A 373 -11.42 -48.67 -19.76
N PRO A 374 -11.67 -47.79 -18.79
CA PRO A 374 -11.02 -47.93 -17.49
C PRO A 374 -11.45 -49.23 -16.81
N PRO A 375 -10.61 -49.78 -15.95
CA PRO A 375 -10.93 -51.07 -15.32
C PRO A 375 -12.20 -51.04 -14.48
N THR A 376 -12.60 -49.88 -13.99
CA THR A 376 -13.79 -49.75 -13.14
C THR A 376 -14.61 -48.58 -13.67
N VAL A 377 -15.62 -48.89 -14.46
CA VAL A 377 -16.53 -47.88 -14.97
C VAL A 377 -17.68 -47.74 -13.97
N ARG A 378 -17.91 -46.53 -13.49
CA ARG A 378 -18.93 -46.28 -12.49
C ARG A 378 -19.98 -45.28 -12.92
N GLU A 379 -19.73 -44.51 -13.98
CA GLU A 379 -20.71 -43.51 -14.41
C GLU A 379 -20.48 -43.18 -15.87
N ILE A 380 -21.51 -43.35 -16.68
CA ILE A 380 -21.53 -42.83 -18.04
C ILE A 380 -22.53 -41.68 -18.04
N VAL A 381 -22.29 -40.72 -18.92
CA VAL A 381 -23.28 -39.68 -19.15
C VAL A 381 -23.21 -39.27 -20.61
N ILE A 382 -24.33 -39.35 -21.31
CA ILE A 382 -24.43 -39.00 -22.70
C ILE A 382 -25.23 -37.72 -22.77
N THR A 383 -24.65 -36.70 -23.39
CA THR A 383 -25.18 -35.35 -23.35
C THR A 383 -25.58 -34.92 -24.75
N LYS A 384 -26.78 -34.36 -24.87
CA LYS A 384 -27.21 -33.71 -26.10
C LYS A 384 -26.15 -32.67 -26.48
N TYR A 385 -26.11 -32.27 -27.74
CA TYR A 385 -25.03 -31.52 -28.40
C TYR A 385 -23.88 -32.46 -28.74
N GLY A 386 -24.02 -33.77 -28.49
CA GLY A 386 -23.02 -34.72 -28.90
C GLY A 386 -21.81 -34.80 -28.01
N ASP A 387 -21.99 -35.25 -26.78
CA ASP A 387 -20.88 -35.44 -25.86
C ASP A 387 -21.11 -36.72 -25.06
N VAL A 388 -20.02 -37.33 -24.62
CA VAL A 388 -20.07 -38.54 -23.80
C VAL A 388 -18.92 -38.52 -22.81
N TYR A 389 -19.24 -38.77 -21.54
CA TYR A 389 -18.24 -38.78 -20.47
C TYR A 389 -18.26 -40.14 -19.80
N VAL A 390 -17.08 -40.72 -19.60
CA VAL A 390 -16.92 -41.97 -18.85
C VAL A 390 -16.10 -41.65 -17.62
N ASN A 391 -16.70 -41.88 -16.45
CA ASN A 391 -16.08 -41.49 -15.18
C ASN A 391 -15.70 -40.02 -15.18
N GLY A 392 -16.58 -39.20 -15.75
CA GLY A 392 -16.39 -37.76 -15.74
C GLY A 392 -15.22 -37.24 -16.57
N PHE A 393 -15.04 -37.75 -17.78
CA PHE A 393 -14.03 -37.23 -18.70
C PHE A 393 -14.55 -37.15 -20.12
N GLY A 394 -14.17 -36.08 -20.82
CA GLY A 394 -14.65 -35.82 -22.16
C GLY A 394 -13.94 -36.62 -23.23
N TYR A 395 -14.26 -37.90 -23.33
CA TYR A 395 -13.54 -38.76 -24.26
C TYR A 395 -13.88 -38.48 -25.71
N LEU A 396 -15.13 -38.09 -26.00
CA LEU A 396 -15.55 -38.00 -27.38
C LEU A 396 -16.68 -36.98 -27.52
N HIS A 397 -16.72 -36.33 -28.68
CA HIS A 397 -17.77 -35.37 -28.99
C HIS A 397 -18.37 -35.70 -30.35
N LEU A 398 -19.67 -35.47 -30.48
CA LEU A 398 -20.39 -35.76 -31.71
C LEU A 398 -21.31 -34.61 -32.09
N GLY A 399 -22.14 -34.80 -33.11
CA GLY A 399 -23.13 -33.81 -33.48
C GLY A 399 -24.35 -33.90 -32.58
N LEU A 400 -25.36 -33.11 -32.91
CA LEU A 400 -26.57 -33.06 -32.10
C LEU A 400 -27.25 -34.41 -31.98
N LEU A 401 -27.24 -34.99 -30.79
CA LEU A 401 -27.91 -36.25 -30.54
C LEU A 401 -29.42 -36.05 -30.52
N ASP A 402 -30.15 -37.09 -30.89
CA ASP A 402 -31.60 -37.08 -30.82
C ASP A 402 -32.19 -38.17 -29.95
N ALA A 403 -31.53 -39.32 -29.83
CA ALA A 403 -32.08 -40.40 -29.02
C ALA A 403 -30.97 -41.37 -28.65
N VAL A 404 -31.21 -42.12 -27.57
CA VAL A 404 -30.32 -43.17 -27.10
C VAL A 404 -31.15 -44.39 -26.80
N THR A 405 -30.53 -45.57 -26.93
CA THR A 405 -31.17 -46.83 -26.56
C THR A 405 -30.24 -47.60 -25.62
N ILE A 406 -30.85 -48.50 -24.84
CA ILE A 406 -30.15 -49.23 -23.80
C ILE A 406 -30.58 -50.69 -23.84
N ASN A 407 -29.60 -51.59 -23.85
CA ASN A 407 -29.77 -52.99 -23.46
C ASN A 407 -28.73 -53.39 -22.41
N PHE A 408 -28.64 -52.60 -21.34
CA PHE A 408 -27.82 -53.00 -20.20
C PHE A 408 -28.16 -54.41 -19.74
N THR A 409 -27.20 -55.07 -19.11
CA THR A 409 -27.19 -56.53 -18.99
C THR A 409 -27.06 -56.95 -17.53
N GLY A 410 -27.88 -56.37 -16.66
CA GLY A 410 -27.90 -56.82 -15.28
C GLY A 410 -26.62 -56.46 -14.56
N HIS A 411 -26.13 -57.40 -13.75
CA HIS A 411 -24.88 -57.20 -13.02
C HIS A 411 -24.22 -58.57 -12.80
N GLY A 412 -23.12 -58.55 -12.05
CA GLY A 412 -22.17 -59.65 -11.98
C GLY A 412 -22.59 -60.86 -11.17
N THR A 413 -23.71 -60.79 -10.44
CA THR A 413 -24.22 -61.92 -9.66
C THR A 413 -23.20 -62.38 -8.62
N ASP A 414 -22.42 -61.44 -8.07
CA ASP A 414 -21.55 -61.74 -6.95
C ASP A 414 -21.60 -60.69 -5.85
N ASP A 415 -22.15 -59.50 -6.12
CA ASP A 415 -22.60 -58.59 -5.06
C ASP A 415 -23.64 -57.69 -5.69
N ASP A 416 -24.91 -58.05 -5.53
CA ASP A 416 -26.00 -57.35 -6.18
C ASP A 416 -26.80 -56.54 -5.17
N VAL A 417 -27.87 -55.91 -5.67
CA VAL A 417 -28.90 -55.21 -4.92
C VAL A 417 -28.35 -54.49 -3.69
N SER A 418 -27.13 -53.96 -3.78
CA SER A 418 -26.61 -53.10 -2.74
C SER A 418 -27.16 -51.70 -2.95
N GLY A 419 -28.49 -51.61 -3.03
CA GLY A 419 -29.17 -50.42 -3.51
C GLY A 419 -29.70 -50.66 -4.90
N PHE A 420 -29.54 -49.68 -5.78
CA PHE A 420 -30.01 -49.79 -7.15
C PHE A 420 -28.99 -49.14 -8.08
N TRP A 421 -29.02 -49.53 -9.34
CA TRP A 421 -28.28 -48.83 -10.38
C TRP A 421 -29.25 -47.89 -11.09
N THR A 422 -28.83 -46.65 -11.29
CA THR A 422 -29.75 -45.57 -11.59
C THR A 422 -29.50 -44.98 -12.97
N ILE A 423 -30.56 -44.38 -13.52
CA ILE A 423 -30.48 -43.55 -14.71
C ILE A 423 -31.23 -42.25 -14.41
N ALA A 424 -30.53 -41.13 -14.52
CA ALA A 424 -31.09 -39.83 -14.18
C ALA A 424 -31.19 -38.97 -15.42
N SER A 425 -32.38 -38.46 -15.70
CA SER A 425 -32.54 -37.40 -16.69
C SER A 425 -32.21 -36.06 -16.04
N THR A 426 -31.32 -35.30 -16.67
CA THR A 426 -30.84 -34.05 -16.09
C THR A 426 -30.77 -32.97 -17.15
N ASN A 427 -30.87 -31.73 -16.68
CA ASN A 427 -30.65 -30.53 -17.48
C ASN A 427 -29.49 -29.76 -16.88
N PHE A 428 -28.77 -29.04 -17.74
CA PHE A 428 -27.60 -28.29 -17.29
C PHE A 428 -28.02 -27.15 -16.37
N VAL A 429 -27.18 -26.89 -15.36
CA VAL A 429 -27.43 -25.79 -14.43
C VAL A 429 -26.08 -25.33 -13.88
N ASP A 430 -25.98 -24.03 -13.63
CA ASP A 430 -24.82 -23.48 -12.97
C ASP A 430 -24.88 -23.80 -11.48
N ALA A 431 -23.90 -24.54 -10.98
CA ALA A 431 -23.90 -24.98 -9.59
C ALA A 431 -22.54 -24.72 -8.96
N LEU A 432 -22.55 -24.34 -7.69
CA LEU A 432 -21.33 -24.26 -6.90
C LEU A 432 -21.06 -25.63 -6.31
N ILE A 433 -19.95 -26.25 -6.71
CA ILE A 433 -19.65 -27.62 -6.35
C ILE A 433 -18.39 -27.65 -5.50
N GLU A 434 -18.48 -28.26 -4.34
CA GLU A 434 -17.32 -28.49 -3.48
C GLU A 434 -16.80 -29.90 -3.72
N VAL A 435 -15.54 -30.00 -4.11
CA VAL A 435 -14.92 -31.29 -4.41
C VAL A 435 -13.83 -31.51 -3.38
N GLN A 436 -13.97 -32.59 -2.61
CA GLN A 436 -12.96 -33.00 -1.64
C GLN A 436 -12.51 -34.40 -2.02
N GLY A 437 -11.22 -34.55 -2.25
CA GLY A 437 -10.81 -35.71 -3.02
C GLY A 437 -11.25 -35.46 -4.45
N THR A 438 -11.33 -36.54 -5.22
CA THR A 438 -11.77 -36.38 -6.61
C THR A 438 -13.29 -36.42 -6.75
N ALA A 439 -14.03 -36.54 -5.65
CA ALA A 439 -15.47 -36.76 -5.69
C ALA A 439 -16.23 -35.58 -5.12
N ILE A 440 -17.37 -35.26 -5.74
CA ILE A 440 -18.26 -34.23 -5.24
C ILE A 440 -18.75 -34.61 -3.86
N GLN A 441 -18.84 -33.63 -2.96
CA GLN A 441 -19.43 -33.88 -1.64
C GLN A 441 -20.66 -33.01 -1.33
N ARG A 442 -20.78 -31.83 -1.92
CA ARG A 442 -22.02 -31.07 -1.80
C ARG A 442 -22.08 -30.05 -2.93
N ILE A 443 -23.31 -29.63 -3.26
CA ILE A 443 -23.55 -28.69 -4.34
C ILE A 443 -24.56 -27.65 -3.88
N LEU A 444 -24.63 -26.55 -4.64
CA LEU A 444 -25.57 -25.48 -4.37
C LEU A 444 -25.98 -24.88 -5.71
N TYR A 445 -27.26 -24.97 -6.05
CA TYR A 445 -27.73 -24.49 -7.34
C TYR A 445 -27.79 -22.96 -7.36
N CYS A 446 -27.35 -22.38 -8.47
CA CYS A 446 -27.32 -20.93 -8.61
C CYS A 446 -28.54 -20.44 -9.40
N ASP A 447 -29.68 -20.50 -8.73
CA ASP A 447 -30.92 -19.92 -9.26
C ASP A 447 -31.53 -18.90 -8.29
N ASP A 448 -31.62 -19.24 -7.02
CA ASP A 448 -32.14 -18.32 -6.02
C ASP A 448 -31.25 -17.08 -5.95
N PRO A 449 -31.83 -15.89 -5.85
CA PRO A 449 -30.99 -14.69 -5.64
C PRO A 449 -30.04 -14.80 -4.46
N VAL A 450 -30.47 -15.44 -3.36
CA VAL A 450 -29.54 -15.74 -2.28
C VAL A 450 -28.46 -16.70 -2.77
N SER A 451 -28.88 -17.74 -3.50
CA SER A 451 -27.92 -18.66 -4.09
C SER A 451 -27.10 -17.98 -5.17
N GLN A 452 -27.69 -17.05 -5.90
CA GLN A 452 -26.93 -16.28 -6.89
C GLN A 452 -25.84 -15.48 -6.22
N LEU A 453 -26.13 -14.90 -5.05
CA LEU A 453 -25.11 -14.18 -4.30
C LEU A 453 -24.01 -15.12 -3.83
N LYS A 454 -24.39 -16.31 -3.36
CA LYS A 454 -23.37 -17.27 -2.93
C LYS A 454 -22.50 -17.69 -4.09
N CYS A 455 -23.10 -17.89 -5.27
CA CYS A 455 -22.33 -18.23 -6.46
C CYS A 455 -21.59 -17.03 -7.03
N SER A 456 -21.99 -15.82 -6.67
CA SER A 456 -21.21 -14.64 -7.04
C SER A 456 -19.85 -14.69 -6.38
N GLN A 457 -19.81 -14.97 -5.08
CA GLN A 457 -18.61 -15.40 -4.40
C GLN A 457 -18.39 -16.89 -4.71
N VAL A 458 -17.43 -17.51 -4.04
CA VAL A 458 -17.26 -18.96 -4.10
C VAL A 458 -17.22 -19.43 -2.65
N ALA A 459 -18.40 -19.75 -2.11
CA ALA A 459 -18.54 -20.14 -0.71
C ALA A 459 -19.96 -20.62 -0.47
N PHE A 460 -20.10 -21.64 0.36
CA PHE A 460 -21.43 -22.15 0.70
C PHE A 460 -22.07 -21.35 1.82
N ASP A 461 -21.28 -20.66 2.62
CA ASP A 461 -21.79 -19.75 3.64
C ASP A 461 -21.05 -18.43 3.55
N LEU A 462 -21.74 -17.36 3.89
CA LEU A 462 -21.20 -16.02 3.81
C LEU A 462 -21.35 -15.35 5.17
N ASP A 463 -20.37 -14.52 5.51
CA ASP A 463 -20.46 -13.76 6.74
C ASP A 463 -21.53 -12.68 6.61
N ASP A 464 -22.06 -12.25 7.75
CA ASP A 464 -23.00 -11.15 7.77
C ASP A 464 -22.33 -9.90 7.20
N GLY A 465 -23.02 -9.22 6.30
CA GLY A 465 -22.48 -8.01 5.73
C GLY A 465 -23.22 -7.60 4.48
N PHE A 466 -22.70 -6.54 3.86
CA PHE A 466 -23.27 -5.98 2.64
C PHE A 466 -22.46 -6.47 1.44
N TYR A 467 -23.15 -7.06 0.47
CA TYR A 467 -22.50 -7.63 -0.69
C TYR A 467 -23.00 -6.92 -1.95
N PRO A 468 -22.10 -6.45 -2.81
CA PRO A 468 -22.55 -5.79 -4.04
C PRO A 468 -23.38 -6.73 -4.90
N PHE A 469 -24.31 -6.14 -5.64
CA PHE A 469 -25.32 -6.91 -6.36
C PHE A 469 -25.69 -6.13 -7.61
N SER A 470 -26.11 -6.84 -8.65
CA SER A 470 -26.56 -6.24 -9.89
C SER A 470 -28.08 -6.36 -9.98
N SER A 471 -28.73 -5.25 -10.32
CA SER A 471 -30.18 -5.26 -10.43
C SER A 471 -30.60 -6.31 -11.45
N ARG A 472 -31.65 -7.05 -11.13
CA ARG A 472 -32.07 -8.15 -11.98
C ARG A 472 -32.55 -7.60 -13.32
N ASN A 473 -31.74 -7.80 -14.36
CA ASN A 473 -32.09 -7.33 -15.68
C ASN A 473 -33.20 -8.18 -16.27
N LEU A 474 -33.63 -7.84 -17.48
CA LEU A 474 -34.69 -8.60 -18.13
C LEU A 474 -34.21 -10.00 -18.44
N LEU A 475 -35.04 -10.99 -18.07
CA LEU A 475 -34.68 -12.39 -18.29
C LEU A 475 -34.58 -12.72 -19.77
N SER A 476 -35.54 -12.25 -20.56
CA SER A 476 -35.49 -12.42 -22.00
C SER A 476 -34.84 -11.18 -22.61
N HIS A 477 -33.72 -11.40 -23.31
CA HIS A 477 -32.93 -10.27 -23.81
C HIS A 477 -33.68 -9.58 -24.94
N GLU A 478 -33.85 -10.28 -26.07
CA GLU A 478 -34.58 -9.79 -27.25
C GLU A 478 -34.36 -8.30 -27.48
N GLN A 479 -33.12 -7.86 -27.30
CA GLN A 479 -32.85 -6.43 -27.21
C GLN A 479 -33.00 -5.79 -28.58
N PRO A 480 -33.81 -4.73 -28.70
CA PRO A 480 -33.89 -4.01 -29.97
C PRO A 480 -32.58 -3.32 -30.29
N ILE A 481 -32.31 -3.15 -31.58
CA ILE A 481 -31.10 -2.51 -32.05
C ILE A 481 -31.40 -1.05 -32.33
N SER A 482 -30.55 -0.16 -31.82
CA SER A 482 -30.65 1.26 -32.05
C SER A 482 -29.38 1.75 -32.72
N PHE A 483 -29.54 2.61 -33.72
CA PHE A 483 -28.41 3.09 -34.51
C PHE A 483 -28.67 4.55 -34.87
N VAL A 484 -27.80 5.44 -34.40
CA VAL A 484 -27.94 6.87 -34.63
C VAL A 484 -26.62 7.41 -35.14
N THR A 485 -26.64 8.06 -36.31
CA THR A 485 -25.49 8.73 -36.86
C THR A 485 -25.95 10.02 -37.53
N LEU A 486 -24.98 10.87 -37.86
CA LEU A 486 -25.29 12.12 -38.52
C LEU A 486 -25.88 11.86 -39.91
N PRO A 487 -26.78 12.72 -40.38
CA PRO A 487 -27.28 12.58 -41.75
C PRO A 487 -26.16 12.72 -42.75
N SER A 488 -26.29 12.01 -43.87
CA SER A 488 -25.29 12.00 -44.91
C SER A 488 -25.92 12.37 -46.24
N PHE A 489 -25.07 12.74 -47.20
CA PHE A 489 -25.54 13.14 -48.51
C PHE A 489 -25.35 12.02 -49.53
N VAL A 620 -28.64 14.27 -46.82
CA VAL A 620 -29.97 14.41 -47.38
C VAL A 620 -30.89 13.32 -46.81
N THR A 621 -30.28 12.27 -46.26
CA THR A 621 -31.01 11.15 -45.71
C THR A 621 -30.51 10.87 -44.30
N ASP A 622 -31.39 10.29 -43.48
CA ASP A 622 -31.08 9.95 -42.10
C ASP A 622 -31.56 8.54 -41.83
N VAL A 623 -30.61 7.62 -41.61
CA VAL A 623 -30.93 6.22 -41.38
C VAL A 623 -31.00 5.90 -39.89
N SER A 624 -31.07 6.93 -39.05
CA SER A 624 -31.10 6.73 -37.61
C SER A 624 -32.44 6.13 -37.17
N PHE A 625 -32.39 5.26 -36.17
CA PHE A 625 -33.58 4.69 -35.57
C PHE A 625 -33.22 4.19 -34.18
N MET A 626 -34.14 4.34 -33.24
CA MET A 626 -33.86 3.96 -31.86
C MET A 626 -35.16 3.58 -31.16
N THR A 627 -35.00 2.87 -30.05
CA THR A 627 -36.12 2.43 -29.22
C THR A 627 -35.96 3.05 -27.83
N LEU A 628 -37.01 3.69 -27.34
CA LEU A 628 -36.93 4.43 -26.09
C LEU A 628 -37.41 3.59 -24.92
N ASP A 629 -36.86 3.89 -23.74
CA ASP A 629 -37.29 3.33 -22.47
C ASP A 629 -37.15 1.82 -22.39
N VAL A 630 -36.42 1.20 -23.31
CA VAL A 630 -36.22 -0.24 -23.32
C VAL A 630 -34.73 -0.51 -23.44
N CYS A 631 -34.22 -1.43 -22.62
CA CYS A 631 -32.81 -1.81 -22.67
C CYS A 631 -32.47 -2.29 -24.06
N THR A 632 -31.64 -1.54 -24.78
CA THR A 632 -31.39 -1.77 -26.19
C THR A 632 -29.90 -1.79 -26.46
N LYS A 633 -29.53 -2.50 -27.54
CA LYS A 633 -28.16 -2.51 -28.03
C LYS A 633 -28.01 -1.34 -28.98
N TYR A 634 -27.23 -0.34 -28.58
CA TYR A 634 -27.19 0.94 -29.27
C TYR A 634 -25.82 1.19 -29.89
N THR A 635 -25.84 1.91 -31.01
CA THR A 635 -24.64 2.45 -31.63
C THR A 635 -24.91 3.92 -31.93
N ILE A 636 -24.47 4.80 -31.03
CA ILE A 636 -24.77 6.22 -31.12
C ILE A 636 -23.48 6.96 -31.45
N TYR A 637 -23.39 7.44 -32.69
CA TYR A 637 -22.23 8.22 -33.15
C TYR A 637 -20.93 7.48 -32.89
N GLY A 638 -20.93 6.17 -33.14
CA GLY A 638 -19.76 5.36 -32.94
C GLY A 638 -19.59 4.79 -31.55
N PHE A 639 -20.42 5.20 -30.60
CA PHE A 639 -20.38 4.66 -29.24
C PHE A 639 -21.27 3.43 -29.19
N LYS A 640 -20.65 2.26 -29.02
CA LYS A 640 -21.38 1.01 -28.96
C LYS A 640 -21.59 0.60 -27.50
N GLY A 641 -22.76 0.05 -27.21
CA GLY A 641 -23.03 -0.43 -25.87
C GLY A 641 -24.46 -0.89 -25.74
N GLU A 642 -24.90 -1.05 -24.51
CA GLU A 642 -26.28 -1.40 -24.19
C GLU A 642 -26.77 -0.47 -23.09
N GLY A 643 -27.99 0.04 -23.26
CA GLY A 643 -28.52 0.98 -22.30
C GLY A 643 -29.93 1.38 -22.64
N ILE A 644 -30.49 2.24 -21.79
CA ILE A 644 -31.85 2.75 -21.94
C ILE A 644 -31.79 4.17 -22.43
N ILE A 645 -32.53 4.47 -23.49
CA ILE A 645 -32.57 5.79 -24.10
C ILE A 645 -33.89 6.43 -23.72
N THR A 646 -33.83 7.54 -22.99
CA THR A 646 -35.02 8.24 -22.53
C THR A 646 -34.96 9.69 -23.00
N LEU A 647 -36.04 10.17 -23.60
CA LEU A 647 -36.12 11.57 -23.97
C LEU A 647 -36.03 12.42 -22.72
N THR A 648 -35.16 13.42 -22.74
CA THR A 648 -34.96 14.26 -21.58
C THR A 648 -35.30 15.70 -21.91
N ASN A 649 -35.36 16.51 -20.86
CA ASN A 649 -36.09 17.77 -20.87
C ASN A 649 -35.14 18.96 -20.79
N SER A 650 -33.84 18.72 -21.00
CA SER A 650 -32.84 19.77 -21.12
C SER A 650 -32.78 20.30 -22.56
N SER A 651 -32.03 21.38 -22.73
CA SER A 651 -31.94 22.07 -24.03
C SER A 651 -30.50 22.45 -24.34
N PHE A 652 -29.59 21.48 -24.24
CA PHE A 652 -28.19 21.74 -24.59
C PHE A 652 -28.10 22.26 -26.03
N LEU A 653 -27.55 23.45 -26.18
CA LEU A 653 -27.51 24.11 -27.48
C LEU A 653 -26.29 23.73 -28.31
N ALA A 654 -25.17 23.41 -27.67
CA ALA A 654 -23.93 23.13 -28.38
C ALA A 654 -23.80 21.63 -28.64
N GLY A 655 -23.00 21.30 -29.64
CA GLY A 655 -22.61 19.92 -29.89
C GLY A 655 -23.74 19.10 -30.48
N VAL A 656 -23.45 17.81 -30.67
CA VAL A 656 -24.41 16.86 -31.21
C VAL A 656 -24.56 15.69 -30.24
N TYR A 657 -23.51 15.38 -29.50
CA TYR A 657 -23.58 14.36 -28.48
C TYR A 657 -22.60 14.72 -27.36
N TYR A 658 -22.86 14.19 -26.17
CA TYR A 658 -22.22 14.68 -24.97
C TYR A 658 -21.62 13.54 -24.16
N THR A 659 -20.43 13.78 -23.63
CA THR A 659 -19.74 12.83 -22.76
C THR A 659 -19.21 13.55 -21.54
N SER A 660 -19.07 12.80 -20.45
CA SER A 660 -18.52 13.36 -19.22
C SER A 660 -17.02 13.56 -19.38
N ASP A 661 -16.37 13.99 -18.29
CA ASP A 661 -14.93 14.16 -18.31
C ASP A 661 -14.19 12.85 -18.38
N SER A 662 -14.86 11.72 -18.18
CA SER A 662 -14.27 10.40 -18.31
C SER A 662 -14.51 9.78 -19.68
N GLY A 663 -15.09 10.53 -20.61
CA GLY A 663 -15.23 10.05 -21.97
C GLY A 663 -16.35 9.07 -22.22
N GLN A 664 -17.30 8.95 -21.30
CA GLN A 664 -18.42 8.04 -21.45
C GLN A 664 -19.65 8.80 -21.92
N LEU A 665 -20.39 8.19 -22.85
CA LEU A 665 -21.53 8.87 -23.44
C LEU A 665 -22.62 9.09 -22.40
N LEU A 666 -23.06 10.34 -22.28
CA LEU A 666 -24.14 10.71 -21.37
C LEU A 666 -25.44 11.02 -22.09
N ALA A 667 -25.39 11.83 -23.13
CA ALA A 667 -26.59 12.17 -23.88
C ALA A 667 -26.21 12.50 -25.31
N PHE A 668 -27.20 12.42 -26.20
CA PHE A 668 -27.02 12.74 -27.60
C PHE A 668 -28.24 13.51 -28.07
N LYS A 669 -28.05 14.33 -29.11
CA LYS A 669 -29.09 15.21 -29.61
C LYS A 669 -29.58 14.69 -30.95
N ASN A 670 -30.90 14.59 -31.09
CA ASN A 670 -31.50 14.32 -32.39
C ASN A 670 -31.44 15.60 -33.20
N VAL A 671 -30.55 15.63 -34.19
CA VAL A 671 -30.25 16.89 -34.89
C VAL A 671 -31.47 17.39 -35.65
N THR A 672 -32.28 16.49 -36.20
CA THR A 672 -33.41 16.92 -37.00
C THR A 672 -34.46 17.62 -36.16
N SER A 673 -34.55 17.27 -34.87
CA SER A 673 -35.55 17.83 -33.98
C SER A 673 -34.98 18.65 -32.84
N GLY A 674 -33.69 18.51 -32.53
CA GLY A 674 -33.08 19.25 -31.45
C GLY A 674 -33.33 18.68 -30.07
N ALA A 675 -34.04 17.56 -29.97
CA ALA A 675 -34.31 16.95 -28.68
C ALA A 675 -33.14 16.09 -28.25
N VAL A 676 -32.83 16.13 -26.95
CA VAL A 676 -31.72 15.40 -26.39
C VAL A 676 -32.25 14.18 -25.65
N TYR A 677 -31.54 13.05 -25.78
CA TYR A 677 -31.89 11.81 -25.13
C TYR A 677 -30.74 11.36 -24.25
N SER A 678 -31.04 11.03 -23.00
CA SER A 678 -30.04 10.53 -22.09
C SER A 678 -29.89 9.02 -22.21
N VAL A 679 -28.67 8.54 -21.99
CA VAL A 679 -28.35 7.13 -22.09
C VAL A 679 -27.94 6.65 -20.71
N THR A 680 -28.64 5.63 -20.20
CA THR A 680 -28.41 5.08 -18.88
C THR A 680 -28.09 3.60 -18.97
N PRO A 681 -27.44 3.03 -17.96
CA PRO A 681 -27.22 1.58 -17.96
C PRO A 681 -28.52 0.81 -17.87
N CYS A 682 -28.51 -0.41 -18.41
CA CYS A 682 -29.70 -1.25 -18.34
C CYS A 682 -29.97 -1.70 -16.91
N SER A 683 -28.93 -1.90 -16.12
CA SER A 683 -29.06 -2.32 -14.74
C SER A 683 -28.16 -1.47 -13.87
N PHE A 684 -28.54 -1.33 -12.60
CA PHE A 684 -27.82 -0.48 -11.67
C PHE A 684 -27.30 -1.31 -10.51
N SER A 685 -26.20 -0.84 -9.92
CA SER A 685 -25.60 -1.56 -8.81
C SER A 685 -26.50 -1.47 -7.58
N GLU A 686 -26.42 -2.50 -6.75
CA GLU A 686 -27.20 -2.55 -5.51
C GLU A 686 -26.33 -3.16 -4.42
N GLN A 687 -26.83 -3.06 -3.19
CA GLN A 687 -26.18 -3.65 -2.03
C GLN A 687 -27.19 -4.54 -1.34
N ALA A 688 -26.86 -5.82 -1.23
CA ALA A 688 -27.72 -6.79 -0.54
C ALA A 688 -27.26 -6.93 0.90
N ALA A 689 -28.20 -6.80 1.83
CA ALA A 689 -27.90 -6.96 3.25
C ALA A 689 -28.14 -8.43 3.61
N TYR A 690 -27.06 -9.12 3.92
CA TYR A 690 -27.08 -10.57 4.12
C TYR A 690 -26.81 -10.86 5.59
N VAL A 691 -27.86 -11.24 6.32
CA VAL A 691 -27.74 -11.59 7.73
C VAL A 691 -28.45 -12.91 8.00
N ASP A 692 -27.87 -13.71 8.88
CA ASP A 692 -28.36 -15.07 9.18
C ASP A 692 -28.61 -15.86 7.90
N ASP A 693 -27.63 -15.81 7.00
CA ASP A 693 -27.63 -16.66 5.80
C ASP A 693 -28.87 -16.40 4.94
N ASP A 694 -29.28 -15.13 4.85
CA ASP A 694 -30.43 -14.77 4.05
C ASP A 694 -30.35 -13.31 3.68
N ILE A 695 -30.86 -12.98 2.50
CA ILE A 695 -30.90 -11.60 2.03
C ILE A 695 -32.16 -10.96 2.64
N VAL A 696 -31.98 -10.00 3.53
CA VAL A 696 -33.10 -9.39 4.21
C VAL A 696 -33.47 -8.02 3.65
N GLY A 697 -32.55 -7.36 2.95
CA GLY A 697 -32.83 -6.04 2.41
C GLY A 697 -31.88 -5.73 1.27
N VAL A 698 -32.30 -4.77 0.45
CA VAL A 698 -31.53 -4.35 -0.72
C VAL A 698 -31.48 -2.83 -0.73
N ILE A 699 -30.27 -2.27 -0.72
CA ILE A 699 -30.06 -0.86 -0.97
C ILE A 699 -29.93 -0.65 -2.47
N SER A 700 -30.77 0.21 -3.03
CA SER A 700 -30.79 0.37 -4.48
C SER A 700 -31.27 1.77 -4.83
N SER A 701 -31.07 2.15 -6.09
CA SER A 701 -31.55 3.41 -6.62
C SER A 701 -32.95 3.30 -7.21
N LEU A 702 -33.49 2.10 -7.34
CA LEU A 702 -34.79 1.88 -7.94
C LEU A 702 -35.89 1.95 -6.89
N SER A 703 -37.08 2.35 -7.33
CA SER A 703 -38.22 2.52 -6.45
C SER A 703 -39.09 1.27 -6.34
N SER A 704 -38.78 0.21 -7.09
CA SER A 704 -39.58 -1.01 -7.09
C SER A 704 -38.67 -2.21 -6.94
N SER A 705 -39.20 -3.26 -6.32
CA SER A 705 -38.47 -4.49 -6.08
C SER A 705 -39.46 -5.62 -5.83
N THR A 706 -38.96 -6.75 -5.34
CA THR A 706 -39.80 -7.91 -5.05
C THR A 706 -40.18 -8.00 -3.58
N PHE A 707 -39.61 -7.16 -2.73
CA PHE A 707 -39.92 -7.16 -1.31
C PHE A 707 -41.23 -6.44 -1.04
N ASN A 708 -41.70 -6.55 0.20
CA ASN A 708 -42.90 -5.84 0.63
C ASN A 708 -42.69 -4.35 0.52
N SER A 709 -41.85 -3.83 1.41
CA SER A 709 -41.79 -2.42 1.73
C SER A 709 -40.57 -1.77 1.11
N THR A 710 -40.72 -0.50 0.72
CA THR A 710 -39.62 0.30 0.22
C THR A 710 -39.61 1.59 1.02
N ARG A 711 -38.46 1.89 1.64
CA ARG A 711 -38.30 3.10 2.44
C ARG A 711 -37.39 4.07 1.70
N GLU A 712 -37.81 5.33 1.63
CA GLU A 712 -37.04 6.36 0.96
C GLU A 712 -36.06 6.98 1.95
N LEU A 713 -34.92 6.33 2.10
CA LEU A 713 -33.85 6.94 2.85
C LEU A 713 -33.33 8.16 2.08
N PRO A 714 -32.73 9.12 2.76
CA PRO A 714 -32.34 10.36 2.07
C PRO A 714 -31.45 10.15 0.86
N GLY A 715 -30.61 9.12 0.88
CA GLY A 715 -29.69 8.91 -0.23
C GLY A 715 -30.06 7.80 -1.20
N PHE A 716 -31.00 6.94 -0.81
CA PHE A 716 -31.28 5.75 -1.62
C PHE A 716 -32.62 5.16 -1.21
N PHE A 717 -33.04 4.16 -1.97
CA PHE A 717 -34.20 3.34 -1.63
C PHE A 717 -33.72 2.10 -0.88
N TYR A 718 -34.52 1.66 0.08
CA TYR A 718 -34.24 0.43 0.83
C TYR A 718 -35.46 -0.48 0.74
N HIS A 719 -35.30 -1.63 0.09
CA HIS A 719 -36.36 -2.61 -0.06
C HIS A 719 -36.14 -3.75 0.93
N SER A 720 -37.20 -4.11 1.65
CA SER A 720 -37.11 -5.21 2.60
C SER A 720 -38.51 -5.74 2.85
N ASN A 721 -38.56 -6.86 3.57
CA ASN A 721 -39.84 -7.46 3.94
C ASN A 721 -40.36 -6.90 5.26
N ASP A 722 -39.60 -6.01 5.90
CA ASP A 722 -39.95 -5.44 7.19
C ASP A 722 -39.73 -3.94 7.13
N GLY A 723 -40.81 -3.17 7.13
CA GLY A 723 -40.73 -1.73 7.09
C GLY A 723 -40.73 -1.06 8.45
N SER A 724 -40.52 -1.81 9.52
CA SER A 724 -40.62 -1.29 10.87
C SER A 724 -39.29 -0.68 11.33
N ASN A 725 -39.27 -0.24 12.59
CA ASN A 725 -38.13 0.39 13.23
C ASN A 725 -37.66 -0.52 14.34
N CYS A 726 -36.38 -0.90 14.34
CA CYS A 726 -35.85 -1.64 15.47
C CYS A 726 -34.63 -0.92 16.01
N THR A 727 -34.41 -1.07 17.32
CA THR A 727 -33.31 -0.44 18.02
C THR A 727 -32.13 -1.38 18.22
N GLU A 728 -32.11 -2.51 17.49
CA GLU A 728 -31.06 -3.52 17.60
C GLU A 728 -30.47 -3.75 16.21
N PRO A 729 -29.60 -2.84 15.74
CA PRO A 729 -28.99 -3.03 14.43
C PRO A 729 -27.98 -4.16 14.42
N VAL A 730 -28.31 -5.27 13.76
CA VAL A 730 -27.39 -6.38 13.70
C VAL A 730 -26.19 -6.02 12.83
N LEU A 731 -26.43 -5.31 11.74
CA LEU A 731 -25.40 -5.03 10.74
C LEU A 731 -25.33 -3.52 10.52
N VAL A 732 -24.40 -2.86 11.19
CA VAL A 732 -24.24 -1.42 11.09
C VAL A 732 -23.33 -1.10 9.91
N TYR A 733 -23.65 -0.02 9.20
CA TYR A 733 -22.93 0.31 7.97
C TYR A 733 -23.23 1.76 7.62
N SER A 734 -22.18 2.57 7.51
CA SER A 734 -22.33 3.99 7.20
C SER A 734 -23.28 4.66 8.18
N ASN A 735 -24.36 5.24 7.67
CA ASN A 735 -25.32 5.97 8.50
C ASN A 735 -26.44 5.11 9.04
N ILE A 736 -26.53 3.84 8.64
CA ILE A 736 -27.71 3.05 8.88
C ILE A 736 -27.35 1.82 9.71
N GLY A 737 -28.39 1.12 10.16
CA GLY A 737 -28.24 -0.17 10.80
C GLY A 737 -29.32 -1.13 10.32
N VAL A 738 -28.92 -2.26 9.77
CA VAL A 738 -29.84 -3.28 9.29
C VAL A 738 -30.19 -4.23 10.42
N CYS A 739 -31.49 -4.48 10.59
CA CYS A 739 -31.96 -5.29 11.71
C CYS A 739 -31.83 -6.77 11.39
N LYS A 740 -32.26 -7.61 12.35
CA LYS A 740 -32.28 -9.04 12.11
C LYS A 740 -33.42 -9.46 11.20
N SER A 741 -34.56 -8.77 11.27
CA SER A 741 -35.73 -9.11 10.47
C SER A 741 -35.77 -8.38 9.13
N GLY A 742 -34.80 -7.53 8.84
CA GLY A 742 -34.78 -6.77 7.62
C GLY A 742 -35.08 -5.29 7.79
N SER A 743 -35.53 -4.88 8.98
CA SER A 743 -35.82 -3.47 9.20
C SER A 743 -34.56 -2.64 9.13
N ILE A 744 -34.73 -1.36 8.80
CA ILE A 744 -33.63 -0.41 8.76
C ILE A 744 -33.95 0.72 9.74
N GLY A 745 -32.91 1.29 10.32
CA GLY A 745 -33.09 2.41 11.23
C GLY A 745 -31.78 3.13 11.43
N TYR A 746 -31.88 4.44 11.71
CA TYR A 746 -30.72 5.20 12.11
C TYR A 746 -30.24 4.70 13.46
N VAL A 747 -28.93 4.51 13.59
CA VAL A 747 -28.38 4.03 14.86
C VAL A 747 -28.54 5.14 15.87
N PRO A 748 -29.27 4.91 16.96
CA PRO A 748 -29.48 5.98 17.95
C PRO A 748 -28.19 6.31 18.67
N SER A 749 -28.09 7.58 19.08
CA SER A 749 -26.93 8.03 19.84
C SER A 749 -27.02 7.44 21.24
N GLN A 750 -26.20 6.43 21.50
CA GLN A 750 -26.23 5.76 22.79
C GLN A 750 -25.84 6.73 23.90
N SER A 751 -26.64 6.74 24.96
CA SER A 751 -26.35 7.61 26.09
C SER A 751 -25.13 7.08 26.84
N GLY A 752 -24.20 7.98 27.15
CA GLY A 752 -22.99 7.61 27.86
C GLY A 752 -23.19 7.59 29.35
N GLN A 753 -22.11 7.24 30.05
CA GLN A 753 -22.11 7.20 31.49
C GLN A 753 -21.72 8.58 32.01
N VAL A 754 -22.58 9.19 32.82
CA VAL A 754 -22.36 10.57 33.24
C VAL A 754 -21.15 10.64 34.17
N LYS A 755 -20.26 11.59 33.89
CA LYS A 755 -19.10 11.84 34.73
C LYS A 755 -19.25 13.21 35.36
N ILE A 756 -19.13 13.28 36.68
CA ILE A 756 -19.38 14.50 37.41
C ILE A 756 -18.17 15.42 37.26
N ALA A 757 -18.42 16.65 36.84
CA ALA A 757 -17.36 17.64 36.77
C ALA A 757 -17.06 18.15 38.17
N PRO A 758 -15.80 18.14 38.61
CA PRO A 758 -15.49 18.60 39.97
C PRO A 758 -15.88 20.06 40.17
N THR A 759 -16.34 20.37 41.37
CA THR A 759 -16.86 21.69 41.69
C THR A 759 -16.09 22.29 42.87
N VAL A 760 -16.59 23.42 43.36
CA VAL A 760 -16.09 24.04 44.57
C VAL A 760 -17.16 24.11 45.66
N THR A 761 -18.40 24.39 45.27
CA THR A 761 -19.51 24.51 46.22
C THR A 761 -20.81 24.29 45.47
N GLY A 762 -21.88 24.09 46.23
CA GLY A 762 -23.21 23.97 45.67
C GLY A 762 -23.64 22.52 45.55
N ASN A 763 -24.77 22.32 44.87
CA ASN A 763 -25.26 20.98 44.60
C ASN A 763 -24.17 20.16 43.92
N ILE A 764 -23.95 18.96 44.44
CA ILE A 764 -23.08 17.98 43.79
C ILE A 764 -23.70 16.60 43.95
N SER A 765 -23.26 15.67 43.11
CA SER A 765 -23.70 14.28 43.18
C SER A 765 -22.49 13.37 43.27
N ILE A 766 -22.50 12.45 44.21
CA ILE A 766 -21.45 11.46 44.38
C ILE A 766 -21.99 10.12 43.89
N PRO A 767 -21.35 9.47 42.92
CA PRO A 767 -21.79 8.14 42.50
C PRO A 767 -21.70 7.15 43.65
N THR A 768 -22.66 6.21 43.69
CA THR A 768 -22.74 5.29 44.80
C THR A 768 -23.42 4.00 44.34
N ASN A 769 -23.21 2.94 45.13
CA ASN A 769 -23.71 1.61 44.83
C ASN A 769 -23.32 1.17 43.40
N PHE A 770 -22.02 0.94 43.27
CA PHE A 770 -21.44 0.53 42.00
C PHE A 770 -21.74 -0.94 41.71
N SER A 771 -21.60 -1.30 40.45
CA SER A 771 -21.62 -2.68 40.00
C SER A 771 -20.58 -2.80 38.89
N MET A 772 -19.84 -3.90 38.89
CA MET A 772 -18.76 -4.06 37.93
C MET A 772 -19.24 -4.82 36.69
N SER A 773 -19.09 -4.19 35.54
CA SER A 773 -19.39 -4.80 34.25
C SER A 773 -18.08 -4.98 33.49
N ILE A 774 -17.96 -6.10 32.79
CA ILE A 774 -16.74 -6.44 32.07
C ILE A 774 -16.93 -6.10 30.60
N ARG A 775 -15.99 -5.33 30.06
CA ARG A 775 -15.95 -4.99 28.65
C ARG A 775 -14.75 -5.68 28.02
N THR A 776 -14.97 -6.30 26.87
CA THR A 776 -13.97 -7.13 26.21
C THR A 776 -13.32 -6.37 25.06
N GLU A 777 -12.02 -6.62 24.87
CA GLU A 777 -11.27 -6.00 23.79
C GLU A 777 -10.23 -6.99 23.27
N TYR A 778 -10.30 -7.30 21.98
CA TYR A 778 -9.37 -8.19 21.34
C TYR A 778 -8.25 -7.39 20.67
N LEU A 779 -7.00 -7.73 20.99
CA LEU A 779 -5.85 -7.06 20.42
C LEU A 779 -4.93 -8.10 19.79
N GLN A 780 -4.64 -7.92 18.50
CA GLN A 780 -3.79 -8.86 17.80
C GLN A 780 -2.33 -8.62 18.15
N LEU A 781 -1.55 -9.70 18.25
CA LEU A 781 -0.16 -9.62 18.64
C LEU A 781 0.82 -9.92 17.52
N TYR A 782 0.52 -10.85 16.63
CA TYR A 782 1.50 -11.26 15.64
C TYR A 782 0.81 -11.75 14.38
N ASN A 783 1.59 -11.86 13.32
CA ASN A 783 1.17 -12.46 12.06
C ASN A 783 2.01 -13.70 11.80
N THR A 784 1.42 -14.68 11.13
CA THR A 784 2.16 -15.89 10.79
C THR A 784 3.18 -15.55 9.71
N PRO A 785 4.47 -15.78 9.95
CA PRO A 785 5.47 -15.43 8.94
C PRO A 785 5.28 -16.22 7.66
N VAL A 786 5.52 -15.56 6.54
CA VAL A 786 5.47 -16.18 5.23
C VAL A 786 6.75 -15.85 4.49
N SER A 787 7.44 -16.88 4.00
CA SER A 787 8.66 -16.71 3.23
C SER A 787 8.38 -17.15 1.80
N VAL A 788 8.58 -16.24 0.85
CA VAL A 788 8.34 -16.49 -0.56
C VAL A 788 9.69 -16.60 -1.25
N ASP A 789 9.95 -17.75 -1.86
CA ASP A 789 11.15 -17.92 -2.67
C ASP A 789 10.88 -17.27 -4.02
N CYS A 790 11.32 -16.03 -4.17
CA CYS A 790 11.03 -15.25 -5.37
C CYS A 790 11.46 -15.97 -6.65
N ALA A 791 12.65 -16.57 -6.64
CA ALA A 791 13.16 -17.19 -7.85
C ALA A 791 12.25 -18.32 -8.34
N THR A 792 11.92 -19.24 -7.44
CA THR A 792 11.10 -20.38 -7.84
C THR A 792 9.63 -20.01 -8.01
N TYR A 793 9.16 -18.92 -7.42
CA TYR A 793 7.78 -18.49 -7.66
C TYR A 793 7.63 -17.94 -9.07
N VAL A 794 8.54 -17.08 -9.49
CA VAL A 794 8.44 -16.45 -10.79
C VAL A 794 8.89 -17.40 -11.90
N CYS A 795 10.07 -17.99 -11.74
CA CYS A 795 10.66 -18.78 -12.81
C CYS A 795 10.13 -20.20 -12.86
N ASN A 796 9.42 -20.66 -11.83
CA ASN A 796 8.90 -22.02 -11.76
C ASN A 796 10.03 -23.04 -11.90
N GLY A 797 11.20 -22.71 -11.34
CA GLY A 797 12.33 -23.61 -11.39
C GLY A 797 12.98 -23.74 -12.75
N ASN A 798 12.63 -22.90 -13.71
CA ASN A 798 13.21 -22.97 -15.05
C ASN A 798 14.58 -22.30 -15.04
N SER A 799 15.60 -23.05 -15.48
CA SER A 799 16.96 -22.52 -15.45
C SER A 799 17.12 -21.34 -16.40
N ARG A 800 16.50 -21.41 -17.57
CA ARG A 800 16.69 -20.35 -18.56
C ARG A 800 15.93 -19.09 -18.17
N CYS A 801 14.81 -19.23 -17.46
CA CYS A 801 14.05 -18.05 -17.05
C CYS A 801 14.74 -17.31 -15.90
N LYS A 802 15.53 -18.03 -15.09
CA LYS A 802 16.27 -17.37 -14.03
C LYS A 802 17.28 -16.37 -14.57
N GLN A 803 17.87 -16.66 -15.72
CA GLN A 803 18.81 -15.72 -16.33
C GLN A 803 18.13 -14.41 -16.67
N LEU A 804 16.91 -14.46 -17.18
CA LEU A 804 16.17 -13.24 -17.47
C LEU A 804 15.79 -12.52 -16.18
N LEU A 805 15.45 -13.28 -15.13
CA LEU A 805 15.11 -12.64 -13.86
C LEU A 805 16.29 -11.90 -13.28
N THR A 806 17.52 -12.37 -13.54
CA THR A 806 18.69 -11.68 -13.02
C THR A 806 18.80 -10.25 -13.54
N GLN A 807 18.22 -9.96 -14.70
CA GLN A 807 18.28 -8.61 -15.24
C GLN A 807 17.41 -7.63 -14.48
N TYR A 808 16.52 -8.13 -13.62
CA TYR A 808 15.65 -7.26 -12.84
C TYR A 808 16.32 -6.79 -11.55
N THR A 809 17.55 -7.23 -11.29
CA THR A 809 18.40 -6.72 -10.21
C THR A 809 17.70 -6.96 -8.87
N ALA A 810 17.32 -5.93 -8.13
CA ALA A 810 17.08 -6.05 -6.70
C ALA A 810 15.60 -6.15 -6.35
N ALA A 811 14.72 -6.17 -7.35
CA ALA A 811 13.29 -6.31 -7.05
C ALA A 811 13.01 -7.68 -6.47
N CYS A 812 13.55 -8.73 -7.11
CA CYS A 812 13.33 -10.08 -6.63
C CYS A 812 14.03 -10.31 -5.29
N LYS A 813 14.97 -9.44 -4.93
CA LYS A 813 15.64 -9.47 -3.63
C LYS A 813 14.92 -8.65 -2.58
N THR A 814 14.42 -7.47 -2.94
CA THR A 814 13.74 -6.63 -1.96
C THR A 814 12.48 -7.29 -1.42
N ILE A 815 11.80 -8.06 -2.26
CA ILE A 815 10.63 -8.82 -1.80
C ILE A 815 11.02 -9.70 -0.61
N GLU A 816 12.01 -10.58 -0.82
CA GLU A 816 12.41 -11.49 0.26
C GLU A 816 12.94 -10.74 1.47
N SER A 817 13.73 -9.70 1.23
CA SER A 817 14.32 -8.96 2.35
C SER A 817 13.25 -8.31 3.21
N ALA A 818 12.26 -7.67 2.58
CA ALA A 818 11.20 -7.03 3.34
C ALA A 818 10.39 -8.05 4.14
N LEU A 819 10.05 -9.18 3.52
CA LEU A 819 9.23 -10.17 4.22
C LEU A 819 9.94 -10.72 5.44
N GLN A 820 11.20 -11.15 5.29
CA GLN A 820 11.89 -11.77 6.42
C GLN A 820 12.24 -10.74 7.49
N LEU A 821 12.52 -9.50 7.08
CA LEU A 821 12.82 -8.47 8.07
C LEU A 821 11.59 -8.16 8.92
N SER A 822 10.43 -8.06 8.29
CA SER A 822 9.19 -7.83 9.04
C SER A 822 8.94 -8.98 10.00
N ALA A 823 9.12 -10.21 9.55
CA ALA A 823 8.90 -11.37 10.40
C ALA A 823 9.85 -11.37 11.60
N ARG A 824 11.12 -11.00 11.37
CA ARG A 824 12.09 -11.00 12.46
C ARG A 824 11.74 -9.95 13.51
N LEU A 825 11.29 -8.77 13.08
CA LEU A 825 10.88 -7.76 14.04
C LEU A 825 9.70 -8.24 14.88
N GLU A 826 8.71 -8.86 14.24
CA GLU A 826 7.59 -9.41 14.98
C GLU A 826 8.05 -10.47 15.98
N SER A 827 8.97 -11.34 15.54
CA SER A 827 9.43 -12.41 16.41
C SER A 827 10.11 -11.87 17.66
N VAL A 828 11.04 -10.94 17.48
CA VAL A 828 11.77 -10.40 18.63
C VAL A 828 10.86 -9.61 19.55
N GLU A 829 9.93 -8.84 18.97
CA GLU A 829 9.05 -8.01 19.79
C GLU A 829 8.17 -8.85 20.70
N VAL A 830 7.49 -9.85 20.14
CA VAL A 830 6.57 -10.63 20.97
C VAL A 830 7.30 -11.64 21.83
N ASN A 831 8.53 -12.03 21.48
CA ASN A 831 9.28 -12.91 22.38
C ASN A 831 9.77 -12.16 23.61
N SER A 832 10.12 -10.88 23.44
CA SER A 832 10.49 -10.06 24.58
C SER A 832 9.26 -9.60 25.36
N MET A 833 8.14 -9.40 24.67
CA MET A 833 6.93 -8.93 25.34
C MET A 833 6.39 -9.97 26.30
N LEU A 834 6.41 -11.24 25.91
CA LEU A 834 5.83 -12.31 26.72
C LEU A 834 6.84 -12.72 27.78
N THR A 835 6.73 -12.11 28.95
CA THR A 835 7.54 -12.48 30.10
C THR A 835 6.66 -13.25 31.08
N ILE A 836 7.15 -14.40 31.54
CA ILE A 836 6.37 -15.33 32.33
C ILE A 836 7.08 -15.57 33.66
N SER A 837 6.33 -15.44 34.75
CA SER A 837 6.84 -15.68 36.09
C SER A 837 6.26 -17.01 36.58
N GLU A 838 7.14 -17.93 36.96
CA GLU A 838 6.66 -19.22 37.45
C GLU A 838 5.95 -19.10 38.79
N GLU A 839 6.37 -18.15 39.63
CA GLU A 839 5.69 -17.95 40.91
C GLU A 839 4.23 -17.59 40.70
N ALA A 840 3.93 -16.73 39.74
CA ALA A 840 2.54 -16.41 39.43
C ALA A 840 1.81 -17.59 38.78
N LEU A 841 2.54 -18.42 38.02
CA LEU A 841 1.91 -19.57 37.39
C LEU A 841 1.37 -20.56 38.42
N GLN A 842 2.09 -20.72 39.53
CA GLN A 842 1.62 -21.64 40.57
C GLN A 842 0.27 -21.20 41.13
N LEU A 843 -0.03 -19.91 41.07
CA LEU A 843 -1.28 -19.38 41.57
C LEU A 843 -2.32 -19.23 40.48
N ALA A 844 -2.06 -19.77 39.28
CA ALA A 844 -2.92 -19.57 38.13
C ALA A 844 -3.85 -20.75 37.88
N THR A 845 -3.89 -21.73 38.77
CA THR A 845 -4.73 -22.90 38.59
C THR A 845 -5.92 -22.84 39.53
N ILE A 846 -6.92 -23.67 39.24
CA ILE A 846 -8.18 -23.62 39.97
C ILE A 846 -7.95 -23.92 41.45
N SER A 847 -7.09 -24.92 41.73
CA SER A 847 -6.88 -25.34 43.11
C SER A 847 -6.23 -24.24 43.93
N SER A 848 -5.14 -23.65 43.44
CA SER A 848 -4.42 -22.65 44.22
C SER A 848 -5.17 -21.33 44.28
N PHE A 849 -5.75 -20.91 43.15
CA PHE A 849 -6.50 -19.67 43.13
C PHE A 849 -7.78 -19.82 43.94
N ASN A 850 -8.09 -18.80 44.74
CA ASN A 850 -9.28 -18.79 45.59
C ASN A 850 -9.98 -17.45 45.38
N GLY A 851 -10.86 -17.40 44.39
CA GLY A 851 -11.69 -16.23 44.19
C GLY A 851 -12.89 -16.30 45.11
N ASP A 852 -12.69 -15.97 46.38
CA ASP A 852 -13.73 -16.15 47.38
C ASP A 852 -14.88 -15.19 47.08
N GLY A 853 -15.92 -15.71 46.45
CA GLY A 853 -17.04 -14.92 45.98
C GLY A 853 -16.99 -14.62 44.51
N TYR A 854 -15.82 -14.72 43.89
CA TYR A 854 -15.64 -14.45 42.47
C TYR A 854 -15.45 -15.77 41.75
N ASN A 855 -16.34 -16.06 40.81
CA ASN A 855 -16.30 -17.31 40.06
C ASN A 855 -15.31 -17.18 38.91
N PHE A 856 -14.08 -17.64 39.14
CA PHE A 856 -13.02 -17.58 38.14
C PHE A 856 -12.88 -18.88 37.36
N THR A 857 -13.84 -19.80 37.47
CA THR A 857 -13.70 -21.10 36.81
C THR A 857 -13.64 -20.97 35.30
N ASN A 858 -14.44 -20.07 34.73
CA ASN A 858 -14.44 -19.88 33.28
C ASN A 858 -13.18 -19.24 32.75
N VAL A 859 -12.30 -18.72 33.63
CA VAL A 859 -11.15 -17.95 33.20
C VAL A 859 -9.84 -18.70 33.40
N LEU A 860 -9.77 -19.58 34.39
CA LEU A 860 -8.57 -20.37 34.65
C LEU A 860 -8.68 -21.72 33.97
N GLY A 861 -7.58 -22.18 33.41
CA GLY A 861 -7.52 -23.47 32.76
C GLY A 861 -6.97 -24.53 33.69
N VAL A 862 -7.49 -25.75 33.53
CA VAL A 862 -7.04 -26.85 34.37
C VAL A 862 -5.62 -27.25 33.99
N SER A 863 -4.89 -27.82 34.95
CA SER A 863 -3.54 -28.30 34.73
C SER A 863 -3.51 -29.78 35.13
N VAL A 864 -3.11 -30.64 34.20
CA VAL A 864 -3.13 -32.07 34.41
C VAL A 864 -1.81 -32.68 33.95
N TYR A 865 -1.51 -33.86 34.47
CA TYR A 865 -0.30 -34.58 34.08
C TYR A 865 -0.53 -35.18 32.69
N ASP A 866 0.44 -34.97 31.80
CA ASP A 866 0.27 -35.40 30.42
C ASP A 866 0.76 -36.83 30.25
N PRO A 867 -0.08 -37.75 29.74
CA PRO A 867 0.44 -39.05 29.31
C PRO A 867 1.43 -38.93 28.16
N ALA A 868 1.42 -37.82 27.44
CA ALA A 868 2.31 -37.60 26.30
C ALA A 868 3.64 -37.09 26.83
N ARG A 869 4.56 -38.03 27.07
CA ARG A 869 5.94 -37.72 27.47
C ARG A 869 6.01 -36.98 28.81
N GLY A 870 5.04 -37.20 29.69
CA GLY A 870 5.16 -36.77 31.06
C GLY A 870 4.95 -35.29 31.31
N ARG A 871 5.52 -34.43 30.47
CA ARG A 871 5.52 -32.99 30.69
C ARG A 871 4.12 -32.48 31.01
N VAL A 872 3.96 -31.96 32.23
CA VAL A 872 2.63 -31.55 32.68
C VAL A 872 2.11 -30.45 31.77
N VAL A 873 0.91 -30.66 31.24
CA VAL A 873 0.27 -29.73 30.32
C VAL A 873 -1.03 -29.26 30.93
N GLN A 874 -1.28 -27.95 30.80
CA GLN A 874 -2.48 -27.34 31.34
C GLN A 874 -3.43 -27.01 30.19
N LYS A 875 -4.65 -27.52 30.29
CA LYS A 875 -5.64 -27.24 29.26
C LYS A 875 -6.08 -25.79 29.32
N ARG A 876 -6.52 -25.27 28.18
CA ARG A 876 -6.96 -23.89 28.11
C ARG A 876 -8.25 -23.71 28.91
N SER A 877 -8.49 -22.46 29.31
CA SER A 877 -9.69 -22.15 30.06
C SER A 877 -10.93 -22.37 29.20
N PHE A 878 -12.09 -22.34 29.86
CA PHE A 878 -13.34 -22.54 29.14
C PHE A 878 -13.55 -21.45 28.10
N ILE A 879 -13.28 -20.19 28.47
CA ILE A 879 -13.44 -19.10 27.52
C ILE A 879 -12.42 -19.23 26.39
N GLU A 880 -11.18 -19.62 26.72
CA GLU A 880 -10.18 -19.81 25.68
C GLU A 880 -10.58 -20.91 24.71
N ASP A 881 -11.11 -22.02 25.24
CA ASP A 881 -11.56 -23.10 24.38
C ASP A 881 -12.71 -22.65 23.51
N LEU A 882 -13.66 -21.91 24.08
CA LEU A 882 -14.77 -21.38 23.28
C LEU A 882 -14.26 -20.45 22.19
N LEU A 883 -13.30 -19.59 22.53
CA LEU A 883 -12.80 -18.61 21.56
C LEU A 883 -11.99 -19.27 20.46
N PHE A 884 -11.34 -20.40 20.75
CA PHE A 884 -10.50 -21.07 19.77
C PHE A 884 -11.30 -22.03 18.91
N ASN A 885 -11.98 -22.99 19.53
CA ASN A 885 -12.60 -24.06 18.76
C ASN A 885 -13.70 -23.53 17.83
N LYS A 886 -14.56 -22.65 18.33
CA LYS A 886 -15.68 -22.20 17.52
C LYS A 886 -15.25 -21.24 16.42
N VAL A 887 -14.06 -20.66 16.52
CA VAL A 887 -13.58 -19.71 15.53
C VAL A 887 -12.54 -20.32 14.62
N VAL A 888 -11.56 -21.01 15.18
CA VAL A 888 -10.50 -21.60 14.37
C VAL A 888 -11.11 -22.67 13.48
N THR A 889 -10.89 -22.54 12.16
CA THR A 889 -11.48 -23.49 11.22
C THR A 889 -10.89 -24.88 11.39
N ASN A 890 -9.65 -24.98 11.84
CA ASN A 890 -9.01 -26.27 12.06
C ASN A 890 -9.13 -26.77 13.49
N GLY A 891 -9.79 -26.01 14.37
CA GLY A 891 -9.96 -26.41 15.75
C GLY A 891 -8.76 -26.14 16.65
N LEU A 892 -7.59 -26.64 16.27
CA LEU A 892 -6.37 -26.47 17.05
C LEU A 892 -5.26 -25.89 16.18
N GLY A 893 -4.31 -25.22 16.85
CA GLY A 893 -3.17 -24.65 16.15
C GLY A 893 -2.17 -25.66 15.67
N THR A 894 -2.20 -26.88 16.23
CA THR A 894 -1.29 -27.94 15.81
C THR A 894 -1.55 -28.41 14.38
N VAL A 895 -2.69 -28.04 13.79
CA VAL A 895 -3.00 -28.39 12.41
C VAL A 895 -2.07 -27.67 11.43
N ASP A 896 -1.34 -26.65 11.89
CA ASP A 896 -0.38 -25.95 11.06
C ASP A 896 0.56 -26.95 10.40
N GLU A 897 0.49 -27.03 9.08
CA GLU A 897 1.03 -28.18 8.37
C GLU A 897 2.56 -28.16 8.36
N ASP A 898 3.13 -29.34 8.14
CA ASP A 898 4.56 -29.53 8.10
C ASP A 898 4.98 -29.85 6.68
N TYR A 899 6.15 -29.36 6.30
CA TYR A 899 6.68 -29.60 4.97
C TYR A 899 7.64 -30.78 4.93
N LYS A 900 7.80 -31.49 6.05
CA LYS A 900 8.62 -32.69 6.07
C LYS A 900 8.07 -33.74 5.11
N ARG A 901 6.75 -33.92 5.11
CA ARG A 901 6.08 -34.88 4.23
C ARG A 901 5.76 -34.27 2.88
N CYS A 902 6.24 -33.06 2.60
CA CYS A 902 5.86 -32.36 1.37
C CYS A 902 6.77 -32.70 0.22
N SER A 903 8.03 -33.03 0.50
CA SER A 903 8.98 -33.47 -0.52
C SER A 903 8.95 -34.98 -0.71
N ASN A 904 8.06 -35.68 0.00
CA ASN A 904 8.01 -37.13 -0.09
C ASN A 904 7.61 -37.58 -1.49
N GLY A 905 6.57 -36.98 -2.05
CA GLY A 905 6.17 -37.25 -3.41
C GLY A 905 5.39 -38.54 -3.61
N ARG A 906 5.11 -39.29 -2.56
CA ARG A 906 4.36 -40.53 -2.66
C ARG A 906 2.87 -40.34 -2.39
N SER A 907 2.42 -39.10 -2.25
CA SER A 907 1.01 -38.80 -2.07
C SER A 907 0.66 -37.56 -2.89
N VAL A 908 -0.57 -37.50 -3.37
CA VAL A 908 -1.00 -36.35 -4.16
C VAL A 908 -1.00 -35.13 -3.26
N ALA A 909 -0.41 -34.04 -3.76
CA ALA A 909 -0.19 -32.86 -2.94
C ALA A 909 -1.52 -32.21 -2.56
N ASP A 910 -1.63 -31.79 -1.30
CA ASP A 910 -2.77 -31.02 -0.85
C ASP A 910 -2.49 -29.54 -1.13
N LEU A 911 -3.35 -28.66 -0.61
CA LEU A 911 -3.20 -27.23 -0.90
C LEU A 911 -1.89 -26.69 -0.34
N VAL A 912 -1.52 -27.11 0.86
CA VAL A 912 -0.28 -26.63 1.47
C VAL A 912 0.92 -27.01 0.62
N CYS A 913 0.98 -28.26 0.19
CA CYS A 913 2.08 -28.70 -0.65
C CYS A 913 1.97 -28.12 -2.06
N ALA A 914 0.75 -27.96 -2.57
CA ALA A 914 0.60 -27.39 -3.91
C ALA A 914 1.12 -25.97 -3.97
N GLN A 915 1.04 -25.22 -2.87
CA GLN A 915 1.59 -23.87 -2.83
C GLN A 915 3.04 -23.84 -2.36
N TYR A 916 3.50 -24.88 -1.66
CA TYR A 916 4.92 -24.94 -1.33
C TYR A 916 5.74 -25.28 -2.56
N TYR A 917 5.14 -25.98 -3.52
CA TYR A 917 5.80 -26.23 -4.80
C TYR A 917 5.98 -24.95 -5.60
N SER A 918 5.32 -23.87 -5.22
CA SER A 918 5.47 -22.58 -5.86
C SER A 918 6.33 -21.62 -5.04
N GLY A 919 7.11 -22.16 -4.10
CA GLY A 919 8.06 -21.36 -3.36
C GLY A 919 7.50 -20.64 -2.14
N VAL A 920 6.24 -20.86 -1.79
CA VAL A 920 5.61 -20.21 -0.65
C VAL A 920 5.63 -21.17 0.53
N MET A 921 6.24 -20.73 1.63
CA MET A 921 6.37 -21.54 2.83
C MET A 921 5.83 -20.75 4.01
N VAL A 922 4.80 -21.28 4.67
CA VAL A 922 4.15 -20.61 5.78
C VAL A 922 4.75 -21.18 7.06
N LEU A 923 5.66 -20.42 7.66
CA LEU A 923 6.30 -20.87 8.88
C LEU A 923 5.35 -20.74 10.07
N PRO A 924 5.60 -21.49 11.15
CA PRO A 924 4.70 -21.43 12.30
C PRO A 924 4.68 -20.05 12.94
N GLY A 925 3.56 -19.73 13.56
CA GLY A 925 3.46 -18.47 14.29
C GLY A 925 4.47 -18.38 15.40
N VAL A 926 4.74 -17.15 15.83
CA VAL A 926 5.86 -16.90 16.74
C VAL A 926 5.63 -17.63 18.07
N VAL A 927 4.43 -17.50 18.63
CA VAL A 927 4.08 -18.15 19.89
C VAL A 927 2.82 -18.99 19.69
N ASP A 928 2.88 -20.24 20.10
CA ASP A 928 1.73 -21.12 20.02
C ASP A 928 0.74 -20.79 21.14
N ALA A 929 -0.43 -21.41 21.07
CA ALA A 929 -1.48 -21.13 22.04
C ALA A 929 -1.06 -21.52 23.45
N GLU A 930 -0.18 -22.50 23.59
CA GLU A 930 0.22 -22.94 24.93
C GLU A 930 1.02 -21.85 25.65
N LYS A 931 2.02 -21.29 24.98
CA LYS A 931 2.81 -20.23 25.61
C LYS A 931 1.96 -18.99 25.81
N LEU A 932 1.06 -18.71 24.85
CA LEU A 932 0.18 -17.56 24.98
C LEU A 932 -0.76 -17.73 26.16
N HIS A 933 -1.32 -18.93 26.33
CA HIS A 933 -2.16 -19.19 27.50
C HIS A 933 -1.36 -19.13 28.79
N MET A 934 -0.09 -19.57 28.75
CA MET A 934 0.74 -19.46 29.94
C MET A 934 0.95 -18.00 30.32
N TYR A 935 1.14 -17.13 29.33
CA TYR A 935 1.27 -15.71 29.60
C TYR A 935 0.00 -15.17 30.23
N SER A 936 -1.16 -15.55 29.69
CA SER A 936 -2.43 -15.09 30.24
C SER A 936 -2.60 -15.58 31.68
N ALA A 937 -2.29 -16.86 31.92
CA ALA A 937 -2.41 -17.39 33.27
C ALA A 937 -1.41 -16.72 34.22
N SER A 938 -0.21 -16.41 33.71
CA SER A 938 0.77 -15.72 34.54
C SER A 938 0.26 -14.37 35.02
N LEU A 939 -0.37 -13.60 34.12
CA LEU A 939 -0.92 -12.31 34.51
C LEU A 939 -2.04 -12.48 35.53
N ILE A 940 -2.95 -13.42 35.29
CA ILE A 940 -4.09 -13.61 36.19
C ILE A 940 -3.60 -14.02 37.57
N GLY A 941 -2.60 -14.91 37.62
CA GLY A 941 -2.05 -15.32 38.89
C GLY A 941 -1.16 -14.30 39.56
N GLY A 942 -0.66 -13.33 38.81
CA GLY A 942 0.17 -12.30 39.41
C GLY A 942 -0.60 -11.19 40.09
N MET A 943 -1.86 -10.96 39.72
CA MET A 943 -2.64 -9.97 40.47
C MET A 943 -3.00 -10.44 41.87
N VAL A 944 -2.77 -11.70 42.19
CA VAL A 944 -3.00 -12.22 43.53
C VAL A 944 -1.70 -12.64 44.20
N LEU A 945 -0.55 -12.28 43.63
CA LEU A 945 0.75 -12.61 44.21
C LEU A 945 1.14 -11.43 45.09
N GLY A 946 0.94 -11.57 46.39
CA GLY A 946 1.19 -10.47 47.31
C GLY A 946 2.62 -10.30 47.76
N GLY A 947 3.53 -11.15 47.31
CA GLY A 947 4.91 -11.06 47.74
C GLY A 947 5.83 -11.78 46.79
N PHE A 948 7.09 -11.88 47.20
CA PHE A 948 8.10 -12.54 46.37
C PHE A 948 7.80 -14.03 46.24
N THR A 949 7.55 -14.70 47.36
CA THR A 949 7.35 -16.13 47.35
C THR A 949 5.87 -16.47 47.22
N ALA A 950 5.60 -17.75 46.93
CA ALA A 950 4.23 -18.23 46.82
C ALA A 950 3.51 -18.29 48.16
N ALA A 951 4.23 -18.14 49.28
CA ALA A 951 3.59 -18.10 50.59
C ALA A 951 2.74 -16.86 50.80
N ALA A 952 2.88 -15.85 49.94
CA ALA A 952 2.10 -14.62 50.04
C ALA A 952 0.86 -14.64 49.15
N ALA A 953 0.35 -15.82 48.84
CA ALA A 953 -0.87 -15.91 48.04
C ALA A 953 -2.03 -15.27 48.79
N LEU A 954 -2.87 -14.55 48.05
CA LEU A 954 -3.96 -13.79 48.64
C LEU A 954 -5.31 -14.31 48.17
N PRO A 955 -6.35 -14.22 49.01
CA PRO A 955 -7.70 -14.35 48.49
C PRO A 955 -7.97 -13.21 47.51
N PHE A 956 -8.71 -13.50 46.45
CA PHE A 956 -8.92 -12.48 45.43
C PHE A 956 -9.73 -11.30 45.95
N SER A 957 -10.54 -11.50 46.99
CA SER A 957 -11.27 -10.37 47.57
C SER A 957 -10.31 -9.33 48.15
N TYR A 958 -9.18 -9.79 48.71
CA TYR A 958 -8.20 -8.85 49.26
C TYR A 958 -7.59 -7.99 48.17
N ALA A 959 -7.28 -8.58 47.01
CA ALA A 959 -6.74 -7.79 45.91
C ALA A 959 -7.75 -6.76 45.42
N VAL A 960 -9.02 -7.16 45.31
CA VAL A 960 -10.05 -6.22 44.89
C VAL A 960 -10.22 -5.12 45.93
N GLN A 961 -10.12 -5.48 47.21
CA GLN A 961 -10.24 -4.48 48.27
C GLN A 961 -9.12 -3.46 48.20
N ALA A 962 -7.90 -3.91 47.94
CA ALA A 962 -6.79 -2.97 47.81
C ALA A 962 -6.99 -2.06 46.61
N ARG A 963 -7.46 -2.61 45.49
CA ARG A 963 -7.67 -1.81 44.30
C ARG A 963 -8.82 -0.83 44.47
N LEU A 964 -9.80 -1.15 45.32
CA LEU A 964 -10.84 -0.18 45.64
C LEU A 964 -10.28 0.96 46.47
N ASN A 965 -9.45 0.65 47.46
CA ASN A 965 -8.83 1.70 48.26
C ASN A 965 -7.95 2.60 47.41
N TYR A 966 -7.43 2.09 46.30
CA TYR A 966 -6.56 2.88 45.44
C TYR A 966 -7.28 4.11 44.87
N LEU A 967 -8.56 3.97 44.55
CA LEU A 967 -9.29 5.08 43.96
C LEU A 967 -10.16 5.84 44.96
N ALA A 968 -10.58 5.18 46.03
CA ALA A 968 -11.37 5.85 47.07
C ALA A 968 -11.26 5.03 48.34
N LEU A 969 -10.80 5.66 49.42
CA LEU A 969 -10.63 4.96 50.68
C LEU A 969 -11.97 4.47 51.19
N GLN A 970 -12.12 3.15 51.30
CA GLN A 970 -13.39 2.56 51.71
C GLN A 970 -13.60 2.83 53.20
N THR A 971 -14.54 3.73 53.50
CA THR A 971 -14.80 4.12 54.88
C THR A 971 -15.87 3.28 55.55
N ASP A 972 -16.59 2.44 54.81
CA ASP A 972 -17.53 1.48 55.40
C ASP A 972 -17.36 0.15 54.66
N VAL A 973 -16.44 -0.67 55.14
CA VAL A 973 -16.16 -1.97 54.51
C VAL A 973 -17.04 -2.99 55.23
N LEU A 974 -18.28 -3.08 54.78
CA LEU A 974 -19.18 -4.13 55.25
C LEU A 974 -19.05 -5.34 54.35
N GLN A 975 -19.36 -6.51 54.90
CA GLN A 975 -19.30 -7.72 54.10
C GLN A 975 -20.27 -7.63 52.93
N ARG A 976 -21.51 -7.20 53.20
CA ARG A 976 -22.52 -7.08 52.17
C ARG A 976 -22.05 -6.19 51.03
N ASN A 977 -21.33 -5.10 51.37
CA ASN A 977 -20.77 -4.21 50.36
C ASN A 977 -19.81 -4.94 49.44
N GLN A 978 -19.20 -6.04 49.90
CA GLN A 978 -18.31 -6.82 49.06
C GLN A 978 -19.01 -7.91 48.25
N GLN A 979 -19.99 -8.59 48.83
CA GLN A 979 -20.69 -9.63 48.07
C GLN A 979 -21.51 -9.06 46.92
N LEU A 980 -21.97 -7.81 47.03
CA LEU A 980 -22.67 -7.19 45.91
C LEU A 980 -21.77 -7.13 44.69
N LEU A 981 -20.53 -6.67 44.86
CA LEU A 981 -19.61 -6.62 43.74
C LEU A 981 -19.31 -8.01 43.22
N ALA A 982 -19.10 -8.98 44.13
CA ALA A 982 -18.83 -10.34 43.72
C ALA A 982 -20.00 -10.93 42.95
N GLU A 983 -21.22 -10.70 43.44
CA GLU A 983 -22.40 -11.20 42.74
C GLU A 983 -22.52 -10.58 41.35
N SER A 984 -22.29 -9.28 41.25
CA SER A 984 -22.35 -8.63 39.95
C SER A 984 -21.30 -9.18 38.99
N PHE A 985 -20.07 -9.39 39.49
CA PHE A 985 -19.02 -9.94 38.64
C PHE A 985 -19.35 -11.36 38.20
N ASN A 986 -19.84 -12.18 39.12
CA ASN A 986 -20.20 -13.56 38.75
C ASN A 986 -21.28 -13.57 37.67
N SER A 987 -22.31 -12.74 37.84
CA SER A 987 -23.35 -12.65 36.83
C SER A 987 -22.77 -12.19 35.50
N ALA A 988 -21.94 -11.16 35.53
CA ALA A 988 -21.40 -10.58 34.30
C ALA A 988 -20.46 -11.54 33.58
N ILE A 989 -19.62 -12.26 34.33
CA ILE A 989 -18.68 -13.18 33.70
C ILE A 989 -19.41 -14.33 33.04
N GLY A 990 -20.46 -14.84 33.67
CA GLY A 990 -21.27 -15.87 33.04
C GLY A 990 -21.94 -15.37 31.78
N ASN A 991 -22.29 -14.08 31.75
CA ASN A 991 -23.04 -13.53 30.62
C ASN A 991 -22.15 -13.42 29.40
N ILE A 992 -20.87 -13.08 29.61
CA ILE A 992 -19.89 -13.18 28.53
C ILE A 992 -19.75 -14.62 28.07
N THR A 993 -19.70 -15.56 29.02
CA THR A 993 -19.60 -16.97 28.65
C THR A 993 -20.75 -17.39 27.76
N SER A 994 -21.98 -16.98 28.12
CA SER A 994 -23.14 -17.29 27.30
C SER A 994 -23.05 -16.58 25.95
N ALA A 995 -22.53 -15.35 25.94
CA ALA A 995 -22.42 -14.62 24.68
C ALA A 995 -21.48 -15.32 23.71
N PHE A 996 -20.39 -15.91 24.21
CA PHE A 996 -19.47 -16.61 23.34
C PHE A 996 -20.12 -17.81 22.68
N GLU A 997 -20.96 -18.53 23.43
CA GLU A 997 -21.63 -19.72 22.94
C GLU A 997 -22.64 -19.39 21.84
N ARG A 1008 -24.64 -5.70 22.05
CA ARG A 1008 -23.91 -5.78 20.79
C ARG A 1008 -23.38 -4.41 20.36
N GLY A 1009 -22.14 -4.39 19.91
CA GLY A 1009 -21.46 -3.18 19.50
C GLY A 1009 -20.01 -3.23 19.90
N LEU A 1010 -19.33 -2.10 19.76
CA LEU A 1010 -17.92 -2.02 20.12
C LEU A 1010 -17.75 -2.21 21.62
N ASN A 1011 -16.60 -2.79 22.00
CA ASN A 1011 -16.25 -3.09 23.38
C ASN A 1011 -17.22 -4.10 23.99
N THR A 1012 -17.78 -4.97 23.15
CA THR A 1012 -18.62 -6.07 23.58
C THR A 1012 -18.09 -7.37 22.97
N VAL A 1013 -18.70 -8.48 23.35
CA VAL A 1013 -18.18 -9.78 22.93
C VAL A 1013 -18.41 -9.99 21.44
N ALA A 1014 -19.54 -9.52 20.91
CA ALA A 1014 -19.85 -9.73 19.51
C ALA A 1014 -18.83 -9.06 18.60
N HIS A 1015 -18.43 -7.83 18.94
CA HIS A 1015 -17.41 -7.14 18.15
C HIS A 1015 -16.08 -7.88 18.17
N ALA A 1016 -15.70 -8.38 19.34
CA ALA A 1016 -14.46 -9.14 19.44
C ALA A 1016 -14.49 -10.39 18.58
N LEU A 1017 -15.62 -11.08 18.54
CA LEU A 1017 -15.73 -12.29 17.72
C LEU A 1017 -15.52 -11.98 16.24
N THR A 1018 -16.12 -10.90 15.75
CA THR A 1018 -15.92 -10.53 14.35
C THR A 1018 -14.46 -10.23 14.06
N LYS A 1019 -13.79 -9.51 14.96
CA LYS A 1019 -12.37 -9.22 14.75
C LYS A 1019 -11.54 -10.50 14.72
N VAL A 1020 -11.81 -11.43 15.63
CA VAL A 1020 -11.05 -12.68 15.67
C VAL A 1020 -11.26 -13.48 14.39
N GLN A 1021 -12.51 -13.52 13.90
CA GLN A 1021 -12.78 -14.26 12.67
C GLN A 1021 -12.04 -13.64 11.49
N GLU A 1022 -12.04 -12.31 11.40
CA GLU A 1022 -11.30 -11.66 10.32
C GLU A 1022 -9.81 -11.95 10.43
N VAL A 1023 -9.27 -12.00 11.64
CA VAL A 1023 -7.85 -12.29 11.82
C VAL A 1023 -7.50 -13.65 11.27
N VAL A 1024 -8.31 -14.67 11.59
CA VAL A 1024 -7.98 -16.02 11.14
C VAL A 1024 -8.23 -16.20 9.66
N ASN A 1025 -9.07 -15.35 9.05
CA ASN A 1025 -9.37 -15.48 7.63
C ASN A 1025 -8.41 -14.70 6.75
N SER A 1026 -7.88 -13.58 7.26
CA SER A 1026 -7.15 -12.65 6.41
C SER A 1026 -5.90 -13.27 5.82
N GLN A 1027 -5.14 -14.00 6.63
CA GLN A 1027 -3.86 -14.54 6.19
C GLN A 1027 -4.06 -15.55 5.05
N GLY A 1028 -5.03 -16.44 5.19
CA GLY A 1028 -5.30 -17.40 4.14
C GLY A 1028 -5.72 -16.74 2.83
N ALA A 1029 -6.54 -15.69 2.92
CA ALA A 1029 -7.00 -15.00 1.72
C ALA A 1029 -5.84 -14.42 0.91
N ALA A 1030 -4.89 -13.77 1.59
CA ALA A 1030 -3.77 -13.17 0.87
C ALA A 1030 -2.92 -14.23 0.17
N LEU A 1031 -2.66 -15.35 0.85
CA LEU A 1031 -1.85 -16.39 0.25
C LEU A 1031 -2.54 -17.02 -0.96
N THR A 1032 -3.84 -17.28 -0.85
CA THR A 1032 -4.57 -17.84 -1.99
C THR A 1032 -4.57 -16.89 -3.18
N GLN A 1033 -4.70 -15.59 -2.90
CA GLN A 1033 -4.64 -14.61 -3.98
C GLN A 1033 -3.28 -14.63 -4.65
N LEU A 1034 -2.22 -14.80 -3.87
CA LEU A 1034 -0.88 -14.89 -4.44
C LEU A 1034 -0.73 -16.11 -5.33
N THR A 1035 -1.24 -17.27 -4.89
CA THR A 1035 -1.02 -18.48 -5.64
C THR A 1035 -1.89 -18.55 -6.88
N VAL A 1036 -3.05 -17.88 -6.87
CA VAL A 1036 -3.93 -17.98 -8.03
C VAL A 1036 -3.40 -17.15 -9.19
N GLN A 1037 -2.49 -16.21 -8.91
CA GLN A 1037 -1.95 -15.39 -9.99
C GLN A 1037 -1.11 -16.18 -10.97
N LEU A 1038 -0.67 -17.38 -10.57
CA LEU A 1038 0.19 -18.17 -11.45
C LEU A 1038 -0.55 -18.63 -12.69
N GLN A 1039 -1.86 -18.88 -12.59
CA GLN A 1039 -2.61 -19.39 -13.72
C GLN A 1039 -2.82 -18.33 -14.79
N HIS A 1040 -2.73 -17.05 -14.43
CA HIS A 1040 -2.94 -15.99 -15.40
C HIS A 1040 -1.76 -15.90 -16.35
N ASN A 1041 -2.05 -15.91 -17.64
CA ASN A 1041 -1.02 -15.63 -18.66
C ASN A 1041 -1.06 -14.14 -18.96
N PHE A 1042 -0.10 -13.40 -18.43
CA PHE A 1042 -0.15 -11.94 -18.50
C PHE A 1042 0.13 -11.49 -19.92
N GLN A 1043 -0.87 -11.66 -20.79
CA GLN A 1043 -0.79 -11.31 -22.22
C GLN A 1043 0.28 -12.12 -22.94
N ALA A 1044 0.63 -13.28 -22.40
CA ALA A 1044 1.51 -14.22 -23.07
C ALA A 1044 0.68 -15.30 -23.75
N ILE A 1045 1.36 -16.18 -24.49
CA ILE A 1045 0.65 -17.27 -25.15
C ILE A 1045 0.17 -18.32 -24.16
N SER A 1046 0.84 -18.44 -23.01
CA SER A 1046 0.46 -19.43 -22.02
C SER A 1046 0.98 -18.99 -20.65
N SER A 1047 0.45 -19.62 -19.61
CA SER A 1047 0.87 -19.36 -18.24
C SER A 1047 2.03 -20.24 -17.80
N SER A 1048 2.54 -21.09 -18.68
CA SER A 1048 3.64 -22.00 -18.37
C SER A 1048 4.89 -21.56 -19.11
N ILE A 1049 5.99 -21.38 -18.37
CA ILE A 1049 7.22 -20.91 -18.97
C ILE A 1049 7.80 -21.97 -19.89
N ASP A 1050 7.78 -23.24 -19.47
CA ASP A 1050 8.30 -24.31 -20.30
C ASP A 1050 7.49 -24.46 -21.58
N ASP A 1051 6.17 -24.26 -21.50
CA ASP A 1051 5.33 -24.32 -22.69
C ASP A 1051 5.71 -23.23 -23.69
N ILE A 1052 6.00 -22.02 -23.20
CA ILE A 1052 6.39 -20.93 -24.08
C ILE A 1052 7.70 -21.26 -24.79
N TYR A 1053 8.68 -21.77 -24.04
CA TYR A 1053 9.97 -22.08 -24.64
C TYR A 1053 9.87 -23.22 -25.65
N SER A 1054 8.90 -24.10 -25.51
CA SER A 1054 8.72 -25.16 -26.51
C SER A 1054 8.05 -24.63 -27.77
N ARG A 1055 7.10 -23.72 -27.64
CA ARG A 1055 6.33 -23.25 -28.79
C ARG A 1055 7.11 -22.27 -29.66
N LEU A 1056 7.93 -21.42 -29.06
CA LEU A 1056 8.51 -20.29 -29.76
C LEU A 1056 10.04 -20.37 -29.78
N ASP A 1057 10.63 -19.55 -30.65
CA ASP A 1057 12.08 -19.44 -30.73
C ASP A 1057 12.61 -18.69 -29.50
N PRO A 1058 13.84 -18.98 -29.10
CA PRO A 1058 14.40 -18.35 -27.89
C PRO A 1058 14.36 -16.83 -27.94
N PRO A 1059 14.62 -16.18 -29.09
CA PRO A 1059 14.47 -14.72 -29.12
C PRO A 1059 13.05 -14.27 -28.83
N SER A 1060 12.06 -14.79 -29.55
CA SER A 1060 10.68 -14.37 -29.34
C SER A 1060 10.16 -14.83 -27.98
N ALA A 1061 10.56 -16.03 -27.54
CA ALA A 1061 10.09 -16.55 -26.26
C ALA A 1061 10.53 -15.65 -25.11
N ASP A 1062 11.75 -15.12 -25.19
CA ASP A 1062 12.25 -14.25 -24.12
C ASP A 1062 11.36 -13.04 -23.94
N VAL A 1063 10.72 -12.56 -25.02
CA VAL A 1063 9.77 -11.47 -24.89
C VAL A 1063 8.51 -11.95 -24.17
N GLN A 1064 8.00 -13.13 -24.55
CA GLN A 1064 6.75 -13.62 -23.99
C GLN A 1064 6.91 -13.96 -22.52
N VAL A 1065 8.00 -14.64 -22.15
CA VAL A 1065 8.19 -14.97 -20.74
C VAL A 1065 8.41 -13.72 -19.92
N ASP A 1066 8.92 -12.65 -20.54
CA ASP A 1066 9.12 -11.42 -19.80
C ASP A 1066 7.80 -10.74 -19.48
N ARG A 1067 6.74 -11.03 -20.24
CA ARG A 1067 5.44 -10.50 -19.90
C ARG A 1067 4.94 -11.06 -18.57
N LEU A 1068 5.10 -12.37 -18.36
CA LEU A 1068 4.63 -12.95 -17.12
C LEU A 1068 5.63 -12.78 -15.98
N ILE A 1069 6.92 -12.66 -16.30
CA ILE A 1069 7.88 -12.30 -15.27
C ILE A 1069 7.52 -10.94 -14.69
N THR A 1070 7.19 -9.99 -15.56
CA THR A 1070 6.70 -8.70 -15.08
C THR A 1070 5.37 -8.87 -14.35
N GLY A 1071 4.49 -9.70 -14.89
CA GLY A 1071 3.18 -9.89 -14.27
C GLY A 1071 3.27 -10.57 -12.92
N ARG A 1072 4.05 -11.65 -12.84
CA ARG A 1072 4.15 -12.36 -11.57
C ARG A 1072 4.93 -11.55 -10.54
N LEU A 1073 5.98 -10.86 -10.97
CA LEU A 1073 6.76 -10.06 -10.03
C LEU A 1073 5.97 -8.87 -9.52
N SER A 1074 5.06 -8.34 -10.34
CA SER A 1074 4.17 -7.29 -9.88
C SER A 1074 3.14 -7.83 -8.91
N ALA A 1075 2.61 -9.02 -9.17
CA ALA A 1075 1.68 -9.64 -8.24
C ALA A 1075 2.37 -9.97 -6.93
N LEU A 1076 3.63 -10.37 -6.99
CA LEU A 1076 4.38 -10.63 -5.76
C LEU A 1076 4.63 -9.35 -4.98
N ASN A 1077 4.81 -8.22 -5.68
CA ASN A 1077 5.01 -6.96 -4.98
C ASN A 1077 3.72 -6.50 -4.31
N ALA A 1078 2.56 -6.79 -4.91
CA ALA A 1078 1.30 -6.42 -4.29
C ALA A 1078 1.08 -7.20 -3.00
N PHE A 1079 1.46 -8.48 -2.98
CA PHE A 1079 1.31 -9.28 -1.77
C PHE A 1079 2.18 -8.73 -0.65
N VAL A 1080 3.40 -8.31 -0.96
CA VAL A 1080 4.28 -7.77 0.06
C VAL A 1080 3.74 -6.44 0.59
N ALA A 1081 3.23 -5.58 -0.30
CA ALA A 1081 2.75 -4.28 0.12
C ALA A 1081 1.59 -4.41 1.10
N GLN A 1082 0.65 -5.31 0.83
CA GLN A 1082 -0.47 -5.51 1.75
C GLN A 1082 -0.06 -6.30 2.97
N THR A 1083 1.07 -7.03 2.91
CA THR A 1083 1.58 -7.68 4.11
C THR A 1083 2.22 -6.67 5.04
N LEU A 1084 2.98 -5.72 4.48
CA LEU A 1084 3.57 -4.67 5.30
C LEU A 1084 2.48 -3.83 5.96
N THR A 1085 1.37 -3.61 5.26
CA THR A 1085 0.24 -2.92 5.86
C THR A 1085 -0.30 -3.70 7.05
N LYS A 1086 -0.40 -5.02 6.91
CA LYS A 1086 -0.86 -5.84 8.01
C LYS A 1086 0.14 -5.80 9.16
N TYR A 1087 1.43 -5.81 8.85
CA TYR A 1087 2.44 -5.77 9.89
C TYR A 1087 2.44 -4.44 10.62
N THR A 1088 2.11 -3.36 9.92
CA THR A 1088 2.06 -2.05 10.58
C THR A 1088 0.81 -1.95 11.46
N GLU A 1089 -0.30 -2.53 11.02
CA GLU A 1089 -1.50 -2.54 11.85
C GLU A 1089 -1.27 -3.33 13.12
N VAL A 1090 -0.62 -4.49 13.01
CA VAL A 1090 -0.37 -5.32 14.19
C VAL A 1090 0.63 -4.66 15.12
N GLN A 1091 1.64 -4.00 14.56
CA GLN A 1091 2.61 -3.33 15.41
C GLN A 1091 1.95 -2.25 16.27
N ALA A 1092 1.02 -1.50 15.69
CA ALA A 1092 0.27 -0.53 16.47
C ALA A 1092 -0.58 -1.22 17.53
N SER A 1093 -1.15 -2.36 17.19
CA SER A 1093 -1.97 -3.09 18.14
C SER A 1093 -1.12 -3.74 19.23
N ARG A 1094 0.03 -4.28 18.85
CA ARG A 1094 0.90 -4.92 19.83
C ARG A 1094 1.49 -3.91 20.80
N LYS A 1095 1.84 -2.72 20.32
CA LYS A 1095 2.32 -1.68 21.22
C LYS A 1095 1.24 -1.28 22.20
N LEU A 1096 -0.01 -1.18 21.72
CA LEU A 1096 -1.12 -0.90 22.63
C LEU A 1096 -1.34 -2.06 23.60
N ALA A 1097 -1.21 -3.30 23.12
CA ALA A 1097 -1.43 -4.44 24.00
C ALA A 1097 -0.41 -4.48 25.13
N GLN A 1098 0.86 -4.22 24.82
CA GLN A 1098 1.86 -4.14 25.88
C GLN A 1098 1.59 -2.94 26.78
N GLN A 1099 1.12 -1.84 26.19
CA GLN A 1099 0.70 -0.70 26.98
C GLN A 1099 -0.52 -1.05 27.84
N LYS A 1100 -1.43 -1.84 27.28
CA LYS A 1100 -2.67 -2.17 28.00
C LYS A 1100 -2.39 -3.05 29.21
N VAL A 1101 -1.53 -4.07 29.04
CA VAL A 1101 -1.26 -4.99 30.15
C VAL A 1101 -0.47 -4.29 31.24
N ASN A 1102 0.45 -3.40 30.87
CA ASN A 1102 1.30 -2.76 31.86
C ASN A 1102 0.50 -1.79 32.72
N GLU A 1103 -0.55 -1.18 32.18
CA GLU A 1103 -1.26 -0.13 32.89
C GLU A 1103 -2.64 -0.54 33.37
N CYS A 1104 -3.23 -1.59 32.82
CA CYS A 1104 -4.54 -2.05 33.25
C CYS A 1104 -4.51 -3.40 33.96
N VAL A 1105 -3.60 -4.29 33.60
CA VAL A 1105 -3.55 -5.63 34.18
C VAL A 1105 -2.55 -5.72 35.32
N LYS A 1106 -1.31 -5.32 35.07
CA LYS A 1106 -0.28 -5.38 36.10
C LYS A 1106 -0.40 -4.25 37.12
N SER A 1107 -1.26 -3.28 36.86
CA SER A 1107 -1.49 -2.20 37.81
C SER A 1107 -2.83 -1.55 37.48
N GLN A 1108 -3.35 -0.78 38.42
CA GLN A 1108 -4.59 -0.05 38.21
C GLN A 1108 -4.28 1.27 37.52
N SER A 1109 -5.16 1.66 36.58
CA SER A 1109 -4.91 2.78 35.69
C SER A 1109 -5.63 4.03 36.21
N GLN A 1110 -4.87 5.13 36.31
CA GLN A 1110 -5.45 6.42 36.63
C GLN A 1110 -5.93 7.18 35.41
N ARG A 1111 -5.64 6.69 34.20
CA ARG A 1111 -6.09 7.35 32.98
C ARG A 1111 -7.54 6.97 32.75
N TYR A 1112 -8.43 7.95 32.86
CA TYR A 1112 -9.86 7.68 32.76
C TYR A 1112 -10.20 7.19 31.35
N GLY A 1113 -10.97 6.11 31.27
CA GLY A 1113 -11.45 5.62 30.00
C GLY A 1113 -10.46 4.82 29.20
N PHE A 1114 -9.23 4.64 29.70
CA PHE A 1114 -8.22 3.91 28.92
C PHE A 1114 -8.53 2.43 28.87
N CYS A 1115 -8.90 1.83 30.00
CA CYS A 1115 -9.11 0.38 30.08
C CYS A 1115 -10.61 0.10 29.98
N GLY A 1116 -11.09 0.02 28.76
CA GLY A 1116 -12.46 -0.41 28.54
C GLY A 1116 -13.50 0.67 28.74
N GLY A 1117 -13.35 1.80 28.05
CA GLY A 1117 -14.39 2.81 28.06
C GLY A 1117 -14.56 3.50 29.41
N ASP A 1118 -15.74 4.09 29.57
CA ASP A 1118 -16.03 4.94 30.71
C ASP A 1118 -16.16 4.11 31.99
N GLY A 1119 -16.11 4.79 33.11
CA GLY A 1119 -16.21 4.17 34.42
C GLY A 1119 -14.86 4.01 35.09
N GLU A 1120 -14.91 3.68 36.37
CA GLU A 1120 -13.71 3.44 37.16
C GLU A 1120 -13.27 1.99 36.99
N HIS A 1121 -12.05 1.80 36.50
CA HIS A 1121 -11.54 0.47 36.19
C HIS A 1121 -10.86 -0.11 37.43
N ILE A 1122 -11.28 -1.31 37.83
CA ILE A 1122 -10.72 -1.95 39.01
C ILE A 1122 -9.56 -2.83 38.60
N PHE A 1123 -9.83 -3.83 37.77
CA PHE A 1123 -8.78 -4.71 37.28
C PHE A 1123 -9.16 -5.16 35.88
N SER A 1124 -8.21 -5.79 35.21
CA SER A 1124 -8.43 -6.40 33.93
C SER A 1124 -7.73 -7.75 33.92
N LEU A 1125 -8.33 -8.73 33.28
CA LEU A 1125 -7.79 -10.07 33.25
C LEU A 1125 -7.80 -10.57 31.81
N VAL A 1126 -6.70 -11.21 31.43
CA VAL A 1126 -6.41 -11.49 30.03
C VAL A 1126 -6.68 -12.96 29.75
N GLN A 1127 -7.05 -13.25 28.50
CA GLN A 1127 -7.19 -14.61 28.02
C GLN A 1127 -6.51 -14.71 26.66
N ALA A 1128 -6.06 -15.91 26.33
CA ALA A 1128 -5.47 -16.13 25.02
C ALA A 1128 -6.55 -16.05 23.94
N ALA A 1129 -6.10 -15.78 22.72
CA ALA A 1129 -7.01 -15.70 21.58
C ALA A 1129 -6.19 -15.94 20.32
N PRO A 1130 -6.83 -16.37 19.22
CA PRO A 1130 -6.09 -16.62 17.98
C PRO A 1130 -5.21 -15.45 17.56
N GLN A 1131 -3.90 -15.66 17.66
CA GLN A 1131 -2.91 -14.65 17.29
C GLN A 1131 -3.12 -13.34 18.07
N GLY A 1132 -3.37 -13.44 19.36
CA GLY A 1132 -3.44 -12.25 20.17
C GLY A 1132 -4.05 -12.52 21.53
N LEU A 1133 -4.46 -11.44 22.18
CA LEU A 1133 -5.00 -11.48 23.52
C LEU A 1133 -6.43 -10.95 23.53
N LEU A 1134 -7.18 -11.36 24.54
CA LEU A 1134 -8.53 -10.86 24.79
C LEU A 1134 -8.53 -10.27 26.18
N PHE A 1135 -8.70 -8.95 26.28
CA PHE A 1135 -8.73 -8.28 27.56
C PHE A 1135 -10.17 -8.20 28.06
N LEU A 1136 -10.35 -8.52 29.33
CA LEU A 1136 -11.62 -8.37 30.02
C LEU A 1136 -11.40 -7.28 31.07
N HIS A 1137 -11.86 -6.07 30.77
CA HIS A 1137 -11.71 -4.94 31.68
C HIS A 1137 -12.91 -4.89 32.60
N THR A 1138 -12.68 -5.08 33.90
CA THR A 1138 -13.73 -5.06 34.90
C THR A 1138 -13.86 -3.64 35.43
N VAL A 1139 -14.86 -2.91 34.94
CA VAL A 1139 -15.02 -1.49 35.22
C VAL A 1139 -16.25 -1.29 36.09
N LEU A 1140 -16.13 -0.43 37.09
CA LEU A 1140 -17.23 -0.11 37.98
C LEU A 1140 -18.15 0.93 37.36
N VAL A 1141 -19.45 0.69 37.42
CA VAL A 1141 -20.42 1.67 36.94
C VAL A 1141 -21.36 2.02 38.10
N PRO A 1142 -21.67 3.30 38.29
CA PRO A 1142 -22.55 3.67 39.39
C PRO A 1142 -24.02 3.44 39.05
N SER A 1143 -24.77 2.92 40.02
CA SER A 1143 -26.19 2.72 39.82
C SER A 1143 -27.04 3.87 40.36
N ASP A 1144 -26.55 4.63 41.34
CA ASP A 1144 -27.27 5.75 41.89
C ASP A 1144 -26.30 6.87 42.21
N PHE A 1145 -26.85 8.02 42.59
CA PHE A 1145 -26.05 9.20 42.91
C PHE A 1145 -26.57 9.84 44.18
N VAL A 1146 -25.67 10.13 45.12
CA VAL A 1146 -26.03 10.84 46.34
C VAL A 1146 -25.86 12.34 46.09
N ASP A 1147 -26.93 13.10 46.27
CA ASP A 1147 -26.93 14.54 46.06
C ASP A 1147 -26.70 15.24 47.39
N VAL A 1148 -25.60 15.97 47.49
CA VAL A 1148 -25.22 16.69 48.70
C VAL A 1148 -24.82 18.11 48.34
N ILE A 1149 -24.43 18.87 49.35
CA ILE A 1149 -24.06 20.28 49.20
C ILE A 1149 -22.57 20.40 49.52
N ALA A 1150 -21.76 20.61 48.49
CA ALA A 1150 -20.32 20.73 48.66
C ALA A 1150 -19.96 22.03 49.36
N ILE A 1151 -19.15 21.92 50.41
CA ILE A 1151 -18.70 23.06 51.19
C ILE A 1151 -17.32 23.45 50.70
N ALA A 1152 -17.14 24.73 50.38
CA ALA A 1152 -15.87 25.18 49.85
C ALA A 1152 -14.76 25.14 50.90
N GLY A 1153 -15.11 25.45 52.14
CA GLY A 1153 -14.12 25.49 53.19
C GLY A 1153 -14.71 26.09 54.46
N LEU A 1154 -13.82 26.41 55.40
CA LEU A 1154 -14.22 26.91 56.71
C LEU A 1154 -13.54 28.25 56.98
N CYS A 1155 -14.30 29.15 57.61
CA CYS A 1155 -13.78 30.44 58.06
C CYS A 1155 -14.22 30.63 59.51
N VAL A 1156 -13.29 30.46 60.44
CA VAL A 1156 -13.60 30.47 61.87
C VAL A 1156 -13.17 31.82 62.43
N ASN A 1157 -14.04 32.42 63.25
CA ASN A 1157 -13.83 33.73 63.86
C ASN A 1157 -13.55 34.82 62.83
N ASP A 1158 -13.92 34.59 61.57
CA ASP A 1158 -13.57 35.49 60.47
C ASP A 1158 -12.07 35.75 60.40
N GLU A 1159 -11.28 34.85 60.99
CA GLU A 1159 -9.87 35.04 61.22
C GLU A 1159 -9.00 33.96 60.59
N ILE A 1160 -9.42 32.71 60.66
CA ILE A 1160 -8.63 31.57 60.20
C ILE A 1160 -9.42 30.85 59.12
N ALA A 1161 -8.78 30.62 57.99
CA ALA A 1161 -9.40 29.95 56.84
C ALA A 1161 -8.82 28.55 56.68
N LEU A 1162 -9.71 27.57 56.53
CA LEU A 1162 -9.32 26.18 56.34
C LEU A 1162 -9.94 25.65 55.06
N THR A 1163 -9.16 24.90 54.29
CA THR A 1163 -9.67 24.25 53.09
C THR A 1163 -9.11 22.84 53.02
N LEU A 1164 -9.81 22.00 52.26
CA LEU A 1164 -9.37 20.63 52.07
C LEU A 1164 -8.11 20.60 51.21
N ARG A 1165 -7.09 19.88 51.69
CA ARG A 1165 -5.83 19.83 50.96
C ARG A 1165 -5.98 18.97 49.69
N GLU A 1166 -6.58 17.81 49.83
CA GLU A 1166 -6.67 16.89 48.70
C GLU A 1166 -7.74 17.37 47.73
N PRO A 1167 -7.42 17.54 46.44
CA PRO A 1167 -8.46 17.91 45.48
C PRO A 1167 -9.56 16.87 45.37
N GLY A 1168 -9.23 15.58 45.55
CA GLY A 1168 -10.20 14.52 45.35
C GLY A 1168 -11.20 14.33 46.46
N LEU A 1169 -11.06 15.05 47.57
CA LEU A 1169 -11.98 14.94 48.69
C LEU A 1169 -12.86 16.18 48.75
N VAL A 1170 -14.15 15.98 48.92
CA VAL A 1170 -15.14 17.05 48.99
C VAL A 1170 -15.75 17.04 50.39
N LEU A 1171 -15.96 18.23 50.94
CA LEU A 1171 -16.61 18.40 52.24
C LEU A 1171 -18.07 18.76 52.01
N PHE A 1172 -18.97 17.94 52.55
CA PHE A 1172 -20.40 18.09 52.31
C PHE A 1172 -21.15 17.89 53.62
N THR A 1173 -22.48 17.95 53.52
CA THR A 1173 -23.35 17.76 54.68
C THR A 1173 -24.39 16.68 54.41
N TYR A 1184 -21.43 17.12 59.09
CA TYR A 1184 -20.38 17.38 58.11
C TYR A 1184 -19.61 16.09 57.80
N PHE A 1185 -19.23 15.90 56.54
CA PHE A 1185 -18.50 14.71 56.15
C PHE A 1185 -17.51 15.06 55.05
N VAL A 1186 -16.49 14.21 54.91
CA VAL A 1186 -15.54 14.27 53.81
C VAL A 1186 -15.55 12.93 53.10
N SER A 1187 -15.59 12.97 51.77
CA SER A 1187 -15.62 11.75 50.99
C SER A 1187 -14.97 11.99 49.64
N SER A 1188 -14.50 10.92 49.02
CA SER A 1188 -13.94 11.01 47.69
C SER A 1188 -15.03 11.40 46.70
N ARG A 1189 -14.63 12.12 45.65
CA ARG A 1189 -15.59 12.50 44.62
C ARG A 1189 -15.92 11.36 43.68
N ARG A 1190 -15.19 10.25 43.74
CA ARG A 1190 -15.43 9.12 42.86
C ARG A 1190 -16.32 8.04 43.47
N MET A 1191 -16.34 7.93 44.80
CA MET A 1191 -17.23 7.02 45.49
C MET A 1191 -17.84 7.72 46.69
N PHE A 1192 -19.05 7.30 47.05
CA PHE A 1192 -19.68 7.81 48.27
C PHE A 1192 -19.09 7.05 49.46
N GLU A 1193 -18.11 7.65 50.11
CA GLU A 1193 -17.44 7.07 51.27
C GLU A 1193 -17.43 8.11 52.38
N PRO A 1194 -18.57 8.35 53.01
CA PRO A 1194 -18.64 9.42 54.02
C PRO A 1194 -17.70 9.13 55.18
N ARG A 1195 -17.14 10.20 55.74
CA ARG A 1195 -16.12 10.07 56.76
C ARG A 1195 -16.10 11.35 57.59
N LYS A 1196 -15.86 11.20 58.89
CA LYS A 1196 -15.77 12.36 59.75
C LYS A 1196 -14.50 13.14 59.41
N PRO A 1197 -14.57 14.47 59.38
CA PRO A 1197 -13.40 15.26 59.01
C PRO A 1197 -12.28 15.10 60.02
N THR A 1198 -11.05 15.21 59.53
CA THR A 1198 -9.86 15.09 60.35
C THR A 1198 -9.04 16.38 60.23
N VAL A 1199 -8.35 16.73 61.31
CA VAL A 1199 -7.55 17.95 61.32
C VAL A 1199 -6.48 17.91 60.24
N SER A 1200 -6.00 16.72 59.88
CA SER A 1200 -4.98 16.61 58.86
C SER A 1200 -5.52 16.74 57.45
N ASP A 1201 -6.85 16.71 57.27
CA ASP A 1201 -7.43 16.93 55.96
C ASP A 1201 -7.52 18.41 55.59
N PHE A 1202 -7.35 19.31 56.55
CA PHE A 1202 -7.50 20.74 56.32
C PHE A 1202 -6.14 21.42 56.36
N VAL A 1203 -6.08 22.60 55.76
CA VAL A 1203 -4.82 23.33 55.66
C VAL A 1203 -5.13 24.82 55.68
N GLN A 1204 -4.18 25.59 56.20
CA GLN A 1204 -4.38 27.03 56.40
C GLN A 1204 -4.46 27.76 55.06
N ILE A 1205 -5.15 28.90 55.09
CA ILE A 1205 -5.28 29.78 53.93
C ILE A 1205 -5.10 31.21 54.41
N GLU A 1206 -4.43 32.02 53.60
CA GLU A 1206 -4.13 33.39 53.99
C GLU A 1206 -5.40 34.22 54.20
N SER A 1207 -6.38 34.09 53.30
CA SER A 1207 -7.55 34.93 53.31
C SER A 1207 -8.82 34.11 53.21
N CYS A 1208 -9.82 34.47 54.01
CA CYS A 1208 -11.13 33.85 53.90
C CYS A 1208 -11.84 34.33 52.64
N VAL A 1209 -12.88 33.62 52.26
CA VAL A 1209 -13.72 34.00 51.11
C VAL A 1209 -15.18 33.87 51.52
N VAL A 1210 -16.04 34.51 50.71
CA VAL A 1210 -17.45 34.59 51.06
C VAL A 1210 -18.15 33.23 50.97
N THR A 1211 -17.61 32.30 50.18
CA THR A 1211 -18.26 31.01 50.01
C THR A 1211 -17.95 30.04 51.16
N TYR A 1212 -16.98 30.36 52.00
CA TYR A 1212 -16.63 29.50 53.13
C TYR A 1212 -17.71 29.57 54.21
N VAL A 1213 -17.85 28.48 54.95
CA VAL A 1213 -18.86 28.39 56.00
C VAL A 1213 -18.38 29.11 57.24
N ASN A 1214 -19.30 29.85 57.86
CA ASN A 1214 -18.97 30.85 58.85
C ASN A 1214 -19.03 30.16 60.21
N LEU A 1215 -17.94 30.22 60.97
CA LEU A 1215 -17.85 29.39 62.17
C LEU A 1215 -17.12 30.11 63.29
N THR A 1216 -17.11 29.47 64.45
CA THR A 1216 -16.42 29.95 65.63
C THR A 1216 -15.68 28.77 66.28
N ARG A 1217 -14.78 29.10 67.20
CA ARG A 1217 -13.94 28.07 67.82
C ARG A 1217 -14.76 27.08 68.64
N ASP A 1218 -15.95 27.46 69.09
CA ASP A 1218 -16.78 26.49 69.80
C ASP A 1218 -17.45 25.51 68.85
N GLN A 1219 -17.79 25.97 67.64
CA GLN A 1219 -18.39 25.10 66.64
C GLN A 1219 -17.38 24.20 65.94
N LEU A 1220 -16.10 24.56 65.96
CA LEU A 1220 -15.11 23.81 65.19
C LEU A 1220 -14.93 22.38 65.68
N PRO A 1221 -14.76 22.10 66.98
CA PRO A 1221 -14.64 20.70 67.38
C PRO A 1221 -15.84 19.86 67.03
N ASP A 1222 -17.04 20.45 66.98
CA ASP A 1222 -18.21 19.73 66.49
C ASP A 1222 -18.05 19.36 65.02
N VAL A 1223 -17.56 20.30 64.22
CA VAL A 1223 -17.32 20.00 62.80
C VAL A 1223 -16.14 19.05 62.63
N ILE A 1224 -15.06 19.31 63.35
CA ILE A 1224 -13.85 18.50 63.28
C ILE A 1224 -13.61 17.91 64.67
N PRO A 1225 -14.04 16.68 64.91
CA PRO A 1225 -13.84 16.09 66.24
C PRO A 1225 -12.37 15.97 66.64
N ASP A 1226 -11.48 15.85 65.66
CA ASP A 1226 -10.06 15.68 65.96
C ASP A 1226 -9.37 16.96 66.41
N TYR A 1227 -10.02 18.11 66.25
CA TYR A 1227 -9.39 19.38 66.59
C TYR A 1227 -9.13 19.46 68.09
N ILE A 1228 -7.94 19.94 68.44
CA ILE A 1228 -7.53 20.12 69.83
C ILE A 1228 -7.48 21.62 70.10
N ASP A 1229 -8.37 22.09 70.98
CA ASP A 1229 -8.40 23.50 71.37
C ASP A 1229 -7.29 23.71 72.39
N VAL A 1230 -6.18 24.28 71.94
CA VAL A 1230 -5.03 24.45 72.82
C VAL A 1230 -5.37 25.39 73.98
N ASN A 1231 -6.07 26.49 73.70
CA ASN A 1231 -6.38 27.44 74.76
C ASN A 1231 -7.33 26.82 75.79
N LYS A 1232 -8.36 26.10 75.31
CA LYS A 1232 -9.29 25.48 76.25
C LYS A 1232 -8.61 24.38 77.05
N THR A 1233 -7.79 23.55 76.40
CA THR A 1233 -7.13 22.46 77.09
C THR A 1233 -6.02 22.92 78.03
N ARG A 1234 -5.56 24.17 77.91
CA ARG A 1234 -4.57 24.70 78.83
C ARG A 1234 -5.19 25.51 79.96
N ASP A 1235 -6.36 26.09 79.73
CA ASP A 1235 -7.02 26.95 80.71
C ASP A 1235 -7.87 26.17 81.71
N GLU A 1236 -7.91 24.84 81.61
CA GLU A 1236 -8.70 24.04 82.53
C GLU A 1236 -7.78 23.25 83.47
N ASN B 13 79.94 -2.89 -8.69
CA ASN B 13 79.17 -1.66 -8.86
C ASN B 13 78.32 -1.73 -10.11
N PHE B 14 77.04 -2.13 -9.95
CA PHE B 14 76.11 -2.26 -11.04
C PHE B 14 75.16 -1.08 -11.17
N ARG B 15 75.45 0.02 -10.50
CA ARG B 15 74.55 1.18 -10.55
C ARG B 15 74.40 1.69 -11.98
N ARG B 16 75.50 1.80 -12.71
CA ARG B 16 75.42 2.24 -14.10
C ARG B 16 74.66 1.24 -14.97
N PHE B 17 74.79 -0.05 -14.66
CA PHE B 17 74.08 -1.07 -15.43
C PHE B 17 72.57 -0.98 -15.22
N PHE B 18 72.12 -0.93 -13.97
CA PHE B 18 70.68 -0.91 -13.72
C PHE B 18 70.04 0.42 -14.08
N SER B 19 70.83 1.48 -14.27
CA SER B 19 70.25 2.73 -14.73
C SER B 19 69.73 2.62 -16.16
N LYS B 20 70.25 1.66 -16.94
CA LYS B 20 69.72 1.46 -18.29
C LYS B 20 68.27 0.99 -18.26
N PHE B 21 67.87 0.28 -17.20
CA PHE B 21 66.46 -0.05 -17.00
C PHE B 21 65.79 1.20 -16.46
N ASN B 22 65.19 1.99 -17.36
CA ASN B 22 64.65 3.29 -17.00
C ASN B 22 63.60 3.15 -15.92
N VAL B 23 63.89 3.65 -14.72
CA VAL B 23 63.01 3.55 -13.57
C VAL B 23 62.95 4.91 -12.89
N GLN B 24 61.78 5.28 -12.42
CA GLN B 24 61.61 6.57 -11.77
C GLN B 24 62.32 6.58 -10.42
N ALA B 25 62.60 7.79 -9.94
CA ALA B 25 63.42 7.95 -8.74
C ALA B 25 62.82 7.32 -7.49
N PRO B 26 61.55 7.55 -7.12
CA PRO B 26 61.06 6.98 -5.86
C PRO B 26 60.43 5.59 -5.97
N ALA B 27 60.65 4.88 -7.07
CA ALA B 27 59.94 3.65 -7.36
C ALA B 27 60.84 2.44 -7.11
N VAL B 28 60.47 1.62 -6.12
CA VAL B 28 61.10 0.32 -5.91
C VAL B 28 60.46 -0.69 -6.85
N VAL B 29 61.30 -1.45 -7.56
CA VAL B 29 60.86 -2.35 -8.61
C VAL B 29 61.57 -3.69 -8.48
N VAL B 30 61.18 -4.64 -9.33
CA VAL B 30 61.71 -5.99 -9.33
C VAL B 30 62.27 -6.30 -10.72
N LEU B 31 63.52 -6.73 -10.77
CA LEU B 31 64.19 -7.14 -12.00
C LEU B 31 64.14 -8.64 -12.14
N GLY B 32 63.87 -9.11 -13.36
CA GLY B 32 63.81 -10.54 -13.62
C GLY B 32 64.48 -10.87 -14.93
N GLY B 33 65.09 -12.05 -14.97
CA GLY B 33 65.67 -12.59 -16.17
C GLY B 33 67.16 -12.82 -16.01
N TYR B 34 67.81 -13.07 -17.15
CA TYR B 34 69.25 -13.34 -17.20
C TYR B 34 69.99 -12.05 -16.92
N LEU B 35 70.38 -11.86 -15.66
CA LEU B 35 71.04 -10.64 -15.21
C LEU B 35 72.45 -10.95 -14.72
N PRO B 36 73.30 -9.94 -14.51
CA PRO B 36 74.61 -10.23 -13.89
C PRO B 36 74.43 -10.88 -12.53
N ILE B 37 75.28 -11.87 -12.26
CA ILE B 37 75.08 -12.75 -11.12
C ILE B 37 75.78 -12.30 -9.85
N GLY B 38 76.72 -11.36 -9.93
CA GLY B 38 77.43 -10.93 -8.75
C GLY B 38 78.71 -11.72 -8.52
N GLU B 39 79.46 -11.29 -7.50
CA GLU B 39 80.76 -11.88 -7.23
C GLU B 39 80.81 -12.70 -5.94
N ASN B 40 79.84 -12.54 -5.04
CA ASN B 40 79.91 -13.22 -3.75
C ASN B 40 78.63 -13.95 -3.37
N GLN B 41 77.48 -13.47 -3.84
CA GLN B 41 76.20 -14.01 -3.40
C GLN B 41 75.77 -15.18 -4.27
N GLY B 42 75.07 -16.14 -3.65
CA GLY B 42 74.59 -17.29 -4.37
C GLY B 42 75.73 -18.19 -4.83
N VAL B 43 75.40 -19.09 -5.76
CA VAL B 43 76.42 -19.88 -6.43
C VAL B 43 77.19 -18.91 -7.32
N ASN B 44 76.49 -18.36 -8.33
CA ASN B 44 76.89 -17.19 -9.09
C ASN B 44 78.40 -17.02 -9.22
N SER B 45 78.92 -15.88 -8.77
CA SER B 45 80.35 -15.59 -8.78
C SER B 45 80.95 -15.87 -10.15
N THR B 46 81.91 -16.80 -10.21
CA THR B 46 82.57 -17.19 -11.46
C THR B 46 83.13 -15.98 -12.19
N TRP B 47 83.55 -14.98 -11.43
CA TRP B 47 84.19 -13.80 -12.03
C TRP B 47 85.61 -14.19 -12.44
N TYR B 48 85.77 -14.53 -13.72
CA TYR B 48 87.04 -15.05 -14.20
C TYR B 48 88.13 -14.01 -14.06
N CYS B 49 87.90 -12.81 -14.61
CA CYS B 49 88.82 -11.68 -14.49
C CYS B 49 90.22 -12.06 -15.00
N ALA B 50 90.26 -12.91 -16.02
CA ALA B 50 91.53 -13.36 -16.59
C ALA B 50 91.27 -13.88 -17.99
N GLY B 51 92.34 -13.97 -18.77
CA GLY B 51 92.24 -14.50 -20.12
C GLY B 51 92.47 -16.00 -20.14
N GLN B 52 91.93 -16.68 -19.13
CA GLN B 52 92.14 -18.12 -18.98
C GLN B 52 91.31 -18.95 -19.94
N HIS B 53 90.53 -18.32 -20.81
CA HIS B 53 89.70 -19.00 -21.80
C HIS B 53 88.80 -20.10 -21.21
N PRO B 54 87.90 -19.75 -20.30
CA PRO B 54 86.95 -20.75 -19.81
C PRO B 54 85.96 -21.12 -20.91
N THR B 55 85.53 -22.38 -20.90
CA THR B 55 84.59 -22.88 -21.88
C THR B 55 83.47 -23.61 -21.17
N ALA B 56 82.24 -23.42 -21.67
CA ALA B 56 81.07 -24.02 -21.05
C ALA B 56 80.07 -24.38 -22.14
N SER B 57 78.97 -25.02 -21.74
CA SER B 57 77.93 -25.46 -22.64
C SER B 57 76.57 -25.20 -22.00
N GLY B 58 75.55 -25.08 -22.84
CA GLY B 58 74.22 -24.80 -22.34
C GLY B 58 74.06 -23.42 -21.74
N VAL B 59 74.90 -22.47 -22.13
CA VAL B 59 74.87 -21.13 -21.57
C VAL B 59 73.83 -20.30 -22.31
N HIS B 60 73.09 -19.48 -21.57
CA HIS B 60 72.06 -18.63 -22.15
C HIS B 60 72.52 -17.20 -22.37
N GLY B 61 73.48 -16.70 -21.60
CA GLY B 61 74.03 -15.38 -21.83
C GLY B 61 75.38 -15.22 -21.17
N ILE B 62 76.02 -14.10 -21.49
CA ILE B 62 77.31 -13.75 -20.90
C ILE B 62 77.28 -12.29 -20.46
N PHE B 63 78.18 -11.96 -19.53
CA PHE B 63 78.31 -10.60 -19.02
C PHE B 63 79.79 -10.30 -18.83
N VAL B 64 80.13 -9.01 -18.88
CA VAL B 64 81.51 -8.57 -18.68
C VAL B 64 81.53 -7.33 -17.80
N PHE B 73 90.92 -8.92 -26.10
CA PHE B 73 89.67 -9.40 -25.52
C PHE B 73 88.75 -9.88 -26.64
N GLU B 74 88.53 -11.20 -26.69
CA GLU B 74 87.79 -11.83 -27.77
C GLU B 74 86.72 -12.75 -27.18
N ILE B 75 85.60 -12.85 -27.90
CA ILE B 75 84.47 -13.67 -27.49
C ILE B 75 83.94 -14.42 -28.71
N GLY B 76 83.62 -15.69 -28.53
CA GLY B 76 83.03 -16.49 -29.58
C GLY B 76 81.85 -17.33 -29.12
N ILE B 77 80.69 -17.10 -29.72
CA ILE B 77 79.45 -17.79 -29.35
C ILE B 77 78.99 -18.59 -30.56
N SER B 78 78.68 -19.87 -30.34
CA SER B 78 78.37 -20.78 -31.43
C SER B 78 77.43 -21.86 -30.93
N GLN B 79 76.80 -22.55 -31.88
CA GLN B 79 75.94 -23.68 -31.56
C GLN B 79 76.77 -24.82 -30.98
N GLU B 80 76.18 -25.54 -30.03
CA GLU B 80 76.90 -26.66 -29.40
C GLU B 80 77.24 -27.78 -30.38
N PRO B 81 76.33 -28.24 -31.25
CA PRO B 81 76.75 -29.18 -32.30
C PRO B 81 77.79 -28.60 -33.25
N PHE B 82 77.92 -27.28 -33.29
CA PHE B 82 78.88 -26.60 -34.17
C PHE B 82 78.62 -26.97 -35.63
N ASP B 83 77.34 -27.10 -35.98
CA ASP B 83 76.97 -27.36 -37.35
C ASP B 83 77.23 -26.12 -38.21
N PRO B 84 77.65 -26.30 -39.46
CA PRO B 84 77.80 -25.14 -40.35
C PRO B 84 76.47 -24.49 -40.72
N SER B 85 75.35 -25.19 -40.54
CA SER B 85 74.05 -24.65 -40.92
C SER B 85 73.72 -23.40 -40.11
N GLY B 86 73.97 -23.44 -38.79
CA GLY B 86 73.65 -22.32 -37.95
C GLY B 86 74.65 -21.19 -38.08
N TYR B 87 74.25 -20.02 -37.61
CA TYR B 87 75.13 -18.87 -37.61
C TYR B 87 75.98 -18.87 -36.34
N GLN B 88 77.15 -18.26 -36.44
CA GLN B 88 78.09 -18.19 -35.32
C GLN B 88 78.47 -16.73 -35.08
N LEU B 89 78.83 -16.44 -33.84
CA LEU B 89 79.12 -15.09 -33.39
C LEU B 89 80.60 -14.96 -33.02
N TYR B 90 81.28 -14.01 -33.66
CA TYR B 90 82.68 -13.69 -33.36
C TYR B 90 82.76 -12.25 -32.90
N LEU B 91 83.44 -12.02 -31.78
CA LEU B 91 83.66 -10.69 -31.24
C LEU B 91 85.14 -10.55 -30.90
N HIS B 92 85.75 -9.44 -31.33
CA HIS B 92 87.16 -9.22 -31.08
C HIS B 92 87.42 -7.75 -30.74
N LYS B 93 88.36 -7.54 -29.83
CA LYS B 93 88.88 -6.19 -29.56
C LYS B 93 90.26 -6.28 -28.94
N ARG B 104 85.23 -5.20 -33.27
CA ARG B 104 85.09 -6.04 -34.45
C ARG B 104 84.13 -7.20 -34.21
N LEU B 105 82.95 -7.11 -34.81
CA LEU B 105 81.87 -8.06 -34.58
C LEU B 105 81.53 -8.75 -35.90
N ARG B 106 81.50 -10.07 -35.89
CA ARG B 106 81.19 -10.86 -37.09
C ARG B 106 80.16 -11.92 -36.75
N ILE B 107 78.95 -11.76 -37.28
CA ILE B 107 77.94 -12.82 -37.31
C ILE B 107 78.05 -13.49 -38.67
N CYS B 108 78.64 -14.68 -38.70
CA CYS B 108 78.90 -15.37 -39.96
C CYS B 108 78.88 -16.87 -39.71
N GLN B 109 78.66 -17.61 -40.79
CA GLN B 109 78.66 -19.08 -40.73
C GLN B 109 80.08 -19.61 -40.55
N ARG B 128 82.28 -17.56 -44.22
CA ARG B 128 81.62 -18.45 -45.16
C ARG B 128 80.35 -17.80 -45.72
N ASN B 129 79.57 -17.20 -44.84
CA ASN B 129 78.33 -16.51 -45.22
C ASN B 129 78.11 -15.40 -44.22
N CYS B 130 78.26 -14.16 -44.66
CA CYS B 130 78.28 -13.02 -43.75
C CYS B 130 76.89 -12.41 -43.59
N LEU B 131 76.49 -12.21 -42.33
CA LEU B 131 75.30 -11.44 -41.99
C LEU B 131 75.64 -10.10 -41.37
N PHE B 132 76.78 -10.01 -40.68
CA PHE B 132 77.24 -8.79 -40.05
C PHE B 132 78.75 -8.87 -39.95
N ASN B 133 79.45 -7.89 -40.52
CA ASN B 133 80.91 -7.92 -40.57
C ASN B 133 81.49 -6.55 -40.25
N LYS B 134 81.04 -5.94 -39.15
CA LYS B 134 81.36 -4.55 -38.86
C LYS B 134 82.27 -4.47 -37.64
N ALA B 135 82.58 -3.24 -37.25
CA ALA B 135 83.31 -2.94 -36.02
C ALA B 135 82.46 -1.99 -35.19
N ILE B 136 82.35 -2.29 -33.89
CA ILE B 136 81.46 -1.54 -33.01
C ILE B 136 82.28 -0.92 -31.89
N PRO B 137 82.01 0.33 -31.49
CA PRO B 137 82.69 0.91 -30.33
C PRO B 137 82.32 0.16 -29.07
N ALA B 138 83.33 -0.34 -28.37
CA ALA B 138 83.14 -1.18 -27.19
C ALA B 138 83.76 -0.56 -25.94
N HIS B 139 84.09 0.73 -25.98
CA HIS B 139 84.71 1.36 -24.83
C HIS B 139 83.71 1.46 -23.68
N MET B 140 84.21 1.30 -22.46
CA MET B 140 83.36 1.35 -21.29
C MET B 140 84.23 1.68 -20.08
N SER B 141 83.58 2.15 -19.02
CA SER B 141 84.30 2.38 -17.78
C SER B 141 84.66 1.05 -17.13
N GLU B 142 85.58 1.09 -16.19
CA GLU B 142 85.99 -0.14 -15.51
C GLU B 142 84.83 -0.77 -14.76
N HIS B 143 83.90 0.05 -14.26
CA HIS B 143 82.72 -0.44 -13.56
C HIS B 143 81.52 -0.63 -14.48
N SER B 144 81.65 -0.32 -15.76
CA SER B 144 80.55 -0.49 -16.69
C SER B 144 80.31 -1.97 -16.96
N VAL B 145 79.06 -2.32 -17.25
CA VAL B 145 78.65 -3.69 -17.47
C VAL B 145 78.02 -3.80 -18.86
N VAL B 146 78.45 -4.81 -19.62
CA VAL B 146 77.91 -5.12 -20.93
C VAL B 146 77.55 -6.61 -20.90
N GLY B 147 76.66 -7.01 -21.80
CA GLY B 147 76.29 -8.41 -21.86
C GLY B 147 75.38 -8.69 -23.03
N ILE B 148 75.10 -9.97 -23.22
CA ILE B 148 74.20 -10.43 -24.27
C ILE B 148 73.49 -11.67 -23.75
N THR B 149 72.26 -11.89 -24.24
CA THR B 149 71.44 -13.00 -23.81
C THR B 149 70.66 -13.51 -25.01
N TRP B 150 70.53 -14.83 -25.13
CA TRP B 150 69.80 -15.45 -26.23
C TRP B 150 68.84 -16.49 -25.66
N ASP B 151 67.60 -16.47 -26.15
CA ASP B 151 66.60 -17.45 -25.73
C ASP B 151 65.37 -17.30 -26.62
N ASN B 152 64.74 -18.43 -26.95
CA ASN B 152 63.47 -18.45 -27.66
C ASN B 152 63.56 -17.70 -28.98
N ASP B 153 64.71 -17.80 -29.66
CA ASP B 153 64.97 -17.14 -30.93
C ASP B 153 65.00 -15.62 -30.78
N ARG B 154 65.36 -15.13 -29.60
CA ARG B 154 65.45 -13.70 -29.33
C ARG B 154 66.78 -13.39 -28.63
N VAL B 155 67.28 -12.18 -28.87
CA VAL B 155 68.55 -11.73 -28.32
C VAL B 155 68.35 -10.38 -27.66
N THR B 156 68.85 -10.23 -26.43
CA THR B 156 68.82 -8.97 -25.71
C THR B 156 70.25 -8.55 -25.42
N VAL B 157 70.56 -7.29 -25.74
CA VAL B 157 71.91 -6.74 -25.60
C VAL B 157 71.86 -5.54 -24.68
N PHE B 158 72.97 -5.28 -23.99
CA PHE B 158 73.05 -4.19 -23.03
C PHE B 158 74.13 -3.17 -23.42
N SER B 159 74.36 -2.99 -24.71
CA SER B 159 75.36 -2.04 -25.20
C SER B 159 74.79 -0.63 -25.07
N ASP B 160 74.77 -0.13 -23.84
CA ASP B 160 74.31 1.20 -23.46
C ASP B 160 72.82 1.38 -23.67
N LYS B 161 72.13 0.38 -24.20
CA LYS B 161 70.68 0.36 -24.34
C LYS B 161 70.23 -1.09 -24.38
N ILE B 162 68.96 -1.31 -24.09
CA ILE B 162 68.41 -2.67 -24.05
C ILE B 162 67.95 -2.97 -25.48
N TYR B 163 68.90 -3.39 -26.31
CA TYR B 163 68.59 -3.76 -27.68
C TYR B 163 67.91 -5.11 -27.73
N TYR B 164 66.91 -5.22 -28.60
CA TYR B 164 66.16 -6.44 -28.80
C TYR B 164 66.25 -6.85 -30.26
N PHE B 165 66.60 -8.11 -30.52
CA PHE B 165 66.68 -8.63 -31.87
C PHE B 165 65.97 -9.97 -31.94
N TYR B 166 65.30 -10.23 -33.07
CA TYR B 166 64.72 -11.53 -33.34
C TYR B 166 65.68 -12.29 -34.24
N PHE B 167 66.12 -13.46 -33.78
CA PHE B 167 67.11 -14.23 -34.54
C PHE B 167 66.99 -15.69 -34.16
N LYS B 168 66.52 -16.52 -35.08
CA LYS B 168 66.45 -17.96 -34.84
C LYS B 168 67.85 -18.50 -34.57
N ASN B 169 68.07 -19.01 -33.38
CA ASN B 169 69.42 -19.38 -32.96
C ASN B 169 69.36 -20.46 -31.89
N ASP B 170 70.50 -21.14 -31.73
CA ASP B 170 70.73 -22.06 -30.62
C ASP B 170 72.18 -21.84 -30.20
N TRP B 171 72.37 -21.08 -29.12
CA TRP B 171 73.69 -20.57 -28.79
C TRP B 171 74.17 -21.06 -27.42
N SER B 172 74.03 -22.36 -27.18
CA SER B 172 74.38 -22.94 -25.89
C SER B 172 75.88 -23.04 -25.66
N ARG B 173 76.71 -22.80 -26.68
CA ARG B 173 78.16 -22.89 -26.58
C ARG B 173 78.76 -21.50 -26.61
N VAL B 174 79.70 -21.23 -25.70
CA VAL B 174 80.33 -19.91 -25.61
C VAL B 174 81.76 -20.09 -25.10
N ALA B 175 82.67 -19.28 -25.65
CA ALA B 175 84.05 -19.23 -25.21
C ALA B 175 84.47 -17.77 -25.11
N THR B 176 85.39 -17.49 -24.18
CA THR B 176 85.82 -16.12 -23.90
C THR B 176 87.35 -16.04 -23.96
N LYS B 177 87.84 -14.81 -23.86
CA LYS B 177 89.26 -14.56 -23.69
C LYS B 177 89.67 -14.84 -22.26
N MET B 186 83.42 -10.75 -15.83
CA MET B 186 83.13 -11.72 -16.88
C MET B 186 82.62 -13.03 -16.30
N GLN B 187 81.40 -13.40 -16.68
CA GLN B 187 80.77 -14.60 -16.17
C GLN B 187 79.69 -15.06 -17.15
N TYR B 188 79.23 -16.29 -16.97
CA TYR B 188 78.17 -16.88 -17.76
C TYR B 188 76.90 -16.97 -16.91
N VAL B 189 75.75 -16.86 -17.56
CA VAL B 189 74.46 -16.98 -16.89
C VAL B 189 73.65 -18.08 -17.58
N TYR B 190 73.14 -19.01 -16.77
CA TYR B 190 72.36 -20.13 -17.28
C TYR B 190 70.86 -19.98 -16.99
N GLU B 191 70.49 -19.40 -15.86
CA GLU B 191 69.11 -19.35 -15.43
C GLU B 191 68.72 -17.92 -15.07
N PRO B 192 67.44 -17.58 -15.16
CA PRO B 192 67.01 -16.23 -14.79
C PRO B 192 67.20 -15.97 -13.31
N THR B 193 67.45 -14.70 -12.99
CA THR B 193 67.67 -14.25 -11.62
C THR B 193 66.71 -13.11 -11.33
N TYR B 194 66.69 -12.68 -10.06
CA TYR B 194 65.80 -11.62 -9.64
C TYR B 194 66.53 -10.63 -8.76
N TYR B 195 66.28 -9.35 -9.01
CA TYR B 195 66.84 -8.26 -8.23
C TYR B 195 65.71 -7.38 -7.73
N MET B 196 65.99 -6.64 -6.66
CA MET B 196 65.11 -5.59 -6.17
C MET B 196 65.90 -4.29 -6.21
N LEU B 197 65.35 -3.29 -6.90
CA LEU B 197 65.98 -1.98 -6.99
C LEU B 197 65.26 -1.04 -6.03
N ASN B 198 65.94 -0.66 -4.96
CA ASN B 198 65.44 0.36 -4.04
C ASN B 198 65.85 1.73 -4.58
N VAL B 199 65.20 2.12 -5.67
CA VAL B 199 65.55 3.38 -6.32
C VAL B 199 65.08 4.53 -5.44
N THR B 200 66.00 5.45 -5.17
CA THR B 200 65.70 6.64 -4.38
C THR B 200 66.16 7.94 -5.00
N SER B 201 67.07 7.91 -5.97
CA SER B 201 67.55 9.10 -6.65
C SER B 201 67.66 8.82 -8.13
N ALA B 202 67.59 9.88 -8.93
CA ALA B 202 67.69 9.74 -10.37
C ALA B 202 69.13 9.42 -10.79
N GLY B 203 69.27 8.96 -12.03
CA GLY B 203 70.58 8.63 -12.54
C GLY B 203 71.14 7.36 -11.92
N GLU B 204 72.46 7.21 -12.05
CA GLU B 204 73.14 6.04 -11.53
C GLU B 204 73.14 5.98 -10.02
N ASP B 205 72.87 7.11 -9.35
CA ASP B 205 72.95 7.18 -7.91
C ASP B 205 71.59 6.87 -7.28
N GLY B 206 71.64 6.39 -6.04
CA GLY B 206 70.43 6.08 -5.30
C GLY B 206 69.62 4.94 -5.86
N ILE B 207 70.29 3.85 -6.25
CA ILE B 207 69.61 2.68 -6.78
C ILE B 207 69.53 1.56 -5.72
N SER B 208 70.62 1.32 -5.02
CA SER B 208 70.65 0.40 -3.87
C SER B 208 70.12 -0.98 -4.27
N TYR B 209 70.59 -1.46 -5.42
CA TYR B 209 70.18 -2.78 -5.89
C TYR B 209 70.67 -3.87 -4.96
N GLN B 210 69.87 -4.92 -4.83
CA GLN B 210 70.28 -6.09 -4.08
C GLN B 210 69.62 -7.33 -4.67
N PRO B 211 70.36 -8.40 -4.90
CA PRO B 211 69.76 -9.62 -5.43
C PRO B 211 68.84 -10.27 -4.42
N CYS B 212 67.89 -11.04 -4.93
CA CYS B 212 66.90 -11.68 -4.07
C CYS B 212 66.47 -13.00 -4.70
N THR B 213 65.91 -13.87 -3.88
CA THR B 213 65.38 -15.14 -4.33
C THR B 213 64.06 -14.91 -5.07
N ALA B 214 63.47 -15.99 -5.59
CA ALA B 214 62.24 -15.88 -6.36
C ALA B 214 61.06 -15.40 -5.52
N ASN B 215 61.19 -15.37 -4.18
CA ASN B 215 60.10 -14.94 -3.34
C ASN B 215 59.68 -13.50 -3.63
N CYS B 216 60.53 -12.71 -4.27
CA CYS B 216 60.20 -11.35 -4.63
C CYS B 216 59.43 -11.25 -5.93
N ILE B 217 59.23 -12.35 -6.64
CA ILE B 217 58.48 -12.28 -7.90
C ILE B 217 57.05 -11.83 -7.63
N GLY B 218 56.47 -12.23 -6.50
CA GLY B 218 55.15 -11.76 -6.14
C GLY B 218 55.09 -10.34 -5.64
N TYR B 219 56.26 -9.72 -5.42
CA TYR B 219 56.29 -8.33 -4.97
C TYR B 219 55.80 -7.37 -6.05
N ALA B 220 55.85 -7.79 -7.31
CA ALA B 220 55.34 -6.95 -8.39
C ALA B 220 53.83 -6.80 -8.28
N ALA B 221 53.34 -5.60 -8.59
CA ALA B 221 51.92 -5.31 -8.38
C ALA B 221 51.03 -6.00 -9.41
N ASN B 222 51.55 -6.30 -10.59
CA ASN B 222 50.74 -6.84 -11.67
C ASN B 222 50.84 -8.35 -11.81
N VAL B 223 51.43 -9.03 -10.82
CA VAL B 223 51.49 -10.48 -10.81
C VAL B 223 50.98 -10.97 -9.46
N PHE B 224 50.53 -12.23 -9.45
CA PHE B 224 49.89 -12.80 -8.28
C PHE B 224 50.16 -14.30 -8.23
N ALA B 225 50.02 -14.88 -7.05
CA ALA B 225 50.18 -16.31 -6.87
C ALA B 225 48.80 -16.96 -6.95
N THR B 226 48.58 -17.72 -8.02
CA THR B 226 47.29 -18.37 -8.21
C THR B 226 47.03 -19.37 -7.09
N GLU B 227 45.82 -19.35 -6.54
CA GLU B 227 45.45 -20.33 -5.54
C GLU B 227 45.29 -21.69 -6.19
N PRO B 228 45.44 -22.77 -5.41
CA PRO B 228 45.37 -24.11 -6.02
C PRO B 228 44.05 -24.41 -6.72
N ASN B 229 42.94 -23.82 -6.28
CA ASN B 229 41.67 -24.02 -6.94
C ASN B 229 41.50 -23.16 -8.19
N GLY B 230 42.44 -22.26 -8.48
CA GLY B 230 42.37 -21.43 -9.65
C GLY B 230 41.88 -20.01 -9.42
N HIS B 231 41.65 -19.62 -8.16
CA HIS B 231 41.17 -18.29 -7.87
C HIS B 231 42.31 -17.27 -7.89
N ILE B 232 41.94 -16.01 -8.02
CA ILE B 232 42.88 -14.91 -7.92
C ILE B 232 42.97 -14.50 -6.44
N PRO B 233 44.17 -14.39 -5.88
CA PRO B 233 44.27 -14.13 -4.43
C PRO B 233 43.64 -12.79 -4.06
N GLU B 234 43.11 -12.74 -2.86
CA GLU B 234 42.49 -11.51 -2.36
C GLU B 234 43.53 -10.41 -2.23
N GLY B 235 43.10 -9.18 -2.48
CA GLY B 235 43.99 -8.04 -2.43
C GLY B 235 44.71 -7.72 -3.73
N PHE B 236 44.47 -8.48 -4.79
CA PHE B 236 45.06 -8.18 -6.08
C PHE B 236 44.55 -6.84 -6.59
N SER B 237 45.41 -6.08 -7.26
CA SER B 237 45.05 -4.73 -7.67
C SER B 237 44.13 -4.71 -8.87
N PHE B 238 44.24 -5.69 -9.78
CA PHE B 238 43.52 -5.67 -11.06
C PHE B 238 43.79 -4.36 -11.80
N ASN B 239 45.07 -4.00 -11.89
CA ASN B 239 45.44 -2.69 -12.42
C ASN B 239 44.97 -2.52 -13.86
N ASN B 240 45.16 -3.55 -14.69
CA ASN B 240 44.79 -3.47 -16.09
C ASN B 240 43.88 -4.62 -16.49
N TRP B 241 43.31 -5.33 -15.51
CA TRP B 241 42.34 -6.38 -15.76
C TRP B 241 40.97 -5.72 -15.89
N PHE B 242 40.50 -5.58 -17.11
CA PHE B 242 39.20 -4.98 -17.36
C PHE B 242 38.15 -6.08 -17.46
N LEU B 243 36.97 -5.81 -16.88
CA LEU B 243 35.87 -6.73 -17.10
C LEU B 243 35.48 -6.66 -18.57
N LEU B 244 35.40 -7.81 -19.20
CA LEU B 244 35.19 -7.85 -20.64
C LEU B 244 33.74 -7.53 -20.95
N SER B 245 33.53 -6.66 -21.93
CA SER B 245 32.19 -6.16 -22.23
C SER B 245 31.96 -6.14 -23.72
N ASN B 246 30.83 -6.70 -24.14
CA ASN B 246 30.45 -6.80 -25.54
C ASN B 246 29.79 -5.51 -25.99
N ASP B 247 29.56 -4.61 -25.05
CA ASP B 247 28.62 -3.50 -25.16
C ASP B 247 29.15 -2.37 -24.27
N SER B 248 28.25 -1.49 -23.83
CA SER B 248 28.60 -0.45 -22.88
C SER B 248 29.40 -0.99 -21.71
N THR B 249 30.25 -0.13 -21.15
CA THR B 249 31.12 -0.48 -20.03
C THR B 249 30.60 0.21 -18.77
N LEU B 250 30.46 -0.56 -17.69
CA LEU B 250 29.97 0.01 -16.45
C LEU B 250 30.96 1.00 -15.86
N VAL B 251 30.43 1.97 -15.12
CA VAL B 251 31.25 2.94 -14.40
C VAL B 251 31.29 2.65 -12.91
N HIS B 252 30.12 2.51 -12.28
CA HIS B 252 30.04 2.24 -10.86
C HIS B 252 28.97 1.17 -10.63
N GLY B 253 29.28 0.22 -9.76
CA GLY B 253 28.27 -0.70 -9.29
C GLY B 253 28.85 -2.09 -9.12
N LYS B 254 27.95 -3.06 -9.00
CA LYS B 254 28.30 -4.47 -8.85
C LYS B 254 27.58 -5.26 -9.92
N VAL B 255 28.30 -6.15 -10.60
CA VAL B 255 27.74 -6.97 -11.67
C VAL B 255 28.13 -8.43 -11.44
N VAL B 256 27.14 -9.31 -11.48
CA VAL B 256 27.39 -10.75 -11.52
C VAL B 256 27.42 -11.16 -12.99
N SER B 257 28.62 -11.42 -13.51
CA SER B 257 28.81 -11.66 -14.93
C SER B 257 29.70 -12.87 -15.14
N ASN B 258 29.58 -13.48 -16.31
CA ASN B 258 30.41 -14.61 -16.70
C ASN B 258 31.68 -14.07 -17.34
N GLN B 259 32.76 -14.00 -16.57
CA GLN B 259 34.01 -13.42 -17.03
C GLN B 259 35.13 -14.42 -16.80
N PRO B 260 36.18 -14.38 -17.61
CA PRO B 260 37.29 -15.34 -17.45
C PRO B 260 38.26 -14.93 -16.35
N LEU B 261 37.82 -15.03 -15.11
CA LEU B 261 38.66 -14.71 -13.97
C LEU B 261 39.17 -15.95 -13.24
N LEU B 262 38.95 -17.14 -13.79
CA LEU B 262 39.40 -18.38 -13.16
C LEU B 262 40.73 -18.77 -13.80
N VAL B 263 41.81 -18.19 -13.28
CA VAL B 263 43.11 -18.31 -13.90
C VAL B 263 43.72 -19.66 -13.54
N ASN B 264 44.26 -20.35 -14.53
CA ASN B 264 44.98 -21.60 -14.30
C ASN B 264 46.47 -21.35 -14.12
N CYS B 265 47.10 -20.70 -15.10
CA CYS B 265 48.53 -20.47 -15.09
C CYS B 265 48.82 -19.02 -15.45
N LEU B 266 49.81 -18.43 -14.78
CA LEU B 266 50.17 -17.04 -14.98
C LEU B 266 51.66 -16.95 -15.29
N LEU B 267 51.99 -16.64 -16.53
CA LEU B 267 53.38 -16.53 -16.97
C LEU B 267 53.83 -15.08 -16.84
N ALA B 268 54.50 -14.75 -15.73
CA ALA B 268 55.11 -13.44 -15.58
C ALA B 268 56.40 -13.40 -16.38
N ILE B 269 56.51 -12.45 -17.30
CA ILE B 269 57.64 -12.34 -18.21
C ILE B 269 58.25 -10.96 -18.04
N PRO B 270 59.57 -10.85 -17.89
CA PRO B 270 60.17 -9.52 -17.76
C PRO B 270 59.91 -8.66 -18.97
N LYS B 271 59.76 -7.36 -18.73
CA LYS B 271 59.31 -6.45 -19.80
C LYS B 271 60.33 -6.39 -20.93
N ILE B 272 61.61 -6.59 -20.63
CA ILE B 272 62.65 -6.47 -21.65
C ILE B 272 62.65 -7.62 -22.65
N TYR B 273 61.85 -8.66 -22.41
CA TYR B 273 61.86 -9.85 -23.24
C TYR B 273 60.61 -9.92 -24.10
N GLY B 274 60.78 -10.35 -25.35
CA GLY B 274 59.67 -10.73 -26.18
C GLY B 274 59.23 -12.14 -25.82
N LEU B 275 58.22 -12.63 -26.55
CA LEU B 275 57.70 -13.96 -26.26
C LEU B 275 57.19 -14.57 -27.56
N GLY B 276 57.86 -15.63 -28.01
CA GLY B 276 57.36 -16.44 -29.10
C GLY B 276 56.83 -17.75 -28.56
N GLN B 277 55.55 -18.02 -28.75
CA GLN B 277 54.92 -19.15 -28.07
C GLN B 277 53.74 -19.63 -28.89
N PHE B 278 53.33 -20.86 -28.61
CA PHE B 278 52.17 -21.47 -29.24
C PHE B 278 51.25 -21.98 -28.14
N PHE B 279 49.99 -21.60 -28.21
CA PHE B 279 48.99 -21.99 -27.23
C PHE B 279 47.88 -22.74 -27.94
N SER B 280 47.34 -23.76 -27.29
CA SER B 280 46.24 -24.52 -27.85
C SER B 280 45.11 -24.59 -26.84
N PHE B 281 43.87 -24.48 -27.33
CA PHE B 281 42.72 -24.45 -26.45
C PHE B 281 42.38 -25.89 -26.06
N ASN B 282 43.40 -26.61 -25.61
CA ASN B 282 43.35 -28.02 -25.23
C ASN B 282 44.56 -28.36 -24.37
N GLN B 283 45.73 -28.08 -24.92
CA GLN B 283 46.99 -28.31 -24.23
C GLN B 283 47.21 -27.23 -23.18
N THR B 284 47.49 -27.64 -21.94
CA THR B 284 47.78 -26.67 -20.90
C THR B 284 49.00 -25.85 -21.32
N ILE B 285 48.90 -24.52 -21.12
CA ILE B 285 49.96 -23.64 -21.56
C ILE B 285 51.25 -23.98 -20.84
N ASP B 286 52.36 -23.89 -21.57
CA ASP B 286 53.67 -24.23 -21.02
C ASP B 286 54.19 -23.05 -20.20
N GLY B 287 55.45 -23.11 -19.81
CA GLY B 287 56.02 -22.10 -18.95
C GLY B 287 55.77 -22.39 -17.48
N VAL B 288 56.34 -21.54 -16.64
CA VAL B 288 56.26 -21.69 -15.20
C VAL B 288 55.17 -20.76 -14.65
N CYS B 289 54.27 -21.32 -13.85
CA CYS B 289 53.23 -20.53 -13.23
C CYS B 289 53.79 -19.72 -12.07
N ASN B 290 53.19 -18.55 -11.82
CA ASN B 290 53.63 -17.74 -10.70
C ASN B 290 53.13 -18.31 -9.37
N GLY B 291 51.97 -18.95 -9.37
CA GLY B 291 51.43 -19.54 -8.16
C GLY B 291 51.30 -21.05 -8.26
N ALA B 292 50.06 -21.54 -8.29
CA ALA B 292 49.78 -22.96 -8.41
C ALA B 292 49.04 -23.19 -9.72
N ALA B 293 49.72 -23.80 -10.70
CA ALA B 293 49.10 -24.08 -11.98
C ALA B 293 48.04 -25.17 -11.84
N VAL B 294 46.99 -25.05 -12.65
CA VAL B 294 45.92 -26.03 -12.70
C VAL B 294 45.93 -26.63 -14.10
N GLN B 295 46.05 -27.95 -14.18
CA GLN B 295 46.16 -28.63 -15.47
C GLN B 295 44.77 -28.72 -16.09
N ARG B 296 44.39 -27.64 -16.77
CA ARG B 296 43.14 -27.61 -17.53
C ARG B 296 43.40 -26.93 -18.86
N ALA B 297 42.54 -27.24 -19.82
CA ALA B 297 42.63 -26.64 -21.14
C ALA B 297 42.22 -25.19 -21.06
N PRO B 298 43.05 -24.25 -21.50
CA PRO B 298 42.61 -22.85 -21.55
C PRO B 298 41.43 -22.67 -22.49
N GLU B 299 40.50 -21.81 -22.09
CA GLU B 299 39.42 -21.36 -22.96
C GLU B 299 39.44 -19.86 -23.15
N ALA B 300 40.14 -19.14 -22.28
CA ALA B 300 40.47 -17.74 -22.45
C ALA B 300 41.94 -17.57 -22.11
N LEU B 301 42.61 -16.67 -22.82
CA LEU B 301 43.96 -16.31 -22.45
C LEU B 301 44.11 -14.80 -22.63
N ARG B 302 44.69 -14.16 -21.61
CA ARG B 302 44.60 -12.73 -21.42
C ARG B 302 46.01 -12.17 -21.42
N PHE B 303 46.34 -11.38 -22.44
CA PHE B 303 47.67 -10.81 -22.59
C PHE B 303 47.67 -9.42 -21.99
N ASN B 304 48.38 -9.25 -20.87
CA ASN B 304 48.48 -7.98 -20.19
C ASN B 304 49.85 -7.38 -20.50
N ILE B 305 49.87 -6.30 -21.26
CA ILE B 305 51.11 -5.67 -21.69
C ILE B 305 51.10 -4.21 -21.23
N ASN B 306 52.21 -3.53 -21.45
CA ASN B 306 52.35 -2.15 -21.00
C ASN B 306 52.16 -1.13 -22.12
N ASP B 307 52.71 -1.38 -23.31
CA ASP B 307 52.66 -0.41 -24.40
C ASP B 307 52.26 -1.10 -25.70
N THR B 308 51.72 -0.31 -26.61
CA THR B 308 51.24 -0.86 -27.89
C THR B 308 52.38 -1.39 -28.75
N SER B 309 53.60 -0.88 -28.55
CA SER B 309 54.70 -1.23 -29.45
C SER B 309 55.00 -2.71 -29.48
N VAL B 310 54.59 -3.47 -28.46
CA VAL B 310 54.79 -4.91 -28.47
C VAL B 310 54.03 -5.56 -29.62
N ILE B 311 52.79 -5.11 -29.84
CA ILE B 311 51.92 -5.78 -30.79
C ILE B 311 52.18 -5.30 -32.22
N LEU B 312 52.65 -4.07 -32.39
CA LEU B 312 52.67 -3.42 -33.71
C LEU B 312 53.71 -4.08 -34.60
N ALA B 313 53.36 -5.26 -35.11
CA ALA B 313 54.17 -5.97 -36.10
C ALA B 313 53.27 -6.93 -36.84
N GLU B 314 53.60 -7.17 -38.11
CA GLU B 314 52.83 -8.11 -38.91
C GLU B 314 52.93 -9.51 -38.32
N GLY B 315 51.79 -10.18 -38.18
CA GLY B 315 51.81 -11.52 -37.66
C GLY B 315 52.06 -11.64 -36.17
N SER B 316 51.97 -10.55 -35.41
CA SER B 316 52.23 -10.63 -33.99
C SER B 316 51.26 -11.58 -33.30
N ILE B 317 50.02 -11.56 -33.73
CA ILE B 317 49.01 -12.52 -33.29
C ILE B 317 48.60 -13.32 -34.51
N VAL B 318 48.58 -14.64 -34.38
CA VAL B 318 48.15 -15.54 -35.45
C VAL B 318 47.09 -16.45 -34.84
N LEU B 319 45.83 -16.18 -35.17
CA LEU B 319 44.72 -16.97 -34.65
C LEU B 319 44.49 -18.16 -35.57
N HIS B 320 44.54 -19.35 -35.00
CA HIS B 320 44.25 -20.59 -35.71
C HIS B 320 42.83 -21.02 -35.37
N THR B 321 41.98 -21.12 -36.38
CA THR B 321 40.60 -21.52 -36.18
C THR B 321 40.46 -23.03 -36.20
N ALA B 322 39.36 -23.52 -35.63
CA ALA B 322 39.08 -24.95 -35.68
C ALA B 322 38.89 -25.43 -37.11
N LEU B 323 38.49 -24.52 -38.01
CA LEU B 323 38.38 -24.82 -39.42
C LEU B 323 39.74 -24.90 -40.10
N GLY B 324 40.81 -24.51 -39.41
CA GLY B 324 42.14 -24.48 -40.00
C GLY B 324 42.50 -23.16 -40.63
N THR B 325 41.57 -22.21 -40.69
CA THR B 325 41.86 -20.90 -41.26
C THR B 325 42.80 -20.12 -40.34
N ASN B 326 43.68 -19.33 -40.95
CA ASN B 326 44.71 -18.60 -40.23
C ASN B 326 44.39 -17.11 -40.29
N PHE B 327 44.41 -16.46 -39.14
CA PHE B 327 44.09 -15.04 -39.00
C PHE B 327 45.34 -14.34 -38.48
N SER B 328 46.03 -13.61 -39.35
CA SER B 328 47.27 -12.94 -39.00
C SER B 328 46.98 -11.47 -38.70
N PHE B 329 47.45 -11.03 -37.54
CA PHE B 329 47.26 -9.64 -37.14
C PHE B 329 48.14 -8.73 -37.99
N VAL B 330 47.56 -7.65 -38.51
CA VAL B 330 48.28 -6.64 -39.27
C VAL B 330 47.84 -5.27 -38.79
N CYS B 331 48.79 -4.34 -38.73
CA CYS B 331 48.54 -2.98 -38.27
C CYS B 331 49.18 -1.99 -39.23
N SER B 332 48.50 -0.88 -39.46
CA SER B 332 49.00 0.16 -40.36
C SER B 332 48.78 1.56 -39.79
N TYR B 354 45.33 1.68 -36.68
CA TYR B 354 44.42 0.79 -37.40
C TYR B 354 44.98 -0.62 -37.43
N CYS B 355 44.12 -1.61 -37.21
CA CYS B 355 44.56 -2.98 -37.09
C CYS B 355 43.57 -3.92 -37.75
N PHE B 356 44.07 -4.78 -38.62
CA PHE B 356 43.24 -5.71 -39.39
C PHE B 356 43.70 -7.12 -39.08
N PHE B 357 42.84 -8.09 -39.39
CA PHE B 357 43.18 -9.50 -39.28
C PHE B 357 43.19 -10.10 -40.68
N LYS B 358 44.35 -10.09 -41.32
CA LYS B 358 44.47 -10.66 -42.66
C LYS B 358 44.14 -12.15 -42.63
N VAL B 359 43.28 -12.58 -43.55
CA VAL B 359 42.83 -13.96 -43.62
C VAL B 359 43.55 -14.64 -44.77
N ASP B 360 44.19 -15.77 -44.49
CA ASP B 360 44.88 -16.52 -45.53
C ASP B 360 45.17 -17.94 -45.08
N VAL B 366 42.27 -12.03 -47.90
CA VAL B 366 41.34 -10.96 -47.60
C VAL B 366 41.68 -10.35 -46.23
N TYR B 367 41.36 -9.08 -46.05
CA TYR B 367 41.62 -8.37 -44.80
C TYR B 367 40.31 -8.15 -44.06
N LYS B 368 40.28 -8.57 -42.79
CA LYS B 368 39.12 -8.36 -41.93
C LYS B 368 39.42 -7.24 -40.95
N PHE B 369 38.59 -6.20 -40.95
CA PHE B 369 38.80 -5.06 -40.08
C PHE B 369 38.57 -5.46 -38.63
N LEU B 370 39.56 -5.22 -37.77
CA LEU B 370 39.39 -5.47 -36.35
C LEU B 370 38.92 -4.21 -35.62
N ALA B 371 39.72 -3.16 -35.65
CA ALA B 371 39.42 -1.94 -34.91
C ALA B 371 40.45 -0.88 -35.24
N VAL B 372 40.10 0.37 -34.93
CA VAL B 372 41.09 1.43 -34.86
C VAL B 372 41.75 1.32 -33.49
N LEU B 373 43.05 1.03 -33.49
CA LEU B 373 43.72 0.71 -32.25
C LEU B 373 43.73 1.90 -31.31
N PRO B 374 43.29 1.73 -30.06
CA PRO B 374 43.32 2.85 -29.13
C PRO B 374 44.75 3.27 -28.85
N PRO B 375 44.98 4.52 -28.45
CA PRO B 375 46.36 5.00 -28.28
C PRO B 375 47.13 4.20 -27.25
N THR B 376 46.46 3.59 -26.27
CA THR B 376 47.12 2.85 -25.20
C THR B 376 46.42 1.50 -25.05
N VAL B 377 46.90 0.50 -25.77
CA VAL B 377 46.42 -0.87 -25.60
C VAL B 377 47.13 -1.45 -24.37
N ARG B 378 46.35 -1.93 -23.42
CA ARG B 378 46.90 -2.42 -22.17
C ARG B 378 46.55 -3.86 -21.87
N GLU B 379 45.56 -4.44 -22.54
CA GLU B 379 45.22 -5.83 -22.29
C GLU B 379 44.46 -6.36 -23.49
N ILE B 380 45.04 -7.32 -24.17
CA ILE B 380 44.34 -8.11 -25.16
C ILE B 380 43.84 -9.35 -24.44
N VAL B 381 42.72 -9.89 -24.90
CA VAL B 381 42.30 -11.21 -24.42
C VAL B 381 41.59 -11.91 -25.57
N ILE B 382 42.03 -13.11 -25.88
CA ILE B 382 41.50 -13.91 -26.98
C ILE B 382 40.89 -15.14 -26.35
N THR B 383 39.64 -15.41 -26.68
CA THR B 383 38.93 -16.55 -26.14
C THR B 383 38.42 -17.39 -27.28
N LYS B 384 38.56 -18.71 -27.16
CA LYS B 384 37.85 -19.59 -28.07
C LYS B 384 36.37 -19.25 -28.00
N TYR B 385 35.62 -19.76 -28.98
CA TYR B 385 34.28 -19.34 -29.39
C TYR B 385 34.37 -18.13 -30.31
N GLY B 386 35.58 -17.75 -30.74
CA GLY B 386 35.74 -16.65 -31.67
C GLY B 386 35.42 -15.32 -31.03
N ASP B 387 36.27 -14.86 -30.13
CA ASP B 387 35.97 -13.64 -29.39
C ASP B 387 37.26 -12.95 -28.96
N VAL B 388 37.57 -11.82 -29.58
CA VAL B 388 38.79 -11.06 -29.30
C VAL B 388 38.40 -9.71 -28.69
N TYR B 389 39.08 -9.33 -27.62
CA TYR B 389 38.83 -8.07 -26.91
C TYR B 389 40.09 -7.23 -26.81
N VAL B 390 39.95 -5.93 -27.05
CA VAL B 390 41.02 -4.96 -26.84
C VAL B 390 40.55 -3.99 -25.76
N ASN B 391 41.25 -3.97 -24.64
CA ASN B 391 40.89 -3.13 -23.49
C ASN B 391 39.46 -3.37 -23.03
N GLY B 392 39.03 -4.63 -23.10
CA GLY B 392 37.72 -4.99 -22.60
C GLY B 392 36.55 -4.55 -23.47
N PHE B 393 36.68 -4.64 -24.78
CA PHE B 393 35.59 -4.36 -25.69
C PHE B 393 35.52 -5.40 -26.80
N GLY B 394 34.29 -5.74 -27.20
CA GLY B 394 34.05 -6.77 -28.20
C GLY B 394 34.17 -6.30 -29.64
N TYR B 395 35.39 -6.11 -30.11
CA TYR B 395 35.59 -5.58 -31.46
C TYR B 395 35.18 -6.59 -32.51
N LEU B 396 35.65 -7.83 -32.40
CA LEU B 396 35.47 -8.81 -33.46
C LEU B 396 35.10 -10.16 -32.87
N HIS B 397 34.21 -10.87 -33.56
CA HIS B 397 33.80 -12.21 -33.18
C HIS B 397 34.05 -13.16 -34.35
N LEU B 398 34.64 -14.31 -34.06
CA LEU B 398 35.04 -15.25 -35.10
C LEU B 398 34.45 -16.62 -34.78
N GLY B 399 34.90 -17.66 -35.50
CA GLY B 399 34.49 -19.01 -35.21
C GLY B 399 35.37 -19.65 -34.15
N LEU B 400 35.17 -20.94 -33.94
CA LEU B 400 35.92 -21.67 -32.93
C LEU B 400 37.43 -21.61 -33.18
N LEU B 401 38.17 -20.95 -32.28
CA LEU B 401 39.61 -21.02 -32.32
C LEU B 401 40.08 -22.30 -31.64
N ASP B 402 41.28 -22.76 -32.03
CA ASP B 402 41.95 -23.82 -31.32
C ASP B 402 43.39 -23.50 -30.95
N ALA B 403 43.96 -22.41 -31.45
CA ALA B 403 45.34 -22.10 -31.13
C ALA B 403 45.63 -20.62 -31.39
N VAL B 404 46.70 -20.15 -30.75
CA VAL B 404 47.20 -18.78 -30.91
C VAL B 404 48.72 -18.83 -30.98
N THR B 405 49.29 -18.07 -31.92
CA THR B 405 50.72 -17.98 -32.16
C THR B 405 51.15 -16.54 -31.94
N ILE B 406 52.32 -16.34 -31.32
CA ILE B 406 52.67 -15.02 -30.78
C ILE B 406 54.03 -14.57 -31.31
N ASN B 407 54.06 -13.35 -31.83
CA ASN B 407 55.22 -12.45 -31.93
C ASN B 407 55.00 -11.27 -31.00
N PHE B 408 55.39 -11.41 -29.75
CA PHE B 408 55.54 -10.24 -28.90
C PHE B 408 56.99 -9.77 -28.92
N THR B 409 57.17 -8.45 -28.99
CA THR B 409 58.43 -7.89 -29.46
C THR B 409 59.09 -7.08 -28.34
N GLY B 410 59.19 -7.66 -27.16
CA GLY B 410 59.90 -6.97 -26.08
C GLY B 410 59.10 -5.79 -25.59
N HIS B 411 59.76 -4.65 -25.47
CA HIS B 411 59.13 -3.41 -25.01
C HIS B 411 59.90 -2.23 -25.57
N GLY B 412 59.41 -1.03 -25.27
CA GLY B 412 59.97 0.19 -25.82
C GLY B 412 61.31 0.59 -25.26
N THR B 413 61.76 -0.06 -24.19
CA THR B 413 63.07 0.21 -23.57
C THR B 413 63.19 1.66 -23.08
N ASP B 414 62.06 2.29 -22.79
CA ASP B 414 62.07 3.61 -22.18
C ASP B 414 61.57 3.63 -20.76
N ASP B 415 60.84 2.59 -20.33
CA ASP B 415 60.62 2.34 -18.90
C ASP B 415 60.25 0.86 -18.78
N ASP B 416 61.23 0.04 -18.40
CA ASP B 416 61.05 -1.40 -18.35
C ASP B 416 61.03 -1.88 -16.91
N VAL B 417 60.95 -3.21 -16.76
CA VAL B 417 61.09 -3.97 -15.53
C VAL B 417 60.49 -3.25 -14.32
N SER B 418 59.37 -2.56 -14.51
CA SER B 418 58.56 -2.13 -13.39
C SER B 418 57.65 -3.27 -13.00
N GLY B 419 58.25 -4.44 -12.77
CA GLY B 419 57.51 -5.68 -12.65
C GLY B 419 57.69 -6.53 -13.89
N PHE B 420 56.63 -7.24 -14.28
CA PHE B 420 56.65 -8.07 -15.47
C PHE B 420 55.38 -7.85 -16.27
N TRP B 421 55.48 -8.02 -17.59
CA TRP B 421 54.28 -8.12 -18.41
C TRP B 421 53.89 -9.59 -18.49
N THR B 422 52.59 -9.86 -18.35
CA THR B 422 52.13 -11.20 -18.06
C THR B 422 51.07 -11.64 -19.08
N ILE B 423 50.87 -12.95 -19.13
CA ILE B 423 49.75 -13.57 -19.83
C ILE B 423 49.17 -14.62 -18.92
N ALA B 424 47.85 -14.77 -18.95
CA ALA B 424 47.15 -15.68 -18.04
C ALA B 424 46.24 -16.59 -18.81
N SER B 425 46.39 -17.90 -18.61
CA SER B 425 45.41 -18.87 -19.09
C SER B 425 44.27 -18.93 -18.08
N THR B 426 43.06 -18.62 -18.52
CA THR B 426 41.91 -18.53 -17.63
C THR B 426 40.71 -19.23 -18.22
N ASN B 427 39.83 -19.71 -17.34
CA ASN B 427 38.54 -20.27 -17.71
C ASN B 427 37.43 -19.36 -17.20
N PHE B 428 36.32 -19.35 -17.93
CA PHE B 428 35.19 -18.50 -17.56
C PHE B 428 34.57 -18.98 -16.25
N VAL B 429 34.03 -18.02 -15.50
CA VAL B 429 33.33 -18.31 -14.26
C VAL B 429 32.39 -17.16 -13.98
N ASP B 430 31.26 -17.46 -13.33
CA ASP B 430 30.37 -16.43 -12.84
C ASP B 430 30.96 -15.81 -11.59
N ALA B 431 31.11 -14.49 -11.57
CA ALA B 431 31.70 -13.81 -10.44
C ALA B 431 30.98 -12.49 -10.19
N LEU B 432 30.89 -12.13 -8.91
CA LEU B 432 30.44 -10.80 -8.53
C LEU B 432 31.61 -9.84 -8.62
N ILE B 433 31.43 -8.73 -9.32
CA ILE B 433 32.53 -7.84 -9.65
C ILE B 433 32.17 -6.42 -9.24
N GLU B 434 33.07 -5.78 -8.50
CA GLU B 434 32.93 -4.38 -8.10
C GLU B 434 33.73 -3.50 -9.06
N VAL B 435 33.08 -2.48 -9.60
CA VAL B 435 33.71 -1.57 -10.55
C VAL B 435 33.54 -0.15 -10.05
N GLN B 436 34.66 0.55 -9.86
CA GLN B 436 34.68 1.99 -9.67
C GLN B 436 35.57 2.59 -10.75
N GLY B 437 35.16 3.75 -11.27
CA GLY B 437 35.80 4.26 -12.46
C GLY B 437 35.43 3.36 -13.61
N THR B 438 36.39 2.58 -14.10
CA THR B 438 36.09 1.49 -15.02
C THR B 438 36.86 0.21 -14.71
N ALA B 439 37.67 0.20 -13.65
CA ALA B 439 38.54 -0.91 -13.32
C ALA B 439 37.99 -1.72 -12.17
N ILE B 440 38.31 -3.02 -12.16
CA ILE B 440 37.87 -3.89 -11.09
C ILE B 440 38.52 -3.48 -9.78
N GLN B 441 37.79 -3.65 -8.67
CA GLN B 441 38.36 -3.46 -7.36
C GLN B 441 38.33 -4.70 -6.47
N ARG B 442 37.32 -5.56 -6.63
CA ARG B 442 37.26 -6.82 -5.90
C ARG B 442 36.34 -7.76 -6.65
N ILE B 443 36.59 -9.06 -6.50
CA ILE B 443 35.77 -10.09 -7.14
C ILE B 443 35.41 -11.15 -6.11
N LEU B 444 34.34 -11.88 -6.40
CA LEU B 444 33.86 -12.94 -5.54
C LEU B 444 33.27 -14.02 -6.43
N TYR B 445 33.85 -15.22 -6.39
CA TYR B 445 33.46 -16.27 -7.32
C TYR B 445 32.13 -16.90 -6.91
N CYS B 446 31.62 -17.78 -7.76
CA CYS B 446 30.35 -18.48 -7.54
C CYS B 446 30.56 -19.97 -7.26
N ASP B 447 31.58 -20.31 -6.49
CA ASP B 447 31.83 -21.72 -6.18
C ASP B 447 31.20 -22.13 -4.85
N ASP B 448 31.53 -21.43 -3.78
CA ASP B 448 30.99 -21.75 -2.47
C ASP B 448 29.49 -21.48 -2.43
N PRO B 449 28.71 -22.35 -1.80
CA PRO B 449 27.29 -22.02 -1.57
C PRO B 449 27.12 -20.70 -0.83
N VAL B 450 28.04 -20.38 0.09
CA VAL B 450 28.04 -19.06 0.69
C VAL B 450 28.26 -18.00 -0.39
N SER B 451 29.24 -18.25 -1.27
CA SER B 451 29.48 -17.35 -2.40
C SER B 451 28.29 -17.35 -3.35
N GLN B 452 27.66 -18.52 -3.54
CA GLN B 452 26.45 -18.59 -4.35
C GLN B 452 25.36 -17.68 -3.80
N LEU B 453 25.16 -17.71 -2.49
CA LEU B 453 24.15 -16.85 -1.88
C LEU B 453 24.49 -15.38 -2.05
N LYS B 454 25.76 -15.01 -1.84
CA LYS B 454 26.16 -13.62 -1.98
C LYS B 454 25.94 -13.12 -3.40
N CYS B 455 26.28 -13.94 -4.40
CA CYS B 455 26.12 -13.52 -5.77
C CYS B 455 24.65 -13.42 -6.17
N SER B 456 23.79 -14.26 -5.59
CA SER B 456 22.36 -14.10 -5.83
C SER B 456 21.85 -12.79 -5.24
N GLN B 457 22.42 -12.35 -4.12
CA GLN B 457 22.07 -11.08 -3.50
C GLN B 457 22.90 -9.92 -4.02
N VAL B 458 23.74 -10.15 -5.04
CA VAL B 458 24.65 -9.17 -5.64
C VAL B 458 25.27 -8.25 -4.59
N ALA B 459 25.73 -8.81 -3.48
CA ALA B 459 26.38 -8.05 -2.43
C ALA B 459 27.57 -8.82 -1.89
N PHE B 460 28.65 -8.10 -1.59
CA PHE B 460 29.84 -8.73 -1.04
C PHE B 460 29.65 -9.07 0.44
N ASP B 461 28.93 -8.25 1.18
CA ASP B 461 28.63 -8.49 2.58
C ASP B 461 27.13 -8.54 2.78
N LEU B 462 26.66 -9.56 3.48
CA LEU B 462 25.23 -9.75 3.72
C LEU B 462 24.96 -9.64 5.21
N ASP B 463 23.89 -8.93 5.57
CA ASP B 463 23.49 -8.85 6.96
C ASP B 463 22.95 -10.20 7.42
N ASP B 464 23.07 -10.44 8.73
CA ASP B 464 22.58 -11.69 9.29
C ASP B 464 21.07 -11.81 9.11
N GLY B 465 20.62 -13.00 8.73
CA GLY B 465 19.20 -13.21 8.51
C GLY B 465 18.95 -14.59 7.92
N PHE B 466 17.77 -14.75 7.33
CA PHE B 466 17.37 -15.97 6.64
C PHE B 466 17.18 -15.62 5.18
N TYR B 467 17.91 -16.32 4.31
CA TYR B 467 17.90 -16.03 2.89
C TYR B 467 17.33 -17.21 2.11
N PRO B 468 16.39 -16.97 1.21
CA PRO B 468 15.85 -18.06 0.40
C PRO B 468 16.94 -18.72 -0.45
N PHE B 469 16.75 -20.00 -0.73
CA PHE B 469 17.80 -20.80 -1.34
C PHE B 469 17.13 -21.92 -2.13
N SER B 470 17.83 -22.40 -3.16
CA SER B 470 17.31 -23.44 -4.03
C SER B 470 18.01 -24.75 -3.73
N SER B 471 17.22 -25.81 -3.58
CA SER B 471 17.80 -27.12 -3.29
C SER B 471 18.78 -27.50 -4.39
N ARG B 472 19.92 -28.06 -3.99
CA ARG B 472 20.94 -28.42 -4.97
C ARG B 472 20.42 -29.56 -5.84
N ASN B 473 20.16 -29.25 -7.11
CA ASN B 473 19.61 -30.22 -8.04
C ASN B 473 20.72 -31.13 -8.55
N LEU B 474 20.43 -31.92 -9.58
CA LEU B 474 21.43 -32.78 -10.19
C LEU B 474 22.48 -31.92 -10.88
N LEU B 475 23.73 -32.03 -10.42
CA LEU B 475 24.82 -31.27 -11.04
C LEU B 475 25.03 -31.70 -12.48
N SER B 476 24.99 -33.00 -12.75
CA SER B 476 24.96 -33.51 -14.11
C SER B 476 23.51 -33.66 -14.52
N HIS B 477 23.07 -32.84 -15.48
CA HIS B 477 21.66 -32.77 -15.79
C HIS B 477 21.18 -34.03 -16.50
N GLU B 478 21.65 -34.27 -17.72
CA GLU B 478 21.32 -35.43 -18.55
C GLU B 478 19.87 -35.87 -18.37
N GLN B 479 18.95 -34.91 -18.33
CA GLN B 479 17.58 -35.17 -17.94
C GLN B 479 16.88 -36.07 -18.95
N PRO B 480 16.32 -37.20 -18.53
CA PRO B 480 15.53 -38.02 -19.45
C PRO B 480 14.25 -37.30 -19.85
N ILE B 481 13.74 -37.67 -21.02
CA ILE B 481 12.51 -37.08 -21.55
C ILE B 481 11.36 -38.04 -21.29
N SER B 482 10.27 -37.52 -20.74
CA SER B 482 9.08 -38.29 -20.44
C SER B 482 7.91 -37.73 -21.23
N PHE B 483 7.10 -38.61 -21.80
CA PHE B 483 5.98 -38.19 -22.65
C PHE B 483 4.81 -39.12 -22.41
N VAL B 484 3.68 -38.55 -21.99
CA VAL B 484 2.47 -39.32 -21.73
C VAL B 484 1.30 -38.60 -22.40
N THR B 485 0.47 -39.36 -23.12
CA THR B 485 -0.70 -38.81 -23.77
C THR B 485 -1.74 -39.91 -23.94
N LEU B 486 -2.96 -39.50 -24.23
CA LEU B 486 -4.04 -40.44 -24.42
C LEU B 486 -3.83 -41.27 -25.68
N PRO B 487 -4.23 -42.55 -25.67
CA PRO B 487 -4.11 -43.38 -26.87
C PRO B 487 -4.94 -42.85 -28.02
N SER B 488 -4.50 -43.14 -29.24
CA SER B 488 -5.23 -42.62 -30.42
C SER B 488 -5.50 -43.72 -31.45
N PHE B 489 -6.37 -43.43 -32.41
CA PHE B 489 -6.64 -44.27 -33.60
C PHE B 489 -7.49 -45.48 -33.21
N VAL B 620 -5.72 -48.96 -32.72
CA VAL B 620 -5.32 -48.13 -31.55
C VAL B 620 -3.81 -48.04 -31.53
N THR B 621 -3.26 -47.27 -30.60
CA THR B 621 -1.78 -47.11 -30.50
C THR B 621 -1.44 -46.24 -29.30
N ASP B 622 -0.56 -46.71 -28.42
CA ASP B 622 -0.14 -45.88 -27.30
C ASP B 622 1.37 -45.69 -27.37
N VAL B 623 1.81 -44.44 -27.32
CA VAL B 623 3.23 -44.10 -27.49
C VAL B 623 3.81 -43.47 -26.23
N SER B 624 3.12 -43.59 -25.10
CA SER B 624 3.57 -42.92 -23.89
C SER B 624 4.79 -43.64 -23.29
N PHE B 625 5.68 -42.85 -22.71
CA PHE B 625 6.84 -43.39 -22.02
C PHE B 625 7.30 -42.38 -20.98
N MET B 626 7.77 -42.88 -19.83
CA MET B 626 8.16 -42.00 -18.75
C MET B 626 9.21 -42.68 -17.88
N THR B 627 10.00 -41.86 -17.20
CA THR B 627 11.04 -42.32 -16.28
C THR B 627 10.68 -41.86 -14.88
N LEU B 628 10.67 -42.79 -13.93
CA LEU B 628 10.21 -42.52 -12.58
C LEU B 628 11.35 -42.14 -11.66
N ASP B 629 11.04 -41.29 -10.69
CA ASP B 629 11.92 -40.93 -9.57
C ASP B 629 13.19 -40.21 -10.02
N VAL B 630 13.23 -39.71 -11.26
CA VAL B 630 14.37 -38.99 -11.77
C VAL B 630 13.87 -37.67 -12.37
N CYS B 631 14.57 -36.57 -12.06
CA CYS B 631 14.19 -35.28 -12.60
C CYS B 631 14.19 -35.34 -14.11
N THR B 632 13.00 -35.22 -14.71
CA THR B 632 12.82 -35.44 -16.13
C THR B 632 12.11 -34.26 -16.77
N LYS B 633 12.39 -34.05 -18.05
CA LYS B 633 11.67 -33.09 -18.88
C LYS B 633 10.44 -33.80 -19.42
N TYR B 634 9.26 -33.42 -18.95
CA TYR B 634 8.04 -34.18 -19.18
C TYR B 634 7.04 -33.38 -20.00
N THR B 635 6.26 -34.11 -20.80
CA THR B 635 5.06 -33.59 -21.45
C THR B 635 3.91 -34.54 -21.10
N ILE B 636 3.05 -34.12 -20.18
CA ILE B 636 1.98 -34.96 -19.66
C ILE B 636 0.65 -34.34 -20.09
N TYR B 637 0.01 -34.94 -21.09
CA TYR B 637 -1.31 -34.50 -21.56
C TYR B 637 -1.30 -33.02 -21.89
N GLY B 638 -0.20 -32.54 -22.47
CA GLY B 638 -0.07 -31.15 -22.83
C GLY B 638 0.59 -30.28 -21.78
N PHE B 639 0.76 -30.77 -20.56
CA PHE B 639 1.45 -30.03 -19.51
C PHE B 639 2.95 -30.27 -19.64
N LYS B 640 3.70 -29.24 -19.98
CA LYS B 640 5.14 -29.33 -20.16
C LYS B 640 5.86 -28.75 -18.96
N GLY B 641 6.92 -29.42 -18.52
CA GLY B 641 7.69 -28.92 -17.41
C GLY B 641 8.84 -29.86 -17.09
N GLU B 642 9.45 -29.63 -15.93
CA GLU B 642 10.49 -30.49 -15.40
C GLU B 642 10.13 -30.86 -13.98
N GLY B 643 10.17 -32.15 -13.67
CA GLY B 643 9.78 -32.61 -12.35
C GLY B 643 10.06 -34.09 -12.20
N ILE B 644 9.67 -34.61 -11.05
CA ILE B 644 9.88 -36.01 -10.68
C ILE B 644 8.54 -36.71 -10.67
N ILE B 645 8.45 -37.84 -11.36
CA ILE B 645 7.24 -38.64 -11.43
C ILE B 645 7.41 -39.81 -10.46
N THR B 646 6.47 -39.93 -9.53
CA THR B 646 6.54 -40.95 -8.49
C THR B 646 5.20 -41.67 -8.40
N LEU B 647 5.25 -43.00 -8.41
CA LEU B 647 4.03 -43.77 -8.21
C LEU B 647 3.48 -43.50 -6.81
N THR B 648 2.16 -43.30 -6.74
CA THR B 648 1.52 -43.03 -5.47
C THR B 648 0.32 -43.96 -5.29
N ASN B 649 -0.09 -44.06 -4.03
CA ASN B 649 -1.05 -45.04 -3.57
C ASN B 649 -2.50 -44.58 -3.65
N SER B 650 -2.75 -43.38 -4.18
CA SER B 650 -4.12 -42.93 -4.38
C SER B 650 -4.79 -43.77 -5.46
N SER B 651 -6.12 -43.80 -5.42
CA SER B 651 -6.92 -44.54 -6.38
C SER B 651 -8.08 -43.69 -6.88
N PHE B 652 -7.77 -42.48 -7.32
CA PHE B 652 -8.81 -41.61 -7.88
C PHE B 652 -9.51 -42.32 -9.04
N LEU B 653 -10.83 -42.26 -9.03
CA LEU B 653 -11.63 -43.01 -9.99
C LEU B 653 -12.05 -42.19 -11.21
N ALA B 654 -12.16 -40.88 -11.07
CA ALA B 654 -12.59 -40.01 -12.14
C ALA B 654 -11.40 -39.41 -12.88
N GLY B 655 -11.63 -39.05 -14.14
CA GLY B 655 -10.66 -38.30 -14.90
C GLY B 655 -9.43 -39.13 -15.25
N VAL B 656 -8.46 -38.46 -15.87
CA VAL B 656 -7.19 -39.07 -16.23
C VAL B 656 -6.01 -38.32 -15.63
N TYR B 657 -6.03 -36.99 -15.63
CA TYR B 657 -4.99 -36.23 -14.96
C TYR B 657 -5.65 -35.17 -14.08
N TYR B 658 -4.98 -34.82 -13.00
CA TYR B 658 -5.56 -34.01 -11.94
C TYR B 658 -4.73 -32.76 -11.70
N THR B 659 -5.43 -31.65 -11.45
CA THR B 659 -4.80 -30.38 -11.17
C THR B 659 -5.41 -29.76 -9.93
N SER B 660 -4.65 -28.84 -9.32
CA SER B 660 -5.18 -28.07 -8.20
C SER B 660 -6.20 -27.06 -8.71
N ASP B 661 -6.71 -26.24 -7.80
CA ASP B 661 -7.66 -25.21 -8.19
C ASP B 661 -7.03 -24.17 -9.10
N SER B 662 -5.72 -23.99 -9.02
CA SER B 662 -5.01 -23.00 -9.83
C SER B 662 -4.54 -23.57 -11.16
N GLY B 663 -5.03 -24.73 -11.57
CA GLY B 663 -4.63 -25.27 -12.86
C GLY B 663 -3.22 -25.81 -12.91
N GLN B 664 -2.68 -26.24 -11.78
CA GLN B 664 -1.33 -26.77 -11.70
C GLN B 664 -1.37 -28.29 -11.64
N LEU B 665 -0.66 -28.95 -12.55
CA LEU B 665 -0.69 -30.40 -12.62
C LEU B 665 -0.12 -31.01 -11.37
N LEU B 666 -0.93 -31.85 -10.70
CA LEU B 666 -0.52 -32.53 -9.48
C LEU B 666 -0.30 -34.02 -9.69
N ALA B 667 -1.17 -34.68 -10.44
CA ALA B 667 -1.04 -36.10 -10.71
C ALA B 667 -1.75 -36.44 -12.00
N PHE B 668 -1.36 -37.57 -12.57
CA PHE B 668 -2.00 -38.12 -13.77
C PHE B 668 -2.21 -39.60 -13.55
N LYS B 669 -2.95 -40.23 -14.46
CA LYS B 669 -3.30 -41.64 -14.33
C LYS B 669 -2.73 -42.42 -15.50
N ASN B 670 -2.07 -43.54 -15.18
CA ASN B 670 -1.68 -44.52 -16.17
C ASN B 670 -2.94 -45.22 -16.66
N VAL B 671 -3.49 -44.74 -17.78
CA VAL B 671 -4.85 -45.12 -18.17
C VAL B 671 -4.97 -46.62 -18.42
N THR B 672 -3.87 -47.26 -18.81
CA THR B 672 -3.92 -48.69 -19.10
C THR B 672 -4.17 -49.51 -17.83
N SER B 673 -3.51 -49.14 -16.73
CA SER B 673 -3.62 -49.88 -15.48
C SER B 673 -4.36 -49.14 -14.38
N GLY B 674 -4.54 -47.83 -14.51
CA GLY B 674 -5.27 -47.07 -13.52
C GLY B 674 -4.45 -46.52 -12.37
N ALA B 675 -3.16 -46.86 -12.30
CA ALA B 675 -2.31 -46.29 -11.26
C ALA B 675 -2.07 -44.81 -11.51
N VAL B 676 -1.91 -44.06 -10.43
CA VAL B 676 -1.74 -42.61 -10.49
C VAL B 676 -0.33 -42.27 -10.05
N TYR B 677 0.30 -41.35 -10.77
CA TYR B 677 1.66 -40.90 -10.49
C TYR B 677 1.61 -39.41 -10.17
N SER B 678 2.21 -39.03 -9.05
CA SER B 678 2.26 -37.63 -8.67
C SER B 678 3.49 -36.95 -9.29
N VAL B 679 3.34 -35.66 -9.57
CA VAL B 679 4.40 -34.87 -10.17
C VAL B 679 4.82 -33.80 -9.16
N THR B 680 6.11 -33.80 -8.83
CA THR B 680 6.66 -32.88 -7.85
C THR B 680 7.82 -32.11 -8.47
N PRO B 681 8.12 -30.91 -7.96
CA PRO B 681 9.29 -30.19 -8.44
C PRO B 681 10.57 -30.93 -8.13
N CYS B 682 11.57 -30.75 -8.99
CA CYS B 682 12.85 -31.41 -8.78
C CYS B 682 13.63 -30.75 -7.65
N SER B 683 13.40 -29.47 -7.42
CA SER B 683 14.10 -28.73 -6.37
C SER B 683 13.06 -28.06 -5.48
N PHE B 684 13.37 -27.98 -4.20
CA PHE B 684 12.46 -27.40 -3.22
C PHE B 684 13.11 -26.19 -2.56
N SER B 685 12.28 -25.21 -2.21
CA SER B 685 12.79 -23.99 -1.60
C SER B 685 13.39 -24.30 -0.24
N GLU B 686 14.45 -23.59 0.10
CA GLU B 686 15.09 -23.75 1.40
C GLU B 686 15.40 -22.36 1.96
N GLN B 687 15.70 -22.33 3.26
CA GLN B 687 16.06 -21.10 3.94
C GLN B 687 17.44 -21.29 4.57
N ALA B 688 18.43 -20.58 4.05
CA ALA B 688 19.78 -20.64 4.60
C ALA B 688 19.90 -19.64 5.72
N ALA B 689 20.35 -20.10 6.89
CA ALA B 689 20.56 -19.22 8.03
C ALA B 689 21.97 -18.66 7.93
N TYR B 690 22.07 -17.38 7.58
CA TYR B 690 23.34 -16.71 7.35
C TYR B 690 23.64 -15.81 8.54
N VAL B 691 24.50 -16.28 9.44
CA VAL B 691 24.97 -15.47 10.55
C VAL B 691 26.48 -15.58 10.61
N ASP B 692 27.11 -14.50 11.08
CA ASP B 692 28.56 -14.42 11.21
C ASP B 692 29.25 -14.71 9.88
N ASP B 693 28.66 -14.21 8.80
CA ASP B 693 29.21 -14.33 7.45
C ASP B 693 29.46 -15.79 7.06
N ASP B 694 28.47 -16.64 7.35
CA ASP B 694 28.55 -18.05 7.00
C ASP B 694 27.17 -18.66 7.00
N ILE B 695 27.03 -19.76 6.27
CA ILE B 695 25.80 -20.54 6.26
C ILE B 695 25.91 -21.56 7.40
N VAL B 696 25.28 -21.24 8.53
CA VAL B 696 25.39 -22.10 9.70
C VAL B 696 24.34 -23.20 9.72
N GLY B 697 23.25 -23.05 8.97
CA GLY B 697 22.22 -24.06 8.94
C GLY B 697 21.27 -23.81 7.79
N VAL B 698 20.50 -24.84 7.46
CA VAL B 698 19.55 -24.78 6.36
C VAL B 698 18.22 -25.34 6.83
N ILE B 699 17.17 -24.52 6.74
CA ILE B 699 15.81 -24.99 6.94
C ILE B 699 15.31 -25.53 5.61
N SER B 700 14.85 -26.79 5.60
CA SER B 700 14.49 -27.43 4.35
C SER B 700 13.43 -28.48 4.62
N SER B 701 12.85 -28.98 3.52
CA SER B 701 11.90 -30.09 3.57
C SER B 701 12.54 -31.44 3.34
N LEU B 702 13.80 -31.46 2.91
CA LEU B 702 14.50 -32.71 2.64
C LEU B 702 15.25 -33.15 3.89
N SER B 703 15.27 -34.46 4.12
CA SER B 703 15.83 -35.01 5.34
C SER B 703 17.36 -35.08 5.34
N SER B 704 17.99 -35.05 4.17
CA SER B 704 19.44 -35.26 4.07
C SER B 704 20.11 -34.11 3.32
N SER B 705 21.29 -33.71 3.81
CA SER B 705 22.06 -32.66 3.18
C SER B 705 23.52 -32.82 3.59
N THR B 706 24.34 -31.82 3.29
CA THR B 706 25.77 -31.86 3.52
C THR B 706 26.14 -31.15 4.83
N PHE B 707 25.69 -31.73 5.93
CA PHE B 707 25.98 -31.19 7.25
C PHE B 707 26.22 -32.35 8.22
N ASN B 708 26.57 -32.01 9.47
CA ASN B 708 26.63 -33.02 10.52
C ASN B 708 25.33 -33.77 10.64
N SER B 709 24.31 -33.04 11.10
CA SER B 709 23.12 -33.64 11.68
C SER B 709 21.90 -32.89 11.19
N THR B 710 20.76 -33.56 11.24
CA THR B 710 19.48 -33.01 10.88
C THR B 710 18.57 -33.11 12.09
N ARG B 711 17.99 -31.97 12.51
CA ARG B 711 17.04 -31.98 13.60
C ARG B 711 15.64 -31.90 12.99
N GLU B 712 14.76 -32.77 13.47
CA GLU B 712 13.41 -32.89 12.92
C GLU B 712 12.47 -31.99 13.70
N LEU B 713 12.44 -30.72 13.30
CA LEU B 713 11.49 -29.80 13.87
C LEU B 713 10.08 -30.18 13.44
N PRO B 714 9.06 -29.75 14.19
CA PRO B 714 7.68 -30.18 13.87
C PRO B 714 7.25 -29.85 12.45
N GLY B 715 7.75 -28.77 11.86
CA GLY B 715 7.30 -28.37 10.53
C GLY B 715 8.28 -28.62 9.41
N PHE B 716 9.55 -28.81 9.73
CA PHE B 716 10.58 -28.88 8.71
C PHE B 716 11.82 -29.55 9.29
N PHE B 717 12.74 -29.91 8.40
CA PHE B 717 14.06 -30.37 8.81
C PHE B 717 14.99 -29.18 8.93
N TYR B 718 15.94 -29.28 9.85
CA TYR B 718 16.98 -28.28 10.03
C TYR B 718 18.33 -28.95 10.02
N HIS B 719 19.11 -28.70 8.98
CA HIS B 719 20.44 -29.28 8.84
C HIS B 719 21.48 -28.27 9.29
N SER B 720 22.43 -28.70 10.11
CA SER B 720 23.48 -27.81 10.58
C SER B 720 24.64 -28.67 11.06
N ASN B 721 25.73 -27.99 11.43
CA ASN B 721 26.90 -28.65 11.99
C ASN B 721 26.94 -28.56 13.51
N ASP B 722 25.79 -28.37 14.15
CA ASP B 722 25.73 -28.32 15.61
C ASP B 722 24.31 -28.70 16.04
N GLY B 723 24.17 -29.93 16.54
CA GLY B 723 22.90 -30.42 17.00
C GLY B 723 22.57 -30.09 18.45
N SER B 724 23.42 -29.30 19.11
CA SER B 724 23.20 -28.98 20.51
C SER B 724 22.03 -28.02 20.67
N ASN B 725 21.61 -27.84 21.92
CA ASN B 725 20.50 -26.95 22.21
C ASN B 725 20.94 -25.50 22.03
N CYS B 726 20.03 -24.66 21.54
CA CYS B 726 20.33 -23.25 21.35
C CYS B 726 19.86 -22.48 22.56
N THR B 727 20.80 -21.86 23.29
CA THR B 727 20.48 -21.07 24.45
C THR B 727 20.76 -19.59 24.27
N GLU B 728 21.51 -19.22 23.24
CA GLU B 728 21.81 -17.81 22.93
C GLU B 728 21.41 -17.58 21.47
N PRO B 729 20.13 -17.35 21.21
CA PRO B 729 19.68 -17.17 19.83
C PRO B 729 20.17 -15.86 19.26
N VAL B 730 21.18 -15.92 18.38
CA VAL B 730 21.67 -14.72 17.74
C VAL B 730 20.63 -14.18 16.77
N LEU B 731 19.93 -15.07 16.07
CA LEU B 731 18.97 -14.70 15.04
C LEU B 731 17.66 -15.42 15.34
N VAL B 732 16.64 -14.65 15.71
CA VAL B 732 15.32 -15.20 16.05
C VAL B 732 14.41 -15.07 14.84
N TYR B 733 13.55 -16.05 14.65
CA TYR B 733 12.70 -16.09 13.46
C TYR B 733 11.54 -17.04 13.71
N SER B 734 10.32 -16.54 13.56
CA SER B 734 9.09 -17.32 13.79
C SER B 734 9.18 -17.95 15.18
N ASN B 735 9.04 -19.26 15.31
CA ASN B 735 9.05 -19.92 16.62
C ASN B 735 10.44 -20.36 17.06
N ILE B 736 11.48 -20.12 16.25
CA ILE B 736 12.79 -20.70 16.50
C ILE B 736 13.80 -19.58 16.70
N GLY B 737 14.96 -19.96 17.20
CA GLY B 737 16.11 -19.08 17.34
C GLY B 737 17.38 -19.86 17.10
N VAL B 738 18.34 -19.26 16.40
CA VAL B 738 19.56 -19.95 16.02
C VAL B 738 20.75 -19.21 16.62
N CYS B 739 21.70 -19.97 17.16
CA CYS B 739 22.91 -19.39 17.72
C CYS B 739 23.95 -19.20 16.61
N LYS B 740 25.05 -18.55 16.97
CA LYS B 740 26.11 -18.32 15.99
C LYS B 740 26.93 -19.59 15.69
N SER B 741 26.78 -20.63 16.49
CA SER B 741 27.45 -21.90 16.24
C SER B 741 26.65 -22.82 15.32
N GLY B 742 25.44 -22.43 14.95
CA GLY B 742 24.58 -23.24 14.10
C GLY B 742 23.52 -24.02 14.84
N SER B 743 23.56 -24.02 16.18
CA SER B 743 22.56 -24.73 16.95
C SER B 743 21.21 -24.04 16.85
N ILE B 744 20.15 -24.85 16.74
CA ILE B 744 18.78 -24.34 16.68
C ILE B 744 18.08 -24.72 17.97
N GLY B 745 17.11 -23.91 18.37
CA GLY B 745 16.29 -24.22 19.52
C GLY B 745 15.08 -23.32 19.54
N TYR B 746 14.28 -23.48 20.58
CA TYR B 746 13.17 -22.59 20.82
C TYR B 746 13.61 -21.44 21.70
N VAL B 747 12.99 -20.28 21.50
CA VAL B 747 13.29 -19.12 22.33
C VAL B 747 12.64 -19.36 23.69
N PRO B 748 13.42 -19.48 24.77
CA PRO B 748 12.81 -19.77 26.07
C PRO B 748 12.01 -18.58 26.57
N SER B 749 10.95 -18.89 27.31
CA SER B 749 10.10 -17.85 27.88
C SER B 749 10.89 -17.12 28.95
N GLN B 750 11.27 -15.87 28.65
CA GLN B 750 12.08 -15.09 29.58
C GLN B 750 11.29 -14.78 30.84
N SER B 751 11.95 -14.91 31.98
CA SER B 751 11.34 -14.58 33.26
C SER B 751 11.47 -13.07 33.47
N GLY B 752 10.35 -12.36 33.38
CA GLY B 752 10.35 -10.92 33.49
C GLY B 752 10.46 -10.44 34.92
N GLN B 753 10.48 -9.12 35.05
CA GLN B 753 10.57 -8.50 36.37
C GLN B 753 9.26 -8.73 37.13
N VAL B 754 9.39 -9.16 38.38
CA VAL B 754 8.22 -9.47 39.19
C VAL B 754 7.67 -8.18 39.80
N LYS B 755 6.34 -8.08 39.84
CA LYS B 755 5.65 -6.93 40.42
C LYS B 755 4.78 -7.39 41.57
N ILE B 756 4.84 -6.69 42.69
CA ILE B 756 4.10 -7.07 43.88
C ILE B 756 2.68 -6.52 43.78
N ALA B 757 1.70 -7.42 43.78
CA ALA B 757 0.31 -6.98 43.77
C ALA B 757 -0.05 -6.40 45.13
N PRO B 758 -0.73 -5.26 45.16
CA PRO B 758 -1.06 -4.65 46.46
C PRO B 758 -2.09 -5.47 47.21
N THR B 759 -2.05 -5.35 48.54
CA THR B 759 -3.00 -6.05 49.40
C THR B 759 -3.11 -5.31 50.72
N VAL B 760 -4.09 -5.74 51.52
CA VAL B 760 -4.41 -5.07 52.77
C VAL B 760 -3.77 -5.77 53.97
N THR B 761 -3.67 -7.10 53.94
CA THR B 761 -3.16 -7.84 55.09
C THR B 761 -2.48 -9.11 54.64
N GLY B 762 -1.66 -9.65 55.54
CA GLY B 762 -0.93 -10.89 55.29
C GLY B 762 0.54 -10.59 54.98
N ASN B 763 1.29 -11.64 54.70
CA ASN B 763 2.67 -11.43 54.29
C ASN B 763 2.72 -10.67 52.98
N ILE B 764 3.61 -9.67 52.93
CA ILE B 764 3.90 -8.92 51.72
C ILE B 764 5.41 -8.81 51.61
N SER B 765 5.87 -8.40 50.43
CA SER B 765 7.29 -8.24 50.17
C SER B 765 7.52 -6.85 49.59
N ILE B 766 8.29 -6.03 50.30
CA ILE B 766 8.65 -4.70 49.83
C ILE B 766 10.00 -4.81 49.12
N PRO B 767 10.10 -4.46 47.85
CA PRO B 767 11.39 -4.54 47.15
C PRO B 767 12.40 -3.56 47.73
N THR B 768 13.67 -3.92 47.63
CA THR B 768 14.76 -3.11 48.16
C THR B 768 16.07 -3.56 47.52
N ASN B 769 17.14 -2.86 47.90
CA ASN B 769 18.45 -2.98 47.24
C ASN B 769 18.35 -2.64 45.76
N PHE B 770 17.77 -1.47 45.47
CA PHE B 770 17.54 -1.10 44.09
C PHE B 770 18.85 -0.84 43.36
N SER B 771 18.94 -1.36 42.14
CA SER B 771 20.04 -1.09 41.23
C SER B 771 19.44 -0.62 39.92
N MET B 772 20.07 0.39 39.33
CA MET B 772 19.49 1.07 38.17
C MET B 772 20.12 0.56 36.88
N SER B 773 19.27 0.18 35.93
CA SER B 773 19.69 -0.40 34.67
C SER B 773 19.09 0.43 33.54
N ILE B 774 19.87 0.63 32.48
CA ILE B 774 19.47 1.43 31.33
C ILE B 774 18.95 0.52 30.24
N ARG B 775 17.75 0.81 29.75
CA ARG B 775 17.17 0.14 28.60
C ARG B 775 17.08 1.13 27.46
N THR B 776 17.47 0.69 26.27
CA THR B 776 17.61 1.56 25.11
C THR B 776 16.45 1.40 24.15
N GLU B 777 16.04 2.51 23.52
CA GLU B 777 14.98 2.45 22.52
C GLU B 777 15.22 3.53 21.46
N TYR B 778 15.26 3.11 20.21
CA TYR B 778 15.46 4.01 19.08
C TYR B 778 14.11 4.33 18.45
N LEU B 779 13.84 5.62 18.25
CA LEU B 779 12.60 6.07 17.65
C LEU B 779 12.91 7.00 16.48
N GLN B 780 12.41 6.65 15.30
CA GLN B 780 12.66 7.44 14.11
C GLN B 780 11.76 8.66 14.10
N LEU B 781 12.29 9.80 13.65
CA LEU B 781 11.56 11.05 13.66
C LEU B 781 11.13 11.52 12.29
N TYR B 782 11.93 11.29 11.24
CA TYR B 782 11.61 11.83 9.93
C TYR B 782 12.22 10.96 8.85
N ASN B 783 11.77 11.18 7.62
CA ASN B 783 12.37 10.64 6.42
C ASN B 783 13.01 11.77 5.63
N THR B 784 13.81 11.39 4.64
CA THR B 784 14.40 12.38 3.75
C THR B 784 13.43 12.70 2.62
N PRO B 785 13.03 13.95 2.46
CA PRO B 785 12.06 14.28 1.41
C PRO B 785 12.61 13.96 0.03
N VAL B 786 11.73 13.50 -0.85
CA VAL B 786 12.07 13.22 -2.24
C VAL B 786 11.04 13.88 -3.13
N SER B 787 11.50 14.71 -4.05
CA SER B 787 10.63 15.34 -5.04
C SER B 787 10.90 14.70 -6.39
N VAL B 788 9.87 14.14 -6.99
CA VAL B 788 9.98 13.45 -8.27
C VAL B 788 9.21 14.25 -9.30
N ASP B 789 9.93 14.73 -10.32
CA ASP B 789 9.28 15.41 -11.44
C ASP B 789 8.78 14.33 -12.39
N CYS B 790 7.49 14.00 -12.27
CA CYS B 790 6.95 12.86 -13.00
C CYS B 790 7.06 13.05 -14.50
N ALA B 791 6.96 14.30 -14.98
CA ALA B 791 7.08 14.54 -16.41
C ALA B 791 8.43 14.11 -16.93
N THR B 792 9.50 14.49 -16.24
CA THR B 792 10.84 14.11 -16.71
C THR B 792 11.16 12.66 -16.43
N TYR B 793 10.59 12.07 -15.37
CA TYR B 793 10.84 10.66 -15.12
C TYR B 793 10.18 9.80 -16.19
N VAL B 794 8.93 10.10 -16.53
CA VAL B 794 8.19 9.28 -17.48
C VAL B 794 8.58 9.62 -18.91
N CYS B 795 8.47 10.89 -19.28
CA CYS B 795 8.71 11.27 -20.67
C CYS B 795 10.18 11.46 -21.00
N ASN B 796 11.05 11.53 -19.99
CA ASN B 796 12.48 11.72 -20.20
C ASN B 796 12.75 12.99 -21.01
N GLY B 797 12.01 14.05 -20.71
CA GLY B 797 12.19 15.31 -21.40
C GLY B 797 11.74 15.33 -22.85
N ASN B 798 11.17 14.24 -23.35
CA ASN B 798 10.68 14.21 -24.72
C ASN B 798 9.38 15.00 -24.81
N SER B 799 9.33 15.97 -25.72
CA SER B 799 8.16 16.83 -25.80
C SER B 799 6.98 16.12 -26.41
N ARG B 800 7.21 15.18 -27.34
CA ARG B 800 6.11 14.44 -27.93
C ARG B 800 5.44 13.53 -26.90
N CYS B 801 6.23 12.90 -26.03
CA CYS B 801 5.66 11.99 -25.04
C CYS B 801 4.86 12.75 -23.99
N LYS B 802 5.19 14.02 -23.74
CA LYS B 802 4.42 14.80 -22.78
C LYS B 802 2.99 15.00 -23.24
N GLN B 803 2.76 15.08 -24.56
CA GLN B 803 1.41 15.20 -25.08
C GLN B 803 0.58 13.96 -24.72
N LEU B 804 1.17 12.77 -24.84
CA LEU B 804 0.46 11.56 -24.45
C LEU B 804 0.29 11.47 -22.94
N LEU B 805 1.26 11.97 -22.18
CA LEU B 805 1.12 11.96 -20.73
C LEU B 805 -0.05 12.81 -20.27
N THR B 806 -0.32 13.92 -20.96
CA THR B 806 -1.45 14.76 -20.58
C THR B 806 -2.77 14.04 -20.70
N GLN B 807 -2.87 13.01 -21.54
CA GLN B 807 -4.10 12.24 -21.65
C GLN B 807 -4.38 11.41 -20.41
N TYR B 808 -3.40 11.28 -19.51
CA TYR B 808 -3.59 10.55 -18.27
C TYR B 808 -4.06 11.44 -17.14
N THR B 809 -4.38 12.70 -17.43
CA THR B 809 -4.98 13.64 -16.49
C THR B 809 -4.12 13.83 -15.26
N ALA B 810 -4.62 13.38 -14.11
CA ALA B 810 -4.08 13.79 -12.83
C ALA B 810 -3.19 12.73 -12.19
N ALA B 811 -2.79 11.72 -12.96
CA ALA B 811 -1.93 10.68 -12.40
C ALA B 811 -0.62 11.28 -11.93
N CYS B 812 0.05 12.02 -12.81
CA CYS B 812 1.29 12.69 -12.41
C CYS B 812 1.04 13.72 -11.33
N LYS B 813 -0.06 14.47 -11.45
CA LYS B 813 -0.37 15.51 -10.46
C LYS B 813 -0.51 14.93 -9.06
N THR B 814 -1.23 13.82 -8.92
CA THR B 814 -1.44 13.27 -7.58
C THR B 814 -0.19 12.62 -7.00
N ILE B 815 0.66 12.05 -7.85
CA ILE B 815 1.93 11.51 -7.36
C ILE B 815 2.75 12.62 -6.70
N GLU B 816 2.93 13.74 -7.40
CA GLU B 816 3.71 14.84 -6.84
C GLU B 816 3.04 15.42 -5.60
N SER B 817 1.71 15.53 -5.62
CA SER B 817 1.00 16.09 -4.48
C SER B 817 1.16 15.22 -3.23
N ALA B 818 1.08 13.90 -3.40
CA ALA B 818 1.23 13.00 -2.25
C ALA B 818 2.61 13.14 -1.63
N LEU B 819 3.66 13.10 -2.44
CA LEU B 819 5.02 13.21 -1.91
C LEU B 819 5.23 14.54 -1.20
N GLN B 820 4.79 15.64 -1.81
CA GLN B 820 5.01 16.96 -1.24
C GLN B 820 4.25 17.12 0.07
N LEU B 821 3.00 16.65 0.14
CA LEU B 821 2.23 16.80 1.36
C LEU B 821 2.84 16.01 2.51
N SER B 822 3.29 14.79 2.24
CA SER B 822 3.95 14.00 3.28
C SER B 822 5.15 14.74 3.85
N ALA B 823 6.00 15.28 2.96
CA ALA B 823 7.20 15.98 3.42
C ALA B 823 6.84 17.21 4.24
N ARG B 824 5.83 17.97 3.80
CA ARG B 824 5.49 19.21 4.51
C ARG B 824 4.90 18.92 5.88
N LEU B 825 4.03 17.91 6.00
CA LEU B 825 3.50 17.54 7.31
C LEU B 825 4.59 17.10 8.26
N GLU B 826 5.50 16.24 7.78
CA GLU B 826 6.59 15.79 8.64
C GLU B 826 7.51 16.95 9.01
N SER B 827 7.74 17.87 8.06
CA SER B 827 8.63 18.99 8.33
C SER B 827 8.08 19.89 9.43
N VAL B 828 6.80 20.28 9.31
CA VAL B 828 6.22 21.18 10.29
C VAL B 828 6.14 20.51 11.66
N GLU B 829 5.83 19.20 11.69
CA GLU B 829 5.71 18.51 12.97
C GLU B 829 7.03 18.51 13.72
N VAL B 830 8.13 18.18 13.04
CA VAL B 830 9.39 18.05 13.76
C VAL B 830 10.08 19.39 13.98
N ASN B 831 9.68 20.46 13.27
CA ASN B 831 10.17 21.77 13.66
C ASN B 831 9.46 22.28 14.89
N SER B 832 8.16 21.97 15.03
CA SER B 832 7.47 22.33 16.25
C SER B 832 7.86 21.43 17.41
N MET B 833 8.25 20.19 17.10
CA MET B 833 8.66 19.26 18.15
C MET B 833 9.98 19.70 18.78
N LEU B 834 10.97 20.01 17.95
CA LEU B 834 12.32 20.27 18.43
C LEU B 834 12.38 21.69 18.95
N THR B 835 12.06 21.85 20.23
CA THR B 835 12.22 23.12 20.92
C THR B 835 13.47 23.07 21.77
N ILE B 836 14.30 24.10 21.66
CA ILE B 836 15.62 24.12 22.28
C ILE B 836 15.70 25.33 23.20
N SER B 837 16.18 25.12 24.42
CA SER B 837 16.35 26.18 25.39
C SER B 837 17.83 26.52 25.49
N GLU B 838 18.13 27.81 25.61
CA GLU B 838 19.52 28.24 25.60
C GLU B 838 20.20 27.92 26.92
N GLU B 839 19.52 28.17 28.05
CA GLU B 839 20.13 27.91 29.34
C GLU B 839 20.43 26.43 29.54
N ALA B 840 19.51 25.57 29.11
CA ALA B 840 19.74 24.13 29.18
C ALA B 840 20.97 23.72 28.39
N LEU B 841 21.20 24.37 27.25
CA LEU B 841 22.44 24.14 26.49
C LEU B 841 23.66 24.55 27.29
N GLN B 842 23.59 25.69 27.98
CA GLN B 842 24.73 26.14 28.77
C GLN B 842 25.10 25.14 29.85
N LEU B 843 24.12 24.41 30.37
CA LEU B 843 24.37 23.38 31.37
C LEU B 843 24.62 22.01 30.75
N ALA B 844 24.70 21.91 29.43
CA ALA B 844 24.82 20.63 28.75
C ALA B 844 26.26 20.33 28.34
N THR B 845 27.22 21.09 28.83
CA THR B 845 28.62 20.90 28.51
C THR B 845 29.32 20.15 29.63
N ILE B 846 30.43 19.50 29.29
CA ILE B 846 31.16 18.71 30.28
C ILE B 846 31.70 19.61 31.38
N SER B 847 32.12 20.83 31.03
CA SER B 847 32.62 21.76 32.02
C SER B 847 31.53 22.19 32.99
N SER B 848 30.31 22.45 32.49
CA SER B 848 29.25 22.96 33.34
C SER B 848 28.54 21.84 34.09
N PHE B 849 28.21 20.75 33.39
CA PHE B 849 27.55 19.63 34.03
C PHE B 849 28.44 19.02 35.10
N ASN B 850 27.83 18.61 36.21
CA ASN B 850 28.55 17.93 37.28
C ASN B 850 27.68 16.76 37.74
N GLY B 851 27.86 15.61 37.10
CA GLY B 851 27.21 14.41 37.55
C GLY B 851 28.02 13.76 38.65
N ASP B 852 27.92 14.32 39.86
CA ASP B 852 28.78 13.86 40.95
C ASP B 852 28.50 12.40 41.26
N GLY B 853 29.43 11.53 40.85
CA GLY B 853 29.25 10.11 40.94
C GLY B 853 28.64 9.48 39.72
N TYR B 854 27.98 10.27 38.88
CA TYR B 854 27.33 9.78 37.66
C TYR B 854 28.18 10.19 36.48
N ASN B 855 28.81 9.22 35.82
CA ASN B 855 29.74 9.48 34.74
C ASN B 855 28.96 9.78 33.46
N PHE B 856 28.84 11.06 33.14
CA PHE B 856 28.11 11.51 31.96
C PHE B 856 29.03 11.85 30.80
N THR B 857 30.31 11.50 30.88
CA THR B 857 31.25 11.88 29.82
C THR B 857 30.86 11.26 28.48
N ASN B 858 30.46 9.99 28.48
CA ASN B 858 30.02 9.34 27.25
C ASN B 858 28.69 9.87 26.74
N VAL B 859 27.97 10.67 27.53
CA VAL B 859 26.64 11.12 27.14
C VAL B 859 26.69 12.55 26.62
N LEU B 860 27.64 13.34 27.10
CA LEU B 860 27.74 14.74 26.73
C LEU B 860 28.80 14.94 25.66
N GLY B 861 28.64 16.01 24.88
CA GLY B 861 29.55 16.33 23.80
C GLY B 861 30.35 17.58 24.12
N VAL B 862 31.59 17.61 23.62
CA VAL B 862 32.45 18.76 23.85
C VAL B 862 32.05 19.91 22.93
N SER B 863 32.40 21.12 23.33
CA SER B 863 32.13 22.31 22.53
C SER B 863 33.29 23.28 22.67
N VAL B 864 33.86 23.68 21.52
CA VAL B 864 34.99 24.60 21.49
C VAL B 864 34.74 25.63 20.40
N TYR B 865 35.48 26.73 20.46
CA TYR B 865 35.40 27.76 19.44
C TYR B 865 35.98 27.21 18.14
N ASP B 866 35.15 27.18 17.11
CA ASP B 866 35.56 26.57 15.84
C ASP B 866 36.21 27.62 14.94
N PRO B 867 37.43 27.38 14.45
CA PRO B 867 37.99 28.27 13.42
C PRO B 867 37.15 28.31 12.15
N ALA B 868 36.25 27.34 11.96
CA ALA B 868 35.39 27.32 10.79
C ALA B 868 34.33 28.40 10.94
N ARG B 869 34.62 29.59 10.40
CA ARG B 869 33.72 30.73 10.40
C ARG B 869 33.42 31.25 11.80
N GLY B 870 34.27 30.93 12.78
CA GLY B 870 34.21 31.55 14.08
C GLY B 870 33.13 31.00 15.00
N ARG B 871 32.04 30.50 14.42
CA ARG B 871 30.93 30.00 15.22
C ARG B 871 31.37 28.83 16.09
N VAL B 872 30.98 28.87 17.37
CA VAL B 872 31.34 27.81 18.28
C VAL B 872 30.61 26.54 17.87
N VAL B 873 31.34 25.43 17.85
CA VAL B 873 30.78 24.15 17.45
C VAL B 873 30.82 23.21 18.64
N GLN B 874 29.77 22.41 18.79
CA GLN B 874 29.68 21.40 19.83
C GLN B 874 29.71 20.04 19.16
N LYS B 875 30.81 19.32 19.34
CA LYS B 875 30.94 17.99 18.75
C LYS B 875 29.95 17.03 19.40
N ARG B 876 29.57 16.01 18.65
CA ARG B 876 28.65 15.01 19.16
C ARG B 876 29.30 14.25 20.32
N SER B 877 28.46 13.75 21.22
CA SER B 877 28.96 12.96 22.33
C SER B 877 29.59 11.67 21.82
N PHE B 878 30.27 10.98 22.72
CA PHE B 878 30.95 9.74 22.34
C PHE B 878 29.97 8.71 21.83
N ILE B 879 28.82 8.57 22.50
CA ILE B 879 27.82 7.61 22.06
C ILE B 879 27.22 8.04 20.73
N GLU B 880 27.00 9.34 20.55
CA GLU B 880 26.47 9.83 19.28
C GLU B 880 27.45 9.56 18.14
N ASP B 881 28.75 9.78 18.40
CA ASP B 881 29.74 9.47 17.38
C ASP B 881 29.75 7.99 17.06
N LEU B 882 29.66 7.15 18.10
CA LEU B 882 29.60 5.70 17.86
C LEU B 882 28.38 5.34 17.05
N LEU B 883 27.24 5.96 17.35
CA LEU B 883 25.99 5.61 16.68
C LEU B 883 25.95 6.14 15.26
N PHE B 884 26.65 7.23 14.98
CA PHE B 884 26.63 7.81 13.66
C PHE B 884 27.70 7.23 12.74
N ASN B 885 28.96 7.22 13.20
CA ASN B 885 30.05 6.86 12.31
C ASN B 885 29.97 5.41 11.86
N LYS B 886 29.79 4.49 12.81
CA LYS B 886 29.86 3.07 12.47
C LYS B 886 28.66 2.61 11.64
N VAL B 887 27.57 3.37 11.64
CA VAL B 887 26.35 2.96 10.97
C VAL B 887 26.19 3.67 9.63
N VAL B 888 26.43 4.98 9.58
CA VAL B 888 26.22 5.73 8.35
C VAL B 888 27.19 5.24 7.29
N THR B 889 26.65 4.81 6.15
CA THR B 889 27.50 4.25 5.10
C THR B 889 28.41 5.31 4.49
N ASN B 890 28.00 6.58 4.54
CA ASN B 890 28.82 7.68 4.04
C ASN B 890 29.63 8.35 5.14
N GLY B 891 29.60 7.83 6.36
CA GLY B 891 30.35 8.39 7.45
C GLY B 891 29.66 9.54 8.16
N LEU B 892 29.29 10.57 7.42
CA LEU B 892 28.67 11.76 7.98
C LEU B 892 27.40 12.11 7.23
N GLY B 893 26.50 12.81 7.92
CA GLY B 893 25.27 13.28 7.30
C GLY B 893 25.48 14.44 6.35
N THR B 894 26.64 15.11 6.44
CA THR B 894 26.95 16.21 5.53
C THR B 894 27.28 15.74 4.12
N VAL B 895 27.38 14.42 3.90
CA VAL B 895 27.66 13.87 2.58
C VAL B 895 26.44 13.97 1.67
N ASP B 896 25.33 14.50 2.17
CA ASP B 896 24.15 14.73 1.35
C ASP B 896 24.51 15.58 0.15
N GLU B 897 24.42 14.99 -1.03
CA GLU B 897 24.99 15.58 -2.23
C GLU B 897 24.25 16.84 -2.63
N ASP B 898 24.95 17.71 -3.35
CA ASP B 898 24.40 18.96 -3.84
C ASP B 898 24.24 18.88 -5.35
N TYR B 899 23.15 19.44 -5.85
CA TYR B 899 22.86 19.40 -7.27
C TYR B 899 23.42 20.60 -8.01
N LYS B 900 24.13 21.49 -7.31
CA LYS B 900 24.75 22.63 -7.96
C LYS B 900 25.77 22.18 -8.99
N ARG B 901 26.57 21.18 -8.66
CA ARG B 901 27.56 20.64 -9.57
C ARG B 901 27.00 19.60 -10.51
N CYS B 902 25.71 19.26 -10.38
CA CYS B 902 25.11 18.26 -11.24
C CYS B 902 24.82 18.78 -12.64
N SER B 903 24.46 20.06 -12.75
CA SER B 903 24.16 20.66 -14.04
C SER B 903 25.41 21.08 -14.81
N ASN B 904 26.59 20.93 -14.22
CA ASN B 904 27.81 21.34 -14.89
C ASN B 904 28.04 20.53 -16.17
N GLY B 905 28.01 19.21 -16.06
CA GLY B 905 28.22 18.36 -17.21
C GLY B 905 29.67 18.21 -17.63
N ARG B 906 30.61 18.79 -16.89
CA ARG B 906 32.02 18.69 -17.22
C ARG B 906 32.69 17.48 -16.58
N SER B 907 31.93 16.63 -15.90
CA SER B 907 32.44 15.40 -15.33
C SER B 907 31.42 14.30 -15.54
N VAL B 908 31.90 13.05 -15.54
CA VAL B 908 31.00 11.92 -15.72
C VAL B 908 30.11 11.80 -14.49
N ALA B 909 28.81 11.66 -14.71
CA ALA B 909 27.83 11.73 -13.63
C ALA B 909 27.99 10.55 -12.69
N ASP B 910 27.87 10.82 -11.39
CA ASP B 910 27.86 9.77 -10.39
C ASP B 910 26.42 9.32 -10.17
N LEU B 911 26.19 8.55 -9.10
CA LEU B 911 24.85 8.00 -8.85
C LEU B 911 23.82 9.10 -8.64
N VAL B 912 24.15 10.11 -7.82
CA VAL B 912 23.19 11.15 -7.51
C VAL B 912 22.86 11.98 -8.75
N CYS B 913 23.88 12.33 -9.54
CA CYS B 913 23.63 13.08 -10.76
C CYS B 913 22.85 12.26 -11.77
N ALA B 914 23.16 10.96 -11.87
CA ALA B 914 22.45 10.12 -12.83
C ALA B 914 20.97 10.04 -12.50
N GLN B 915 20.62 9.92 -11.21
CA GLN B 915 19.22 9.85 -10.84
C GLN B 915 18.55 11.22 -10.88
N TYR B 916 19.33 12.30 -10.73
CA TYR B 916 18.74 13.63 -10.90
C TYR B 916 18.38 13.88 -12.36
N TYR B 917 19.18 13.33 -13.29
CA TYR B 917 18.84 13.43 -14.71
C TYR B 917 17.54 12.73 -15.03
N SER B 918 17.08 11.84 -14.16
CA SER B 918 15.80 11.16 -14.33
C SER B 918 14.68 11.83 -13.55
N GLY B 919 14.93 13.01 -12.99
CA GLY B 919 13.89 13.77 -12.34
C GLY B 919 13.66 13.47 -10.87
N VAL B 920 14.64 12.85 -10.20
CA VAL B 920 14.53 12.55 -8.78
C VAL B 920 15.51 13.42 -8.02
N MET B 921 14.98 14.20 -7.08
CA MET B 921 15.77 15.13 -6.29
C MET B 921 15.57 14.81 -4.82
N VAL B 922 16.64 14.40 -4.15
CA VAL B 922 16.58 14.04 -2.74
C VAL B 922 16.99 15.28 -1.94
N LEU B 923 16.00 15.98 -1.40
CA LEU B 923 16.27 17.17 -0.64
C LEU B 923 16.80 16.82 0.74
N PRO B 924 17.52 17.75 1.39
CA PRO B 924 18.09 17.45 2.70
C PRO B 924 17.02 17.16 3.73
N GLY B 925 17.39 16.34 4.72
CA GLY B 925 16.48 16.06 5.81
C GLY B 925 16.07 17.31 6.56
N VAL B 926 15.00 17.20 7.33
CA VAL B 926 14.42 18.39 7.94
C VAL B 926 15.39 19.01 8.94
N VAL B 927 16.06 18.18 9.73
CA VAL B 927 17.04 18.65 10.71
C VAL B 927 18.32 17.84 10.57
N ASP B 928 19.45 18.54 10.63
CA ASP B 928 20.76 17.90 10.57
C ASP B 928 21.07 17.22 11.90
N ALA B 929 22.21 16.54 11.95
CA ALA B 929 22.64 15.91 13.20
C ALA B 929 23.01 16.95 14.24
N GLU B 930 23.44 18.15 13.81
CA GLU B 930 23.87 19.16 14.78
C GLU B 930 22.69 19.70 15.57
N LYS B 931 21.60 20.06 14.88
CA LYS B 931 20.42 20.54 15.60
C LYS B 931 19.80 19.41 16.41
N LEU B 932 19.85 18.19 15.89
CA LEU B 932 19.33 17.04 16.61
C LEU B 932 20.15 16.78 17.87
N HIS B 933 21.48 16.83 17.75
CA HIS B 933 22.32 16.70 18.93
C HIS B 933 22.12 17.87 19.89
N MET B 934 21.90 19.07 19.35
CA MET B 934 21.64 20.23 20.19
C MET B 934 20.37 20.03 20.99
N TYR B 935 19.33 19.47 20.35
CA TYR B 935 18.10 19.16 21.06
C TYR B 935 18.34 18.14 22.17
N SER B 936 19.11 17.10 21.87
CA SER B 936 19.41 16.09 22.89
C SER B 936 20.14 16.69 24.07
N ALA B 937 21.14 17.52 23.81
CA ALA B 937 21.87 18.18 24.89
C ALA B 937 20.95 19.11 25.68
N SER B 938 20.01 19.76 25.00
CA SER B 938 19.07 20.64 25.70
C SER B 938 18.25 19.87 26.72
N LEU B 939 17.75 18.69 26.35
CA LEU B 939 16.99 17.88 27.31
C LEU B 939 17.86 17.45 28.47
N ILE B 940 19.07 16.98 28.17
CA ILE B 940 19.96 16.50 29.23
C ILE B 940 20.30 17.62 30.19
N GLY B 941 20.58 18.81 29.67
CA GLY B 941 20.90 19.94 30.52
C GLY B 941 19.71 20.54 31.23
N GLY B 942 18.51 20.37 30.68
CA GLY B 942 17.33 20.89 31.33
C GLY B 942 16.84 20.06 32.49
N MET B 943 17.19 18.77 32.54
CA MET B 943 16.84 17.96 33.69
C MET B 943 17.64 18.32 34.94
N VAL B 944 18.66 19.16 34.82
CA VAL B 944 19.41 19.63 35.98
C VAL B 944 19.30 21.15 36.13
N LEU B 945 18.28 21.74 35.50
CA LEU B 945 18.03 23.18 35.59
C LEU B 945 16.92 23.40 36.62
N GLY B 946 17.30 23.85 37.81
CA GLY B 946 16.33 24.03 38.86
C GLY B 946 15.67 25.39 38.92
N GLY B 947 15.95 26.27 37.96
CA GLY B 947 15.39 27.60 37.98
C GLY B 947 15.32 28.18 36.60
N PHE B 948 14.92 29.46 36.53
CA PHE B 948 14.84 30.13 35.24
C PHE B 948 16.21 30.46 34.68
N THR B 949 17.19 30.71 35.54
CA THR B 949 18.51 31.13 35.11
C THR B 949 19.53 30.04 35.43
N ALA B 950 20.76 30.27 34.98
CA ALA B 950 21.86 29.35 35.25
C ALA B 950 22.30 29.38 36.71
N ALA B 951 21.80 30.33 37.50
CA ALA B 951 22.13 30.40 38.92
C ALA B 951 21.57 29.25 39.71
N ALA B 952 20.66 28.46 39.13
CA ALA B 952 20.05 27.32 39.81
C ALA B 952 20.53 25.99 39.24
N ALA B 953 21.78 25.94 38.77
CA ALA B 953 22.34 24.69 38.29
C ALA B 953 22.48 23.71 39.45
N LEU B 954 22.24 22.43 39.18
CA LEU B 954 22.21 21.41 40.22
C LEU B 954 23.21 20.31 39.93
N PRO B 955 23.82 19.72 40.95
CA PRO B 955 24.49 18.44 40.77
C PRO B 955 23.47 17.39 40.39
N PHE B 956 23.88 16.43 39.56
CA PHE B 956 22.94 15.40 39.14
C PHE B 956 22.45 14.54 40.28
N SER B 957 23.21 14.45 41.38
CA SER B 957 22.75 13.69 42.53
C SER B 957 21.48 14.28 43.12
N TYR B 958 21.39 15.61 43.15
CA TYR B 958 20.20 16.27 43.67
C TYR B 958 18.98 16.00 42.80
N ALA B 959 19.16 16.04 41.47
CA ALA B 959 18.04 15.73 40.60
C ALA B 959 17.58 14.29 40.78
N VAL B 960 18.53 13.36 40.90
CA VAL B 960 18.17 11.98 41.14
C VAL B 960 17.49 11.83 42.49
N GLN B 961 17.99 12.55 43.50
CA GLN B 961 17.39 12.50 44.82
C GLN B 961 15.96 13.01 44.81
N ALA B 962 15.71 14.09 44.07
CA ALA B 962 14.35 14.61 43.96
C ALA B 962 13.43 13.61 43.28
N ARG B 963 13.91 12.98 42.20
CA ARG B 963 13.09 12.01 41.48
C ARG B 963 12.90 10.72 42.26
N LEU B 964 13.77 10.43 43.23
CA LEU B 964 13.52 9.29 44.12
C LEU B 964 12.42 9.62 45.11
N ASN B 965 12.44 10.82 45.68
CA ASN B 965 11.35 11.24 46.56
C ASN B 965 10.01 11.18 45.86
N TYR B 966 9.99 11.41 44.55
CA TYR B 966 8.74 11.44 43.81
C TYR B 966 8.04 10.09 43.83
N LEU B 967 8.78 9.00 43.69
CA LEU B 967 8.14 7.68 43.62
C LEU B 967 8.05 7.01 44.99
N ALA B 968 8.96 7.33 45.90
CA ALA B 968 8.92 6.78 47.25
C ALA B 968 9.72 7.67 48.17
N LEU B 969 9.06 8.25 49.17
CA LEU B 969 9.73 9.18 50.07
C LEU B 969 10.91 8.51 50.76
N GLN B 970 12.06 9.17 50.75
CA GLN B 970 13.27 8.62 51.33
C GLN B 970 13.30 8.84 52.83
N THR B 971 13.54 7.75 53.58
CA THR B 971 13.61 7.82 55.03
C THR B 971 15.01 7.62 55.59
N ASP B 972 15.97 7.22 54.76
CA ASP B 972 17.36 7.10 55.20
C ASP B 972 18.26 7.35 53.99
N VAL B 973 18.68 8.60 53.83
CA VAL B 973 19.58 8.98 52.73
C VAL B 973 20.99 8.99 53.29
N LEU B 974 21.63 7.83 53.22
CA LEU B 974 23.05 7.70 53.52
C LEU B 974 23.86 7.91 52.26
N GLN B 975 25.14 8.22 52.43
CA GLN B 975 26.02 8.38 51.28
C GLN B 975 26.08 7.08 50.48
N ARG B 976 26.21 5.95 51.18
CA ARG B 976 26.25 4.66 50.49
C ARG B 976 24.97 4.41 49.71
N ASN B 977 23.85 4.93 50.20
CA ASN B 977 22.58 4.76 49.49
C ASN B 977 22.64 5.39 48.11
N GLN B 978 23.23 6.59 48.00
CA GLN B 978 23.42 7.23 46.71
C GLN B 978 24.58 6.61 45.94
N GLN B 979 25.65 6.17 46.64
CA GLN B 979 26.82 5.64 45.95
C GLN B 979 26.49 4.34 45.21
N LEU B 980 25.61 3.51 45.78
CA LEU B 980 25.26 2.27 45.10
C LEU B 980 24.59 2.55 43.76
N LEU B 981 23.66 3.50 43.73
CA LEU B 981 23.02 3.86 42.47
C LEU B 981 24.03 4.45 41.50
N ALA B 982 24.92 5.31 41.99
CA ALA B 982 25.93 5.91 41.13
C ALA B 982 26.86 4.84 40.57
N GLU B 983 27.29 3.91 41.42
CA GLU B 983 28.17 2.84 40.95
C GLU B 983 27.46 1.96 39.93
N SER B 984 26.20 1.61 40.20
CA SER B 984 25.43 0.81 39.25
C SER B 984 25.22 1.55 37.93
N PHE B 985 24.93 2.85 38.00
CA PHE B 985 24.74 3.62 36.78
C PHE B 985 26.02 3.70 35.96
N ASN B 986 27.16 3.93 36.62
CA ASN B 986 28.42 4.02 35.90
C ASN B 986 28.75 2.70 35.22
N SER B 987 28.59 1.59 35.93
CA SER B 987 28.85 0.29 35.32
C SER B 987 27.93 0.05 34.13
N ALA B 988 26.65 0.38 34.28
CA ALA B 988 25.68 0.13 33.21
C ALA B 988 25.93 1.02 32.00
N ILE B 989 26.29 2.29 32.22
CA ILE B 989 26.52 3.19 31.11
C ILE B 989 27.77 2.79 30.33
N GLY B 990 28.82 2.34 31.04
CA GLY B 990 29.99 1.84 30.34
C GLY B 990 29.68 0.60 29.52
N ASN B 991 28.76 -0.23 30.00
CA ASN B 991 28.38 -1.43 29.28
C ASN B 991 27.62 -1.09 28.01
N ILE B 992 26.80 -0.04 28.06
CA ILE B 992 26.13 0.44 26.85
C ILE B 992 27.18 0.90 25.84
N THR B 993 28.17 1.67 26.29
CA THR B 993 29.20 2.16 25.39
C THR B 993 29.98 1.00 24.76
N SER B 994 30.33 0.00 25.56
CA SER B 994 31.03 -1.16 25.03
C SER B 994 30.14 -1.96 24.07
N ALA B 995 28.86 -2.07 24.38
CA ALA B 995 27.96 -2.82 23.51
C ALA B 995 27.82 -2.17 22.14
N PHE B 996 28.00 -0.85 22.06
CA PHE B 996 27.97 -0.18 20.77
C PHE B 996 29.21 -0.46 19.94
N GLU B 997 30.25 -1.03 20.52
CA GLU B 997 31.47 -1.33 19.79
C GLU B 997 31.61 -2.82 19.54
N ARG B 1008 20.64 -9.17 25.04
CA ARG B 1008 20.22 -9.03 23.66
C ARG B 1008 18.71 -9.08 23.54
N GLY B 1009 18.19 -8.75 22.37
CA GLY B 1009 16.77 -8.74 22.10
C GLY B 1009 16.20 -7.33 22.13
N LEU B 1010 14.87 -7.28 22.29
CA LEU B 1010 14.17 -6.01 22.30
C LEU B 1010 14.57 -5.18 23.51
N ASN B 1011 14.54 -3.86 23.33
CA ASN B 1011 14.87 -2.89 24.39
C ASN B 1011 16.32 -3.03 24.84
N THR B 1012 17.18 -3.53 23.96
CA THR B 1012 18.60 -3.63 24.19
C THR B 1012 19.34 -2.92 23.06
N VAL B 1013 20.66 -2.79 23.22
CA VAL B 1013 21.45 -2.04 22.25
C VAL B 1013 21.46 -2.75 20.90
N ALA B 1014 21.48 -4.09 20.92
CA ALA B 1014 21.53 -4.83 19.67
C ALA B 1014 20.30 -4.57 18.81
N HIS B 1015 19.11 -4.57 19.42
CA HIS B 1015 17.90 -4.28 18.66
C HIS B 1015 17.91 -2.85 18.12
N ALA B 1016 18.37 -1.90 18.93
CA ALA B 1016 18.44 -0.51 18.48
C ALA B 1016 19.36 -0.36 17.29
N LEU B 1017 20.52 -1.02 17.33
CA LEU B 1017 21.46 -0.91 16.22
C LEU B 1017 20.88 -1.49 14.94
N THR B 1018 20.19 -2.62 15.03
CA THR B 1018 19.56 -3.18 13.84
C THR B 1018 18.53 -2.23 13.25
N LYS B 1019 17.72 -1.60 14.10
CA LYS B 1019 16.73 -0.66 13.60
C LYS B 1019 17.40 0.53 12.90
N VAL B 1020 18.48 1.04 13.48
CA VAL B 1020 19.17 2.19 12.89
C VAL B 1020 19.71 1.84 11.51
N GLN B 1021 20.29 0.63 11.36
CA GLN B 1021 20.83 0.23 10.07
C GLN B 1021 19.73 0.15 9.01
N GLU B 1022 18.57 -0.40 9.36
CA GLU B 1022 17.47 -0.46 8.41
C GLU B 1022 17.01 0.95 8.02
N VAL B 1023 17.00 1.88 8.96
CA VAL B 1023 16.59 3.24 8.66
C VAL B 1023 17.52 3.86 7.62
N VAL B 1024 18.83 3.70 7.82
CA VAL B 1024 19.77 4.33 6.90
C VAL B 1024 19.81 3.61 5.55
N ASN B 1025 19.37 2.36 5.49
CA ASN B 1025 19.41 1.60 4.25
C ASN B 1025 18.11 1.69 3.47
N SER B 1026 16.98 1.91 4.15
CA SER B 1026 15.68 1.81 3.50
C SER B 1026 15.50 2.87 2.42
N GLN B 1027 15.94 4.10 2.70
CA GLN B 1027 15.73 5.19 1.75
C GLN B 1027 16.47 4.96 0.45
N GLY B 1028 17.74 4.57 0.53
CA GLY B 1028 18.50 4.29 -0.67
C GLY B 1028 17.93 3.15 -1.49
N ALA B 1029 17.46 2.10 -0.82
CA ALA B 1029 16.89 0.96 -1.54
C ALA B 1029 15.68 1.35 -2.38
N ALA B 1030 14.77 2.15 -1.83
CA ALA B 1030 13.58 2.54 -2.58
C ALA B 1030 13.93 3.37 -3.81
N LEU B 1031 14.85 4.32 -3.66
CA LEU B 1031 15.21 5.17 -4.79
C LEU B 1031 15.90 4.38 -5.89
N THR B 1032 16.81 3.47 -5.52
CA THR B 1032 17.49 2.67 -6.54
C THR B 1032 16.50 1.76 -7.26
N GLN B 1033 15.54 1.19 -6.54
CA GLN B 1033 14.52 0.37 -7.18
C GLN B 1033 13.66 1.20 -8.12
N LEU B 1034 13.44 2.47 -7.79
CA LEU B 1034 12.70 3.34 -8.69
C LEU B 1034 13.50 3.60 -9.96
N THR B 1035 14.78 3.96 -9.81
CA THR B 1035 15.57 4.34 -10.98
C THR B 1035 15.90 3.15 -11.88
N VAL B 1036 15.87 1.93 -11.35
CA VAL B 1036 16.16 0.79 -12.20
C VAL B 1036 14.96 0.44 -13.08
N GLN B 1037 13.77 0.95 -12.74
CA GLN B 1037 12.60 0.66 -13.56
C GLN B 1037 12.71 1.29 -14.94
N LEU B 1038 13.52 2.35 -15.08
CA LEU B 1038 13.70 2.97 -16.38
C LEU B 1038 14.43 2.04 -17.35
N GLN B 1039 15.21 1.10 -16.83
CA GLN B 1039 15.95 0.18 -17.68
C GLN B 1039 15.01 -0.75 -18.42
N HIS B 1040 13.92 -1.16 -17.78
CA HIS B 1040 13.01 -2.13 -18.39
C HIS B 1040 12.22 -1.48 -19.51
N ASN B 1041 12.04 -2.23 -20.59
CA ASN B 1041 11.10 -1.87 -21.64
C ASN B 1041 9.85 -2.72 -21.46
N PHE B 1042 8.73 -2.07 -21.14
CA PHE B 1042 7.51 -2.79 -20.74
C PHE B 1042 6.84 -3.36 -22.00
N GLN B 1043 7.46 -4.41 -22.52
CA GLN B 1043 7.00 -5.09 -23.73
C GLN B 1043 6.99 -4.17 -24.94
N ALA B 1044 7.81 -3.12 -24.93
CA ALA B 1044 7.95 -2.21 -26.04
C ALA B 1044 9.24 -2.53 -26.80
N ILE B 1045 9.48 -1.77 -27.87
CA ILE B 1045 10.68 -2.01 -28.67
C ILE B 1045 11.94 -1.74 -27.85
N SER B 1046 11.95 -0.65 -27.09
CA SER B 1046 13.14 -0.29 -26.32
C SER B 1046 12.71 0.53 -25.12
N SER B 1047 13.64 0.69 -24.18
CA SER B 1047 13.42 1.51 -23.00
C SER B 1047 13.62 2.99 -23.27
N SER B 1048 14.03 3.37 -24.48
CA SER B 1048 14.26 4.76 -24.85
C SER B 1048 13.07 5.25 -25.68
N ILE B 1049 12.46 6.35 -25.23
CA ILE B 1049 11.31 6.89 -25.96
C ILE B 1049 11.74 7.42 -27.31
N ASP B 1050 12.89 8.11 -27.36
CA ASP B 1050 13.37 8.66 -28.62
C ASP B 1050 13.68 7.56 -29.63
N ASP B 1051 14.25 6.45 -29.16
CA ASP B 1051 14.53 5.33 -30.06
C ASP B 1051 13.24 4.76 -30.63
N ILE B 1052 12.18 4.66 -29.82
CA ILE B 1052 10.90 4.17 -30.31
C ILE B 1052 10.36 5.08 -31.40
N TYR B 1053 10.42 6.39 -31.17
CA TYR B 1053 9.90 7.33 -32.15
C TYR B 1053 10.72 7.34 -33.42
N SER B 1054 12.03 7.09 -33.33
CA SER B 1054 12.85 7.07 -34.53
C SER B 1054 12.61 5.80 -35.34
N ARG B 1055 12.44 4.67 -34.66
CA ARG B 1055 12.32 3.39 -35.37
C ARG B 1055 10.96 3.22 -36.03
N LEU B 1056 9.90 3.67 -35.37
CA LEU B 1056 8.54 3.33 -35.78
C LEU B 1056 7.79 4.54 -36.32
N ASP B 1057 6.70 4.24 -37.02
CA ASP B 1057 5.82 5.27 -37.54
C ASP B 1057 5.03 5.92 -36.41
N PRO B 1058 4.57 7.16 -36.59
CA PRO B 1058 3.88 7.89 -35.52
C PRO B 1058 2.67 7.13 -34.97
N PRO B 1059 1.86 6.46 -35.81
CA PRO B 1059 0.70 5.76 -35.24
C PRO B 1059 1.08 4.62 -34.31
N SER B 1060 1.97 3.72 -34.74
CA SER B 1060 2.33 2.59 -33.89
C SER B 1060 3.25 3.00 -32.75
N ALA B 1061 4.04 4.06 -32.94
CA ALA B 1061 4.92 4.52 -31.88
C ALA B 1061 4.12 4.97 -30.66
N ASP B 1062 2.99 5.64 -30.89
CA ASP B 1062 2.15 6.10 -29.79
C ASP B 1062 1.64 4.92 -28.96
N VAL B 1063 1.29 3.82 -29.62
CA VAL B 1063 0.88 2.63 -28.88
C VAL B 1063 2.05 2.08 -28.07
N GLN B 1064 3.24 2.05 -28.68
CA GLN B 1064 4.42 1.49 -28.01
C GLN B 1064 4.80 2.31 -26.78
N VAL B 1065 4.78 3.64 -26.91
CA VAL B 1065 5.15 4.47 -25.77
C VAL B 1065 4.09 4.44 -24.70
N ASP B 1066 2.87 3.99 -25.02
CA ASP B 1066 1.87 3.81 -23.98
C ASP B 1066 2.27 2.68 -23.03
N ARG B 1067 3.00 1.69 -23.53
CA ARG B 1067 3.55 0.67 -22.63
C ARG B 1067 4.50 1.28 -21.62
N LEU B 1068 5.40 2.16 -22.08
CA LEU B 1068 6.34 2.78 -21.17
C LEU B 1068 5.63 3.75 -20.23
N ILE B 1069 4.70 4.55 -20.76
CA ILE B 1069 4.03 5.53 -19.92
C ILE B 1069 3.26 4.83 -18.80
N THR B 1070 2.49 3.80 -19.16
CA THR B 1070 1.78 3.04 -18.14
C THR B 1070 2.74 2.27 -17.25
N GLY B 1071 3.77 1.67 -17.85
CA GLY B 1071 4.72 0.89 -17.07
C GLY B 1071 5.51 1.73 -16.09
N ARG B 1072 6.04 2.87 -16.55
CA ARG B 1072 6.82 3.72 -15.66
C ARG B 1072 5.93 4.42 -14.65
N LEU B 1073 4.71 4.79 -15.04
CA LEU B 1073 3.82 5.47 -14.12
C LEU B 1073 3.33 4.53 -13.03
N SER B 1074 3.12 3.25 -13.37
CA SER B 1074 2.77 2.27 -12.35
C SER B 1074 3.94 2.04 -11.42
N ALA B 1075 5.16 1.98 -11.97
CA ALA B 1075 6.33 1.83 -11.11
C ALA B 1075 6.52 3.05 -10.23
N LEU B 1076 6.07 4.22 -10.70
CA LEU B 1076 6.14 5.43 -9.90
C LEU B 1076 5.06 5.44 -8.82
N ASN B 1077 3.90 4.85 -9.11
CA ASN B 1077 2.85 4.76 -8.10
C ASN B 1077 3.26 3.82 -6.97
N ALA B 1078 3.97 2.75 -7.29
CA ALA B 1078 4.41 1.83 -6.25
C ALA B 1078 5.40 2.50 -5.31
N PHE B 1079 6.29 3.34 -5.84
CA PHE B 1079 7.23 4.06 -5.01
C PHE B 1079 6.50 5.02 -4.06
N VAL B 1080 5.48 5.72 -4.58
CA VAL B 1080 4.73 6.64 -3.74
C VAL B 1080 3.99 5.88 -2.64
N ALA B 1081 3.38 4.75 -2.99
CA ALA B 1081 2.67 3.95 -2.00
C ALA B 1081 3.62 3.44 -0.93
N GLN B 1082 4.84 3.10 -1.32
CA GLN B 1082 5.83 2.62 -0.35
C GLN B 1082 6.28 3.74 0.58
N THR B 1083 6.41 4.97 0.05
CA THR B 1083 6.81 6.07 0.92
C THR B 1083 5.70 6.48 1.86
N LEU B 1084 4.45 6.42 1.40
CA LEU B 1084 3.32 6.74 2.27
C LEU B 1084 3.26 5.79 3.46
N THR B 1085 3.57 4.51 3.23
CA THR B 1085 3.62 3.57 4.34
C THR B 1085 4.71 3.95 5.33
N LYS B 1086 5.89 4.32 4.84
CA LYS B 1086 6.96 4.74 5.74
C LYS B 1086 6.61 6.04 6.44
N TYR B 1087 5.97 6.97 5.73
CA TYR B 1087 5.57 8.22 6.36
C TYR B 1087 4.52 7.97 7.44
N THR B 1088 3.59 7.05 7.19
CA THR B 1088 2.62 6.68 8.22
C THR B 1088 3.30 6.02 9.40
N GLU B 1089 4.25 5.12 9.14
CA GLU B 1089 4.96 4.46 10.22
C GLU B 1089 5.78 5.44 11.05
N VAL B 1090 6.49 6.35 10.37
CA VAL B 1090 7.29 7.32 11.09
C VAL B 1090 6.41 8.29 11.87
N GLN B 1091 5.25 8.65 11.31
CA GLN B 1091 4.37 9.57 12.02
C GLN B 1091 3.96 9.02 13.37
N ALA B 1092 3.61 7.73 13.42
CA ALA B 1092 3.32 7.11 14.71
C ALA B 1092 4.57 7.01 15.58
N SER B 1093 5.74 6.88 14.95
CA SER B 1093 6.98 6.77 15.72
C SER B 1093 7.32 8.08 16.41
N ARG B 1094 7.15 9.20 15.72
CA ARG B 1094 7.52 10.48 16.33
C ARG B 1094 6.45 10.94 17.33
N LYS B 1095 5.20 10.51 17.15
CA LYS B 1095 4.19 10.83 18.15
C LYS B 1095 4.50 10.13 19.46
N LEU B 1096 4.95 8.88 19.39
CA LEU B 1096 5.40 8.20 20.60
C LEU B 1096 6.63 8.87 21.17
N ALA B 1097 7.55 9.30 20.29
CA ALA B 1097 8.76 9.97 20.77
C ALA B 1097 8.42 11.29 21.44
N GLN B 1098 7.43 12.02 20.91
CA GLN B 1098 7.02 13.26 21.56
C GLN B 1098 6.37 12.98 22.90
N GLN B 1099 5.58 11.91 22.99
CA GLN B 1099 5.05 11.49 24.28
C GLN B 1099 6.16 10.97 25.17
N LYS B 1100 7.17 10.32 24.59
CA LYS B 1100 8.25 9.75 25.39
C LYS B 1100 9.09 10.85 26.03
N VAL B 1101 9.41 11.90 25.28
CA VAL B 1101 10.23 12.98 25.84
C VAL B 1101 9.44 13.79 26.85
N ASN B 1102 8.14 14.02 26.58
CA ASN B 1102 7.36 14.85 27.47
C ASN B 1102 7.07 14.14 28.78
N GLU B 1103 6.95 12.81 28.77
CA GLU B 1103 6.52 12.07 29.94
C GLU B 1103 7.63 11.30 30.63
N CYS B 1104 8.73 11.01 29.96
CA CYS B 1104 9.85 10.30 30.56
C CYS B 1104 11.10 11.14 30.74
N VAL B 1105 11.40 12.04 29.80
CA VAL B 1105 12.61 12.84 29.88
C VAL B 1105 12.37 14.14 30.63
N LYS B 1106 11.36 14.91 30.23
CA LYS B 1106 11.09 16.18 30.89
C LYS B 1106 10.35 16.01 32.21
N SER B 1107 9.89 14.80 32.52
CA SER B 1107 9.21 14.54 33.78
C SER B 1107 9.29 13.05 34.07
N GLN B 1108 9.00 12.70 35.31
CA GLN B 1108 8.97 11.30 35.72
C GLN B 1108 7.55 10.76 35.59
N SER B 1109 7.43 9.56 35.03
CA SER B 1109 6.14 9.03 34.62
C SER B 1109 5.57 8.05 35.64
N GLN B 1110 4.28 8.24 35.96
CA GLN B 1110 3.55 7.28 36.78
C GLN B 1110 3.19 6.03 36.00
N ARG B 1111 3.05 6.12 34.69
CA ARG B 1111 2.61 4.99 33.89
C ARG B 1111 3.64 3.86 33.98
N TYR B 1112 3.24 2.74 34.57
CA TYR B 1112 4.16 1.62 34.71
C TYR B 1112 4.52 1.05 33.35
N GLY B 1113 5.80 0.77 33.15
CA GLY B 1113 6.26 0.11 31.94
C GLY B 1113 6.32 0.98 30.71
N PHE B 1114 5.89 2.24 30.79
CA PHE B 1114 5.92 3.10 29.61
C PHE B 1114 7.35 3.48 29.24
N CYS B 1115 8.14 3.91 30.21
CA CYS B 1115 9.49 4.40 29.95
C CYS B 1115 10.48 3.28 30.22
N GLY B 1116 10.73 2.46 29.19
CA GLY B 1116 11.77 1.46 29.26
C GLY B 1116 11.36 0.16 29.91
N GLY B 1117 10.20 -0.36 29.55
CA GLY B 1117 9.79 -1.66 30.04
C GLY B 1117 9.53 -1.69 31.54
N ASP B 1118 9.62 -2.89 32.09
CA ASP B 1118 9.31 -3.11 33.51
C ASP B 1118 10.32 -2.40 34.40
N GLY B 1119 9.87 -2.08 35.60
CA GLY B 1119 10.69 -1.42 36.59
C GLY B 1119 10.24 0.01 36.84
N GLU B 1120 10.66 0.55 37.98
CA GLU B 1120 10.33 1.92 38.35
C GLU B 1120 11.26 2.87 37.61
N HIS B 1121 10.70 3.67 36.72
CA HIS B 1121 11.49 4.59 35.92
C HIS B 1121 11.85 5.81 36.77
N ILE B 1122 13.15 6.08 36.91
CA ILE B 1122 13.62 7.19 37.72
C ILE B 1122 13.92 8.42 36.87
N PHE B 1123 14.63 8.24 35.76
CA PHE B 1123 14.80 9.29 34.77
C PHE B 1123 15.17 8.64 33.46
N SER B 1124 15.35 9.46 32.43
CA SER B 1124 15.73 8.97 31.13
C SER B 1124 16.39 10.12 30.38
N LEU B 1125 17.40 9.79 29.57
CA LEU B 1125 18.13 10.77 28.81
C LEU B 1125 18.15 10.38 27.34
N VAL B 1126 18.45 11.35 26.49
CA VAL B 1126 18.30 11.21 25.05
C VAL B 1126 19.63 11.48 24.37
N GLN B 1127 19.88 10.74 23.29
CA GLN B 1127 21.02 10.97 22.42
C GLN B 1127 20.52 11.04 20.98
N ALA B 1128 21.23 11.80 20.15
CA ALA B 1128 20.88 11.87 18.74
C ALA B 1128 21.20 10.55 18.06
N ALA B 1129 20.47 10.27 16.98
CA ALA B 1129 20.68 9.08 16.19
C ALA B 1129 20.23 9.38 14.77
N PRO B 1130 20.70 8.60 13.77
CA PRO B 1130 20.30 8.84 12.39
C PRO B 1130 18.79 8.94 12.21
N GLN B 1131 18.32 10.15 11.89
CA GLN B 1131 16.90 10.41 11.67
C GLN B 1131 16.03 9.99 12.86
N GLY B 1132 16.52 10.25 14.06
CA GLY B 1132 15.71 9.97 15.23
C GLY B 1132 16.49 10.15 16.51
N LEU B 1133 15.91 9.66 17.59
CA LEU B 1133 16.46 9.79 18.93
C LEU B 1133 16.66 8.42 19.55
N LEU B 1134 17.78 8.25 20.24
CA LEU B 1134 18.04 7.06 21.04
C LEU B 1134 17.74 7.41 22.49
N PHE B 1135 16.75 6.73 23.06
CA PHE B 1135 16.37 6.95 24.45
C PHE B 1135 17.09 5.96 25.36
N LEU B 1136 17.72 6.47 26.40
CA LEU B 1136 18.30 5.65 27.45
C LEU B 1136 17.42 5.85 28.67
N HIS B 1137 16.57 4.86 28.95
CA HIS B 1137 15.68 4.92 30.10
C HIS B 1137 16.35 4.22 31.27
N THR B 1138 16.56 4.95 32.35
CA THR B 1138 17.13 4.39 33.56
C THR B 1138 15.97 3.96 34.47
N VAL B 1139 15.89 2.66 34.74
CA VAL B 1139 14.83 2.10 35.55
C VAL B 1139 15.44 1.44 36.76
N LEU B 1140 14.78 1.58 37.91
CA LEU B 1140 15.25 0.95 39.13
C LEU B 1140 14.77 -0.49 39.18
N VAL B 1141 15.68 -1.42 39.43
CA VAL B 1141 15.38 -2.83 39.55
C VAL B 1141 15.75 -3.27 40.97
N PRO B 1142 14.85 -3.90 41.71
CA PRO B 1142 15.17 -4.31 43.08
C PRO B 1142 15.98 -5.60 43.10
N SER B 1143 17.05 -5.62 43.88
CA SER B 1143 17.84 -6.83 44.02
C SER B 1143 17.14 -7.86 44.91
N ASP B 1144 16.53 -7.41 46.00
CA ASP B 1144 15.95 -8.33 46.98
C ASP B 1144 14.60 -7.78 47.43
N PHE B 1145 13.95 -8.53 48.33
CA PHE B 1145 12.66 -8.17 48.88
C PHE B 1145 12.67 -8.36 50.39
N VAL B 1146 12.00 -7.46 51.10
CA VAL B 1146 11.83 -7.59 52.54
C VAL B 1146 10.44 -8.15 52.81
N ASP B 1147 10.39 -9.30 53.48
CA ASP B 1147 9.13 -9.96 53.79
C ASP B 1147 8.63 -9.46 55.15
N VAL B 1148 7.45 -8.84 55.15
CA VAL B 1148 6.86 -8.29 56.36
C VAL B 1148 5.39 -8.67 56.41
N ILE B 1149 4.71 -8.23 57.46
CA ILE B 1149 3.31 -8.56 57.72
C ILE B 1149 2.53 -7.25 57.64
N ALA B 1150 1.80 -7.06 56.55
CA ALA B 1150 1.00 -5.85 56.38
C ALA B 1150 -0.23 -5.87 57.28
N ILE B 1151 -0.44 -4.78 58.01
CA ILE B 1151 -1.57 -4.65 58.92
C ILE B 1151 -2.67 -3.87 58.22
N ALA B 1152 -3.90 -4.38 58.32
CA ALA B 1152 -5.01 -3.70 57.65
C ALA B 1152 -5.33 -2.35 58.30
N GLY B 1153 -5.11 -2.24 59.60
CA GLY B 1153 -5.39 -1.00 60.29
C GLY B 1153 -5.39 -1.21 61.80
N LEU B 1154 -5.85 -0.19 62.51
CA LEU B 1154 -5.89 -0.22 63.96
C LEU B 1154 -7.32 -0.14 64.46
N CYS B 1155 -7.56 -0.78 65.59
CA CYS B 1155 -8.84 -0.69 66.30
C CYS B 1155 -8.51 -0.49 67.77
N VAL B 1156 -8.59 0.75 68.24
CA VAL B 1156 -8.17 1.11 69.59
C VAL B 1156 -9.39 1.14 70.49
N ASN B 1157 -9.28 0.53 71.67
CA ASN B 1157 -10.34 0.44 72.66
C ASN B 1157 -11.62 -0.19 72.12
N ASP B 1158 -11.52 -0.92 71.01
CA ASP B 1158 -12.66 -1.49 70.31
C ASP B 1158 -13.70 -0.44 69.95
N GLU B 1159 -13.31 0.82 69.92
CA GLU B 1159 -14.23 1.92 69.65
C GLU B 1159 -13.86 2.75 68.43
N ILE B 1160 -12.58 3.03 68.22
CA ILE B 1160 -12.13 3.87 67.11
C ILE B 1160 -11.39 2.99 66.12
N ALA B 1161 -11.91 2.92 64.90
CA ALA B 1161 -11.18 2.32 63.79
C ALA B 1161 -10.28 3.39 63.18
N LEU B 1162 -9.02 3.03 62.94
CA LEU B 1162 -8.00 4.01 62.57
C LEU B 1162 -7.12 3.38 61.51
N THR B 1163 -7.25 3.85 60.26
CA THR B 1163 -6.61 3.20 59.12
C THR B 1163 -5.75 4.19 58.35
N LEU B 1164 -4.89 3.65 57.51
CA LEU B 1164 -4.02 4.46 56.66
C LEU B 1164 -4.84 5.21 55.62
N ARG B 1165 -4.37 6.42 55.27
CA ARG B 1165 -5.07 7.21 54.28
C ARG B 1165 -4.52 6.98 52.88
N GLU B 1166 -3.20 6.99 52.73
CA GLU B 1166 -2.60 6.83 51.41
C GLU B 1166 -2.69 5.38 50.94
N PRO B 1167 -3.30 5.12 49.78
CA PRO B 1167 -3.37 3.73 49.31
C PRO B 1167 -2.01 3.09 49.08
N GLY B 1168 -1.02 3.88 48.70
CA GLY B 1168 0.28 3.32 48.34
C GLY B 1168 1.23 3.21 49.51
N LEU B 1169 0.69 3.19 50.72
CA LEU B 1169 1.47 3.11 51.95
C LEU B 1169 1.01 1.93 52.77
N VAL B 1170 1.97 1.22 53.36
CA VAL B 1170 1.69 0.01 54.15
C VAL B 1170 2.14 0.22 55.58
N LEU B 1171 1.39 -0.36 56.51
CA LEU B 1171 1.73 -0.40 57.93
C LEU B 1171 2.06 -1.84 58.28
N PHE B 1172 3.35 -2.11 58.51
CA PHE B 1172 3.84 -3.47 58.72
C PHE B 1172 4.56 -3.55 60.06
N THR B 1173 5.15 -4.70 60.33
CA THR B 1173 5.89 -4.92 61.57
C THR B 1173 7.38 -5.09 61.30
N TYR B 1184 6.08 -1.55 64.82
CA TYR B 1184 5.27 -1.11 63.70
C TYR B 1184 5.98 -0.04 62.89
N PHE B 1185 5.91 -0.16 61.57
CA PHE B 1185 6.50 0.82 60.67
C PHE B 1185 5.54 1.10 59.52
N VAL B 1186 5.68 2.29 58.94
CA VAL B 1186 4.97 2.65 57.72
C VAL B 1186 5.99 2.92 56.63
N SER B 1187 5.75 2.40 55.44
CA SER B 1187 6.70 2.56 54.35
C SER B 1187 5.96 2.49 53.02
N SER B 1188 6.60 3.00 51.98
CA SER B 1188 6.03 2.92 50.65
C SER B 1188 5.95 1.48 50.19
N ARG B 1189 4.91 1.17 49.43
CA ARG B 1189 4.75 -0.17 48.87
C ARG B 1189 5.64 -0.40 47.66
N ARG B 1190 6.30 0.63 47.15
CA ARG B 1190 7.19 0.51 46.00
C ARG B 1190 8.65 0.32 46.38
N MET B 1191 9.11 1.01 47.42
CA MET B 1191 10.47 0.83 47.91
C MET B 1191 10.45 0.71 49.43
N PHE B 1192 11.42 -0.02 49.98
CA PHE B 1192 11.45 -0.26 51.42
C PHE B 1192 12.09 0.94 52.11
N GLU B 1193 11.25 1.87 52.55
CA GLU B 1193 11.69 3.06 53.27
C GLU B 1193 10.91 3.12 54.57
N PRO B 1194 11.30 2.33 55.56
CA PRO B 1194 10.53 2.27 56.81
C PRO B 1194 10.55 3.60 57.53
N ARG B 1195 9.46 3.88 58.24
CA ARG B 1195 9.28 5.17 58.90
C ARG B 1195 8.35 4.98 60.09
N LYS B 1196 8.56 5.77 61.13
CA LYS B 1196 7.68 5.70 62.28
C LYS B 1196 6.32 6.29 61.92
N PRO B 1197 5.22 5.64 62.29
CA PRO B 1197 3.89 6.16 61.95
C PRO B 1197 3.64 7.50 62.62
N THR B 1198 2.88 8.35 61.94
CA THR B 1198 2.48 9.65 62.45
C THR B 1198 0.97 9.77 62.34
N VAL B 1199 0.38 10.53 63.27
CA VAL B 1199 -1.08 10.62 63.33
C VAL B 1199 -1.64 11.19 62.03
N SER B 1200 -0.86 11.97 61.31
CA SER B 1200 -1.33 12.50 60.03
C SER B 1200 -1.47 11.42 58.97
N ASP B 1201 -0.77 10.29 59.12
CA ASP B 1201 -0.89 9.20 58.17
C ASP B 1201 -2.18 8.41 58.36
N PHE B 1202 -2.83 8.54 59.52
CA PHE B 1202 -4.01 7.75 59.85
C PHE B 1202 -5.26 8.61 59.80
N VAL B 1203 -6.37 7.97 59.46
CA VAL B 1203 -7.67 8.63 59.41
C VAL B 1203 -8.68 7.73 60.08
N GLN B 1204 -9.67 8.34 60.73
CA GLN B 1204 -10.66 7.60 61.48
C GLN B 1204 -11.72 7.00 60.57
N ILE B 1205 -12.23 5.83 60.96
CA ILE B 1205 -13.20 5.08 60.17
C ILE B 1205 -14.34 4.69 61.09
N GLU B 1206 -15.56 4.77 60.57
CA GLU B 1206 -16.74 4.52 61.39
C GLU B 1206 -16.78 3.08 61.91
N SER B 1207 -16.48 2.11 61.05
CA SER B 1207 -16.65 0.69 61.39
C SER B 1207 -15.30 -0.01 61.29
N CYS B 1208 -14.95 -0.73 62.36
CA CYS B 1208 -13.75 -1.57 62.35
C CYS B 1208 -14.10 -2.96 61.82
N VAL B 1209 -13.06 -3.75 61.56
CA VAL B 1209 -13.21 -5.11 61.06
C VAL B 1209 -12.31 -6.03 61.87
N VAL B 1210 -12.45 -7.34 61.60
CA VAL B 1210 -11.73 -8.34 62.35
C VAL B 1210 -10.24 -8.30 62.04
N THR B 1211 -9.86 -7.88 60.83
CA THR B 1211 -8.46 -7.91 60.43
C THR B 1211 -7.61 -6.83 61.10
N TYR B 1212 -8.23 -5.87 61.78
CA TYR B 1212 -7.48 -4.79 62.40
C TYR B 1212 -6.79 -5.29 63.67
N VAL B 1213 -5.62 -4.70 63.96
CA VAL B 1213 -4.89 -5.03 65.18
C VAL B 1213 -5.56 -4.39 66.37
N ASN B 1214 -5.81 -5.18 67.40
CA ASN B 1214 -6.60 -4.73 68.54
C ASN B 1214 -5.69 -3.96 69.48
N LEU B 1215 -6.14 -2.81 69.94
CA LEU B 1215 -5.26 -1.95 70.73
C LEU B 1215 -6.05 -1.24 71.81
N THR B 1216 -5.32 -0.71 72.78
CA THR B 1216 -5.88 0.08 73.86
C THR B 1216 -5.28 1.48 73.82
N ARG B 1217 -6.00 2.44 74.43
CA ARG B 1217 -5.59 3.83 74.36
C ARG B 1217 -4.20 4.04 74.94
N ASP B 1218 -3.82 3.26 75.94
CA ASP B 1218 -2.48 3.40 76.52
C ASP B 1218 -1.41 2.81 75.62
N GLN B 1219 -1.74 1.75 74.88
CA GLN B 1219 -0.77 1.14 73.97
C GLN B 1219 -0.63 1.89 72.66
N LEU B 1220 -1.61 2.73 72.32
CA LEU B 1220 -1.56 3.42 71.03
C LEU B 1220 -0.36 4.36 70.89
N PRO B 1221 0.01 5.18 71.87
CA PRO B 1221 1.18 6.05 71.68
C PRO B 1221 2.47 5.29 71.40
N ASP B 1222 2.57 4.04 71.82
CA ASP B 1222 3.72 3.23 71.43
C ASP B 1222 3.72 2.99 69.91
N VAL B 1223 2.54 2.72 69.34
CA VAL B 1223 2.45 2.55 67.90
C VAL B 1223 2.67 3.87 67.19
N ILE B 1224 2.03 4.94 67.66
CA ILE B 1224 2.15 6.25 67.07
C ILE B 1224 2.75 7.20 68.11
N PRO B 1225 4.07 7.39 68.09
CA PRO B 1225 4.69 8.28 69.09
C PRO B 1225 4.20 9.71 69.01
N ASP B 1226 3.71 10.15 67.84
CA ASP B 1226 3.24 11.51 67.67
C ASP B 1226 1.83 11.73 68.21
N TYR B 1227 1.10 10.65 68.52
CA TYR B 1227 -0.26 10.78 69.01
C TYR B 1227 -0.33 11.58 70.31
N ILE B 1228 -1.29 12.48 70.38
CA ILE B 1228 -1.53 13.29 71.56
C ILE B 1228 -2.79 12.76 72.23
N ASP B 1229 -2.64 12.20 73.42
CA ASP B 1229 -3.76 11.69 74.21
C ASP B 1229 -4.38 12.88 74.94
N VAL B 1230 -5.42 13.46 74.35
CA VAL B 1230 -5.95 14.74 74.81
C VAL B 1230 -6.40 14.66 76.27
N ASN B 1231 -7.12 13.60 76.63
CA ASN B 1231 -7.70 13.56 77.97
C ASN B 1231 -6.70 13.08 79.01
N LYS B 1232 -5.86 12.10 78.67
CA LYS B 1232 -4.79 11.70 79.59
C LYS B 1232 -3.94 12.91 79.97
N THR B 1233 -3.76 13.85 79.04
CA THR B 1233 -2.99 15.06 79.29
C THR B 1233 -3.81 16.12 79.99
N ARG B 1234 -5.12 15.89 80.18
CA ARG B 1234 -5.95 16.77 80.99
C ARG B 1234 -5.98 16.32 82.44
N ASP B 1235 -5.90 15.02 82.68
CA ASP B 1235 -5.91 14.45 84.03
C ASP B 1235 -4.49 14.37 84.58
N GLU B 1236 -3.80 15.51 84.58
CA GLU B 1236 -2.44 15.57 85.08
C GLU B 1236 -2.19 16.88 85.83
N ASN C 13 -40.35 63.70 -28.29
CA ASN C 13 -40.50 62.45 -27.57
C ASN C 13 -40.03 61.27 -28.42
N PHE C 14 -39.37 60.30 -27.77
CA PHE C 14 -38.86 59.11 -28.44
C PHE C 14 -39.37 57.83 -27.79
N ARG C 15 -40.43 57.92 -26.99
CA ARG C 15 -40.97 56.71 -26.36
C ARG C 15 -41.47 55.73 -27.42
N ARG C 16 -42.29 56.21 -28.35
CA ARG C 16 -42.81 55.33 -29.39
C ARG C 16 -41.70 54.83 -30.30
N PHE C 17 -40.74 55.71 -30.63
CA PHE C 17 -39.67 55.33 -31.57
C PHE C 17 -38.84 54.16 -31.05
N PHE C 18 -38.44 54.21 -29.79
CA PHE C 18 -37.66 53.11 -29.22
C PHE C 18 -38.51 51.90 -28.86
N SER C 19 -39.83 52.06 -28.71
CA SER C 19 -40.67 50.89 -28.54
C SER C 19 -40.73 50.05 -29.81
N LYS C 20 -40.45 50.65 -30.97
CA LYS C 20 -40.35 49.87 -32.20
C LYS C 20 -39.22 48.85 -32.12
N PHE C 21 -38.16 49.14 -31.35
CA PHE C 21 -37.16 48.13 -31.03
C PHE C 21 -37.77 47.25 -29.96
N ASN C 22 -38.39 46.15 -30.40
CA ASN C 22 -39.11 45.29 -29.49
C ASN C 22 -38.19 44.75 -28.41
N VAL C 23 -38.40 45.17 -27.17
CA VAL C 23 -37.57 44.79 -26.05
C VAL C 23 -38.46 44.40 -24.89
N GLN C 24 -38.02 43.41 -24.11
CA GLN C 24 -38.79 42.97 -22.96
C GLN C 24 -38.86 44.09 -21.93
N ALA C 25 -39.95 44.07 -21.15
CA ALA C 25 -40.21 45.17 -20.21
C ALA C 25 -39.13 45.34 -19.15
N PRO C 26 -38.72 44.31 -18.39
CA PRO C 26 -37.80 44.59 -17.27
C PRO C 26 -36.33 44.64 -17.67
N ALA C 27 -36.04 44.78 -18.95
CA ALA C 27 -34.68 44.67 -19.46
C ALA C 27 -34.10 46.05 -19.78
N VAL C 28 -32.88 46.28 -19.32
CA VAL C 28 -32.11 47.47 -19.66
C VAL C 28 -31.10 47.08 -20.75
N VAL C 29 -31.04 47.88 -21.82
CA VAL C 29 -30.30 47.52 -23.03
C VAL C 29 -29.52 48.74 -23.53
N VAL C 30 -28.71 48.50 -24.55
CA VAL C 30 -27.85 49.51 -25.15
C VAL C 30 -28.16 49.59 -26.64
N LEU C 31 -28.37 50.80 -27.14
CA LEU C 31 -28.61 51.07 -28.54
C LEU C 31 -27.37 51.63 -29.21
N GLY C 32 -27.09 51.15 -30.40
CA GLY C 32 -25.98 51.66 -31.19
C GLY C 32 -26.39 51.83 -32.64
N GLY C 33 -25.76 52.80 -33.28
CA GLY C 33 -25.97 53.08 -34.68
C GLY C 33 -26.51 54.47 -34.92
N TYR C 34 -26.89 54.72 -36.17
CA TYR C 34 -27.36 56.03 -36.60
C TYR C 34 -28.78 56.27 -36.08
N LEU C 35 -28.87 56.56 -34.79
CA LEU C 35 -30.13 56.91 -34.14
C LEU C 35 -30.34 58.40 -34.19
N PRO C 36 -31.55 58.89 -33.87
CA PRO C 36 -31.73 60.34 -33.75
C PRO C 36 -30.77 60.94 -32.72
N ILE C 37 -30.08 62.01 -33.11
CA ILE C 37 -29.09 62.58 -32.22
C ILE C 37 -29.74 63.29 -31.03
N GLY C 38 -30.89 63.88 -31.23
CA GLY C 38 -31.49 64.67 -30.17
C GLY C 38 -31.43 66.16 -30.46
N GLU C 39 -32.36 66.90 -29.84
CA GLU C 39 -32.51 68.31 -30.13
C GLU C 39 -31.80 69.21 -29.13
N ASN C 40 -31.53 68.73 -27.91
CA ASN C 40 -31.07 69.58 -26.84
C ASN C 40 -29.78 69.14 -26.17
N GLN C 41 -29.41 67.86 -26.23
CA GLN C 41 -28.24 67.38 -25.53
C GLN C 41 -27.01 67.43 -26.42
N GLY C 42 -25.84 67.59 -25.81
CA GLY C 42 -24.61 67.64 -26.56
C GLY C 42 -24.58 68.81 -27.52
N VAL C 43 -23.96 68.60 -28.68
CA VAL C 43 -24.01 69.57 -29.76
C VAL C 43 -25.28 69.29 -30.55
N ASN C 44 -25.34 68.11 -31.18
CA ASN C 44 -26.53 67.54 -31.79
C ASN C 44 -27.48 68.58 -32.39
N SER C 45 -28.73 68.56 -31.96
CA SER C 45 -29.77 69.47 -32.43
C SER C 45 -29.87 69.47 -33.94
N THR C 46 -29.68 70.63 -34.58
CA THR C 46 -29.82 70.76 -36.02
C THR C 46 -31.20 70.32 -36.49
N TRP C 47 -32.19 70.40 -35.61
CA TRP C 47 -33.57 70.05 -35.94
C TRP C 47 -34.13 71.19 -36.79
N TYR C 48 -34.19 70.96 -38.10
CA TYR C 48 -34.68 71.97 -39.05
C TYR C 48 -36.19 72.02 -38.98
N CYS C 49 -36.68 72.75 -37.98
CA CYS C 49 -38.12 72.85 -37.76
C CYS C 49 -38.85 73.57 -38.89
N ALA C 50 -38.14 74.42 -39.65
CA ALA C 50 -38.72 75.19 -40.73
C ALA C 50 -38.19 74.70 -42.07
N GLY C 51 -38.94 75.01 -43.13
CA GLY C 51 -38.56 74.60 -44.47
C GLY C 51 -37.43 75.44 -45.03
N GLN C 52 -36.24 75.28 -44.45
CA GLN C 52 -35.07 76.06 -44.86
C GLN C 52 -34.32 75.45 -46.02
N HIS C 53 -34.70 74.25 -46.46
CA HIS C 53 -33.98 73.53 -47.51
C HIS C 53 -32.50 73.37 -47.16
N PRO C 54 -32.17 72.63 -46.10
CA PRO C 54 -30.76 72.49 -45.72
C PRO C 54 -30.01 71.65 -46.75
N THR C 55 -28.69 71.84 -46.76
CA THR C 55 -27.83 71.20 -47.75
C THR C 55 -26.53 70.79 -47.08
N ALA C 56 -26.40 69.49 -46.80
CA ALA C 56 -25.22 68.93 -46.17
C ALA C 56 -24.80 67.66 -46.89
N SER C 57 -23.52 67.33 -46.75
CA SER C 57 -22.93 66.17 -47.42
C SER C 57 -22.33 65.21 -46.39
N GLY C 58 -22.00 64.02 -46.86
CA GLY C 58 -21.47 63.00 -45.99
C GLY C 58 -22.48 62.46 -44.99
N VAL C 59 -23.76 62.56 -45.30
CA VAL C 59 -24.80 62.15 -44.37
C VAL C 59 -25.03 60.64 -44.51
N HIS C 60 -25.20 59.97 -43.38
CA HIS C 60 -25.49 58.54 -43.36
C HIS C 60 -26.88 58.23 -42.82
N GLY C 61 -27.66 59.24 -42.45
CA GLY C 61 -29.04 59.03 -42.06
C GLY C 61 -29.82 60.31 -41.84
N ILE C 62 -31.14 60.24 -42.00
CA ILE C 62 -32.02 61.38 -41.80
C ILE C 62 -33.19 60.94 -40.93
N PHE C 63 -33.79 61.90 -40.24
CA PHE C 63 -34.89 61.63 -39.33
C PHE C 63 -35.93 62.74 -39.45
N VAL C 64 -37.17 62.42 -39.11
CA VAL C 64 -38.26 63.38 -39.18
C VAL C 64 -39.29 63.07 -38.10
N PHE C 73 -43.27 68.62 -47.34
CA PHE C 73 -42.24 67.72 -46.87
C PHE C 73 -41.54 67.07 -48.06
N GLU C 74 -40.29 67.45 -48.30
CA GLU C 74 -39.53 66.96 -49.44
C GLU C 74 -38.19 66.43 -48.97
N ILE C 75 -37.80 65.27 -49.53
CA ILE C 75 -36.51 64.67 -49.27
C ILE C 75 -35.93 64.22 -50.61
N GLY C 76 -34.68 64.59 -50.87
CA GLY C 76 -34.00 64.08 -52.04
C GLY C 76 -32.60 63.62 -51.73
N ILE C 77 -32.33 62.33 -51.93
CA ILE C 77 -31.05 61.72 -51.59
C ILE C 77 -30.40 61.25 -52.88
N SER C 78 -29.14 61.63 -53.07
CA SER C 78 -28.45 61.35 -54.33
C SER C 78 -26.97 61.17 -54.06
N GLN C 79 -26.29 60.54 -55.02
CA GLN C 79 -24.84 60.45 -54.95
C GLN C 79 -24.22 61.84 -55.14
N GLU C 80 -23.07 62.07 -54.51
CA GLU C 80 -22.42 63.37 -54.64
C GLU C 80 -22.04 63.70 -56.08
N PRO C 81 -21.43 62.81 -56.87
CA PRO C 81 -21.27 63.10 -58.31
C PRO C 81 -22.58 63.23 -59.05
N PHE C 82 -23.70 62.81 -58.45
CA PHE C 82 -25.02 62.92 -59.08
C PHE C 82 -25.05 62.11 -60.38
N ASP C 83 -24.68 60.84 -60.24
CA ASP C 83 -24.56 59.97 -61.41
C ASP C 83 -25.93 59.69 -62.00
N PRO C 84 -26.15 59.94 -63.30
CA PRO C 84 -27.40 59.49 -63.92
C PRO C 84 -27.55 57.99 -63.93
N SER C 85 -26.45 57.25 -63.85
CA SER C 85 -26.49 55.80 -63.75
C SER C 85 -26.71 55.31 -62.33
N GLY C 86 -26.64 56.20 -61.34
CA GLY C 86 -26.91 55.85 -59.97
C GLY C 86 -28.34 56.21 -59.60
N TYR C 87 -28.93 55.41 -58.72
CA TYR C 87 -30.32 55.61 -58.33
C TYR C 87 -30.39 56.68 -57.24
N GLN C 88 -31.15 57.73 -57.49
CA GLN C 88 -31.41 58.75 -56.48
C GLN C 88 -32.78 58.51 -55.86
N LEU C 89 -33.00 59.12 -54.70
CA LEU C 89 -34.25 59.00 -53.97
C LEU C 89 -34.92 60.36 -53.90
N TYR C 90 -36.25 60.36 -54.02
CA TYR C 90 -37.04 61.58 -53.86
C TYR C 90 -38.33 61.22 -53.16
N LEU C 91 -38.51 61.74 -51.95
CA LEU C 91 -39.73 61.55 -51.17
C LEU C 91 -40.44 62.89 -51.04
N HIS C 92 -41.71 62.92 -51.44
CA HIS C 92 -42.47 64.16 -51.45
C HIS C 92 -43.86 63.91 -50.86
N LYS C 93 -44.34 64.87 -50.07
CA LYS C 93 -45.71 64.85 -49.59
C LYS C 93 -46.16 66.26 -49.22
N ARG C 104 -45.82 60.13 -52.05
CA ARG C 104 -45.21 59.56 -53.25
C ARG C 104 -43.72 59.34 -53.04
N LEU C 105 -43.18 58.29 -53.65
CA LEU C 105 -41.76 57.98 -53.54
C LEU C 105 -41.26 57.48 -54.88
N ARG C 106 -40.13 58.02 -55.33
CA ARG C 106 -39.48 57.58 -56.55
C ARG C 106 -38.01 57.32 -56.27
N ILE C 107 -37.60 56.07 -56.42
CA ILE C 107 -36.19 55.69 -56.45
C ILE C 107 -35.86 55.42 -57.91
N CYS C 108 -35.14 56.35 -58.54
CA CYS C 108 -35.00 56.32 -59.99
C CYS C 108 -33.65 56.91 -60.38
N GLN C 109 -33.24 56.58 -61.60
CA GLN C 109 -32.00 57.08 -62.17
C GLN C 109 -32.14 58.52 -62.64
N ARG C 128 -34.92 58.70 -65.01
CA ARG C 128 -34.38 58.25 -66.29
C ARG C 128 -34.47 56.74 -66.41
N ASN C 129 -34.40 56.06 -65.27
CA ASN C 129 -34.62 54.62 -65.20
C ASN C 129 -35.17 54.34 -63.81
N CYS C 130 -36.42 53.87 -63.74
CA CYS C 130 -37.15 53.80 -62.48
C CYS C 130 -37.19 52.38 -61.95
N LEU C 131 -36.86 52.22 -60.66
CA LEU C 131 -37.04 50.98 -59.93
C LEU C 131 -38.29 50.98 -59.07
N PHE C 132 -38.59 52.10 -58.42
CA PHE C 132 -39.79 52.27 -57.62
C PHE C 132 -40.37 53.66 -57.92
N ASN C 133 -41.64 53.70 -58.29
CA ASN C 133 -42.29 54.94 -58.72
C ASN C 133 -43.69 55.04 -58.16
N LYS C 134 -43.86 54.81 -56.87
CA LYS C 134 -45.20 54.59 -56.32
C LYS C 134 -45.52 55.55 -55.18
N ALA C 135 -46.63 55.27 -54.49
CA ALA C 135 -47.11 56.07 -53.38
C ALA C 135 -47.13 55.25 -52.10
N ILE C 136 -46.72 55.86 -50.99
CA ILE C 136 -46.58 55.17 -49.72
C ILE C 136 -47.34 55.95 -48.65
N PRO C 137 -48.05 55.27 -47.75
CA PRO C 137 -48.70 55.99 -46.64
C PRO C 137 -47.69 56.75 -45.80
N ALA C 138 -48.10 57.96 -45.39
CA ALA C 138 -47.22 58.87 -44.67
C ALA C 138 -47.97 59.54 -43.51
N HIS C 139 -48.70 58.74 -42.74
CA HIS C 139 -49.47 59.25 -41.61
C HIS C 139 -48.88 58.72 -40.31
N MET C 140 -48.63 59.63 -39.37
CA MET C 140 -48.02 59.26 -38.11
C MET C 140 -48.43 60.27 -37.04
N SER C 141 -48.23 59.88 -35.78
CA SER C 141 -48.38 60.81 -34.68
C SER C 141 -47.30 61.88 -34.76
N GLU C 142 -47.61 63.07 -34.23
CA GLU C 142 -46.63 64.16 -34.29
C GLU C 142 -45.34 63.79 -33.57
N HIS C 143 -45.42 62.92 -32.57
CA HIS C 143 -44.25 62.44 -31.85
C HIS C 143 -43.60 61.22 -32.51
N SER C 144 -44.19 60.68 -33.56
CA SER C 144 -43.58 59.54 -34.23
C SER C 144 -42.39 59.99 -35.06
N VAL C 145 -41.39 59.11 -35.15
CA VAL C 145 -40.15 59.40 -35.85
C VAL C 145 -39.98 58.41 -36.98
N VAL C 146 -39.67 58.91 -38.17
CA VAL C 146 -39.43 58.09 -39.36
C VAL C 146 -38.06 58.47 -39.90
N GLY C 147 -37.21 57.48 -40.11
CA GLY C 147 -35.85 57.74 -40.56
C GLY C 147 -35.40 56.70 -41.56
N ILE C 148 -34.34 57.07 -42.28
CA ILE C 148 -33.70 56.18 -43.25
C ILE C 148 -32.20 56.29 -43.07
N THR C 149 -31.53 55.14 -43.11
CA THR C 149 -30.08 55.08 -42.92
C THR C 149 -29.50 54.21 -44.03
N TRP C 150 -28.37 54.64 -44.58
CA TRP C 150 -27.72 53.92 -45.67
C TRP C 150 -26.26 53.73 -45.33
N ASP C 151 -25.77 52.49 -45.46
CA ASP C 151 -24.38 52.18 -45.19
C ASP C 151 -24.08 50.78 -45.69
N ASN C 152 -22.89 50.60 -46.27
CA ASN C 152 -22.41 49.29 -46.69
C ASN C 152 -23.40 48.61 -47.63
N ASP C 153 -23.94 49.37 -48.58
CA ASP C 153 -24.91 48.88 -49.56
C ASP C 153 -26.21 48.43 -48.90
N ARG C 154 -26.49 48.91 -47.69
CA ARG C 154 -27.66 48.51 -46.94
C ARG C 154 -28.47 49.73 -46.52
N VAL C 155 -29.78 49.56 -46.42
CA VAL C 155 -30.70 50.63 -46.05
C VAL C 155 -31.60 50.12 -44.94
N THR C 156 -31.79 50.95 -43.91
CA THR C 156 -32.72 50.64 -42.83
C THR C 156 -33.76 51.74 -42.72
N VAL C 157 -35.02 51.35 -42.55
CA VAL C 157 -36.14 52.28 -42.50
C VAL C 157 -36.90 52.06 -41.20
N PHE C 158 -37.50 53.12 -40.69
CA PHE C 158 -38.16 53.10 -39.40
C PHE C 158 -39.65 53.43 -39.52
N SER C 159 -40.29 52.95 -40.59
CA SER C 159 -41.71 53.21 -40.81
C SER C 159 -42.51 52.12 -40.10
N ASP C 160 -42.67 52.31 -38.79
CA ASP C 160 -43.49 51.46 -37.91
C ASP C 160 -42.83 50.10 -37.67
N LYS C 161 -41.76 49.80 -38.41
CA LYS C 161 -40.96 48.60 -38.22
C LYS C 161 -39.55 48.91 -38.66
N ILE C 162 -38.61 48.06 -38.23
CA ILE C 162 -37.20 48.24 -38.60
C ILE C 162 -37.02 47.49 -39.91
N TYR C 163 -37.38 48.15 -41.00
CA TYR C 163 -37.25 47.54 -42.32
C TYR C 163 -35.80 47.55 -42.76
N TYR C 164 -35.40 46.51 -43.47
CA TYR C 164 -34.02 46.33 -43.91
C TYR C 164 -34.03 46.06 -45.41
N PHE C 165 -33.09 46.64 -46.12
CA PHE C 165 -32.98 46.45 -47.57
C PHE C 165 -31.51 46.40 -47.97
N TYR C 166 -31.21 45.54 -48.93
CA TYR C 166 -29.90 45.52 -49.56
C TYR C 166 -29.96 46.37 -50.82
N PHE C 167 -29.10 47.37 -50.93
CA PHE C 167 -29.14 48.25 -52.10
C PHE C 167 -27.76 48.86 -52.26
N LYS C 168 -27.00 48.36 -53.24
CA LYS C 168 -25.71 48.94 -53.59
C LYS C 168 -25.88 50.40 -54.00
N ASN C 169 -25.30 51.31 -53.23
CA ASN C 169 -25.55 52.73 -53.44
C ASN C 169 -24.41 53.53 -52.85
N ASP C 170 -24.47 54.85 -53.05
CA ASP C 170 -23.56 55.81 -52.43
C ASP C 170 -24.35 57.09 -52.21
N TRP C 171 -24.86 57.28 -51.00
CA TRP C 171 -25.92 58.26 -50.79
C TRP C 171 -25.57 59.36 -49.80
N SER C 172 -24.37 59.94 -49.90
CA SER C 172 -24.00 61.00 -48.98
C SER C 172 -24.68 62.32 -49.31
N ARG C 173 -24.97 62.60 -50.58
CA ARG C 173 -25.58 63.85 -50.98
C ARG C 173 -27.08 63.81 -50.68
N VAL C 174 -27.60 64.92 -50.17
CA VAL C 174 -29.02 64.98 -49.80
C VAL C 174 -29.49 66.42 -49.82
N ALA C 175 -30.74 66.61 -50.27
CA ALA C 175 -31.44 67.87 -50.16
C ALA C 175 -32.83 67.59 -49.60
N THR C 176 -33.33 68.49 -48.77
CA THR C 176 -34.58 68.29 -48.04
C THR C 176 -35.39 69.58 -48.00
N LYS C 177 -36.57 69.49 -47.41
CA LYS C 177 -37.42 70.65 -47.13
C LYS C 177 -38.30 70.37 -45.93
N MET C 186 -36.67 66.55 -37.82
CA MET C 186 -36.06 66.89 -39.09
C MET C 186 -34.58 67.20 -38.87
N GLN C 187 -33.73 66.18 -38.89
CA GLN C 187 -32.32 66.38 -38.63
C GLN C 187 -31.50 65.32 -39.33
N TYR C 188 -30.20 65.58 -39.41
CA TYR C 188 -29.22 64.70 -40.04
C TYR C 188 -28.41 63.95 -38.99
N VAL C 189 -27.86 62.81 -39.39
CA VAL C 189 -26.89 62.08 -38.57
C VAL C 189 -25.76 61.58 -39.48
N TYR C 190 -24.53 61.86 -39.08
CA TYR C 190 -23.36 61.44 -39.84
C TYR C 190 -22.59 60.30 -39.20
N GLU C 191 -22.57 60.21 -37.87
CA GLU C 191 -21.78 59.23 -37.16
C GLU C 191 -22.66 58.44 -36.21
N PRO C 192 -22.31 57.19 -35.94
CA PRO C 192 -23.11 56.37 -35.03
C PRO C 192 -23.19 56.97 -33.64
N THR C 193 -24.35 56.83 -33.01
CA THR C 193 -24.58 57.33 -31.67
C THR C 193 -25.06 56.17 -30.79
N TYR C 194 -25.15 56.43 -29.50
CA TYR C 194 -25.44 55.36 -28.55
C TYR C 194 -26.40 55.83 -27.48
N TYR C 195 -27.35 54.96 -27.13
CA TYR C 195 -28.36 55.24 -26.13
C TYR C 195 -28.43 54.09 -25.14
N MET C 196 -29.04 54.36 -24.00
CA MET C 196 -29.42 53.34 -23.03
C MET C 196 -30.93 53.37 -22.85
N LEU C 197 -31.54 52.20 -22.75
CA LEU C 197 -32.97 52.09 -22.46
C LEU C 197 -33.11 51.42 -21.10
N ASN C 198 -33.55 52.19 -20.11
CA ASN C 198 -33.99 51.61 -18.83
C ASN C 198 -35.47 51.26 -18.93
N VAL C 199 -35.77 50.31 -19.80
CA VAL C 199 -37.14 49.87 -19.99
C VAL C 199 -37.62 49.20 -18.72
N THR C 200 -38.83 49.55 -18.29
CA THR C 200 -39.46 48.93 -17.12
C THR C 200 -40.86 48.41 -17.37
N SER C 201 -41.51 48.81 -18.46
CA SER C 201 -42.84 48.31 -18.79
C SER C 201 -42.99 48.28 -20.30
N ALA C 202 -43.88 47.40 -20.76
CA ALA C 202 -44.10 47.26 -22.21
C ALA C 202 -44.79 48.49 -22.77
N GLY C 203 -44.56 48.73 -24.06
CA GLY C 203 -45.13 49.89 -24.71
C GLY C 203 -44.26 51.13 -24.50
N GLU C 204 -44.91 52.29 -24.55
CA GLU C 204 -44.18 53.56 -24.44
C GLU C 204 -43.74 53.82 -23.00
N ASP C 205 -44.55 53.41 -22.02
CA ASP C 205 -44.27 53.75 -20.65
C ASP C 205 -43.06 53.00 -20.12
N GLY C 206 -42.27 53.68 -19.30
CA GLY C 206 -41.16 53.07 -18.60
C GLY C 206 -39.90 52.86 -19.39
N ILE C 207 -39.83 53.38 -20.62
CA ILE C 207 -38.65 53.17 -21.44
C ILE C 207 -37.47 53.95 -20.88
N SER C 208 -37.68 55.23 -20.56
CA SER C 208 -36.68 56.06 -19.88
C SER C 208 -35.36 56.07 -20.63
N TYR C 209 -35.42 56.40 -21.91
CA TYR C 209 -34.21 56.43 -22.73
C TYR C 209 -33.33 57.62 -22.37
N GLN C 210 -32.03 57.48 -22.63
CA GLN C 210 -31.09 58.57 -22.50
C GLN C 210 -29.97 58.35 -23.51
N PRO C 211 -29.28 59.40 -23.92
CA PRO C 211 -28.07 59.22 -24.73
C PRO C 211 -26.88 58.93 -23.82
N CYS C 212 -25.80 58.46 -24.43
CA CYS C 212 -24.60 58.12 -23.67
C CYS C 212 -23.40 58.10 -24.60
N THR C 213 -22.22 58.09 -24.00
CA THR C 213 -20.96 58.08 -24.72
C THR C 213 -20.66 56.65 -25.20
N ALA C 214 -19.55 56.49 -25.93
CA ALA C 214 -19.18 55.18 -26.47
C ALA C 214 -18.91 54.15 -25.39
N ASN C 215 -18.60 54.59 -24.17
CA ASN C 215 -18.29 53.64 -23.09
C ASN C 215 -19.42 52.66 -22.87
N CYS C 216 -20.65 53.03 -23.21
CA CYS C 216 -21.79 52.14 -23.02
C CYS C 216 -21.68 50.87 -23.86
N ILE C 217 -20.80 50.85 -24.87
CA ILE C 217 -20.64 49.63 -25.65
C ILE C 217 -20.10 48.51 -24.78
N GLY C 218 -19.42 48.85 -23.68
CA GLY C 218 -19.00 47.85 -22.73
C GLY C 218 -20.09 47.41 -21.78
N TYR C 219 -21.23 48.09 -21.78
CA TYR C 219 -22.32 47.71 -20.90
C TYR C 219 -23.01 46.44 -21.38
N ALA C 220 -23.08 46.25 -22.70
CA ALA C 220 -23.70 45.04 -23.24
C ALA C 220 -22.91 43.82 -22.83
N ALA C 221 -23.62 42.76 -22.44
CA ALA C 221 -22.99 41.58 -21.87
C ALA C 221 -22.35 40.65 -22.91
N ASN C 222 -22.65 40.82 -24.19
CA ASN C 222 -22.11 39.95 -25.22
C ASN C 222 -20.90 40.54 -25.92
N VAL C 223 -20.39 41.68 -25.47
CA VAL C 223 -19.19 42.28 -26.02
C VAL C 223 -18.28 42.69 -24.85
N PHE C 224 -17.00 42.84 -25.17
CA PHE C 224 -15.99 43.05 -24.14
C PHE C 224 -14.89 43.95 -24.68
N ALA C 225 -14.13 44.53 -23.76
CA ALA C 225 -12.97 45.34 -24.10
C ALA C 225 -11.74 44.44 -24.11
N THR C 226 -11.24 44.11 -25.30
CA THR C 226 -10.09 43.23 -25.42
C THR C 226 -8.88 43.84 -24.75
N GLU C 227 -8.18 43.03 -23.96
CA GLU C 227 -6.97 43.48 -23.31
C GLU C 227 -5.86 43.67 -24.34
N PRO C 228 -4.89 44.54 -24.04
CA PRO C 228 -3.85 44.84 -25.03
C PRO C 228 -3.07 43.62 -25.50
N ASN C 229 -2.89 42.62 -24.65
CA ASN C 229 -2.15 41.42 -25.00
C ASN C 229 -3.01 40.37 -25.72
N GLY C 230 -4.25 40.71 -26.06
CA GLY C 230 -5.12 39.79 -26.76
C GLY C 230 -6.01 38.94 -25.87
N HIS C 231 -5.81 38.99 -24.56
CA HIS C 231 -6.60 38.17 -23.65
C HIS C 231 -8.03 38.71 -23.54
N ILE C 232 -8.98 37.80 -23.44
CA ILE C 232 -10.36 38.19 -23.15
C ILE C 232 -10.44 38.65 -21.69
N PRO C 233 -11.04 39.80 -21.41
CA PRO C 233 -11.08 40.27 -20.01
C PRO C 233 -11.85 39.30 -19.13
N GLU C 234 -11.44 39.22 -17.87
CA GLU C 234 -12.12 38.35 -16.93
C GLU C 234 -13.54 38.84 -16.66
N GLY C 235 -14.41 37.90 -16.33
CA GLY C 235 -15.80 38.21 -16.09
C GLY C 235 -16.69 38.17 -17.32
N PHE C 236 -16.14 37.89 -18.50
CA PHE C 236 -16.97 37.78 -19.69
C PHE C 236 -17.92 36.60 -19.55
N SER C 237 -19.13 36.76 -20.08
CA SER C 237 -20.16 35.75 -19.87
C SER C 237 -19.91 34.50 -20.71
N PHE C 238 -19.28 34.64 -21.88
CA PHE C 238 -19.13 33.56 -22.85
C PHE C 238 -20.50 32.95 -23.16
N ASN C 239 -21.47 33.83 -23.42
CA ASN C 239 -22.86 33.39 -23.54
C ASN C 239 -23.03 32.40 -24.67
N ASN C 240 -22.39 32.63 -25.80
CA ASN C 240 -22.50 31.72 -26.93
C ASN C 240 -21.14 31.45 -27.54
N TRP C 241 -20.10 31.44 -26.71
CA TRP C 241 -18.75 31.09 -27.15
C TRP C 241 -18.48 29.62 -26.85
N PHE C 242 -19.17 28.75 -27.58
CA PHE C 242 -19.04 27.31 -27.35
C PHE C 242 -17.60 26.88 -27.62
N LEU C 243 -17.09 25.97 -26.79
CA LEU C 243 -15.77 25.43 -27.07
C LEU C 243 -15.87 24.54 -28.30
N LEU C 244 -14.80 24.55 -29.10
CA LEU C 244 -14.84 23.93 -30.42
C LEU C 244 -14.44 22.47 -30.30
N SER C 245 -15.20 21.59 -30.94
CA SER C 245 -14.90 20.16 -30.89
C SER C 245 -15.42 19.47 -32.15
N ASN C 246 -14.61 18.55 -32.67
CA ASN C 246 -15.03 17.66 -33.74
C ASN C 246 -15.77 16.44 -33.23
N ASP C 247 -15.92 16.31 -31.92
CA ASP C 247 -16.37 15.09 -31.28
C ASP C 247 -17.35 15.47 -30.18
N SER C 248 -17.57 14.53 -29.26
CA SER C 248 -18.47 14.77 -28.14
C SER C 248 -18.16 16.10 -27.46
N THR C 249 -19.21 16.75 -26.99
CA THR C 249 -19.09 18.02 -26.28
C THR C 249 -19.08 17.74 -24.79
N LEU C 250 -18.04 18.21 -24.11
CA LEU C 250 -17.96 18.01 -22.67
C LEU C 250 -19.14 18.70 -21.99
N VAL C 251 -19.75 18.00 -21.04
CA VAL C 251 -20.86 18.58 -20.29
C VAL C 251 -20.34 19.37 -19.10
N HIS C 252 -19.59 18.71 -18.23
CA HIS C 252 -19.11 19.36 -17.02
C HIS C 252 -17.70 18.91 -16.74
N GLY C 253 -16.79 19.86 -16.61
CA GLY C 253 -15.41 19.53 -16.28
C GLY C 253 -14.48 20.67 -16.67
N LYS C 254 -13.20 20.33 -16.74
CA LYS C 254 -12.16 21.28 -17.11
C LYS C 254 -11.24 20.61 -18.13
N VAL C 255 -10.90 21.34 -19.19
CA VAL C 255 -10.03 20.83 -20.24
C VAL C 255 -8.99 21.88 -20.60
N VAL C 256 -7.76 21.43 -20.80
CA VAL C 256 -6.70 22.26 -21.37
C VAL C 256 -6.68 21.96 -22.86
N SER C 257 -7.22 22.88 -23.66
CA SER C 257 -7.44 22.64 -25.08
C SER C 257 -6.87 23.79 -25.90
N ASN C 258 -6.50 23.47 -27.14
CA ASN C 258 -6.02 24.46 -28.08
C ASN C 258 -7.23 25.05 -28.81
N GLN C 259 -7.67 26.22 -28.37
CA GLN C 259 -8.90 26.80 -28.86
C GLN C 259 -8.64 28.24 -29.31
N PRO C 260 -9.41 28.75 -30.27
CA PRO C 260 -9.20 30.13 -30.74
C PRO C 260 -9.83 31.16 -29.81
N LEU C 261 -9.21 31.35 -28.65
CA LEU C 261 -9.69 32.33 -27.67
C LEU C 261 -8.74 33.49 -27.48
N LEU C 262 -7.72 33.62 -28.34
CA LEU C 262 -6.80 34.76 -28.28
C LEU C 262 -7.31 35.78 -29.30
N VAL C 263 -8.21 36.64 -28.85
CA VAL C 263 -8.92 37.55 -29.74
C VAL C 263 -8.01 38.71 -30.10
N ASN C 264 -7.95 39.02 -31.40
CA ASN C 264 -7.20 40.18 -31.89
C ASN C 264 -8.07 41.39 -32.12
N CYS C 265 -9.32 41.19 -32.55
CA CYS C 265 -10.20 42.30 -32.88
C CYS C 265 -11.64 41.83 -32.72
N LEU C 266 -12.47 42.70 -32.13
CA LEU C 266 -13.88 42.40 -31.89
C LEU C 266 -14.72 43.50 -32.51
N LEU C 267 -15.68 43.10 -33.35
CA LEU C 267 -16.58 44.04 -34.02
C LEU C 267 -17.96 43.93 -33.39
N ALA C 268 -18.33 44.92 -32.59
CA ALA C 268 -19.67 44.97 -32.01
C ALA C 268 -20.58 45.68 -33.01
N ILE C 269 -21.30 44.91 -33.81
CA ILE C 269 -22.12 45.43 -34.89
C ILE C 269 -23.58 45.43 -34.42
N PRO C 270 -24.29 46.56 -34.52
CA PRO C 270 -25.67 46.59 -34.05
C PRO C 270 -26.54 45.57 -34.77
N LYS C 271 -27.51 45.03 -34.02
CA LYS C 271 -28.30 43.91 -34.52
C LYS C 271 -29.08 44.30 -35.78
N ILE C 272 -29.65 45.50 -35.80
CA ILE C 272 -30.48 45.90 -36.93
C ILE C 272 -29.70 46.05 -38.23
N TYR C 273 -28.37 46.08 -38.17
CA TYR C 273 -27.54 46.23 -39.35
C TYR C 273 -26.92 44.89 -39.74
N GLY C 274 -26.96 44.58 -41.03
CA GLY C 274 -26.24 43.44 -41.56
C GLY C 274 -24.78 43.79 -41.75
N LEU C 275 -24.07 42.91 -42.46
CA LEU C 275 -22.67 43.18 -42.76
C LEU C 275 -22.29 42.53 -44.09
N GLY C 276 -21.83 43.36 -45.03
CA GLY C 276 -21.18 42.87 -46.23
C GLY C 276 -19.71 43.21 -46.19
N GLN C 277 -18.85 42.20 -46.00
CA GLN C 277 -17.45 42.48 -45.71
C GLN C 277 -16.58 41.38 -46.27
N PHE C 278 -15.32 41.71 -46.48
CA PHE C 278 -14.30 40.77 -46.96
C PHE C 278 -13.25 40.65 -45.86
N PHE C 279 -13.12 39.46 -45.29
CA PHE C 279 -12.09 39.16 -44.32
C PHE C 279 -11.04 38.26 -44.95
N SER C 280 -9.79 38.50 -44.61
CA SER C 280 -8.68 37.73 -45.16
C SER C 280 -7.90 37.09 -44.02
N PHE C 281 -7.37 35.90 -44.28
CA PHE C 281 -6.54 35.19 -43.32
C PHE C 281 -5.07 35.60 -43.42
N ASN C 282 -4.77 36.74 -44.04
CA ASN C 282 -3.41 37.25 -44.07
C ASN C 282 -3.29 38.72 -43.70
N GLN C 283 -4.38 39.47 -43.61
CA GLN C 283 -4.34 40.85 -43.16
C GLN C 283 -5.22 41.01 -41.92
N THR C 284 -4.88 42.02 -41.11
CA THR C 284 -5.73 42.36 -39.97
C THR C 284 -7.09 42.81 -40.49
N ILE C 285 -8.15 42.32 -39.83
CA ILE C 285 -9.49 42.62 -40.29
C ILE C 285 -9.81 44.10 -40.09
N ASP C 286 -10.62 44.65 -40.99
CA ASP C 286 -10.99 46.05 -40.94
C ASP C 286 -12.13 46.23 -39.93
N GLY C 287 -12.67 47.44 -39.85
CA GLY C 287 -13.74 47.73 -38.92
C GLY C 287 -13.23 48.37 -37.64
N VAL C 288 -14.16 48.91 -36.88
CA VAL C 288 -13.83 49.60 -35.64
C VAL C 288 -13.58 48.56 -34.55
N CYS C 289 -12.36 48.58 -34.01
CA CYS C 289 -12.01 47.64 -32.94
C CYS C 289 -12.68 48.07 -31.66
N ASN C 290 -13.28 47.11 -30.94
CA ASN C 290 -13.97 47.46 -29.70
C ASN C 290 -12.98 47.77 -28.59
N GLY C 291 -11.85 47.08 -28.55
CA GLY C 291 -10.86 47.29 -27.51
C GLY C 291 -9.49 47.57 -28.12
N ALA C 292 -8.46 47.03 -27.48
CA ALA C 292 -7.09 47.21 -27.95
C ALA C 292 -6.85 46.27 -29.14
N ALA C 293 -6.64 46.85 -30.31
CA ALA C 293 -6.42 46.05 -31.50
C ALA C 293 -5.05 45.39 -31.47
N VAL C 294 -4.95 44.25 -32.14
CA VAL C 294 -3.68 43.55 -32.32
C VAL C 294 -3.48 43.38 -33.81
N GLN C 295 -2.36 43.92 -34.31
CA GLN C 295 -2.06 43.87 -35.75
C GLN C 295 -1.52 42.49 -36.09
N ARG C 296 -2.43 41.52 -36.13
CA ARG C 296 -2.09 40.14 -36.42
C ARG C 296 -3.13 39.55 -37.36
N ALA C 297 -2.68 38.62 -38.20
CA ALA C 297 -3.59 37.96 -39.12
C ALA C 297 -4.48 37.00 -38.34
N PRO C 298 -5.76 36.88 -38.71
CA PRO C 298 -6.65 35.97 -37.99
C PRO C 298 -6.37 34.52 -38.37
N GLU C 299 -6.17 33.68 -37.35
CA GLU C 299 -6.15 32.24 -37.58
C GLU C 299 -7.56 31.69 -37.61
N ALA C 300 -8.49 32.37 -36.95
CA ALA C 300 -9.90 32.03 -36.95
C ALA C 300 -10.69 33.32 -36.80
N LEU C 301 -11.92 33.30 -37.29
CA LEU C 301 -12.83 34.41 -37.06
C LEU C 301 -14.18 33.82 -36.67
N ARG C 302 -14.79 34.40 -35.64
CA ARG C 302 -15.90 33.79 -34.94
C ARG C 302 -17.10 34.71 -35.03
N PHE C 303 -18.18 34.21 -35.62
CA PHE C 303 -19.39 34.99 -35.83
C PHE C 303 -20.41 34.62 -34.76
N ASN C 304 -20.78 35.58 -33.93
CA ASN C 304 -21.78 35.38 -32.90
C ASN C 304 -23.00 36.24 -33.25
N ILE C 305 -24.14 35.58 -33.46
CA ILE C 305 -25.37 36.22 -33.89
C ILE C 305 -26.48 35.77 -32.96
N ASN C 306 -27.70 36.24 -33.23
CA ASN C 306 -28.85 35.80 -32.45
C ASN C 306 -29.67 34.73 -33.17
N ASP C 307 -30.20 35.04 -34.34
CA ASP C 307 -31.14 34.16 -35.01
C ASP C 307 -30.57 33.62 -36.31
N THR C 308 -31.15 32.52 -36.77
CA THR C 308 -30.63 31.83 -37.95
C THR C 308 -30.97 32.57 -39.24
N SER C 309 -31.98 33.44 -39.21
CA SER C 309 -32.43 34.10 -40.43
C SER C 309 -31.36 35.01 -41.04
N VAL C 310 -30.32 35.34 -40.29
CA VAL C 310 -29.24 36.15 -40.82
C VAL C 310 -28.54 35.42 -41.96
N ILE C 311 -28.40 34.10 -41.85
CA ILE C 311 -27.54 33.34 -42.73
C ILE C 311 -28.29 32.69 -43.88
N LEU C 312 -29.62 32.60 -43.81
CA LEU C 312 -30.39 31.77 -44.74
C LEU C 312 -30.27 32.24 -46.18
N ALA C 313 -29.86 33.49 -46.42
CA ALA C 313 -29.70 33.95 -47.79
C ALA C 313 -28.61 33.16 -48.50
N GLU C 314 -28.85 32.83 -49.77
CA GLU C 314 -27.85 32.14 -50.56
C GLU C 314 -26.63 33.03 -50.78
N GLY C 315 -25.45 32.44 -50.64
CA GLY C 315 -24.24 33.21 -50.75
C GLY C 315 -23.89 34.03 -49.52
N SER C 316 -24.52 33.74 -48.39
CA SER C 316 -24.24 34.52 -47.18
C SER C 316 -22.79 34.36 -46.75
N ILE C 317 -22.27 33.14 -46.79
CA ILE C 317 -20.89 32.85 -46.44
C ILE C 317 -20.21 32.29 -47.68
N VAL C 318 -19.21 33.01 -48.19
CA VAL C 318 -18.45 32.58 -49.35
C VAL C 318 -17.00 32.37 -48.89
N LEU C 319 -16.52 31.15 -49.01
CA LEU C 319 -15.18 30.79 -48.57
C LEU C 319 -14.26 30.62 -49.79
N HIS C 320 -13.13 31.31 -49.77
CA HIS C 320 -12.17 31.26 -50.87
C HIS C 320 -10.95 30.48 -50.41
N THR C 321 -10.61 29.43 -51.15
CA THR C 321 -9.46 28.61 -50.83
C THR C 321 -8.20 29.18 -51.47
N ALA C 322 -7.06 28.60 -51.09
CA ALA C 322 -5.79 28.97 -51.73
C ALA C 322 -5.80 28.61 -53.20
N LEU C 323 -6.58 27.60 -53.58
CA LEU C 323 -6.78 27.25 -54.98
C LEU C 323 -7.65 28.27 -55.71
N GLY C 324 -8.33 29.15 -54.99
CA GLY C 324 -9.24 30.10 -55.58
C GLY C 324 -10.67 29.61 -55.68
N THR C 325 -10.95 28.38 -55.28
CA THR C 325 -12.30 27.84 -55.35
C THR C 325 -13.19 28.53 -54.32
N ASN C 326 -14.45 28.76 -54.70
CA ASN C 326 -15.41 29.45 -53.86
C ASN C 326 -16.47 28.49 -53.36
N PHE C 327 -16.70 28.49 -52.06
CA PHE C 327 -17.76 27.72 -51.42
C PHE C 327 -18.85 28.68 -50.97
N SER C 328 -20.03 28.55 -51.55
CA SER C 328 -21.13 29.46 -51.25
C SER C 328 -22.14 28.75 -50.35
N PHE C 329 -22.53 29.43 -49.28
CA PHE C 329 -23.47 28.86 -48.33
C PHE C 329 -24.87 28.83 -48.93
N VAL C 330 -25.47 27.64 -48.97
CA VAL C 330 -26.81 27.47 -49.51
C VAL C 330 -27.64 26.71 -48.49
N CYS C 331 -28.90 27.10 -48.34
CA CYS C 331 -29.84 26.43 -47.46
C CYS C 331 -31.16 26.20 -48.19
N SER C 332 -31.89 25.18 -47.77
CA SER C 332 -33.17 24.85 -48.39
C SER C 332 -34.06 24.04 -47.45
N TYR C 354 -31.40 22.54 -43.89
CA TYR C 354 -30.53 21.73 -44.73
C TYR C 354 -29.55 22.62 -45.49
N CYS C 355 -28.32 22.71 -45.01
CA CYS C 355 -27.36 23.67 -45.53
C CYS C 355 -26.23 22.96 -46.25
N PHE C 356 -25.95 23.41 -47.47
CA PHE C 356 -24.88 22.89 -48.30
C PHE C 356 -23.90 24.01 -48.60
N PHE C 357 -22.75 23.64 -49.16
CA PHE C 357 -21.76 24.60 -49.65
C PHE C 357 -21.59 24.37 -51.15
N LYS C 358 -22.20 25.24 -51.95
CA LYS C 358 -22.07 25.11 -53.40
C LYS C 358 -20.65 25.46 -53.81
N VAL C 359 -20.03 24.57 -54.58
CA VAL C 359 -18.64 24.72 -55.00
C VAL C 359 -18.64 25.24 -56.43
N ASP C 360 -17.95 26.36 -56.66
CA ASP C 360 -17.88 26.94 -57.98
C ASP C 360 -16.54 27.62 -58.22
N VAL C 366 -20.12 21.71 -57.73
CA VAL C 366 -20.70 20.61 -56.97
C VAL C 366 -21.22 21.13 -55.64
N TYR C 367 -21.95 20.28 -54.92
CA TYR C 367 -22.52 20.65 -53.62
C TYR C 367 -21.94 19.75 -52.54
N LYS C 368 -21.47 20.36 -51.46
CA LYS C 368 -21.03 19.62 -50.28
C LYS C 368 -22.01 19.85 -49.15
N PHE C 369 -22.48 18.76 -48.55
CA PHE C 369 -23.42 18.84 -47.44
C PHE C 369 -22.70 19.34 -46.20
N LEU C 370 -23.17 20.46 -45.63
CA LEU C 370 -22.58 20.96 -44.39
C LEU C 370 -23.22 20.31 -43.17
N ALA C 371 -24.53 20.50 -42.99
CA ALA C 371 -25.23 19.98 -41.83
C ALA C 371 -26.71 20.24 -41.98
N VAL C 372 -27.51 19.39 -41.32
CA VAL C 372 -28.90 19.75 -41.06
C VAL C 372 -28.88 20.84 -40.00
N LEU C 373 -29.19 22.06 -40.41
CA LEU C 373 -28.93 23.21 -39.55
C LEU C 373 -29.81 23.15 -38.31
N PRO C 374 -29.26 23.34 -37.11
CA PRO C 374 -30.06 23.26 -35.89
C PRO C 374 -31.10 24.37 -35.88
N PRO C 375 -32.18 24.22 -35.11
CA PRO C 375 -33.21 25.26 -35.08
C PRO C 375 -32.70 26.60 -34.59
N THR C 376 -31.60 26.62 -33.84
CA THR C 376 -31.07 27.85 -33.26
C THR C 376 -29.56 27.90 -33.50
N VAL C 377 -29.16 28.60 -34.56
CA VAL C 377 -27.74 28.83 -34.81
C VAL C 377 -27.32 30.05 -34.02
N ARG C 378 -26.31 29.90 -33.18
CA ARG C 378 -25.85 30.97 -32.32
C ARG C 378 -24.40 31.37 -32.55
N GLU C 379 -23.58 30.49 -33.12
CA GLU C 379 -22.17 30.78 -33.34
C GLU C 379 -21.72 30.03 -34.57
N ILE C 380 -21.04 30.75 -35.47
CA ILE C 380 -20.35 30.12 -36.59
C ILE C 380 -18.91 30.60 -36.56
N VAL C 381 -17.98 29.69 -36.34
CA VAL C 381 -16.57 30.03 -36.31
C VAL C 381 -15.92 29.35 -37.52
N ILE C 382 -15.29 30.17 -38.36
CA ILE C 382 -14.65 29.69 -39.58
C ILE C 382 -13.17 29.99 -39.43
N THR C 383 -12.34 28.98 -39.64
CA THR C 383 -10.91 29.15 -39.52
C THR C 383 -10.19 28.56 -40.72
N LYS C 384 -9.10 29.21 -41.11
CA LYS C 384 -8.20 28.60 -42.06
C LYS C 384 -7.73 27.26 -41.51
N TYR C 385 -7.05 26.50 -42.37
CA TYR C 385 -6.78 25.07 -42.25
C TYR C 385 -8.02 24.32 -42.73
N GLY C 386 -8.99 25.03 -43.30
CA GLY C 386 -10.17 24.39 -43.88
C GLY C 386 -11.04 23.78 -42.81
N ASP C 387 -11.68 24.61 -42.00
CA ASP C 387 -12.42 24.09 -40.86
C ASP C 387 -13.56 25.04 -40.51
N VAL C 388 -14.80 24.58 -40.69
CA VAL C 388 -16.00 25.39 -40.41
C VAL C 388 -16.79 24.69 -39.33
N TYR C 389 -17.21 25.45 -38.32
CA TYR C 389 -17.98 24.93 -37.20
C TYR C 389 -19.29 25.69 -37.04
N VAL C 390 -20.37 24.96 -36.78
CA VAL C 390 -21.67 25.52 -36.44
C VAL C 390 -22.02 25.10 -35.03
N ASN C 391 -22.23 26.07 -34.14
CA ASN C 391 -22.57 25.82 -32.74
C ASN C 391 -21.51 24.95 -32.05
N GLY C 392 -20.25 25.11 -32.45
CA GLY C 392 -19.18 24.41 -31.77
C GLY C 392 -19.04 22.94 -32.12
N PHE C 393 -19.39 22.56 -33.35
CA PHE C 393 -19.24 21.20 -33.81
C PHE C 393 -18.51 21.16 -35.15
N GLY C 394 -17.70 20.12 -35.33
CA GLY C 394 -16.91 19.95 -36.53
C GLY C 394 -17.66 19.35 -37.70
N TYR C 395 -18.52 20.16 -38.33
CA TYR C 395 -19.37 19.61 -39.38
C TYR C 395 -18.57 19.31 -40.65
N LEU C 396 -17.68 20.20 -41.04
CA LEU C 396 -17.02 20.09 -42.34
C LEU C 396 -15.58 20.57 -42.25
N HIS C 397 -14.69 19.87 -42.94
CA HIS C 397 -13.29 20.26 -43.04
C HIS C 397 -12.92 20.44 -44.51
N LEU C 398 -12.17 21.51 -44.80
CA LEU C 398 -11.86 21.86 -46.18
C LEU C 398 -10.36 22.04 -46.35
N GLY C 399 -9.94 22.55 -47.51
CA GLY C 399 -8.56 22.90 -47.70
C GLY C 399 -8.27 24.27 -47.11
N LEU C 400 -6.98 24.61 -47.06
CA LEU C 400 -6.56 25.84 -46.40
C LEU C 400 -7.21 27.07 -47.01
N LEU C 401 -8.07 27.74 -46.24
CA LEU C 401 -8.71 28.95 -46.72
C LEU C 401 -7.72 30.10 -46.74
N ASP C 402 -8.12 31.19 -47.39
CA ASP C 402 -7.39 32.44 -47.30
C ASP C 402 -8.26 33.66 -47.06
N ALA C 403 -9.56 33.59 -47.32
CA ALA C 403 -10.42 34.74 -47.13
C ALA C 403 -11.86 34.29 -47.02
N VAL C 404 -12.70 35.17 -46.47
CA VAL C 404 -14.13 34.94 -46.34
C VAL C 404 -14.86 36.24 -46.69
N THR C 405 -16.00 36.11 -47.34
CA THR C 405 -16.90 37.23 -47.60
C THR C 405 -18.26 36.94 -47.00
N ILE C 406 -18.86 37.95 -46.38
CA ILE C 406 -20.13 37.74 -45.68
C ILE C 406 -21.23 38.46 -46.44
N ASN C 407 -22.40 38.55 -45.82
CA ASN C 407 -23.61 39.11 -46.41
C ASN C 407 -24.74 39.09 -45.39
N PHE C 408 -24.38 39.08 -44.11
CA PHE C 408 -25.35 38.96 -43.04
C PHE C 408 -26.46 40.00 -43.18
N THR C 409 -27.67 39.61 -42.80
CA THR C 409 -28.88 40.26 -43.27
C THR C 409 -29.71 40.77 -42.09
N GLY C 410 -29.06 41.47 -41.17
CA GLY C 410 -29.81 42.07 -40.07
C GLY C 410 -30.30 41.00 -39.11
N HIS C 411 -31.53 41.18 -38.64
CA HIS C 411 -32.17 40.20 -37.76
C HIS C 411 -33.66 40.17 -38.05
N GLY C 412 -34.41 39.51 -37.18
CA GLY C 412 -35.82 39.27 -37.38
C GLY C 412 -36.75 40.42 -37.07
N THR C 413 -36.22 41.55 -36.60
CA THR C 413 -36.99 42.76 -36.31
C THR C 413 -38.09 42.51 -35.27
N ASP C 414 -37.97 41.43 -34.49
CA ASP C 414 -38.90 41.15 -33.42
C ASP C 414 -38.27 41.23 -32.04
N ASP C 415 -36.94 41.14 -31.94
CA ASP C 415 -36.23 41.54 -30.73
C ASP C 415 -34.79 41.86 -31.16
N ASP C 416 -34.52 43.13 -31.38
CA ASP C 416 -33.22 43.56 -31.86
C ASP C 416 -32.49 44.36 -30.80
N VAL C 417 -31.33 44.89 -31.19
CA VAL C 417 -30.54 45.90 -30.49
C VAL C 417 -30.58 45.75 -28.97
N SER C 418 -30.70 44.51 -28.49
CA SER C 418 -30.44 44.23 -27.08
C SER C 418 -28.96 43.91 -26.90
N GLY C 419 -28.15 44.83 -27.41
CA GLY C 419 -26.72 44.62 -27.56
C GLY C 419 -26.33 44.64 -29.03
N PHE C 420 -25.33 43.82 -29.37
CA PHE C 420 -24.85 43.73 -30.73
C PHE C 420 -24.52 42.29 -31.08
N TRP C 421 -24.60 41.96 -32.36
CA TRP C 421 -24.05 40.71 -32.84
C TRP C 421 -22.62 40.98 -33.27
N THR C 422 -21.72 40.05 -32.93
CA THR C 422 -20.30 40.36 -32.94
C THR C 422 -19.53 39.41 -33.84
N ILE C 423 -18.37 39.89 -34.27
CA ILE C 423 -17.40 39.11 -35.03
C ILE C 423 -16.05 39.30 -34.37
N ALA C 424 -15.37 38.20 -34.05
CA ALA C 424 -14.09 38.25 -33.35
C ALA C 424 -13.03 37.58 -34.18
N SER C 425 -11.97 38.33 -34.50
CA SER C 425 -10.76 37.72 -35.03
C SER C 425 -9.96 37.12 -33.89
N THR C 426 -9.60 35.85 -34.02
CA THR C 426 -8.95 35.13 -32.94
C THR C 426 -7.80 34.28 -33.48
N ASN C 427 -6.83 34.02 -32.61
CA ASN C 427 -5.77 33.07 -32.85
C ASN C 427 -5.84 31.96 -31.82
N PHE C 428 -5.40 30.76 -32.23
CA PHE C 428 -5.47 29.61 -31.34
C PHE C 428 -4.51 29.79 -30.18
N VAL C 429 -4.88 29.20 -29.03
CA VAL C 429 -4.07 29.26 -27.84
C VAL C 429 -4.43 28.06 -26.97
N ASP C 430 -3.45 27.57 -26.20
CA ASP C 430 -3.72 26.55 -25.20
C ASP C 430 -4.30 27.23 -23.97
N ALA C 431 -5.56 26.93 -23.66
CA ALA C 431 -6.27 27.58 -22.58
C ALA C 431 -6.90 26.53 -21.68
N LEU C 432 -6.92 26.82 -20.39
CA LEU C 432 -7.66 26.00 -19.42
C LEU C 432 -9.08 26.52 -19.36
N ILE C 433 -10.04 25.65 -19.68
CA ILE C 433 -11.44 26.04 -19.84
C ILE C 433 -12.28 25.20 -18.89
N GLU C 434 -13.11 25.87 -18.10
CA GLU C 434 -14.08 25.19 -17.25
C GLU C 434 -15.48 25.35 -17.83
N VAL C 435 -16.19 24.24 -17.96
CA VAL C 435 -17.55 24.25 -18.50
C VAL C 435 -18.46 23.51 -17.55
N GLN C 436 -19.66 24.06 -17.37
CA GLN C 436 -20.77 23.35 -16.75
C GLN C 436 -21.99 23.56 -17.62
N GLY C 437 -22.83 22.55 -17.69
CA GLY C 437 -23.86 22.55 -18.71
C GLY C 437 -23.23 22.18 -20.02
N THR C 438 -23.08 23.16 -20.93
CA THR C 438 -22.25 22.98 -22.11
C THR C 438 -21.45 24.22 -22.48
N ALA C 439 -21.51 25.30 -21.68
CA ALA C 439 -20.94 26.58 -22.05
C ALA C 439 -19.73 26.92 -21.18
N ILE C 440 -18.83 27.72 -21.75
CA ILE C 440 -17.67 28.19 -21.00
C ILE C 440 -18.15 29.04 -19.82
N GLN C 441 -17.41 28.99 -18.73
CA GLN C 441 -17.77 29.83 -17.58
C GLN C 441 -16.58 30.66 -17.10
N ARG C 442 -15.37 30.14 -17.27
CA ARG C 442 -14.16 30.89 -16.97
C ARG C 442 -13.01 30.28 -17.77
N ILE C 443 -12.04 31.12 -18.10
CA ILE C 443 -10.92 30.71 -18.93
C ILE C 443 -9.63 31.21 -18.29
N LEU C 444 -8.53 30.52 -18.63
CA LEU C 444 -7.21 30.90 -18.15
C LEU C 444 -6.19 30.50 -19.19
N TYR C 445 -5.51 31.49 -19.78
CA TYR C 445 -4.55 31.21 -20.82
C TYR C 445 -3.29 30.56 -20.23
N CYS C 446 -2.37 30.15 -21.11
CA CYS C 446 -1.18 29.42 -20.70
C CYS C 446 0.11 30.18 -21.00
N ASP C 447 0.02 31.48 -21.31
CA ASP C 447 1.21 32.24 -21.64
C ASP C 447 2.10 32.46 -20.41
N ASP C 448 1.51 32.89 -19.30
CA ASP C 448 2.28 33.19 -18.11
C ASP C 448 2.85 31.90 -17.52
N PRO C 449 4.12 31.90 -17.09
CA PRO C 449 4.64 30.74 -16.35
C PRO C 449 3.78 30.36 -15.15
N VAL C 450 3.24 31.33 -14.43
CA VAL C 450 2.28 31.02 -13.38
C VAL C 450 1.05 30.36 -13.99
N SER C 451 0.54 30.93 -15.08
CA SER C 451 -0.58 30.32 -15.78
C SER C 451 -0.18 29.00 -16.41
N GLN C 452 1.06 28.89 -16.87
CA GLN C 452 1.54 27.62 -17.40
C GLN C 452 1.55 26.55 -16.32
N LEU C 453 1.96 26.91 -15.11
CA LEU C 453 1.92 25.97 -14.00
C LEU C 453 0.48 25.55 -13.68
N LYS C 454 -0.44 26.52 -13.69
CA LYS C 454 -1.84 26.21 -13.45
C LYS C 454 -2.39 25.26 -14.52
N CYS C 455 -2.06 25.53 -15.78
CA CYS C 455 -2.54 24.66 -16.86
C CYS C 455 -1.96 23.26 -16.74
N SER C 456 -0.70 23.14 -16.31
CA SER C 456 -0.12 21.83 -16.09
C SER C 456 -0.86 21.07 -15.00
N GLN C 457 -1.22 21.75 -13.91
CA GLN C 457 -2.01 21.14 -12.85
C GLN C 457 -3.48 20.98 -13.21
N VAL C 458 -3.94 21.64 -14.28
CA VAL C 458 -5.35 21.63 -14.67
C VAL C 458 -6.16 22.10 -13.47
N ALA C 459 -5.96 23.36 -13.08
CA ALA C 459 -6.70 23.95 -11.97
C ALA C 459 -6.64 25.46 -12.09
N PHE C 460 -7.64 26.12 -11.54
CA PHE C 460 -7.68 27.58 -11.55
C PHE C 460 -7.06 28.17 -10.30
N ASP C 461 -7.22 27.51 -9.16
CA ASP C 461 -6.55 27.88 -7.92
C ASP C 461 -5.60 26.76 -7.52
N LEU C 462 -4.41 27.15 -7.06
CA LEU C 462 -3.39 26.17 -6.67
C LEU C 462 -3.04 26.39 -5.20
N ASP C 463 -3.03 25.29 -4.45
CA ASP C 463 -2.64 25.34 -3.05
C ASP C 463 -1.17 25.73 -2.93
N ASP C 464 -0.86 26.47 -1.88
CA ASP C 464 0.53 26.86 -1.67
C ASP C 464 1.41 25.63 -1.49
N GLY C 465 2.52 25.61 -2.21
CA GLY C 465 3.41 24.47 -2.16
C GLY C 465 4.47 24.56 -3.23
N PHE C 466 5.31 23.53 -3.27
CA PHE C 466 6.40 23.43 -4.25
C PHE C 466 5.92 22.56 -5.40
N TYR C 467 5.73 23.17 -6.56
CA TYR C 467 5.24 22.42 -7.69
C TYR C 467 6.38 22.16 -8.67
N PRO C 468 6.54 20.93 -9.14
CA PRO C 468 7.60 20.66 -10.11
C PRO C 468 7.44 21.50 -11.36
N PHE C 469 8.58 21.85 -11.95
CA PHE C 469 8.63 22.82 -13.03
C PHE C 469 9.77 22.42 -13.96
N SER C 470 9.61 22.74 -15.24
CA SER C 470 10.60 22.40 -16.25
C SER C 470 11.40 23.63 -16.65
N SER C 471 12.73 23.49 -16.65
CA SER C 471 13.57 24.57 -17.14
C SER C 471 13.25 24.84 -18.60
N ARG C 472 13.07 26.13 -18.93
CA ARG C 472 12.62 26.48 -20.26
C ARG C 472 13.68 26.11 -21.30
N ASN C 473 13.23 25.43 -22.35
CA ASN C 473 14.09 24.98 -23.42
C ASN C 473 14.22 26.07 -24.49
N LEU C 474 14.95 25.76 -25.56
CA LEU C 474 15.04 26.68 -26.68
C LEU C 474 13.70 26.72 -27.40
N LEU C 475 13.17 27.94 -27.59
CA LEU C 475 11.89 28.08 -28.24
C LEU C 475 11.96 27.61 -29.70
N SER C 476 13.01 28.01 -30.40
CA SER C 476 13.29 27.48 -31.73
C SER C 476 14.26 26.30 -31.57
N HIS C 477 13.80 25.10 -31.94
CA HIS C 477 14.58 23.90 -31.67
C HIS C 477 15.85 23.88 -32.51
N GLU C 478 15.69 23.78 -33.84
CA GLU C 478 16.77 23.76 -34.82
C GLU C 478 17.98 22.98 -34.31
N GLN C 479 17.74 21.85 -33.67
CA GLN C 479 18.79 21.13 -32.98
C GLN C 479 19.73 20.47 -33.99
N PRO C 480 21.04 20.68 -33.88
CA PRO C 480 21.97 19.98 -34.76
C PRO C 480 21.90 18.48 -34.52
N ILE C 481 22.15 17.72 -35.59
CA ILE C 481 22.17 16.26 -35.50
C ILE C 481 23.59 15.81 -35.21
N SER C 482 23.75 14.94 -34.22
CA SER C 482 25.04 14.39 -33.83
C SER C 482 25.01 12.87 -34.02
N PHE C 483 26.11 12.33 -34.49
CA PHE C 483 26.17 10.91 -34.83
C PHE C 483 27.57 10.40 -34.52
N VAL C 484 27.67 9.36 -33.71
CA VAL C 484 28.95 8.77 -33.35
C VAL C 484 28.84 7.26 -33.40
N THR C 485 29.71 6.61 -34.18
CA THR C 485 29.81 5.16 -34.23
C THR C 485 31.28 4.78 -34.33
N LEU C 486 31.55 3.49 -34.46
CA LEU C 486 32.91 3.01 -34.54
C LEU C 486 33.52 3.36 -35.90
N PRO C 487 34.79 3.73 -35.95
CA PRO C 487 35.42 4.08 -37.22
C PRO C 487 35.56 2.87 -38.14
N SER C 488 35.55 3.14 -39.45
CA SER C 488 35.75 2.14 -40.49
C SER C 488 36.05 2.85 -41.79
N PHE C 489 36.85 2.21 -42.64
CA PHE C 489 37.14 2.75 -43.97
C PHE C 489 35.86 2.89 -44.79
N VAL C 620 35.72 10.19 -44.22
CA VAL C 620 36.84 9.30 -44.49
C VAL C 620 37.27 8.61 -43.20
N THR C 621 37.02 7.30 -43.15
CA THR C 621 37.46 6.41 -42.06
C THR C 621 36.65 6.67 -40.78
N ASP C 622 35.85 7.72 -40.77
CA ASP C 622 35.06 8.07 -39.59
C ASP C 622 33.91 8.96 -40.05
N VAL C 623 32.69 8.43 -40.00
CA VAL C 623 31.52 9.22 -40.35
C VAL C 623 30.98 9.94 -39.12
N SER C 624 31.71 9.84 -38.00
CA SER C 624 31.24 10.47 -36.77
C SER C 624 31.30 11.98 -36.88
N PHE C 625 30.27 12.64 -36.38
CA PHE C 625 30.21 14.09 -36.35
C PHE C 625 29.28 14.51 -35.22
N MET C 626 29.61 15.61 -34.54
CA MET C 626 28.85 16.01 -33.38
C MET C 626 29.10 17.48 -33.09
N THR C 627 28.17 18.08 -32.35
CA THR C 627 28.30 19.46 -31.89
C THR C 627 28.38 19.47 -30.37
N LEU C 628 29.21 20.38 -29.84
CA LEU C 628 29.51 20.41 -28.42
C LEU C 628 28.80 21.57 -27.73
N ASP C 629 28.41 21.33 -26.48
CA ASP C 629 27.84 22.35 -25.59
C ASP C 629 26.56 22.97 -26.13
N VAL C 630 25.87 22.28 -27.04
CA VAL C 630 24.61 22.75 -27.59
C VAL C 630 23.62 21.60 -27.56
N CYS C 631 22.38 21.88 -27.17
CA CYS C 631 21.35 20.86 -27.17
C CYS C 631 21.20 20.27 -28.56
N THR C 632 21.39 18.97 -28.68
CA THR C 632 21.44 18.31 -29.97
C THR C 632 20.69 16.99 -29.93
N LYS C 633 20.18 16.59 -31.08
CA LYS C 633 19.55 15.29 -31.25
C LYS C 633 20.63 14.31 -31.69
N TYR C 634 20.97 13.36 -30.83
CA TYR C 634 22.18 12.56 -30.98
C TYR C 634 21.85 11.10 -31.15
N THR C 635 22.71 10.39 -31.89
CA THR C 635 22.71 8.94 -31.98
C THR C 635 24.12 8.48 -31.64
N ILE C 636 24.33 8.09 -30.39
CA ILE C 636 25.65 7.73 -29.88
C ILE C 636 25.67 6.22 -29.69
N TYR C 637 26.33 5.52 -30.61
CA TYR C 637 26.52 4.07 -30.51
C TYR C 637 25.17 3.35 -30.35
N GLY C 638 24.18 3.79 -31.11
CA GLY C 638 22.86 3.19 -31.02
C GLY C 638 21.93 3.79 -29.99
N PHE C 639 22.42 4.70 -29.16
CA PHE C 639 21.60 5.39 -28.16
C PHE C 639 20.99 6.63 -28.79
N LYS C 640 19.69 6.58 -29.07
CA LYS C 640 18.98 7.78 -29.49
C LYS C 640 18.66 8.65 -28.28
N GLY C 641 18.70 9.95 -28.49
CA GLY C 641 18.32 10.86 -27.43
C GLY C 641 18.49 12.30 -27.86
N GLU C 642 18.32 13.20 -26.89
CA GLU C 642 18.49 14.63 -27.10
C GLU C 642 19.14 15.21 -25.86
N GLY C 643 20.30 15.84 -26.02
CA GLY C 643 21.03 16.32 -24.87
C GLY C 643 22.23 17.15 -25.27
N ILE C 644 23.10 17.40 -24.30
CA ILE C 644 24.28 18.24 -24.47
C ILE C 644 25.53 17.39 -24.31
N ILE C 645 26.46 17.52 -25.26
CA ILE C 645 27.69 16.75 -25.26
C ILE C 645 28.82 17.69 -24.86
N THR C 646 29.51 17.36 -23.76
CA THR C 646 30.56 18.20 -23.22
C THR C 646 31.84 17.39 -23.06
N LEU C 647 32.94 17.93 -23.57
CA LEU C 647 34.23 17.32 -23.33
C LEU C 647 34.55 17.37 -21.84
N THR C 648 34.99 16.24 -21.29
CA THR C 648 35.25 16.15 -19.87
C THR C 648 36.67 15.63 -19.63
N ASN C 649 37.08 15.71 -18.37
CA ASN C 649 38.47 15.49 -17.97
C ASN C 649 38.79 14.05 -17.65
N SER C 650 37.79 13.16 -17.61
CA SER C 650 38.04 11.78 -17.22
C SER C 650 38.90 11.08 -18.26
N SER C 651 39.56 10.00 -17.83
CA SER C 651 40.46 9.22 -18.67
C SER C 651 40.19 7.74 -18.52
N PHE C 652 38.92 7.36 -18.62
CA PHE C 652 38.55 5.96 -18.58
C PHE C 652 39.31 5.20 -19.67
N LEU C 653 40.22 4.31 -19.26
CA LEU C 653 41.09 3.69 -20.23
C LEU C 653 40.41 2.51 -20.91
N ALA C 654 39.45 1.88 -20.25
CA ALA C 654 38.75 0.72 -20.79
C ALA C 654 37.47 1.15 -21.50
N GLY C 655 36.96 0.25 -22.34
CA GLY C 655 35.67 0.45 -22.96
C GLY C 655 35.66 1.53 -24.03
N VAL C 656 34.47 1.76 -24.58
CA VAL C 656 34.25 2.77 -25.61
C VAL C 656 33.21 3.78 -25.18
N TYR C 657 32.05 3.32 -24.74
CA TYR C 657 31.04 4.20 -24.18
C TYR C 657 30.55 3.61 -22.87
N TYR C 658 30.13 4.49 -21.97
CA TYR C 658 29.89 4.11 -20.59
C TYR C 658 28.45 4.40 -20.19
N THR C 659 27.86 3.48 -19.43
CA THR C 659 26.49 3.60 -18.96
C THR C 659 26.45 3.38 -17.45
N SER C 660 25.41 3.92 -16.83
CA SER C 660 25.22 3.70 -15.40
C SER C 660 24.78 2.25 -15.17
N ASP C 661 24.54 1.93 -13.89
CA ASP C 661 24.07 0.59 -13.57
C ASP C 661 22.67 0.34 -14.14
N SER C 662 21.84 1.38 -14.18
CA SER C 662 20.50 1.27 -14.74
C SER C 662 20.48 1.34 -16.27
N GLY C 663 21.64 1.20 -16.93
CA GLY C 663 21.68 1.19 -18.38
C GLY C 663 21.34 2.50 -19.04
N GLN C 664 21.84 3.61 -18.50
CA GLN C 664 21.64 4.93 -19.07
C GLN C 664 22.99 5.48 -19.53
N LEU C 665 23.04 5.94 -20.78
CA LEU C 665 24.31 6.41 -21.34
C LEU C 665 24.79 7.64 -20.59
N LEU C 666 26.00 7.55 -20.04
CA LEU C 666 26.61 8.64 -19.29
C LEU C 666 27.72 9.34 -20.06
N ALA C 667 28.64 8.58 -20.65
CA ALA C 667 29.74 9.16 -21.39
C ALA C 667 30.17 8.20 -22.49
N PHE C 668 30.83 8.75 -23.49
CA PHE C 668 31.38 7.97 -24.59
C PHE C 668 32.76 8.50 -24.93
N LYS C 669 33.61 7.62 -25.43
CA LYS C 669 35.01 7.93 -25.70
C LYS C 669 35.22 8.11 -27.20
N ASN C 670 35.89 9.19 -27.57
CA ASN C 670 36.43 9.32 -28.92
C ASN C 670 37.65 8.42 -29.03
N VAL C 671 37.50 7.28 -29.71
CA VAL C 671 38.57 6.29 -29.76
C VAL C 671 39.79 6.85 -30.46
N THR C 672 39.60 7.75 -31.42
CA THR C 672 40.72 8.30 -32.17
C THR C 672 41.65 9.10 -31.25
N SER C 673 41.07 9.90 -30.35
CA SER C 673 41.84 10.77 -29.48
C SER C 673 41.86 10.33 -28.02
N GLY C 674 40.94 9.46 -27.60
CA GLY C 674 40.89 8.99 -26.24
C GLY C 674 40.14 9.89 -25.28
N ALA C 675 39.73 11.07 -25.72
CA ALA C 675 38.96 11.97 -24.87
C ALA C 675 37.52 11.47 -24.75
N VAL C 676 36.94 11.65 -23.58
CA VAL C 676 35.58 11.20 -23.30
C VAL C 676 34.67 12.41 -23.18
N TYR C 677 33.43 12.25 -23.62
CA TYR C 677 32.44 13.31 -23.62
C TYR C 677 31.24 12.86 -22.80
N SER C 678 30.82 13.66 -21.84
CA SER C 678 29.66 13.35 -21.04
C SER C 678 28.39 13.85 -21.72
N VAL C 679 27.31 13.09 -21.55
CA VAL C 679 26.02 13.41 -22.15
C VAL C 679 25.06 13.75 -21.02
N THR C 680 24.54 14.96 -21.05
CA THR C 680 23.63 15.46 -20.03
C THR C 680 22.31 15.88 -20.64
N PRO C 681 21.23 15.88 -19.87
CA PRO C 681 19.95 16.36 -20.38
C PRO C 681 20.02 17.85 -20.70
N CYS C 682 19.21 18.26 -21.68
CA CYS C 682 19.17 19.67 -22.05
C CYS C 682 18.49 20.50 -20.97
N SER C 683 17.44 19.98 -20.36
CA SER C 683 16.68 20.70 -19.36
C SER C 683 16.72 19.93 -18.03
N PHE C 684 16.70 20.67 -16.94
CA PHE C 684 16.77 20.10 -15.60
C PHE C 684 15.52 20.46 -14.81
N SER C 685 15.10 19.52 -13.96
CA SER C 685 13.90 19.72 -13.18
C SER C 685 14.11 20.82 -12.14
N GLU C 686 13.03 21.54 -11.83
CA GLU C 686 13.07 22.60 -10.85
C GLU C 686 11.82 22.51 -9.97
N GLN C 687 11.83 23.26 -8.89
CA GLN C 687 10.72 23.32 -7.95
C GLN C 687 10.29 24.78 -7.81
N ALA C 688 9.11 25.11 -8.32
CA ALA C 688 8.58 26.46 -8.22
C ALA C 688 7.83 26.59 -6.90
N ALA C 689 8.20 27.60 -6.11
CA ALA C 689 7.53 27.84 -4.83
C ALA C 689 6.32 28.73 -5.11
N TYR C 690 5.15 28.15 -5.01
CA TYR C 690 3.89 28.82 -5.32
C TYR C 690 3.19 29.16 -4.02
N VAL C 691 3.28 30.42 -3.61
CA VAL C 691 2.57 30.90 -2.42
C VAL C 691 1.82 32.17 -2.79
N ASP C 692 0.63 32.34 -2.22
CA ASP C 692 -0.20 33.53 -2.44
C ASP C 692 -0.50 33.73 -3.92
N ASP C 693 -0.77 32.63 -4.61
CA ASP C 693 -1.18 32.66 -6.02
C ASP C 693 -0.13 33.35 -6.89
N ASP C 694 1.14 33.04 -6.65
CA ASP C 694 2.22 33.53 -7.49
C ASP C 694 3.45 32.69 -7.29
N ILE C 695 4.24 32.53 -8.35
CA ILE C 695 5.52 31.84 -8.27
C ILE C 695 6.52 32.84 -7.68
N VAL C 696 6.96 32.59 -6.45
CA VAL C 696 7.83 33.53 -5.74
C VAL C 696 9.30 33.11 -5.79
N GLY C 697 9.59 31.87 -6.15
CA GLY C 697 10.96 31.40 -6.21
C GLY C 697 11.04 30.07 -6.92
N VAL C 698 12.27 29.71 -7.29
CA VAL C 698 12.53 28.47 -8.00
C VAL C 698 13.75 27.80 -7.37
N ILE C 699 13.58 26.58 -6.88
CA ILE C 699 14.72 25.76 -6.49
C ILE C 699 15.25 25.07 -7.74
N SER C 700 16.52 25.31 -8.06
CA SER C 700 17.07 24.82 -9.31
C SER C 700 18.54 24.50 -9.14
N SER C 701 19.05 23.68 -10.05
CA SER C 701 20.46 23.35 -10.10
C SER C 701 21.27 24.33 -10.95
N LEU C 702 20.60 25.22 -11.68
CA LEU C 702 21.27 26.16 -12.55
C LEU C 702 21.78 27.35 -11.75
N SER C 703 22.92 27.89 -12.20
CA SER C 703 23.55 28.99 -11.48
C SER C 703 22.75 30.28 -11.58
N SER C 704 21.95 30.44 -12.63
CA SER C 704 21.19 31.66 -12.81
C SER C 704 19.93 31.38 -13.62
N SER C 705 18.95 32.26 -13.48
CA SER C 705 17.68 32.16 -14.18
C SER C 705 17.20 33.56 -14.49
N THR C 706 15.95 33.66 -14.96
CA THR C 706 15.39 34.95 -15.37
C THR C 706 14.80 35.74 -14.20
N PHE C 707 15.59 35.87 -13.13
CA PHE C 707 15.13 36.57 -11.94
C PHE C 707 16.00 37.72 -11.45
N ASN C 708 15.80 38.01 -10.17
CA ASN C 708 16.20 39.19 -9.41
C ASN C 708 17.42 38.95 -8.54
N SER C 709 17.48 37.80 -7.88
CA SER C 709 18.50 37.50 -6.89
C SER C 709 18.60 36.00 -6.76
N THR C 710 19.80 35.51 -6.44
CA THR C 710 20.05 34.10 -6.32
C THR C 710 20.82 33.84 -5.03
N ARG C 711 20.32 32.93 -4.21
CA ARG C 711 21.01 32.50 -3.02
C ARG C 711 21.51 31.07 -3.22
N GLU C 712 22.74 30.82 -2.81
CA GLU C 712 23.40 29.55 -3.06
C GLU C 712 23.26 28.68 -1.81
N LEU C 713 22.14 27.98 -1.72
CA LEU C 713 21.97 27.02 -0.66
C LEU C 713 22.95 25.86 -0.85
N PRO C 714 23.27 25.13 0.22
CA PRO C 714 24.30 24.08 0.10
C PRO C 714 24.00 23.05 -0.96
N GLY C 715 22.73 22.69 -1.15
CA GLY C 715 22.39 21.65 -2.09
C GLY C 715 21.88 22.11 -3.44
N PHE C 716 21.51 23.38 -3.55
CA PHE C 716 20.87 23.86 -4.77
C PHE C 716 20.92 25.39 -4.80
N PHE C 717 20.61 25.94 -5.96
CA PHE C 717 20.41 27.37 -6.10
C PHE C 717 18.95 27.72 -5.87
N TYR C 718 18.72 28.92 -5.35
CA TYR C 718 17.37 29.43 -5.13
C TYR C 718 17.26 30.81 -5.76
N HIS C 719 16.47 30.91 -6.83
CA HIS C 719 16.29 32.16 -7.56
C HIS C 719 14.96 32.77 -7.17
N SER C 720 14.97 34.00 -6.68
CA SER C 720 13.75 34.67 -6.27
C SER C 720 13.95 36.17 -6.37
N ASN C 721 12.88 36.92 -6.08
CA ASN C 721 12.91 38.37 -6.18
C ASN C 721 13.34 39.04 -4.90
N ASP C 722 13.62 38.29 -3.84
CA ASP C 722 14.02 38.85 -2.55
C ASP C 722 15.24 38.09 -2.05
N GLY C 723 16.35 38.80 -1.89
CA GLY C 723 17.57 38.19 -1.38
C GLY C 723 17.71 38.16 0.12
N SER C 724 16.81 38.83 0.84
CA SER C 724 16.88 38.88 2.29
C SER C 724 16.44 37.55 2.90
N ASN C 725 16.81 37.34 4.16
CA ASN C 725 16.41 36.14 4.87
C ASN C 725 14.94 36.16 5.25
N CYS C 726 14.41 34.97 5.52
CA CYS C 726 13.03 34.80 5.90
C CYS C 726 12.95 34.39 7.36
N THR C 727 12.15 35.11 8.14
CA THR C 727 11.89 34.76 9.53
C THR C 727 10.46 34.32 9.76
N GLU C 728 9.62 34.41 8.73
CA GLU C 728 8.20 34.05 8.82
C GLU C 728 7.86 33.09 7.69
N PRO C 729 8.30 31.83 7.78
CA PRO C 729 8.11 30.90 6.68
C PRO C 729 6.65 30.55 6.46
N VAL C 730 6.05 31.07 5.39
CA VAL C 730 4.69 30.71 5.06
C VAL C 730 4.62 29.25 4.63
N LEU C 731 5.64 28.80 3.92
CA LEU C 731 5.66 27.46 3.34
C LEU C 731 6.97 26.78 3.71
N VAL C 732 6.91 25.82 4.62
CA VAL C 732 8.10 25.11 5.08
C VAL C 732 8.25 23.85 4.26
N TYR C 733 9.51 23.45 4.04
CA TYR C 733 9.80 22.28 3.22
C TYR C 733 11.21 21.81 3.52
N SER C 734 11.34 20.54 3.93
CA SER C 734 12.65 19.96 4.22
C SER C 734 13.41 20.82 5.22
N ASN C 735 14.57 21.32 4.81
CA ASN C 735 15.45 22.07 5.71
C ASN C 735 15.24 23.58 5.64
N ILE C 736 14.28 24.06 4.83
CA ILE C 736 14.16 25.47 4.52
C ILE C 736 12.73 25.93 4.80
N GLY C 737 12.54 27.25 4.70
CA GLY C 737 11.24 27.87 4.80
C GLY C 737 11.21 29.13 3.96
N VAL C 738 10.11 29.38 3.26
CA VAL C 738 9.98 30.50 2.34
C VAL C 738 8.86 31.42 2.81
N CYS C 739 9.09 32.72 2.73
CA CYS C 739 8.06 33.70 3.07
C CYS C 739 7.21 34.01 1.85
N LYS C 740 6.16 34.80 2.07
CA LYS C 740 5.28 35.18 0.97
C LYS C 740 5.92 36.16 0.01
N SER C 741 7.04 36.77 0.38
CA SER C 741 7.75 37.70 -0.48
C SER C 741 8.81 37.03 -1.33
N GLY C 742 8.94 35.72 -1.25
CA GLY C 742 9.97 34.99 -1.97
C GLY C 742 11.26 34.81 -1.21
N SER C 743 11.40 35.43 -0.04
CA SER C 743 12.61 35.27 0.75
C SER C 743 12.69 33.85 1.30
N ILE C 744 13.90 33.31 1.35
CA ILE C 744 14.12 31.96 1.85
C ILE C 744 15.05 32.07 3.06
N GLY C 745 14.89 31.12 3.98
CA GLY C 745 15.76 31.05 5.13
C GLY C 745 15.52 29.77 5.89
N TYR C 746 16.53 29.40 6.69
CA TYR C 746 16.37 28.26 7.58
C TYR C 746 15.38 28.62 8.68
N VAL C 747 14.51 27.68 9.01
CA VAL C 747 13.54 27.90 10.07
C VAL C 747 14.30 27.92 11.39
N PRO C 748 14.17 28.99 12.17
CA PRO C 748 14.91 29.06 13.44
C PRO C 748 14.39 28.02 14.43
N SER C 749 15.31 27.56 15.28
CA SER C 749 14.94 26.60 16.31
C SER C 749 14.11 27.31 17.37
N GLN C 750 12.82 27.03 17.37
CA GLN C 750 11.91 27.66 18.34
C GLN C 750 12.30 27.26 19.75
N SER C 751 12.29 28.24 20.67
CA SER C 751 12.59 27.99 22.07
C SER C 751 11.28 27.73 22.80
N GLY C 752 11.07 26.49 23.22
CA GLY C 752 9.86 26.13 23.91
C GLY C 752 9.83 26.64 25.33
N GLN C 753 8.68 26.47 25.97
CA GLN C 753 8.52 26.92 27.34
C GLN C 753 9.38 26.07 28.28
N VAL C 754 10.02 26.74 29.24
CA VAL C 754 10.94 26.08 30.15
C VAL C 754 10.16 25.28 31.20
N LYS C 755 10.66 24.10 31.51
CA LYS C 755 10.11 23.28 32.59
C LYS C 755 11.16 23.15 33.69
N ILE C 756 10.78 23.51 34.90
CA ILE C 756 11.72 23.53 36.02
C ILE C 756 11.89 22.11 36.54
N ALA C 757 13.13 21.64 36.59
CA ALA C 757 13.40 20.33 37.15
C ALA C 757 13.32 20.39 38.67
N PRO C 758 12.71 19.38 39.30
CA PRO C 758 12.61 19.38 40.76
C PRO C 758 13.98 19.24 41.41
N THR C 759 14.12 19.86 42.58
CA THR C 759 15.36 19.85 43.34
C THR C 759 15.09 19.29 44.73
N VAL C 760 16.11 19.35 45.59
CA VAL C 760 15.92 19.04 47.00
C VAL C 760 16.34 20.22 47.87
N THR C 761 17.27 21.03 47.37
CA THR C 761 17.74 22.19 48.12
C THR C 761 18.35 23.20 47.16
N GLY C 762 18.47 24.43 47.64
CA GLY C 762 19.14 25.48 46.90
C GLY C 762 18.18 26.35 46.12
N ASN C 763 18.75 27.10 45.18
CA ASN C 763 17.96 28.00 44.34
C ASN C 763 16.88 27.22 43.61
N ILE C 764 15.66 27.74 43.61
CA ILE C 764 14.60 27.24 42.74
C ILE C 764 13.79 28.42 42.24
N SER C 765 13.03 28.18 41.18
CA SER C 765 12.12 29.16 40.62
C SER C 765 10.73 28.54 40.53
N ILE C 766 9.75 29.24 41.07
CA ILE C 766 8.35 28.79 41.03
C ILE C 766 7.61 29.65 40.02
N PRO C 767 6.99 29.07 39.01
CA PRO C 767 6.28 29.87 38.01
C PRO C 767 5.07 30.59 38.59
N THR C 768 4.75 31.73 37.98
CA THR C 768 3.65 32.57 38.42
C THR C 768 3.30 33.53 37.29
N ASN C 769 2.32 34.40 37.55
CA ASN C 769 1.70 35.24 36.51
C ASN C 769 1.05 34.37 35.44
N PHE C 770 0.36 33.31 35.85
CA PHE C 770 -0.14 32.35 34.87
C PHE C 770 -1.18 33.00 33.97
N SER C 771 -1.05 32.73 32.67
CA SER C 771 -2.01 33.16 31.67
C SER C 771 -2.30 31.99 30.76
N MET C 772 -3.57 31.84 30.39
CA MET C 772 -4.03 30.66 29.67
C MET C 772 -4.10 30.94 28.18
N SER C 773 -3.51 30.04 27.39
CA SER C 773 -3.51 30.13 25.94
C SER C 773 -4.11 28.86 25.38
N ILE C 774 -4.87 28.99 24.30
CA ILE C 774 -5.57 27.86 23.70
C ILE C 774 -4.79 27.41 22.47
N ARG C 775 -4.52 26.11 22.41
CA ARG C 775 -3.79 25.48 21.31
C ARG C 775 -4.71 24.48 20.64
N THR C 776 -4.78 24.54 19.32
CA THR C 776 -5.78 23.80 18.56
C THR C 776 -5.18 22.57 17.88
N GLU C 777 -6.00 21.53 17.76
CA GLU C 777 -5.59 20.31 17.09
C GLU C 777 -6.79 19.63 16.46
N TYR C 778 -6.67 19.28 15.18
CA TYR C 778 -7.73 18.60 14.44
C TYR C 778 -7.43 17.11 14.39
N LEU C 779 -8.44 16.30 14.69
CA LEU C 779 -8.30 14.85 14.66
C LEU C 779 -9.46 14.26 13.87
N GLN C 780 -9.14 13.51 12.82
CA GLN C 780 -10.16 12.92 11.96
C GLN C 780 -10.72 11.66 12.61
N LEU C 781 -12.02 11.46 12.45
CA LEU C 781 -12.70 10.29 13.03
C LEU C 781 -13.15 9.27 12.00
N TYR C 782 -13.69 9.70 10.86
CA TYR C 782 -14.27 8.74 9.93
C TYR C 782 -13.99 9.16 8.50
N ASN C 783 -14.13 8.20 7.59
CA ASN C 783 -14.11 8.43 6.16
C ASN C 783 -15.48 8.14 5.58
N THR C 784 -15.71 8.64 4.38
CA THR C 784 -16.97 8.37 3.69
C THR C 784 -16.90 6.97 3.07
N PRO C 785 -17.79 6.05 3.44
CA PRO C 785 -17.73 4.72 2.85
C PRO C 785 -17.99 4.75 1.36
N VAL C 786 -17.28 3.90 0.63
CA VAL C 786 -17.43 3.76 -0.81
C VAL C 786 -17.66 2.29 -1.12
N SER C 787 -18.74 1.99 -1.83
CA SER C 787 -19.05 0.64 -2.25
C SER C 787 -18.86 0.55 -3.77
N VAL C 788 -17.91 -0.27 -4.20
CA VAL C 788 -17.58 -0.41 -5.60
C VAL C 788 -18.07 -1.78 -6.06
N ASP C 789 -18.97 -1.78 -7.04
CA ASP C 789 -19.43 -3.01 -7.65
C ASP C 789 -18.43 -3.38 -8.75
N CYS C 790 -17.55 -4.33 -8.46
CA CYS C 790 -16.44 -4.61 -9.35
C CYS C 790 -16.92 -5.16 -10.69
N ALA C 791 -17.99 -5.95 -10.69
CA ALA C 791 -18.50 -6.51 -11.94
C ALA C 791 -18.92 -5.41 -12.90
N THR C 792 -19.67 -4.42 -12.41
CA THR C 792 -20.11 -3.35 -13.29
C THR C 792 -18.98 -2.41 -13.66
N TYR C 793 -18.03 -2.19 -12.75
CA TYR C 793 -16.91 -1.32 -13.06
C TYR C 793 -16.03 -1.92 -14.15
N VAL C 794 -15.62 -3.18 -13.96
CA VAL C 794 -14.73 -3.82 -14.93
C VAL C 794 -15.47 -4.14 -16.21
N CYS C 795 -16.67 -4.71 -16.10
CA CYS C 795 -17.35 -5.25 -17.28
C CYS C 795 -18.29 -4.28 -17.95
N ASN C 796 -18.71 -3.22 -17.26
CA ASN C 796 -19.67 -2.25 -17.79
C ASN C 796 -20.97 -2.91 -18.22
N GLY C 797 -21.35 -4.00 -17.55
CA GLY C 797 -22.60 -4.66 -17.85
C GLY C 797 -22.56 -5.61 -19.03
N ASN C 798 -21.39 -5.90 -19.57
CA ASN C 798 -21.26 -6.80 -20.71
C ASN C 798 -21.20 -8.23 -20.20
N SER C 799 -22.10 -9.08 -20.69
CA SER C 799 -22.21 -10.44 -20.16
C SER C 799 -20.97 -11.27 -20.47
N ARG C 800 -20.43 -11.14 -21.68
CA ARG C 800 -19.25 -11.93 -22.04
C ARG C 800 -18.06 -11.58 -21.16
N CYS C 801 -17.89 -10.30 -20.83
CA CYS C 801 -16.81 -9.91 -19.94
C CYS C 801 -16.97 -10.50 -18.55
N LYS C 802 -18.21 -10.65 -18.08
CA LYS C 802 -18.44 -11.32 -16.81
C LYS C 802 -18.01 -12.78 -16.87
N GLN C 803 -18.27 -13.45 -17.99
CA GLN C 803 -17.80 -14.82 -18.15
C GLN C 803 -16.29 -14.89 -18.04
N LEU C 804 -15.59 -13.95 -18.66
CA LEU C 804 -14.14 -13.92 -18.55
C LEU C 804 -13.68 -13.51 -17.16
N LEU C 805 -14.44 -12.66 -16.49
CA LEU C 805 -14.04 -12.20 -15.16
C LEU C 805 -14.19 -13.30 -14.13
N THR C 806 -15.11 -14.24 -14.35
CA THR C 806 -15.26 -15.36 -13.42
C THR C 806 -13.99 -16.19 -13.32
N GLN C 807 -13.11 -16.15 -14.32
CA GLN C 807 -11.87 -16.90 -14.27
C GLN C 807 -10.84 -16.29 -13.32
N TYR C 808 -11.09 -15.10 -12.81
CA TYR C 808 -10.15 -14.44 -11.92
C TYR C 808 -10.38 -14.78 -10.46
N THR C 809 -11.31 -15.70 -10.18
CA THR C 809 -11.57 -16.23 -8.83
C THR C 809 -11.95 -15.06 -7.92
N ALA C 810 -11.22 -14.81 -6.84
CA ALA C 810 -11.64 -13.85 -5.82
C ALA C 810 -11.06 -12.46 -6.06
N ALA C 811 -10.73 -12.12 -7.32
CA ALA C 811 -10.18 -10.81 -7.59
C ALA C 811 -11.17 -9.72 -7.22
N CYS C 812 -12.43 -9.89 -7.58
CA CYS C 812 -13.45 -8.93 -7.20
C CYS C 812 -13.90 -9.12 -5.76
N LYS C 813 -13.91 -10.38 -5.28
CA LYS C 813 -14.35 -10.63 -3.92
C LYS C 813 -13.41 -9.98 -2.91
N THR C 814 -12.10 -10.13 -3.11
CA THR C 814 -11.13 -9.56 -2.19
C THR C 814 -11.12 -8.05 -2.20
N ILE C 815 -11.74 -7.43 -3.20
CA ILE C 815 -11.86 -5.97 -3.24
C ILE C 815 -13.11 -5.50 -2.52
N GLU C 816 -14.27 -6.05 -2.90
CA GLU C 816 -15.53 -5.61 -2.30
C GLU C 816 -15.56 -5.90 -0.81
N SER C 817 -15.10 -7.09 -0.41
CA SER C 817 -15.10 -7.44 1.01
C SER C 817 -14.21 -6.50 1.80
N ALA C 818 -13.04 -6.17 1.26
CA ALA C 818 -12.12 -5.28 1.98
C ALA C 818 -12.75 -3.90 2.20
N LEU C 819 -13.38 -3.33 1.17
CA LEU C 819 -13.97 -2.00 1.30
C LEU C 819 -15.09 -1.99 2.34
N GLN C 820 -16.02 -2.93 2.26
CA GLN C 820 -17.16 -2.91 3.17
C GLN C 820 -16.74 -3.25 4.60
N LEU C 821 -15.73 -4.09 4.76
CA LEU C 821 -15.27 -4.44 6.10
C LEU C 821 -14.66 -3.22 6.80
N SER C 822 -13.84 -2.46 6.08
CA SER C 822 -13.27 -1.25 6.67
C SER C 822 -14.35 -0.25 7.02
N ALA C 823 -15.33 -0.07 6.12
CA ALA C 823 -16.42 0.87 6.40
C ALA C 823 -17.23 0.44 7.60
N ARG C 824 -17.53 -0.86 7.71
CA ARG C 824 -18.30 -1.35 8.85
C ARG C 824 -17.52 -1.20 10.14
N LEU C 825 -16.21 -1.42 10.10
CA LEU C 825 -15.40 -1.28 11.30
C LEU C 825 -15.42 0.15 11.84
N GLU C 826 -15.21 1.14 10.96
CA GLU C 826 -15.25 2.52 11.45
C GLU C 826 -16.65 2.89 11.92
N SER C 827 -17.68 2.39 11.24
CA SER C 827 -19.05 2.73 11.63
C SER C 827 -19.34 2.29 13.05
N VAL C 828 -19.01 1.04 13.39
CA VAL C 828 -19.27 0.56 14.73
C VAL C 828 -18.40 1.30 15.75
N GLU C 829 -17.15 1.58 15.40
CA GLU C 829 -16.24 2.23 16.34
C GLU C 829 -16.72 3.62 16.71
N VAL C 830 -17.11 4.42 15.71
CA VAL C 830 -17.52 5.79 15.99
C VAL C 830 -18.97 5.91 16.43
N ASN C 831 -19.79 4.88 16.22
CA ASN C 831 -21.11 4.90 16.82
C ASN C 831 -21.04 4.65 18.31
N SER C 832 -20.15 3.76 18.73
CA SER C 832 -19.91 3.57 20.16
C SER C 832 -19.11 4.71 20.76
N MET C 833 -18.31 5.38 19.94
CA MET C 833 -17.49 6.49 20.44
C MET C 833 -18.36 7.65 20.88
N LEU C 834 -19.37 8.00 20.08
CA LEU C 834 -20.12 9.24 20.30
C LEU C 834 -21.27 8.94 21.24
N THR C 835 -20.99 9.05 22.54
CA THR C 835 -22.01 8.95 23.56
C THR C 835 -22.49 10.35 23.91
N ILE C 836 -23.81 10.54 23.87
CA ILE C 836 -24.41 11.85 24.03
C ILE C 836 -25.30 11.83 25.26
N SER C 837 -25.11 12.80 26.14
CA SER C 837 -25.91 12.94 27.36
C SER C 837 -26.84 14.12 27.18
N GLU C 838 -28.15 13.87 27.29
CA GLU C 838 -29.12 14.95 27.10
C GLU C 838 -29.08 15.94 28.26
N GLU C 839 -28.76 15.48 29.46
CA GLU C 839 -28.65 16.39 30.60
C GLU C 839 -27.54 17.41 30.38
N ALA C 840 -26.41 16.98 29.82
CA ALA C 840 -25.36 17.93 29.48
C ALA C 840 -25.73 18.78 28.28
N LEU C 841 -26.53 18.25 27.35
CA LEU C 841 -26.95 19.04 26.20
C LEU C 841 -27.77 20.26 26.62
N GLN C 842 -28.62 20.08 27.63
CA GLN C 842 -29.47 21.19 28.08
C GLN C 842 -28.63 22.36 28.56
N LEU C 843 -27.43 22.10 29.09
CA LEU C 843 -26.57 23.14 29.59
C LEU C 843 -25.61 23.66 28.53
N ALA C 844 -25.72 23.19 27.30
CA ALA C 844 -24.83 23.57 26.22
C ALA C 844 -25.42 24.65 25.32
N THR C 845 -26.24 25.52 25.88
CA THR C 845 -26.84 26.61 25.12
C THR C 845 -26.52 27.94 25.80
N ILE C 846 -26.54 29.00 25.02
CA ILE C 846 -26.19 30.32 25.53
C ILE C 846 -27.19 30.75 26.61
N SER C 847 -28.43 30.29 26.52
CA SER C 847 -29.43 30.63 27.53
C SER C 847 -29.05 30.06 28.89
N SER C 848 -28.57 28.82 28.93
CA SER C 848 -28.29 28.14 30.18
C SER C 848 -26.84 28.32 30.63
N PHE C 849 -25.89 28.16 29.70
CA PHE C 849 -24.48 28.29 30.04
C PHE C 849 -24.18 29.72 30.51
N ASN C 850 -23.43 29.82 31.60
CA ASN C 850 -23.04 31.11 32.16
C ASN C 850 -21.54 31.05 32.44
N GLY C 851 -20.75 31.40 31.44
CA GLY C 851 -19.32 31.50 31.63
C GLY C 851 -18.96 32.84 32.22
N ASP C 852 -19.17 32.99 33.53
CA ASP C 852 -19.03 34.29 34.16
C ASP C 852 -17.60 34.79 34.05
N GLY C 853 -17.39 35.77 33.17
CA GLY C 853 -16.07 36.25 32.85
C GLY C 853 -15.49 35.63 31.59
N TYR C 854 -16.09 34.57 31.08
CA TYR C 854 -15.58 33.83 29.94
C TYR C 854 -16.46 34.03 28.73
N ASN C 855 -15.85 34.37 27.60
CA ASN C 855 -16.55 34.61 26.34
C ASN C 855 -16.74 33.29 25.61
N PHE C 856 -17.86 32.62 25.86
CA PHE C 856 -18.15 31.33 25.25
C PHE C 856 -19.12 31.43 24.08
N THR C 857 -19.50 32.64 23.66
CA THR C 857 -20.52 32.76 22.62
C THR C 857 -20.05 32.15 21.31
N ASN C 858 -18.78 32.34 20.96
CA ASN C 858 -18.23 31.76 19.74
C ASN C 858 -18.13 30.24 19.81
N VAL C 859 -18.32 29.63 20.97
CA VAL C 859 -18.11 28.19 21.12
C VAL C 859 -19.44 27.46 21.14
N LEU C 860 -20.49 28.10 21.61
CA LEU C 860 -21.79 27.46 21.76
C LEU C 860 -22.70 27.82 20.60
N GLY C 861 -23.62 26.90 20.29
CA GLY C 861 -24.55 27.07 19.19
C GLY C 861 -25.94 27.41 19.68
N VAL C 862 -26.65 28.23 18.91
CA VAL C 862 -28.02 28.61 19.22
C VAL C 862 -28.97 27.49 18.79
N SER C 863 -30.23 27.58 19.23
CA SER C 863 -31.22 26.57 18.89
C SER C 863 -32.60 27.14 19.12
N VAL C 864 -33.46 27.04 18.10
CA VAL C 864 -34.87 27.43 18.20
C VAL C 864 -35.70 26.30 17.60
N TYR C 865 -37.02 26.52 17.57
CA TYR C 865 -37.94 25.51 17.05
C TYR C 865 -37.95 25.61 15.52
N ASP C 866 -37.43 24.58 14.86
CA ASP C 866 -37.43 24.55 13.41
C ASP C 866 -38.84 24.23 12.90
N PRO C 867 -39.43 25.05 12.04
CA PRO C 867 -40.71 24.68 11.44
C PRO C 867 -40.59 23.57 10.41
N ALA C 868 -39.37 23.14 10.08
CA ALA C 868 -39.16 22.01 9.20
C ALA C 868 -39.50 20.74 9.94
N ARG C 869 -40.74 20.26 9.78
CA ARG C 869 -41.27 19.09 10.46
C ARG C 869 -41.25 19.24 11.98
N GLY C 870 -41.25 20.46 12.48
CA GLY C 870 -41.41 20.69 13.90
C GLY C 870 -40.17 20.49 14.75
N ARG C 871 -39.40 19.45 14.44
CA ARG C 871 -38.29 19.07 15.31
C ARG C 871 -37.32 20.22 15.54
N VAL C 872 -36.91 20.38 16.80
CA VAL C 872 -36.01 21.47 17.16
C VAL C 872 -34.64 21.22 16.53
N VAL C 873 -34.03 22.28 16.02
CA VAL C 873 -32.70 22.21 15.43
C VAL C 873 -31.77 23.13 16.21
N GLN C 874 -30.54 22.68 16.40
CA GLN C 874 -29.53 23.46 17.10
C GLN C 874 -28.49 23.89 16.08
N LYS C 875 -28.39 25.19 15.86
CA LYS C 875 -27.42 25.73 14.91
C LYS C 875 -26.00 25.49 15.42
N ARG C 876 -25.07 25.33 14.48
CA ARG C 876 -23.68 25.11 14.85
C ARG C 876 -23.11 26.37 15.47
N SER C 877 -22.01 26.19 16.21
CA SER C 877 -21.33 27.32 16.82
C SER C 877 -20.72 28.22 15.73
N PHE C 878 -20.34 29.42 16.16
CA PHE C 878 -19.74 30.36 15.21
C PHE C 878 -18.43 29.81 14.65
N ILE C 879 -17.61 29.21 15.51
CA ILE C 879 -16.37 28.61 15.05
C ILE C 879 -16.65 27.41 14.15
N GLU C 880 -17.64 26.59 14.52
CA GLU C 880 -18.01 25.46 13.68
C GLU C 880 -18.50 25.91 12.31
N ASP C 881 -19.27 27.01 12.27
CA ASP C 881 -19.72 27.54 11.00
C ASP C 881 -18.55 28.00 10.14
N LEU C 882 -17.54 28.65 10.76
CA LEU C 882 -16.37 29.07 10.01
C LEU C 882 -15.64 27.89 9.40
N LEU C 883 -15.47 26.80 10.17
CA LEU C 883 -14.83 25.61 9.61
C LEU C 883 -15.62 25.05 8.45
N PHE C 884 -16.93 24.89 8.62
CA PHE C 884 -17.72 24.18 7.62
C PHE C 884 -17.93 25.02 6.38
N ASN C 885 -18.23 26.31 6.55
CA ASN C 885 -18.57 27.12 5.39
C ASN C 885 -17.35 27.42 4.53
N LYS C 886 -16.24 27.82 5.15
CA LYS C 886 -15.09 28.27 4.37
C LYS C 886 -14.31 27.14 3.73
N VAL C 887 -14.56 25.89 4.13
CA VAL C 887 -13.78 24.76 3.65
C VAL C 887 -14.59 23.87 2.70
N VAL C 888 -15.83 23.55 3.08
CA VAL C 888 -16.61 22.59 2.30
C VAL C 888 -16.85 23.15 0.91
N THR C 889 -16.43 22.40 -0.11
CA THR C 889 -16.57 22.86 -1.49
C THR C 889 -18.03 22.93 -1.92
N ASN C 890 -18.89 22.13 -1.31
CA ASN C 890 -20.32 22.18 -1.58
C ASN C 890 -21.07 23.12 -0.64
N GLY C 891 -20.38 23.72 0.32
CA GLY C 891 -21.04 24.60 1.29
C GLY C 891 -21.75 23.88 2.41
N LEU C 892 -22.56 22.87 2.08
CA LEU C 892 -23.29 22.10 3.07
C LEU C 892 -23.10 20.61 2.81
N GLY C 893 -23.12 19.83 3.90
CA GLY C 893 -22.96 18.40 3.79
C GLY C 893 -24.17 17.69 3.23
N THR C 894 -25.35 18.32 3.33
CA THR C 894 -26.56 17.74 2.75
C THR C 894 -26.53 17.75 1.22
N VAL C 895 -25.57 18.46 0.61
CA VAL C 895 -25.43 18.45 -0.84
C VAL C 895 -24.96 17.08 -1.32
N ASP C 896 -24.44 16.25 -0.42
CA ASP C 896 -24.07 14.88 -0.76
C ASP C 896 -25.24 14.19 -1.43
N GLU C 897 -25.08 13.88 -2.71
CA GLU C 897 -26.22 13.60 -3.57
C GLU C 897 -26.84 12.24 -3.25
N ASP C 898 -28.12 12.13 -3.60
CA ASP C 898 -28.87 10.90 -3.45
C ASP C 898 -28.91 10.17 -4.80
N TYR C 899 -28.94 8.85 -4.73
CA TYR C 899 -28.99 8.05 -5.94
C TYR C 899 -30.41 7.70 -6.34
N LYS C 900 -31.40 8.20 -5.59
CA LYS C 900 -32.79 7.93 -5.92
C LYS C 900 -33.14 8.48 -7.29
N ARG C 901 -32.66 9.69 -7.60
CA ARG C 901 -32.94 10.32 -8.88
C ARG C 901 -31.96 9.90 -9.96
N CYS C 902 -30.96 9.09 -9.62
CA CYS C 902 -29.95 8.70 -10.60
C CYS C 902 -30.51 7.69 -11.58
N SER C 903 -31.30 6.73 -11.09
CA SER C 903 -31.88 5.72 -11.97
C SER C 903 -33.03 6.27 -12.80
N ASN C 904 -33.47 7.49 -12.53
CA ASN C 904 -34.59 8.07 -13.27
C ASN C 904 -34.26 8.19 -14.76
N GLY C 905 -33.11 8.78 -15.07
CA GLY C 905 -32.66 8.84 -16.45
C GLY C 905 -33.36 9.85 -17.32
N ARG C 906 -34.23 10.69 -16.76
CA ARG C 906 -34.93 11.69 -17.53
C ARG C 906 -34.18 13.03 -17.55
N SER C 907 -32.99 13.09 -16.96
CA SER C 907 -32.14 14.26 -17.01
C SER C 907 -30.72 13.81 -17.30
N VAL C 908 -29.93 14.72 -17.89
CA VAL C 908 -28.56 14.38 -18.22
C VAL C 908 -27.76 14.19 -16.94
N ALA C 909 -27.02 13.10 -16.87
CA ALA C 909 -26.33 12.74 -15.63
C ALA C 909 -25.25 13.75 -15.28
N ASP C 910 -25.15 14.07 -14.00
CA ASP C 910 -24.06 14.91 -13.50
C ASP C 910 -22.90 14.01 -13.12
N LEU C 911 -21.91 14.57 -12.42
CA LEU C 911 -20.72 13.79 -12.06
C LEU C 911 -21.07 12.64 -11.14
N VAL C 912 -21.94 12.88 -10.14
CA VAL C 912 -22.28 11.82 -9.19
C VAL C 912 -22.98 10.67 -9.91
N CYS C 913 -23.96 11.00 -10.75
CA CYS C 913 -24.64 9.97 -11.51
C CYS C 913 -23.71 9.29 -12.50
N ALA C 914 -22.80 10.07 -13.11
CA ALA C 914 -21.87 9.48 -14.08
C ALA C 914 -20.99 8.41 -13.45
N GLN C 915 -20.50 8.66 -12.24
CA GLN C 915 -19.67 7.68 -11.57
C GLN C 915 -20.48 6.54 -10.97
N TYR C 916 -21.76 6.78 -10.65
CA TYR C 916 -22.60 5.69 -10.18
C TYR C 916 -22.92 4.72 -11.31
N TYR C 917 -22.99 5.21 -12.55
CA TYR C 917 -23.19 4.33 -13.69
C TYR C 917 -22.02 3.39 -13.88
N SER C 918 -20.88 3.67 -13.25
CA SER C 918 -19.71 2.82 -13.32
C SER C 918 -19.52 1.97 -12.07
N GLY C 919 -20.58 1.78 -11.28
CA GLY C 919 -20.55 0.89 -10.15
C GLY C 919 -20.10 1.49 -8.84
N VAL C 920 -19.65 2.74 -8.84
CA VAL C 920 -19.14 3.37 -7.62
C VAL C 920 -20.27 4.12 -6.94
N MET C 921 -20.55 3.74 -5.69
CA MET C 921 -21.61 4.36 -4.89
C MET C 921 -20.99 4.94 -3.63
N VAL C 922 -21.16 6.24 -3.43
CA VAL C 922 -20.63 6.92 -2.27
C VAL C 922 -21.74 7.01 -1.24
N LEU C 923 -21.62 6.22 -0.18
CA LEU C 923 -22.64 6.19 0.85
C LEU C 923 -22.43 7.35 1.82
N PRO C 924 -23.49 7.78 2.51
CA PRO C 924 -23.37 8.93 3.41
C PRO C 924 -22.37 8.66 4.52
N GLY C 925 -21.74 9.73 5.01
CA GLY C 925 -20.84 9.62 6.13
C GLY C 925 -21.54 9.06 7.36
N VAL C 926 -20.73 8.49 8.25
CA VAL C 926 -21.29 7.71 9.36
C VAL C 926 -22.14 8.60 10.27
N VAL C 927 -21.64 9.79 10.61
CA VAL C 927 -22.35 10.70 11.49
C VAL C 927 -22.45 12.06 10.81
N ASP C 928 -23.65 12.64 10.85
CA ASP C 928 -23.86 13.97 10.31
C ASP C 928 -23.13 15.01 11.14
N ALA C 929 -22.92 16.19 10.55
CA ALA C 929 -22.37 17.30 11.30
C ALA C 929 -23.30 17.70 12.44
N GLU C 930 -24.60 17.47 12.29
CA GLU C 930 -25.53 17.79 13.36
C GLU C 930 -25.31 16.89 14.57
N LYS C 931 -25.17 15.59 14.35
CA LYS C 931 -24.92 14.69 15.48
C LYS C 931 -23.55 14.97 16.08
N LEU C 932 -22.58 15.29 15.22
CA LEU C 932 -21.24 15.61 15.71
C LEU C 932 -21.25 16.90 16.53
N HIS C 933 -22.04 17.89 16.08
CA HIS C 933 -22.23 19.10 16.88
C HIS C 933 -22.88 18.80 18.21
N MET C 934 -23.88 17.91 18.22
CA MET C 934 -24.52 17.55 19.48
C MET C 934 -23.52 16.89 20.43
N TYR C 935 -22.64 16.06 19.87
CA TYR C 935 -21.61 15.44 20.71
C TYR C 935 -20.67 16.48 21.28
N SER C 936 -20.24 17.43 20.44
CA SER C 936 -19.35 18.49 20.94
C SER C 936 -20.02 19.32 22.00
N ALA C 937 -21.29 19.68 21.79
CA ALA C 937 -22.02 20.44 22.79
C ALA C 937 -22.21 19.62 24.07
N SER C 938 -22.42 18.31 23.93
CA SER C 938 -22.56 17.45 25.10
C SER C 938 -21.32 17.50 25.98
N LEU C 939 -20.13 17.44 25.38
CA LEU C 939 -18.89 17.53 26.16
C LEU C 939 -18.78 18.88 26.83
N ILE C 940 -19.05 19.95 26.09
CA ILE C 940 -18.90 21.29 26.63
C ILE C 940 -19.89 21.53 27.76
N GLY C 941 -21.09 20.96 27.66
CA GLY C 941 -22.06 21.12 28.73
C GLY C 941 -21.81 20.21 29.91
N GLY C 942 -21.17 19.06 29.68
CA GLY C 942 -20.88 18.17 30.80
C GLY C 942 -19.75 18.64 31.68
N MET C 943 -18.84 19.48 31.16
CA MET C 943 -17.78 20.00 32.00
C MET C 943 -18.28 21.02 33.02
N VAL C 944 -19.54 21.44 32.92
CA VAL C 944 -20.15 22.29 33.93
C VAL C 944 -21.32 21.59 34.62
N LEU C 945 -21.45 20.29 34.44
CA LEU C 945 -22.50 19.50 35.07
C LEU C 945 -21.96 18.94 36.38
N GLY C 946 -22.32 19.57 37.49
CA GLY C 946 -21.81 19.16 38.78
C GLY C 946 -22.62 18.11 39.50
N GLY C 947 -23.67 17.59 38.88
CA GLY C 947 -24.51 16.59 39.52
C GLY C 947 -25.23 15.75 38.49
N PHE C 948 -25.97 14.76 38.99
CA PHE C 948 -26.71 13.88 38.11
C PHE C 948 -27.82 14.63 37.36
N THR C 949 -28.42 15.63 37.98
CA THR C 949 -29.53 16.36 37.38
C THR C 949 -29.08 17.73 36.91
N ALA C 950 -29.96 18.39 36.16
CA ALA C 950 -29.66 19.72 35.64
C ALA C 950 -29.70 20.80 36.71
N ALA C 951 -30.17 20.48 37.91
CA ALA C 951 -30.19 21.46 39.00
C ALA C 951 -28.80 21.81 39.49
N ALA C 952 -27.79 21.00 39.16
CA ALA C 952 -26.42 21.24 39.57
C ALA C 952 -25.60 21.95 38.51
N ALA C 953 -26.24 22.78 37.69
CA ALA C 953 -25.50 23.58 36.72
C ALA C 953 -24.60 24.56 37.45
N LEU C 954 -23.43 24.82 36.87
CA LEU C 954 -22.42 25.61 37.55
C LEU C 954 -22.01 26.83 36.73
N PRO C 955 -21.59 27.91 37.37
CA PRO C 955 -20.83 28.93 36.66
C PRO C 955 -19.52 28.32 36.21
N PHE C 956 -19.05 28.75 35.03
CA PHE C 956 -17.83 28.15 34.51
C PHE C 956 -16.60 28.51 35.34
N SER C 957 -16.63 29.62 36.07
CA SER C 957 -15.49 29.98 36.92
C SER C 957 -15.28 28.93 38.01
N TYR C 958 -16.36 28.34 38.52
CA TYR C 958 -16.24 27.31 39.54
C TYR C 958 -15.55 26.06 38.98
N ALA C 959 -15.88 25.67 37.76
CA ALA C 959 -15.20 24.52 37.15
C ALA C 959 -13.73 24.81 36.96
N VAL C 960 -13.38 26.02 36.51
CA VAL C 960 -11.98 26.39 36.36
C VAL C 960 -11.28 26.37 37.71
N GLN C 961 -11.96 26.89 38.74
CA GLN C 961 -11.36 26.91 40.07
C GLN C 961 -11.11 25.51 40.59
N ALA C 962 -12.03 24.57 40.34
CA ALA C 962 -11.82 23.21 40.78
C ALA C 962 -10.60 22.58 40.10
N ARG C 963 -10.46 22.82 38.79
CA ARG C 963 -9.33 22.26 38.07
C ARG C 963 -8.01 22.92 38.48
N LEU C 964 -8.04 24.22 38.75
CA LEU C 964 -6.84 24.88 39.28
C LEU C 964 -6.41 24.25 40.60
N ASN C 965 -7.36 24.01 41.49
CA ASN C 965 -7.06 23.34 42.76
C ASN C 965 -6.50 21.94 42.52
N TYR C 966 -6.97 21.26 41.47
CA TYR C 966 -6.50 19.91 41.18
C TYR C 966 -4.99 19.88 40.94
N LEU C 967 -4.49 20.74 40.05
CA LEU C 967 -3.07 20.68 39.74
C LEU C 967 -2.21 21.32 40.83
N ALA C 968 -2.72 22.37 41.48
CA ALA C 968 -1.97 23.01 42.56
C ALA C 968 -2.94 23.81 43.42
N LEU C 969 -3.00 23.49 44.72
CA LEU C 969 -3.98 24.10 45.61
C LEU C 969 -3.82 25.61 45.64
N GLN C 970 -4.94 26.32 45.50
CA GLN C 970 -4.91 27.78 45.54
C GLN C 970 -4.91 28.27 46.98
N THR C 971 -4.04 29.23 47.28
CA THR C 971 -3.94 29.76 48.63
C THR C 971 -4.50 31.16 48.79
N ASP C 972 -4.62 31.93 47.72
CA ASP C 972 -5.20 33.28 47.78
C ASP C 972 -6.03 33.47 46.51
N VAL C 973 -7.32 33.15 46.59
CA VAL C 973 -8.20 33.26 45.43
C VAL C 973 -8.83 34.65 45.49
N LEU C 974 -8.10 35.62 44.94
CA LEU C 974 -8.64 36.95 44.75
C LEU C 974 -9.51 36.99 43.50
N GLN C 975 -10.40 37.98 43.44
CA GLN C 975 -11.20 38.15 42.24
C GLN C 975 -10.32 38.47 41.04
N ARG C 976 -9.27 39.27 41.26
CA ARG C 976 -8.31 39.51 40.20
C ARG C 976 -7.56 38.23 39.84
N ASN C 977 -7.30 37.36 40.82
CA ASN C 977 -6.61 36.11 40.54
C ASN C 977 -7.41 35.23 39.59
N GLN C 978 -8.72 35.45 39.51
CA GLN C 978 -9.57 34.78 38.54
C GLN C 978 -9.88 35.64 37.32
N GLN C 979 -9.97 36.96 37.51
CA GLN C 979 -10.29 37.85 36.40
C GLN C 979 -9.18 37.89 35.36
N LEU C 980 -7.92 37.80 35.79
CA LEU C 980 -6.82 37.79 34.83
C LEU C 980 -6.89 36.58 33.91
N LEU C 981 -7.19 35.40 34.49
CA LEU C 981 -7.34 34.21 33.66
C LEU C 981 -8.51 34.36 32.70
N ALA C 982 -9.63 34.91 33.19
CA ALA C 982 -10.79 35.10 32.33
C ALA C 982 -10.48 36.06 31.19
N GLU C 983 -9.80 37.17 31.48
CA GLU C 983 -9.46 38.11 30.43
C GLU C 983 -8.50 37.51 29.42
N SER C 984 -7.52 36.75 29.90
CA SER C 984 -6.58 36.09 29.01
C SER C 984 -7.29 35.10 28.10
N PHE C 985 -8.23 34.33 28.66
CA PHE C 985 -9.00 33.39 27.84
C PHE C 985 -9.80 34.11 26.77
N ASN C 986 -10.46 35.21 27.15
CA ASN C 986 -11.26 35.95 26.18
C ASN C 986 -10.41 36.49 25.05
N SER C 987 -9.25 37.07 25.37
CA SER C 987 -8.37 37.58 24.32
C SER C 987 -7.90 36.46 23.40
N ALA C 988 -7.51 35.32 23.99
CA ALA C 988 -7.00 34.21 23.19
C ALA C 988 -8.08 33.60 22.32
N ILE C 989 -9.30 33.46 22.83
CA ILE C 989 -10.38 32.90 22.04
C ILE C 989 -10.76 33.83 20.90
N GLY C 990 -10.69 35.15 21.13
CA GLY C 990 -10.95 36.09 20.05
C GLY C 990 -9.95 35.98 18.91
N ASN C 991 -8.67 35.82 19.24
CA ASN C 991 -7.65 35.67 18.20
C ASN C 991 -7.87 34.39 17.41
N ILE C 992 -8.30 33.31 18.07
CA ILE C 992 -8.59 32.09 17.32
C ILE C 992 -9.74 32.32 16.36
N THR C 993 -10.81 32.97 16.82
CA THR C 993 -11.92 33.27 15.92
C THR C 993 -11.45 34.14 14.76
N SER C 994 -10.64 35.16 15.06
CA SER C 994 -10.10 36.01 14.00
C SER C 994 -9.19 35.23 13.07
N ALA C 995 -8.35 34.34 13.63
CA ALA C 995 -7.45 33.55 12.80
C ALA C 995 -8.20 32.61 11.87
N PHE C 996 -9.41 32.21 12.24
CA PHE C 996 -10.23 31.43 11.32
C PHE C 996 -10.69 32.27 10.14
N GLU C 997 -10.94 33.55 10.36
CA GLU C 997 -11.36 34.46 9.30
C GLU C 997 -10.15 35.07 8.59
N ARG C 1008 1.59 30.79 13.67
CA ARG C 1008 1.68 29.77 12.64
C ARG C 1008 2.61 28.63 13.07
N GLY C 1009 2.25 27.41 12.66
CA GLY C 1009 3.01 26.23 12.99
C GLY C 1009 2.13 25.09 13.44
N LEU C 1010 2.72 23.98 13.85
CA LEU C 1010 1.94 22.87 14.36
C LEU C 1010 1.24 23.27 15.65
N ASN C 1011 0.07 22.67 15.88
CA ASN C 1011 -0.76 22.94 17.05
C ASN C 1011 -1.20 24.40 17.06
N THR C 1012 -1.49 24.93 15.87
CA THR C 1012 -2.05 26.27 15.69
C THR C 1012 -3.23 26.17 14.75
N VAL C 1013 -3.93 27.29 14.55
CA VAL C 1013 -5.14 27.27 13.74
C VAL C 1013 -4.80 27.04 12.28
N ALA C 1014 -3.70 27.63 11.80
CA ALA C 1014 -3.35 27.50 10.39
C ALA C 1014 -3.07 26.06 10.02
N HIS C 1015 -2.34 25.33 10.86
CA HIS C 1015 -2.07 23.92 10.58
C HIS C 1015 -3.35 23.10 10.55
N ALA C 1016 -4.27 23.38 11.48
CA ALA C 1016 -5.54 22.66 11.48
C ALA C 1016 -6.32 22.88 10.19
N LEU C 1017 -6.34 24.13 9.70
CA LEU C 1017 -7.04 24.41 8.45
C LEU C 1017 -6.45 23.63 7.29
N THR C 1018 -5.12 23.55 7.21
CA THR C 1018 -4.50 22.79 6.13
C THR C 1018 -4.88 21.32 6.21
N LYS C 1019 -4.90 20.76 7.42
CA LYS C 1019 -5.30 19.37 7.58
C LYS C 1019 -6.76 19.15 7.15
N VAL C 1020 -7.64 20.08 7.53
CA VAL C 1020 -9.05 19.96 7.16
C VAL C 1020 -9.21 20.03 5.65
N GLN C 1021 -8.50 20.96 5.00
CA GLN C 1021 -8.61 21.07 3.54
C GLN C 1021 -8.13 19.79 2.86
N GLU C 1022 -7.02 19.23 3.33
CA GLU C 1022 -6.54 17.97 2.78
C GLU C 1022 -7.57 16.86 2.98
N VAL C 1023 -8.23 16.83 4.14
CA VAL C 1023 -9.22 15.80 4.41
C VAL C 1023 -10.37 15.89 3.42
N VAL C 1024 -10.89 17.10 3.17
CA VAL C 1024 -12.04 17.24 2.29
C VAL C 1024 -11.70 17.08 0.82
N ASN C 1025 -10.41 17.16 0.47
CA ASN C 1025 -10.01 17.01 -0.93
C ASN C 1025 -9.56 15.59 -1.26
N SER C 1026 -8.98 14.88 -0.29
CA SER C 1026 -8.34 13.60 -0.58
C SER C 1026 -9.36 12.57 -1.07
N GLN C 1027 -10.53 12.54 -0.45
CA GLN C 1027 -11.53 11.53 -0.80
C GLN C 1027 -12.01 11.71 -2.24
N GLY C 1028 -12.29 12.95 -2.65
CA GLY C 1028 -12.69 13.18 -4.03
C GLY C 1028 -11.61 12.86 -5.05
N ALA C 1029 -10.35 13.17 -4.69
CA ALA C 1029 -9.23 12.91 -5.59
C ALA C 1029 -9.08 11.43 -5.93
N ALA C 1030 -9.16 10.56 -4.92
CA ALA C 1030 -9.00 9.13 -5.18
C ALA C 1030 -10.11 8.60 -6.07
N LEU C 1031 -11.34 9.06 -5.86
CA LEU C 1031 -12.47 8.60 -6.66
C LEU C 1031 -12.34 9.03 -8.11
N THR C 1032 -11.88 10.26 -8.36
CA THR C 1032 -11.72 10.72 -9.74
C THR C 1032 -10.66 9.93 -10.48
N GLN C 1033 -9.56 9.57 -9.81
CA GLN C 1033 -8.60 8.67 -10.43
C GLN C 1033 -9.27 7.37 -10.86
N LEU C 1034 -10.08 6.79 -9.96
CA LEU C 1034 -10.68 5.51 -10.27
C LEU C 1034 -11.63 5.63 -11.46
N THR C 1035 -12.36 6.73 -11.55
CA THR C 1035 -13.32 6.88 -12.64
C THR C 1035 -12.62 7.20 -13.95
N VAL C 1036 -11.45 7.85 -13.90
CA VAL C 1036 -10.79 8.23 -15.15
C VAL C 1036 -10.02 7.07 -15.74
N GLN C 1037 -9.75 6.01 -14.96
CA GLN C 1037 -9.05 4.86 -15.52
C GLN C 1037 -9.88 4.16 -16.58
N LEU C 1038 -11.18 4.43 -16.63
CA LEU C 1038 -12.03 3.83 -17.65
C LEU C 1038 -11.72 4.37 -19.03
N GLN C 1039 -11.12 5.56 -19.12
CA GLN C 1039 -10.71 6.10 -20.41
C GLN C 1039 -9.64 5.23 -21.04
N HIS C 1040 -8.69 4.75 -20.25
CA HIS C 1040 -7.50 4.14 -20.81
C HIS C 1040 -7.83 2.80 -21.42
N ASN C 1041 -7.48 2.63 -22.69
CA ASN C 1041 -7.46 1.33 -23.33
C ASN C 1041 -6.09 0.71 -23.05
N PHE C 1042 -6.05 -0.26 -22.14
CA PHE C 1042 -4.77 -0.77 -21.68
C PHE C 1042 -4.12 -1.60 -22.77
N GLN C 1043 -3.64 -0.92 -23.81
CA GLN C 1043 -3.02 -1.55 -24.98
C GLN C 1043 -3.98 -2.43 -25.74
N ALA C 1044 -5.28 -2.23 -25.56
CA ALA C 1044 -6.29 -2.94 -26.31
C ALA C 1044 -6.70 -2.10 -27.52
N ILE C 1045 -7.66 -2.60 -28.28
CA ILE C 1045 -8.13 -1.86 -29.45
C ILE C 1045 -8.84 -0.59 -29.02
N SER C 1046 -9.69 -0.67 -28.01
CA SER C 1046 -10.44 0.49 -27.54
C SER C 1046 -10.80 0.29 -26.08
N SER C 1047 -11.15 1.39 -25.42
CA SER C 1047 -11.59 1.34 -24.03
C SER C 1047 -13.05 0.96 -23.88
N SER C 1048 -13.81 0.93 -24.97
CA SER C 1048 -15.20 0.50 -24.94
C SER C 1048 -15.23 -0.99 -25.22
N ILE C 1049 -15.73 -1.77 -24.26
CA ILE C 1049 -15.61 -3.22 -24.37
C ILE C 1049 -16.55 -3.77 -25.44
N ASP C 1050 -17.73 -3.17 -25.60
CA ASP C 1050 -18.62 -3.58 -26.69
C ASP C 1050 -18.02 -3.24 -28.05
N ASP C 1051 -17.26 -2.15 -28.13
CA ASP C 1051 -16.55 -1.82 -29.37
C ASP C 1051 -15.57 -2.92 -29.75
N ILE C 1052 -14.85 -3.47 -28.77
CA ILE C 1052 -13.90 -4.55 -29.05
C ILE C 1052 -14.62 -5.76 -29.63
N TYR C 1053 -15.73 -6.15 -29.02
CA TYR C 1053 -16.45 -7.34 -29.48
C TYR C 1053 -17.04 -7.14 -30.87
N SER C 1054 -17.34 -5.90 -31.25
CA SER C 1054 -17.81 -5.66 -32.60
C SER C 1054 -16.66 -5.70 -33.61
N ARG C 1055 -15.49 -5.20 -33.23
CA ARG C 1055 -14.38 -5.13 -34.17
C ARG C 1055 -13.75 -6.51 -34.38
N LEU C 1056 -13.60 -7.28 -33.31
CA LEU C 1056 -12.82 -8.52 -33.34
C LEU C 1056 -13.72 -9.74 -33.25
N ASP C 1057 -13.18 -10.87 -33.72
CA ASP C 1057 -13.83 -12.16 -33.57
C ASP C 1057 -13.78 -12.59 -32.11
N PRO C 1058 -14.70 -13.45 -31.69
CA PRO C 1058 -14.79 -13.84 -30.27
C PRO C 1058 -13.47 -14.36 -29.71
N PRO C 1059 -12.70 -15.18 -30.46
CA PRO C 1059 -11.43 -15.66 -29.89
C PRO C 1059 -10.45 -14.54 -29.59
N SER C 1060 -10.13 -13.70 -30.57
CA SER C 1060 -9.15 -12.65 -30.34
C SER C 1060 -9.70 -11.54 -29.46
N ALA C 1061 -11.02 -11.34 -29.47
CA ALA C 1061 -11.62 -10.33 -28.59
C ALA C 1061 -11.37 -10.66 -27.13
N ASP C 1062 -11.43 -11.95 -26.79
CA ASP C 1062 -11.18 -12.35 -25.41
C ASP C 1062 -9.77 -11.97 -24.97
N VAL C 1063 -8.81 -12.09 -25.87
CA VAL C 1063 -7.45 -11.66 -25.55
C VAL C 1063 -7.40 -10.15 -25.35
N GLN C 1064 -8.12 -9.41 -26.20
CA GLN C 1064 -8.07 -7.95 -26.12
C GLN C 1064 -8.79 -7.42 -24.88
N VAL C 1065 -9.97 -7.96 -24.58
CA VAL C 1065 -10.70 -7.48 -23.41
C VAL C 1065 -10.00 -7.89 -22.13
N ASP C 1066 -9.23 -8.97 -22.16
CA ASP C 1066 -8.49 -9.35 -20.97
C ASP C 1066 -7.38 -8.36 -20.65
N ARG C 1067 -6.90 -7.61 -21.64
CA ARG C 1067 -5.91 -6.58 -21.36
C ARG C 1067 -6.48 -5.50 -20.45
N LEU C 1068 -7.70 -5.06 -20.73
CA LEU C 1068 -8.28 -3.99 -19.93
C LEU C 1068 -8.90 -4.51 -18.63
N ILE C 1069 -9.33 -5.78 -18.61
CA ILE C 1069 -9.76 -6.36 -17.34
C ILE C 1069 -8.60 -6.37 -16.37
N THR C 1070 -7.42 -6.78 -16.82
CA THR C 1070 -6.24 -6.72 -15.98
C THR C 1070 -5.91 -5.28 -15.61
N GLY C 1071 -6.03 -4.37 -16.57
CA GLY C 1071 -5.74 -2.97 -16.30
C GLY C 1071 -6.69 -2.35 -15.31
N ARG C 1072 -8.00 -2.61 -15.49
CA ARG C 1072 -8.97 -2.03 -14.57
C ARG C 1072 -8.90 -2.69 -13.21
N LEU C 1073 -8.62 -3.99 -13.15
CA LEU C 1073 -8.49 -4.67 -11.87
C LEU C 1073 -7.31 -4.13 -11.09
N SER C 1074 -6.20 -3.86 -11.77
CA SER C 1074 -5.04 -3.29 -11.09
C SER C 1074 -5.32 -1.86 -10.67
N ALA C 1075 -6.06 -1.11 -11.49
CA ALA C 1075 -6.47 0.23 -11.09
C ALA C 1075 -7.46 0.19 -9.94
N LEU C 1076 -8.29 -0.85 -9.90
CA LEU C 1076 -9.22 -1.02 -8.79
C LEU C 1076 -8.49 -1.44 -7.53
N ASN C 1077 -7.46 -2.27 -7.67
CA ASN C 1077 -6.68 -2.68 -6.51
C ASN C 1077 -5.87 -1.52 -5.95
N ALA C 1078 -5.37 -0.64 -6.83
CA ALA C 1078 -4.62 0.52 -6.35
C ALA C 1078 -5.51 1.44 -5.54
N PHE C 1079 -6.75 1.63 -5.97
CA PHE C 1079 -7.69 2.45 -5.22
C PHE C 1079 -7.96 1.85 -3.84
N VAL C 1080 -8.16 0.53 -3.78
CA VAL C 1080 -8.42 -0.12 -2.51
C VAL C 1080 -7.19 -0.03 -1.60
N ALA C 1081 -6.01 -0.27 -2.15
CA ALA C 1081 -4.80 -0.25 -1.32
C ALA C 1081 -4.57 1.10 -0.67
N GLN C 1082 -4.93 2.18 -1.36
CA GLN C 1082 -4.73 3.50 -0.79
C GLN C 1082 -5.85 3.92 0.15
N THR C 1083 -7.04 3.33 0.01
CA THR C 1083 -8.09 3.61 0.98
C THR C 1083 -7.82 2.89 2.30
N LEU C 1084 -7.36 1.64 2.23
CA LEU C 1084 -7.00 0.93 3.46
C LEU C 1084 -5.87 1.65 4.18
N THR C 1085 -4.97 2.30 3.43
CA THR C 1085 -3.96 3.15 4.06
C THR C 1085 -4.62 4.32 4.77
N LYS C 1086 -5.63 4.93 4.15
CA LYS C 1086 -6.35 6.02 4.80
C LYS C 1086 -7.08 5.52 6.04
N TYR C 1087 -7.67 4.33 5.94
CA TYR C 1087 -8.41 3.78 7.08
C TYR C 1087 -7.49 3.50 8.26
N THR C 1088 -6.28 3.00 7.97
CA THR C 1088 -5.31 2.76 9.04
C THR C 1088 -4.92 4.06 9.73
N GLU C 1089 -4.67 5.11 8.94
CA GLU C 1089 -4.30 6.39 9.53
C GLU C 1089 -5.43 6.96 10.38
N VAL C 1090 -6.66 6.88 9.88
CA VAL C 1090 -7.79 7.42 10.63
C VAL C 1090 -8.04 6.62 11.89
N GLN C 1091 -7.87 5.30 11.82
CA GLN C 1091 -8.09 4.47 13.01
C GLN C 1091 -7.12 4.87 14.12
N ALA C 1092 -5.86 5.16 13.76
CA ALA C 1092 -4.93 5.69 14.74
C ALA C 1092 -5.35 7.08 15.21
N SER C 1093 -5.96 7.86 14.32
CA SER C 1093 -6.34 9.22 14.70
C SER C 1093 -7.54 9.21 15.64
N ARG C 1094 -8.56 8.40 15.34
CA ARG C 1094 -9.74 8.40 16.19
C ARG C 1094 -9.48 7.70 17.52
N LYS C 1095 -8.52 6.77 17.54
CA LYS C 1095 -8.15 6.15 18.80
C LYS C 1095 -7.50 7.17 19.73
N LEU C 1096 -6.70 8.07 19.16
CA LEU C 1096 -6.14 9.15 19.96
C LEU C 1096 -7.22 10.15 20.36
N ALA C 1097 -8.14 10.45 19.44
CA ALA C 1097 -9.22 11.38 19.76
C ALA C 1097 -10.09 10.86 20.89
N GLN C 1098 -10.41 9.56 20.86
CA GLN C 1098 -11.12 8.96 21.98
C GLN C 1098 -10.28 9.04 23.25
N GLN C 1099 -8.98 8.79 23.12
CA GLN C 1099 -8.08 8.95 24.26
C GLN C 1099 -7.94 10.41 24.65
N LYS C 1100 -8.09 11.33 23.69
CA LYS C 1100 -7.95 12.75 24.01
C LYS C 1100 -9.16 13.27 24.77
N VAL C 1101 -10.36 12.89 24.32
CA VAL C 1101 -11.57 13.40 24.98
C VAL C 1101 -11.71 12.79 26.38
N ASN C 1102 -11.35 11.52 26.53
CA ASN C 1102 -11.51 10.87 27.83
C ASN C 1102 -10.54 11.41 28.85
N GLU C 1103 -9.34 11.82 28.41
CA GLU C 1103 -8.28 12.19 29.34
C GLU C 1103 -8.03 13.68 29.41
N CYS C 1104 -8.56 14.46 28.47
CA CYS C 1104 -8.32 15.90 28.47
C CYS C 1104 -9.58 16.73 28.61
N VAL C 1105 -10.70 16.28 28.07
CA VAL C 1105 -11.95 17.04 28.10
C VAL C 1105 -12.83 16.62 29.27
N LYS C 1106 -13.04 15.31 29.43
CA LYS C 1106 -13.88 14.82 30.52
C LYS C 1106 -13.13 14.75 31.84
N SER C 1107 -11.81 14.91 31.83
CA SER C 1107 -11.03 14.94 33.05
C SER C 1107 -9.73 15.68 32.76
N GLN C 1108 -9.14 16.23 33.81
CA GLN C 1108 -7.85 16.90 33.68
C GLN C 1108 -6.73 15.87 33.66
N SER C 1109 -5.78 16.06 32.75
CA SER C 1109 -4.72 15.10 32.52
C SER C 1109 -3.46 15.51 33.27
N GLN C 1110 -2.87 14.55 34.01
CA GLN C 1110 -1.58 14.76 34.65
C GLN C 1110 -0.41 14.41 33.74
N ARG C 1111 -0.67 13.84 32.56
CA ARG C 1111 0.40 13.54 31.63
C ARG C 1111 0.88 14.83 30.99
N TYR C 1112 2.13 15.20 31.27
CA TYR C 1112 2.66 16.45 30.75
C TYR C 1112 2.76 16.40 29.23
N GLY C 1113 2.33 17.47 28.58
CA GLY C 1113 2.47 17.60 27.15
C GLY C 1113 1.44 16.88 26.31
N PHE C 1114 0.61 16.04 26.93
CA PHE C 1114 -0.41 15.33 26.17
C PHE C 1114 -1.53 16.26 25.74
N CYS C 1115 -1.77 17.34 26.49
CA CYS C 1115 -2.89 18.24 26.26
C CYS C 1115 -2.48 19.35 25.30
N GLY C 1116 -2.18 18.95 24.07
CA GLY C 1116 -1.80 19.91 23.05
C GLY C 1116 -0.54 20.67 23.36
N GLY C 1117 0.51 19.96 23.76
CA GLY C 1117 1.81 20.58 23.96
C GLY C 1117 2.09 20.90 25.42
N ASP C 1118 3.15 21.69 25.60
CA ASP C 1118 3.71 21.96 26.91
C ASP C 1118 2.79 22.87 27.74
N GLY C 1119 3.09 22.94 29.02
CA GLY C 1119 2.38 23.79 29.96
C GLY C 1119 1.40 23.02 30.83
N GLU C 1120 0.90 23.70 31.85
CA GLU C 1120 -0.10 23.12 32.74
C GLU C 1120 -1.48 23.27 32.12
N HIS C 1121 -2.17 22.14 31.94
CA HIS C 1121 -3.44 22.11 31.24
C HIS C 1121 -4.60 22.25 32.21
N ILE C 1122 -5.52 23.17 31.91
CA ILE C 1122 -6.68 23.40 32.76
C ILE C 1122 -7.84 22.57 32.25
N PHE C 1123 -8.29 22.87 31.03
CA PHE C 1123 -9.38 22.13 30.41
C PHE C 1123 -9.17 22.14 28.91
N SER C 1124 -10.06 21.46 28.21
CA SER C 1124 -10.04 21.43 26.76
C SER C 1124 -11.47 21.30 26.30
N LEU C 1125 -11.82 22.05 25.26
CA LEU C 1125 -13.18 22.09 24.76
C LEU C 1125 -13.19 21.77 23.28
N VAL C 1126 -14.13 20.92 22.88
CA VAL C 1126 -14.15 20.33 21.56
C VAL C 1126 -15.17 21.04 20.70
N GLN C 1127 -14.86 21.17 19.41
CA GLN C 1127 -15.80 21.67 18.42
C GLN C 1127 -15.87 20.66 17.27
N ALA C 1128 -17.01 20.64 16.59
CA ALA C 1128 -17.14 19.79 15.44
C ALA C 1128 -16.33 20.34 14.27
N ALA C 1129 -15.97 19.44 13.36
CA ALA C 1129 -15.22 19.82 12.16
C ALA C 1129 -15.46 18.75 11.11
N PRO C 1130 -15.24 19.08 9.82
CA PRO C 1130 -15.46 18.10 8.75
C PRO C 1130 -14.80 16.75 9.02
N GLN C 1131 -15.63 15.74 9.27
CA GLN C 1131 -15.17 14.37 9.50
C GLN C 1131 -14.17 14.31 10.67
N GLY C 1132 -14.41 15.08 11.71
CA GLY C 1132 -13.53 15.01 12.85
C GLY C 1132 -13.87 16.07 13.88
N LEU C 1133 -12.97 16.22 14.84
CA LEU C 1133 -13.14 17.11 15.97
C LEU C 1133 -11.98 18.08 16.03
N LEU C 1134 -12.28 19.34 16.33
CA LEU C 1134 -11.28 20.37 16.55
C LEU C 1134 -11.15 20.57 18.05
N PHE C 1135 -10.06 20.07 18.63
CA PHE C 1135 -9.81 20.27 20.04
C PHE C 1135 -9.17 21.63 20.28
N LEU C 1136 -9.62 22.28 21.35
CA LEU C 1136 -9.03 23.53 21.81
C LEU C 1136 -8.56 23.29 23.24
N HIS C 1137 -7.27 23.06 23.41
CA HIS C 1137 -6.71 22.78 24.73
C HIS C 1137 -6.29 24.09 25.36
N THR C 1138 -6.92 24.44 26.48
CA THR C 1138 -6.59 25.65 27.22
C THR C 1138 -5.51 25.31 28.23
N VAL C 1139 -4.29 25.78 27.99
CA VAL C 1139 -3.13 25.41 28.77
C VAL C 1139 -2.53 26.67 29.38
N LEU C 1140 -2.10 26.58 30.63
CA LEU C 1140 -1.48 27.70 31.31
C LEU C 1140 -0.02 27.84 30.92
N VAL C 1141 0.44 29.08 30.79
CA VAL C 1141 1.86 29.35 30.63
C VAL C 1141 2.23 30.42 31.66
N PRO C 1142 3.39 30.32 32.30
CA PRO C 1142 3.78 31.34 33.27
C PRO C 1142 4.42 32.53 32.56
N SER C 1143 4.18 33.72 33.10
CA SER C 1143 4.82 34.92 32.58
C SER C 1143 6.07 35.31 33.35
N ASP C 1144 6.17 34.94 34.63
CA ASP C 1144 7.34 35.22 35.43
C ASP C 1144 7.61 34.03 36.35
N PHE C 1145 8.72 34.11 37.08
CA PHE C 1145 9.16 33.06 37.99
C PHE C 1145 9.59 33.67 39.31
N VAL C 1146 9.12 33.09 40.42
CA VAL C 1146 9.53 33.52 41.74
C VAL C 1146 10.75 32.71 42.15
N ASP C 1147 11.86 33.40 42.41
CA ASP C 1147 13.10 32.76 42.80
C ASP C 1147 13.19 32.69 44.32
N VAL C 1148 13.25 31.48 44.86
CA VAL C 1148 13.32 31.24 46.29
C VAL C 1148 14.40 30.21 46.57
N ILE C 1149 14.57 29.88 47.84
CA ILE C 1149 15.61 28.97 48.30
C ILE C 1149 14.91 27.78 48.94
N ALA C 1150 14.85 26.66 48.23
CA ALA C 1150 14.22 25.46 48.75
C ALA C 1150 15.04 24.88 49.90
N ILE C 1151 14.32 24.45 50.94
CA ILE C 1151 14.92 23.85 52.13
C ILE C 1151 14.57 22.37 52.12
N ALA C 1152 15.58 21.52 52.34
CA ALA C 1152 15.34 20.08 52.26
C ALA C 1152 14.54 19.57 53.44
N GLY C 1153 14.83 20.05 54.64
CA GLY C 1153 14.13 19.56 55.82
C GLY C 1153 14.56 20.32 57.04
N LEU C 1154 14.00 19.91 58.18
CA LEU C 1154 14.24 20.56 59.46
C LEU C 1154 14.86 19.57 60.43
N CYS C 1155 15.98 19.97 61.05
CA CYS C 1155 16.63 19.21 62.10
C CYS C 1155 16.45 19.98 63.39
N VAL C 1156 15.45 19.61 64.18
CA VAL C 1156 15.15 20.31 65.42
C VAL C 1156 15.92 19.66 66.56
N ASN C 1157 16.60 20.49 67.35
CA ASN C 1157 17.50 20.05 68.41
C ASN C 1157 18.55 19.06 67.91
N ASP C 1158 18.82 19.05 66.60
CA ASP C 1158 19.75 18.10 65.99
C ASP C 1158 19.39 16.66 66.31
N GLU C 1159 18.13 16.40 66.65
CA GLU C 1159 17.71 15.11 67.17
C GLU C 1159 16.56 14.52 66.36
N ILE C 1160 15.66 15.36 65.86
CA ILE C 1160 14.52 14.94 65.07
C ILE C 1160 14.65 15.52 63.67
N ALA C 1161 14.70 14.65 62.67
CA ALA C 1161 14.68 15.08 61.29
C ALA C 1161 13.23 15.10 60.82
N LEU C 1162 12.85 16.17 60.14
CA LEU C 1162 11.45 16.43 59.81
C LEU C 1162 11.38 16.97 58.40
N THR C 1163 10.79 16.21 57.49
CA THR C 1163 10.80 16.54 56.06
C THR C 1163 9.39 16.53 55.51
N LEU C 1164 9.20 17.28 54.42
CA LEU C 1164 7.90 17.35 53.77
C LEU C 1164 7.52 16.00 53.20
N ARG C 1165 6.22 15.69 53.24
CA ARG C 1165 5.74 14.41 52.75
C ARG C 1165 5.44 14.43 51.26
N GLU C 1166 4.75 15.46 50.79
CA GLU C 1166 4.37 15.52 49.38
C GLU C 1166 5.59 15.83 48.52
N PRO C 1167 5.91 14.99 47.53
CA PRO C 1167 7.08 15.27 46.68
C PRO C 1167 6.95 16.56 45.89
N GLY C 1168 5.76 16.93 45.45
CA GLY C 1168 5.56 18.11 44.64
C GLY C 1168 5.38 19.39 45.42
N LEU C 1169 5.80 19.38 46.68
CA LEU C 1169 5.60 20.51 47.59
C LEU C 1169 6.94 20.97 48.11
N VAL C 1170 7.27 22.24 47.87
CA VAL C 1170 8.56 22.81 48.27
C VAL C 1170 8.39 23.61 49.56
N LEU C 1171 9.42 23.57 50.39
CA LEU C 1171 9.52 24.39 51.60
C LEU C 1171 10.62 25.40 51.38
N PHE C 1172 10.26 26.69 51.35
CA PHE C 1172 11.19 27.74 51.00
C PHE C 1172 11.05 28.90 51.99
N THR C 1173 11.86 29.93 51.78
CA THR C 1173 11.82 31.11 52.62
C THR C 1173 11.00 32.23 51.96
N TYR C 1184 9.07 31.53 56.56
CA TYR C 1184 9.06 30.24 55.89
C TYR C 1184 7.69 29.98 55.26
N PHE C 1185 7.69 29.30 54.11
CA PHE C 1185 6.46 29.00 53.41
C PHE C 1185 6.56 27.66 52.72
N VAL C 1186 5.40 27.06 52.45
CA VAL C 1186 5.29 25.87 51.61
C VAL C 1186 4.38 26.21 50.44
N SER C 1187 4.73 25.70 49.26
CA SER C 1187 3.94 25.98 48.07
C SER C 1187 4.09 24.82 47.10
N SER C 1188 3.10 24.68 46.22
CA SER C 1188 3.18 23.67 45.18
C SER C 1188 4.35 24.02 44.25
N ARG C 1189 4.94 22.99 43.66
CA ARG C 1189 6.03 23.23 42.73
C ARG C 1189 5.54 23.62 41.34
N ARG C 1190 4.24 23.51 41.08
CA ARG C 1190 3.67 23.89 39.79
C ARG C 1190 3.26 25.37 39.75
N MET C 1191 2.76 25.91 40.86
CA MET C 1191 2.38 27.31 40.97
C MET C 1191 3.01 27.94 42.19
N PHE C 1192 3.20 29.25 42.15
CA PHE C 1192 3.64 29.97 43.34
C PHE C 1192 2.42 30.30 44.19
N GLU C 1193 2.09 29.38 45.10
CA GLU C 1193 0.96 29.52 46.00
C GLU C 1193 1.51 29.41 47.42
N PRO C 1194 2.10 30.48 47.93
CA PRO C 1194 2.72 30.39 49.27
C PRO C 1194 1.69 30.08 50.33
N ARG C 1195 2.15 29.35 51.36
CA ARG C 1195 1.24 28.85 52.38
C ARG C 1195 2.04 28.55 53.63
N LYS C 1196 1.44 28.79 54.80
CA LYS C 1196 2.15 28.53 56.03
C LYS C 1196 2.25 27.02 56.26
N PRO C 1197 3.37 26.55 56.79
CA PRO C 1197 3.52 25.10 57.01
C PRO C 1197 2.60 24.60 58.12
N THR C 1198 2.28 23.31 58.04
CA THR C 1198 1.46 22.65 59.05
C THR C 1198 2.08 21.29 59.34
N VAL C 1199 1.90 20.82 60.58
CA VAL C 1199 2.52 19.57 61.00
C VAL C 1199 2.07 18.40 60.13
N SER C 1200 0.88 18.48 59.54
CA SER C 1200 0.41 17.42 58.67
C SER C 1200 1.17 17.34 57.35
N ASP C 1201 1.98 18.35 57.03
CA ASP C 1201 2.81 18.32 55.85
C ASP C 1201 4.17 17.65 56.09
N PHE C 1202 4.50 17.37 57.34
CA PHE C 1202 5.83 16.89 57.71
C PHE C 1202 5.77 15.45 58.19
N VAL C 1203 6.89 14.75 58.04
CA VAL C 1203 7.07 13.40 58.55
C VAL C 1203 8.41 13.34 59.26
N GLN C 1204 8.52 12.44 60.23
CA GLN C 1204 9.76 12.27 60.97
C GLN C 1204 10.67 11.29 60.26
N ILE C 1205 11.97 11.59 60.28
CA ILE C 1205 12.98 10.80 59.59
C ILE C 1205 14.04 10.40 60.60
N GLU C 1206 14.45 9.13 60.56
CA GLU C 1206 15.41 8.63 61.54
C GLU C 1206 16.76 9.34 61.41
N SER C 1207 17.22 9.56 60.18
CA SER C 1207 18.56 10.07 59.92
C SER C 1207 18.48 11.53 59.51
N CYS C 1208 19.24 12.38 60.20
CA CYS C 1208 19.33 13.79 59.85
C CYS C 1208 20.33 13.98 58.71
N VAL C 1209 20.26 15.15 58.08
CA VAL C 1209 21.13 15.46 56.96
C VAL C 1209 21.70 16.86 57.15
N VAL C 1210 22.95 17.04 56.72
CA VAL C 1210 23.61 18.33 56.83
C VAL C 1210 22.95 19.39 55.98
N THR C 1211 22.18 19.00 54.96
CA THR C 1211 21.49 20.01 54.16
C THR C 1211 20.28 20.60 54.87
N TYR C 1212 19.73 19.89 55.85
CA TYR C 1212 18.58 20.40 56.58
C TYR C 1212 18.97 21.59 57.44
N VAL C 1213 18.05 22.54 57.57
CA VAL C 1213 18.34 23.73 58.36
C VAL C 1213 18.32 23.37 59.84
N ASN C 1214 19.31 23.88 60.58
CA ASN C 1214 19.36 23.65 62.01
C ASN C 1214 18.17 24.34 62.68
N LEU C 1215 17.69 23.75 63.77
CA LEU C 1215 16.55 24.35 64.46
C LEU C 1215 16.49 23.82 65.88
N THR C 1216 15.73 24.54 66.72
CA THR C 1216 15.54 24.18 68.12
C THR C 1216 14.05 24.21 68.46
N ARG C 1217 13.68 23.41 69.47
CA ARG C 1217 12.27 23.23 69.79
C ARG C 1217 11.60 24.54 70.19
N ASP C 1218 12.37 25.50 70.71
CA ASP C 1218 11.78 26.80 71.02
C ASP C 1218 11.52 27.61 69.75
N GLN C 1219 12.29 27.34 68.70
CA GLN C 1219 12.15 28.09 67.45
C GLN C 1219 11.24 27.42 66.44
N LEU C 1220 10.99 26.12 66.59
CA LEU C 1220 10.19 25.42 65.58
C LEU C 1220 8.76 25.93 65.48
N PRO C 1221 8.03 26.18 66.58
CA PRO C 1221 6.66 26.72 66.43
C PRO C 1221 6.62 28.07 65.73
N ASP C 1222 7.73 28.80 65.71
CA ASP C 1222 7.80 30.00 64.88
C ASP C 1222 7.70 29.64 63.39
N VAL C 1223 8.41 28.60 62.97
CA VAL C 1223 8.33 28.15 61.58
C VAL C 1223 6.99 27.49 61.31
N ILE C 1224 6.53 26.64 62.21
CA ILE C 1224 5.26 25.94 62.05
C ILE C 1224 4.30 26.40 63.13
N PRO C 1225 3.40 27.36 62.84
CA PRO C 1225 2.48 27.82 63.88
C PRO C 1225 1.57 26.72 64.41
N ASP C 1226 1.22 25.74 63.58
CA ASP C 1226 0.33 24.67 64.01
C ASP C 1226 1.00 23.70 64.97
N TYR C 1227 2.31 23.76 65.13
CA TYR C 1227 3.00 22.84 66.03
C TYR C 1227 2.58 23.07 67.47
N ILE C 1228 2.31 21.98 68.18
CA ILE C 1228 1.94 22.02 69.58
C ILE C 1228 3.01 21.30 70.38
N ASP C 1229 3.67 22.02 71.28
CA ASP C 1229 4.67 21.42 72.16
C ASP C 1229 3.93 20.84 73.36
N VAL C 1230 3.82 19.52 73.41
CA VAL C 1230 3.03 18.86 74.44
C VAL C 1230 3.61 19.14 75.83
N ASN C 1231 4.94 19.07 75.96
CA ASN C 1231 5.55 19.31 77.25
C ASN C 1231 5.36 20.75 77.72
N LYS C 1232 5.60 21.72 76.83
CA LYS C 1232 5.48 23.11 77.24
C LYS C 1232 4.05 23.47 77.60
N THR C 1233 3.08 22.98 76.82
CA THR C 1233 1.68 23.26 77.13
C THR C 1233 1.26 22.59 78.44
N ARG C 1234 1.68 21.34 78.65
CA ARG C 1234 1.28 20.62 79.86
C ARG C 1234 2.05 21.09 81.09
N ASP C 1235 3.34 21.39 80.94
CA ASP C 1235 4.18 21.80 82.07
C ASP C 1235 4.12 23.31 82.25
N GLU C 1236 2.91 23.80 82.49
CA GLU C 1236 2.68 25.21 82.78
C GLU C 1236 1.52 25.37 83.75
C1 NAG D . -30.20 -54.60 12.81
C2 NAG D . -31.06 -53.99 13.91
C3 NAG D . -30.19 -53.35 14.99
C4 NAG D . -29.17 -54.37 15.51
C5 NAG D . -28.38 -54.95 14.35
C6 NAG D . -27.44 -56.05 14.76
C7 NAG D . -31.68 -51.93 12.69
C8 NAG D . -32.83 -51.07 12.23
N2 NAG D . -32.02 -53.02 13.39
O3 NAG D . -31.01 -52.90 16.07
O4 NAG D . -28.27 -53.74 16.42
O5 NAG D . -29.29 -55.53 13.39
O6 NAG D . -27.98 -56.83 15.82
O7 NAG D . -30.51 -51.64 12.44
C1 NAG D . -28.51 -54.27 17.74
C2 NAG D . -27.91 -53.29 18.76
C3 NAG D . -28.18 -53.77 20.18
C4 NAG D . -29.67 -54.02 20.38
C5 NAG D . -30.19 -54.97 19.31
C6 NAG D . -31.69 -55.17 19.37
C7 NAG D . -25.56 -54.04 18.61
C8 NAG D . -24.15 -53.61 18.35
N2 NAG D . -26.49 -53.08 18.54
O3 NAG D . -27.70 -52.80 21.09
O4 NAG D . -29.93 -54.59 21.67
O5 NAG D . -29.90 -54.44 18.00
O6 NAG D . -32.32 -54.82 18.15
O7 NAG D . -25.84 -55.21 18.87
C1 BMA D . -30.24 -53.51 22.59
C2 BMA D . -31.30 -53.99 23.60
C3 BMA D . -31.53 -52.87 24.62
C4 BMA D . -30.21 -52.36 25.22
C5 BMA D . -29.23 -51.98 24.10
C6 BMA D . -27.85 -51.58 24.62
O2 BMA D . -30.83 -55.12 24.33
O3 BMA D . -32.41 -53.29 25.66
O4 BMA D . -30.45 -51.23 26.03
O5 BMA D . -29.05 -53.11 23.25
O6 BMA D . -27.09 -52.78 24.81
C1 FUC D . -28.26 -58.16 15.36
C2 FUC D . -28.51 -59.05 16.59
C3 FUC D . -29.80 -58.65 17.31
C4 FUC D . -30.99 -58.66 16.32
C5 FUC D . -30.65 -57.80 15.10
C6 FUC D . -31.70 -57.90 14.00
O2 FUC D . -27.41 -59.03 17.49
O3 FUC D . -30.11 -59.60 18.32
O4 FUC D . -31.27 -59.98 15.91
O5 FUC D . -29.39 -58.17 14.50
C1 NAG E . -16.54 -30.32 -23.66
C2 NAG E . -17.31 -29.36 -22.75
C3 NAG E . -18.75 -29.24 -23.21
C4 NAG E . -18.80 -28.85 -24.68
C5 NAG E . -17.98 -29.83 -25.51
C6 NAG E . -17.88 -29.44 -26.96
C7 NAG E . -17.34 -28.94 -20.33
C8 NAG E . -17.26 -29.55 -18.96
N2 NAG E . -17.25 -29.79 -21.35
O3 NAG E . -19.42 -28.26 -22.41
O4 NAG E . -20.15 -28.90 -25.16
O5 NAG E . -16.64 -29.88 -25.01
O6 NAG E . -16.78 -28.58 -27.20
O7 NAG E . -17.47 -27.73 -20.50
C1 NAG E . -20.71 -27.58 -25.07
C2 NAG E . -21.40 -27.27 -26.39
C3 NAG E . -22.10 -25.91 -26.29
C4 NAG E . -23.04 -25.88 -25.10
C5 NAG E . -22.29 -26.27 -23.83
C6 NAG E . -23.19 -26.38 -22.62
C7 NAG E . -20.74 -27.73 -28.70
C8 NAG E . -19.63 -27.66 -29.71
N2 NAG E . -20.45 -27.26 -27.49
O3 NAG E . -22.85 -25.68 -27.49
O4 NAG E . -23.58 -24.57 -24.95
O5 NAG E . -21.67 -27.54 -24.01
O6 NAG E . -22.44 -26.62 -21.43
O7 NAG E . -21.84 -28.20 -28.97
C1 BMA E . -24.98 -24.62 -25.26
C2 BMA E . -25.63 -23.54 -24.38
C3 BMA E . -27.09 -23.34 -24.77
C4 BMA E . -27.29 -23.27 -26.29
C5 BMA E . -26.58 -24.43 -26.99
C6 BMA E . -26.68 -24.30 -28.50
O2 BMA E . -25.00 -22.28 -24.60
O3 BMA E . -27.57 -22.14 -24.19
O4 BMA E . -28.68 -23.32 -26.59
O5 BMA E . -25.20 -24.37 -26.63
O6 BMA E . -27.85 -23.53 -28.75
C1 MAN E . -28.13 -22.41 -22.89
C2 MAN E . -29.27 -21.36 -22.72
C3 MAN E . -28.73 -19.99 -22.29
C4 MAN E . -27.63 -20.10 -21.22
C5 MAN E . -26.55 -21.03 -21.73
C6 MAN E . -25.39 -21.16 -20.76
O2 MAN E . -30.23 -21.77 -21.75
O3 MAN E . -29.78 -19.13 -21.83
O4 MAN E . -27.08 -18.81 -20.97
O5 MAN E . -27.14 -22.32 -21.89
O6 MAN E . -24.22 -21.52 -21.51
C1 MAN E . -31.44 -22.03 -22.49
C2 MAN E . -32.65 -22.05 -21.51
C3 MAN E . -33.70 -23.05 -22.00
C4 MAN E . -33.76 -23.08 -23.53
C5 MAN E . -32.43 -23.62 -24.09
C6 MAN E . -32.09 -23.11 -25.47
O2 MAN E . -33.31 -20.79 -21.47
O3 MAN E . -34.99 -22.76 -21.47
O4 MAN E . -34.82 -23.91 -23.96
O5 MAN E . -31.32 -23.27 -23.21
O6 MAN E . -33.21 -23.35 -26.32
C1 MAN E . -27.90 -23.08 -30.12
C2 MAN E . -26.66 -22.18 -30.41
C3 MAN E . -26.76 -20.82 -29.70
C4 MAN E . -28.17 -20.20 -29.85
C5 MAN E . -29.24 -21.22 -29.46
C6 MAN E . -30.66 -20.70 -29.63
O2 MAN E . -26.56 -21.87 -31.80
O3 MAN E . -25.78 -19.92 -30.22
O4 MAN E . -28.30 -19.06 -29.01
O5 MAN E . -29.09 -22.37 -30.31
O6 MAN E . -31.15 -20.35 -28.34
C1 MAN E . -25.12 -19.14 -29.19
C2 MAN E . -24.76 -20.05 -27.98
C3 MAN E . -24.73 -19.24 -26.69
C4 MAN E . -24.30 -17.80 -26.97
C5 MAN E . -25.39 -17.10 -27.82
C6 MAN E . -24.86 -15.91 -28.60
O2 MAN E . -23.44 -20.59 -28.12
O3 MAN E . -23.88 -19.83 -25.71
O4 MAN E . -24.15 -17.09 -25.74
O5 MAN E . -25.96 -18.05 -28.77
O6 MAN E . -23.60 -16.25 -29.15
C1 NAG F . -39.75 -31.95 -30.00
C2 NAG F . -40.69 -32.30 -31.16
C3 NAG F . -41.40 -31.04 -31.64
C4 NAG F . -42.06 -30.31 -30.48
C5 NAG F . -41.05 -30.08 -29.36
C6 NAG F . -41.67 -29.45 -28.12
C7 NAG F . -40.34 -34.10 -32.78
C8 NAG F . -39.48 -34.61 -33.90
N2 NAG F . -39.97 -32.93 -32.25
O3 NAG F . -42.38 -31.40 -32.62
O4 NAG F . -42.58 -29.06 -30.92
O5 NAG F . -40.47 -31.32 -28.95
O6 NAG F . -42.83 -30.15 -27.72
O7 NAG F . -41.31 -34.72 -32.38
C1 FUC F . -42.62 -30.74 -26.43
C2 FUC F . -43.32 -32.12 -26.44
C3 FUC F . -42.41 -33.21 -25.87
C4 FUC F . -41.75 -32.73 -24.59
C5 FUC F . -40.86 -31.52 -24.89
C6 FUC F . -40.87 -30.46 -23.81
O2 FUC F . -43.77 -32.47 -27.74
O3 FUC F . -43.16 -34.38 -25.58
O4 FUC F . -42.73 -32.39 -23.63
O5 FUC F . -41.23 -30.85 -26.14
C1 NAG G . -20.29 -53.94 -6.81
C2 NAG G . -18.85 -53.51 -7.07
C3 NAG G . -18.13 -53.22 -5.75
C4 NAG G . -18.51 -54.25 -4.68
C5 NAG G . -20.03 -54.31 -4.50
C6 NAG G . -20.49 -53.76 -3.17
C7 NAG G . -17.25 -54.19 -8.79
C8 NAG G . -16.59 -55.33 -9.49
N2 NAG G . -18.13 -54.51 -7.84
O3 NAG G . -18.48 -51.92 -5.31
O4 NAG G . -18.00 -55.52 -5.07
O5 NAG G . -20.68 -53.55 -5.51
O6 NAG G . -21.44 -52.72 -3.36
O7 NAG G . -17.00 -53.02 -9.08
C1 NAG G . -17.75 -56.28 -3.87
C2 NAG G . -17.38 -57.70 -4.25
C3 NAG G . -17.11 -58.54 -3.00
C4 NAG G . -16.10 -57.85 -2.09
C5 NAG G . -16.45 -56.37 -1.87
C6 NAG G . -15.34 -55.61 -1.18
C7 NAG G . -18.35 -58.46 -6.38
C8 NAG G . -17.09 -58.00 -7.03
N2 NAG G . -18.44 -58.31 -5.06
O3 NAG G . -16.64 -59.82 -3.38
O4 NAG G . -16.18 -58.48 -0.82
O5 NAG G . -16.68 -55.70 -3.12
O6 NAG G . -14.47 -55.01 -2.13
O7 NAG G . -19.26 -58.97 -7.03
C1 BMA G . -14.95 -58.98 -0.24
C2 BMA G . -15.15 -60.50 0.00
C3 BMA G . -13.91 -61.07 0.65
C4 BMA G . -12.63 -60.68 -0.11
C5 BMA G . -12.58 -59.16 -0.34
C6 BMA G . -11.38 -58.73 -1.17
O2 BMA G . -15.31 -61.18 -1.24
O3 BMA G . -13.99 -62.50 0.76
O4 BMA G . -11.48 -61.09 0.62
O5 BMA G . -13.78 -58.75 -1.04
O6 BMA G . -10.21 -59.24 -0.54
C1 NAG H . -30.54 -45.78 -36.38
C2 NAG H . -30.97 -46.16 -37.81
C3 NAG H . -32.45 -45.90 -38.01
C4 NAG H . -33.28 -46.57 -36.91
C5 NAG H . -32.75 -46.18 -35.54
C6 NAG H . -33.43 -46.90 -34.39
C7 NAG H . -29.99 -45.88 -40.04
C8 NAG H . -29.16 -45.00 -40.93
N2 NAG H . -30.18 -45.44 -38.80
O3 NAG H . -32.87 -46.39 -39.28
O4 NAG H . -34.64 -46.16 -37.03
O5 NAG H . -31.36 -46.49 -35.43
O6 NAG H . -34.65 -46.27 -34.03
O7 NAG H . -30.47 -46.94 -40.44
C1 NAG H . -35.55 -47.29 -37.06
C2 NAG H . -36.23 -47.32 -38.43
C3 NAG H . -37.21 -48.50 -38.50
C4 NAG H . -36.50 -49.80 -38.14
C5 NAG H . -35.78 -49.66 -36.79
C6 NAG H . -34.95 -50.88 -36.44
C7 NAG H . -37.88 -45.53 -37.96
C8 NAG H . -38.44 -44.23 -38.45
N2 NAG H . -36.91 -46.07 -38.73
O3 NAG H . -37.74 -48.59 -39.82
O4 NAG H . -37.43 -50.86 -38.06
O5 NAG H . -34.88 -48.54 -36.83
O6 NAG H . -35.59 -52.07 -36.88
O7 NAG H . -38.30 -46.08 -36.95
C1 NAG I . -29.28 -55.88 -26.64
C2 NAG I . -29.32 -56.26 -28.14
C3 NAG I . -29.77 -57.71 -28.33
C4 NAG I . -28.90 -58.64 -27.52
C5 NAG I . -29.06 -58.29 -26.05
C6 NAG I . -28.24 -59.14 -25.13
C7 NAG I . -29.92 -54.07 -29.10
C8 NAG I . -30.95 -53.31 -29.87
N2 NAG I . -30.21 -55.36 -28.86
O3 NAG I . -29.70 -58.04 -29.71
O4 NAG I . -29.25 -60.01 -27.74
O5 NAG I . -28.61 -56.94 -25.87
O6 NAG I . -26.87 -58.78 -25.16
O7 NAG I . -28.88 -53.56 -28.70
C1 NAG I . -28.07 -60.68 -28.25
C2 NAG I . -28.09 -62.15 -27.81
C3 NAG I . -26.87 -62.88 -28.39
C4 NAG I . -26.80 -62.70 -29.90
C5 NAG I . -26.85 -61.22 -30.25
C6 NAG I . -26.90 -60.97 -31.74
C7 NAG I . -28.58 -63.33 -25.72
C8 NAG I . -28.53 -63.28 -24.22
N2 NAG I . -28.10 -62.26 -26.36
O3 NAG I . -26.95 -64.26 -28.07
O4 NAG I . -25.59 -63.26 -30.40
O5 NAG I . -28.02 -60.61 -29.69
O6 NAG I . -27.93 -60.06 -32.08
O7 NAG I . -29.04 -64.30 -26.32
C1 BMA I . -25.90 -64.47 -31.12
C2 BMA I . -25.32 -64.35 -32.54
C3 BMA I . -25.49 -65.68 -33.29
C4 BMA I . -24.98 -66.86 -32.45
C5 BMA I . -25.66 -66.86 -31.07
C6 BMA I . -25.17 -67.97 -30.16
O2 BMA I . -23.93 -64.08 -32.51
O3 BMA I . -24.83 -65.66 -34.55
O4 BMA I . -25.26 -68.08 -33.11
O5 BMA I . -25.36 -65.60 -30.44
O6 BMA I . -25.96 -67.97 -28.98
C1 NAG J . -44.78 -9.39 3.16
C2 NAG J . -46.23 -9.78 3.32
C3 NAG J . -46.36 -11.03 4.18
C4 NAG J . -44.99 -11.61 4.55
C5 NAG J . -43.98 -11.61 3.38
C6 NAG J . -44.14 -12.81 2.48
C7 NAG J . -47.07 -7.95 4.89
C8 NAG J . -45.96 -8.24 5.86
N2 NAG J . -47.12 -8.70 3.76
O3 NAG J . -47.12 -12.01 3.49
O4 NAG J . -44.43 -10.93 5.68
O5 NAG J . -44.07 -10.44 2.55
O6 NAG J . -43.62 -13.98 3.09
O7 NAG J . -47.89 -7.08 5.10
C1 NAG J . -44.50 -11.75 6.86
C2 NAG J . -44.96 -10.87 8.02
C3 NAG J . -45.12 -11.68 9.29
C4 NAG J . -46.01 -12.89 9.05
C5 NAG J . -45.50 -13.69 7.85
C6 NAG J . -46.40 -14.84 7.47
C7 NAG J . -42.77 -9.85 8.56
C8 NAG J . -42.04 -8.55 8.74
N2 NAG J . -44.07 -9.74 8.23
O3 NAG J . -45.67 -10.88 10.32
O4 NAG J . -46.04 -13.72 10.20
O5 NAG J . -45.41 -12.84 6.70
O6 NAG J . -47.24 -15.22 8.56
O7 NAG J . -42.22 -10.93 8.72
C1 NAG K . -35.51 12.82 -34.77
C2 NAG K . -36.33 11.51 -34.80
C3 NAG K . -37.03 11.32 -36.15
C4 NAG K . -37.81 12.58 -36.53
C5 NAG K . -36.93 13.81 -36.41
C6 NAG K . -37.68 15.10 -36.65
C7 NAG K . -34.49 9.77 -34.99
C8 NAG K . -33.95 10.43 -36.23
N2 NAG K . -35.56 10.33 -34.39
O3 NAG K . -37.91 10.20 -36.08
O4 NAG K . -38.28 12.47 -37.86
O5 NAG K . -36.35 13.91 -35.10
O6 NAG K . -38.87 15.14 -35.89
O7 NAG K . -33.97 8.76 -34.52
C1 NAG K . -39.71 12.27 -37.83
C2 NAG K . -40.36 13.10 -38.93
C3 NAG K . -41.85 12.86 -38.95
C4 NAG K . -42.15 11.37 -39.10
C5 NAG K . -41.43 10.59 -38.00
C6 NAG K . -41.57 9.10 -38.15
C7 NAG K . -39.60 15.30 -39.73
C8 NAG K . -39.40 14.64 -41.06
N2 NAG K . -40.06 14.51 -38.76
O3 NAG K . -42.42 13.59 -40.04
O4 NAG K . -43.55 11.13 -39.00
O5 NAG K . -40.03 10.88 -38.03
O6 NAG K . -40.82 8.62 -39.26
O7 NAG K . -39.37 16.49 -39.56
C1 BMA K . -44.19 11.10 -40.30
C2 BMA K . -43.34 10.29 -41.32
C3 BMA K . -44.05 10.29 -42.66
C4 BMA K . -45.49 9.77 -42.52
C5 BMA K . -46.25 10.60 -41.44
C6 BMA K . -47.64 10.06 -41.18
O2 BMA K . -43.25 8.93 -40.92
O3 BMA K . -43.35 9.53 -43.63
O4 BMA K . -46.17 9.89 -43.75
O5 BMA K . -45.50 10.55 -40.21
O6 BMA K . -47.86 8.94 -42.03
C1 NAG L . -39.25 5.17 12.46
C2 NAG L . -40.70 5.54 12.77
C3 NAG L . -41.10 6.79 12.00
C4 NAG L . -40.14 7.93 12.31
C5 NAG L . -38.71 7.48 11.99
C6 NAG L . -37.68 8.52 12.34
C7 NAG L . -41.79 3.88 11.30
C8 NAG L . -42.78 2.76 11.25
N2 NAG L . -41.61 4.44 12.50
O3 NAG L . -42.43 7.16 12.37
O4 NAG L . -40.47 9.08 11.55
O5 NAG L . -38.39 6.29 12.73
O6 NAG L . -37.89 9.04 13.65
O7 NAG L . -41.18 4.26 10.29
C1 NAG L . -41.09 10.07 12.41
C2 NAG L . -41.47 11.28 11.56
C3 NAG L . -42.21 12.31 12.42
C4 NAG L . -43.38 11.67 13.14
C5 NAG L . -42.91 10.46 13.92
C6 NAG L . -44.05 9.70 14.58
C7 NAG L . -39.63 11.33 9.93
C8 NAG L . -38.44 12.09 9.43
N2 NAG L . -40.29 11.88 10.95
O3 NAG L . -42.66 13.37 11.58
O4 NAG L . -43.98 12.60 14.03
O5 NAG L . -42.26 9.54 13.04
O6 NAG L . -45.04 10.58 15.09
O7 NAG L . -39.96 10.25 9.43
C1 NAG M . -29.73 22.30 45.25
C2 NAG M . -29.91 22.45 46.77
C3 NAG M . -31.25 23.13 47.06
C4 NAG M . -31.43 24.40 46.23
C5 NAG M . -31.11 24.15 44.76
C6 NAG M . -31.07 25.42 43.94
C7 NAG M . -30.65 20.15 47.27
C8 NAG M . -30.37 18.92 48.08
N2 NAG M . -29.81 21.17 47.45
O3 NAG M . -31.31 23.45 48.46
O4 NAG M . -32.76 24.91 46.33
O5 NAG M . -29.81 23.55 44.64
O6 NAG M . -29.84 25.55 43.26
O7 NAG M . -31.59 20.20 46.48
C1 NAG M . -33.77 23.89 46.49
C2 NAG M . -34.79 24.42 47.49
C3 NAG M . -35.92 23.41 47.69
C4 NAG M . -36.53 23.05 46.34
C5 NAG M . -35.45 22.56 45.39
C6 NAG M . -35.97 22.27 44.00
C7 NAG M . -33.69 25.97 49.04
C8 NAG M . -33.08 26.13 50.39
N2 NAG M . -34.17 24.75 48.76
O3 NAG M . -36.90 23.95 48.55
O4 NAG M . -37.50 22.01 46.52
O5 NAG M . -34.43 23.55 45.25
O6 NAG M . -36.89 23.27 43.58
O7 NAG M . -33.76 26.90 48.24
C1 BMA M . -38.84 22.50 46.24
C2 BMA M . -39.77 22.01 47.38
C3 BMA M . -40.83 23.08 47.73
C4 BMA M . -41.30 23.96 46.53
C5 BMA M . -40.12 24.39 45.61
C6 BMA M . -40.02 25.90 45.45
O2 BMA M . -39.03 21.75 48.56
O3 BMA M . -40.42 23.89 48.82
O4 BMA M . -42.27 23.26 45.76
O5 BMA M . -38.89 23.92 46.17
O6 BMA M . -41.34 26.41 45.31
C1 NAG N . -19.09 -21.02 38.70
C2 NAG N . -20.35 -21.70 39.25
C3 NAG N . -20.42 -23.17 38.85
C4 NAG N . -20.20 -23.34 37.35
C5 NAG N . -18.94 -22.58 36.91
C6 NAG N . -18.73 -22.58 35.41
C7 NAG N . -19.73 -21.93 41.70
C8 NAG N . -18.47 -22.67 41.35
N2 NAG N . -20.53 -21.51 40.70
O3 NAG N . -21.68 -23.72 39.21
O4 NAG N . -20.03 -24.72 37.06
O5 NAG N . -19.03 -21.21 37.30
O6 NAG N . -17.45 -22.06 35.06
O7 NAG N . -20.03 -21.69 42.87
C1 NAG N . -20.92 -25.11 36.00
C2 NAG N . -20.95 -26.65 35.96
C3 NAG N . -21.92 -27.17 34.88
C4 NAG N . -23.28 -26.51 35.04
C5 NAG N . -23.14 -24.99 35.10
C6 NAG N . -24.45 -24.27 35.35
C7 NAG N . -18.72 -27.16 34.88
C8 NAG N . -19.05 -26.28 33.70
N2 NAG N . -19.64 -27.27 35.86
O3 NAG N . -22.05 -28.58 35.00
O4 NAG N . -24.12 -26.85 33.94
O5 NAG N . -22.26 -24.61 36.17
O6 NAG N . -25.45 -24.70 34.43
O7 NAG N . -17.64 -27.75 34.94
C1 NAG O . -19.49 34.87 56.40
C2 NAG O . -20.89 35.32 55.90
C3 NAG O . -20.74 36.22 54.68
C4 NAG O . -19.80 37.37 54.96
C5 NAG O . -18.46 36.84 55.44
C6 NAG O . -17.50 37.93 55.84
C7 NAG O . -21.69 33.38 54.59
C8 NAG O . -22.73 32.31 54.51
N2 NAG O . -21.78 34.21 55.63
O3 NAG O . -22.03 36.69 54.29
O4 NAG O . -19.59 38.15 53.79
O5 NAG O . -18.66 36.01 56.60
O6 NAG O . -18.23 39.11 56.19
O7 NAG O . -20.78 33.45 53.76
C1 NAG O . -20.51 39.26 53.77
C2 NAG O . -19.79 40.52 53.31
C3 NAG O . -20.77 41.69 53.24
C4 NAG O . -21.96 41.33 52.37
C5 NAG O . -22.60 40.03 52.86
C6 NAG O . -23.71 39.54 51.95
C7 NAG O . -17.39 40.80 53.79
C8 NAG O . -17.16 40.40 52.36
N2 NAG O . -18.68 40.84 54.19
O3 NAG O . -20.11 42.83 52.71
O4 NAG O . -22.92 42.37 52.41
O5 NAG O . -21.62 38.99 52.90
O6 NAG O . -23.52 39.98 50.61
O7 NAG O . -16.47 41.07 54.55
C1 FUC O . -18.04 39.39 57.60
C2 FUC O . -18.70 40.76 57.91
C3 FUC O . -20.23 40.66 57.88
C4 FUC O . -20.71 39.56 58.82
C5 FUC O . -20.05 38.23 58.45
C6 FUC O . -20.36 37.11 59.42
O2 FUC O . -18.24 41.78 57.03
O3 FUC O . -20.81 41.88 58.33
O4 FUC O . -20.40 39.88 60.15
O5 FUC O . -18.60 38.35 58.41
C1 NAG P . 64.01 1.26 0.42
C2 NAG P . 64.27 0.55 1.75
C3 NAG P . 63.52 1.24 2.87
C4 NAG P . 63.86 2.72 2.91
C5 NAG P . 63.66 3.36 1.53
C6 NAG P . 64.15 4.78 1.46
C7 NAG P . 62.71 -1.34 1.35
C8 NAG P . 62.58 -2.84 1.34
N2 NAG P . 63.92 -0.87 1.68
O3 NAG P . 63.84 0.63 4.12
O4 NAG P . 63.07 3.38 3.88
O5 NAG P . 64.39 2.62 0.53
O6 NAG P . 65.26 4.97 2.33
O7 NAG P . 61.77 -0.61 1.09
C1 NAG P . 63.94 3.94 4.89
C2 NAG P . 63.08 4.70 5.92
C3 NAG P . 63.96 5.28 7.02
C4 NAG P . 64.84 4.19 7.63
C5 NAG P . 65.62 3.46 6.54
C6 NAG P . 66.43 2.30 7.06
C7 NAG P . 62.80 6.79 4.61
C8 NAG P . 61.80 7.75 4.03
N2 NAG P . 62.29 5.75 5.28
O3 NAG P . 63.14 5.87 8.03
O4 NAG P . 65.76 4.77 8.55
O5 NAG P . 64.70 2.93 5.57
O6 NAG P . 67.71 2.25 6.45
O7 NAG P . 64.01 6.95 4.48
C1 BMA P . 65.37 4.37 9.89
C2 BMA P . 66.62 4.49 10.81
C3 BMA P . 66.21 4.22 12.26
C4 BMA P . 64.98 5.03 12.67
C5 BMA P . 63.83 4.79 11.68
C6 BMA P . 62.59 5.61 11.98
O2 BMA P . 67.12 5.82 10.78
O3 BMA P . 67.29 4.47 13.16
O4 BMA P . 64.56 4.63 13.97
O5 BMA P . 64.30 5.17 10.36
O6 BMA P . 62.85 6.96 11.62
C1 FUC P . 66.18 5.95 1.83
C2 FUC P . 67.09 6.33 3.00
C3 FUC P . 67.92 5.10 3.44
C4 FUC P . 68.70 4.54 2.24
C5 FUC P . 67.74 4.28 1.06
C6 FUC P . 68.47 3.92 -0.23
O2 FUC P . 66.36 6.85 4.10
O3 FUC P . 68.86 5.48 4.43
O4 FUC P . 69.70 5.45 1.85
O5 FUC P . 66.93 5.44 0.76
C1 NAG Q . 30.01 -11.46 -26.89
C2 NAG Q . 29.95 -12.26 -25.58
C3 NAG Q . 30.47 -13.67 -25.80
C4 NAG Q . 29.67 -14.34 -26.91
C5 NAG Q . 29.80 -13.50 -28.18
C6 NAG Q . 28.99 -14.05 -29.33
C7 NAG Q . 30.11 -11.19 -23.38
C8 NAG Q . 31.01 -10.54 -22.38
N2 NAG Q . 30.69 -11.60 -24.51
O3 NAG Q . 30.35 -14.38 -24.57
O4 NAG Q . 30.16 -15.66 -27.15
O5 NAG Q . 29.31 -12.17 -27.94
O6 NAG Q . 27.61 -13.76 -29.19
O7 NAG Q . 28.90 -11.33 -23.17
C1 NAG Q . 29.45 -16.58 -26.30
C2 NAG Q . 29.32 -17.93 -26.97
C3 NAG Q . 28.63 -18.93 -26.04
C4 NAG Q . 29.36 -18.98 -24.69
C5 NAG Q . 29.52 -17.57 -24.11
C6 NAG Q . 30.35 -17.53 -22.86
C7 NAG Q . 29.18 -17.64 -29.41
C8 NAG Q . 28.27 -17.55 -30.59
N2 NAG Q . 28.59 -17.83 -28.22
O3 NAG Q . 28.63 -20.21 -26.64
O4 NAG Q . 28.63 -19.78 -23.77
O5 NAG Q . 30.17 -16.73 -25.07
O6 NAG Q . 31.51 -16.73 -23.03
O7 NAG Q . 30.40 -17.54 -29.51
C1 BMA Q . 29.23 -21.08 -23.71
C2 BMA Q . 28.85 -21.73 -22.37
C3 BMA Q . 29.26 -23.20 -22.34
C4 BMA Q . 28.83 -23.92 -23.62
C5 BMA Q . 29.35 -23.15 -24.84
C6 BMA Q . 28.98 -23.80 -26.15
O2 BMA Q . 27.44 -21.69 -22.18
O3 BMA Q . 28.69 -23.85 -21.23
O4 BMA Q . 29.37 -25.23 -23.64
O5 BMA Q . 28.77 -21.86 -24.80
O6 BMA Q . 29.07 -25.21 -25.98
C1 MAN Q . 29.72 -24.12 -20.25
C2 MAN Q . 29.24 -25.34 -19.45
C3 MAN Q . 27.98 -24.96 -18.67
C4 MAN Q . 28.22 -23.70 -17.81
C5 MAN Q . 28.76 -22.56 -18.70
C6 MAN Q . 29.17 -21.34 -17.88
O2 MAN Q . 30.20 -25.74 -18.47
O3 MAN Q . 27.52 -26.03 -17.85
O4 MAN Q . 27.01 -23.29 -17.21
O5 MAN Q . 29.92 -23.01 -19.41
O6 MAN Q . 30.11 -20.59 -18.65
C1 MAN Q . 31.02 -26.81 -18.99
C2 MAN Q . 32.50 -26.28 -18.99
C3 MAN Q . 33.45 -27.18 -19.82
C4 MAN Q . 32.71 -28.39 -20.38
C5 MAN Q . 31.52 -27.89 -21.18
C6 MAN Q . 30.79 -29.00 -21.91
O2 MAN Q . 33.05 -26.27 -17.67
O3 MAN Q . 34.58 -27.58 -19.06
O4 MAN Q . 33.57 -29.12 -21.23
O5 MAN Q . 30.56 -27.24 -20.29
O6 MAN Q . 31.76 -29.84 -22.52
C1 MAN Q . 28.88 -25.88 -27.25
C2 MAN Q . 27.50 -25.51 -27.83
C3 MAN Q . 26.39 -26.05 -26.93
C4 MAN Q . 26.58 -27.55 -26.65
C5 MAN Q . 28.00 -27.81 -26.12
C6 MAN Q . 28.31 -29.29 -25.98
O2 MAN Q . 27.28 -26.14 -29.09
O3 MAN Q . 25.10 -25.80 -27.50
O4 MAN Q . 25.64 -27.99 -25.68
O5 MAN Q . 28.97 -27.27 -27.04
O6 MAN Q . 27.28 -29.88 -25.18
C1 MAN Q . 24.17 -25.24 -26.53
C2 MAN Q . 24.83 -23.99 -25.85
C3 MAN Q . 24.41 -23.91 -24.39
C4 MAN Q . 22.94 -24.32 -24.22
C5 MAN Q . 22.78 -25.80 -24.62
C6 MAN Q . 21.42 -26.12 -25.22
O2 MAN Q . 24.37 -22.77 -26.45
O3 MAN Q . 24.62 -22.62 -23.84
O4 MAN Q . 22.53 -24.14 -22.88
O5 MAN Q . 23.80 -26.22 -25.57
O6 MAN Q . 20.98 -24.97 -25.94
C1 NAG R . 41.20 -31.75 -27.74
C2 NAG R . 41.91 -32.86 -28.54
C3 NAG R . 41.01 -34.07 -28.69
C4 NAG R . 40.57 -34.57 -27.33
C5 NAG R . 39.83 -33.47 -26.58
C6 NAG R . 39.51 -33.84 -25.16
C7 NAG R . 43.59 -31.87 -30.02
C8 NAG R . 43.91 -31.43 -31.41
N2 NAG R . 42.37 -32.39 -29.83
O3 NAG R . 41.71 -35.09 -29.38
O4 NAG R . 39.70 -35.69 -27.47
O5 NAG R . 40.66 -32.29 -26.50
O6 NAG R . 40.57 -34.62 -24.58
O7 NAG R . 44.40 -31.77 -29.10
C1 FUC R . 41.38 -33.83 -23.68
C2 FUC R . 42.87 -34.02 -24.09
C3 FUC R . 43.67 -32.71 -23.98
C4 FUC R . 43.24 -31.92 -22.74
C5 FUC R . 41.75 -31.56 -22.84
C6 FUC R . 41.05 -31.55 -21.49
O2 FUC R . 43.03 -34.58 -25.40
O3 FUC R . 45.07 -33.01 -23.86
O4 FUC R . 43.52 -32.65 -21.56
O5 FUC R . 41.00 -32.46 -23.69
C1 NAG S . 54.97 1.60 -19.80
C2 NAG S . 53.75 2.46 -20.11
C3 NAG S . 53.39 3.37 -18.93
C4 NAG S . 54.64 3.96 -18.28
C5 NAG S . 55.67 2.88 -17.94
C6 NAG S . 55.92 2.73 -16.47
C7 NAG S . 53.06 3.35 -22.29
C8 NAG S . 53.44 4.21 -23.46
N2 NAG S . 53.97 3.26 -21.32
O3 NAG S . 52.67 2.62 -17.97
O4 NAG S . 55.21 4.93 -19.14
O5 NAG S . 55.20 1.61 -18.42
O6 NAG S . 55.50 1.45 -16.00
O7 NAG S . 51.99 2.77 -22.24
C1 NAG S . 55.90 5.91 -18.34
C2 NAG S . 57.00 6.56 -19.18
C3 NAG S . 57.74 7.59 -18.35
C4 NAG S . 56.78 8.59 -17.71
C5 NAG S . 55.64 7.86 -16.99
C6 NAG S . 54.55 8.80 -16.51
C7 NAG S . 57.87 5.05 -20.92
C8 NAG S . 56.80 5.61 -21.81
N2 NAG S . 57.92 5.54 -19.68
O3 NAG S . 58.67 8.28 -19.18
O4 NAG S . 57.52 9.33 -16.74
O5 NAG S . 55.01 6.91 -17.86
O6 NAG S . 54.23 9.76 -17.50
O7 NAG S . 58.66 4.20 -21.31
C1 BMA S . 57.34 10.76 -16.73
C2 BMA S . 58.75 11.41 -16.78
C3 BMA S . 58.60 12.92 -16.70
C4 BMA S . 57.60 13.45 -17.73
C5 BMA S . 56.26 12.67 -17.68
C6 BMA S . 55.29 13.08 -18.76
O2 BMA S . 59.37 11.14 -18.02
O3 BMA S . 59.85 13.58 -16.84
O4 BMA S . 57.35 14.83 -17.51
O5 BMA S . 56.54 11.26 -17.81
O6 BMA S . 55.16 14.49 -18.74
C1 NAG T . 48.47 -21.72 -40.19
C2 NAG T . 48.51 -22.65 -41.39
C3 NAG T . 49.04 -24.02 -40.97
C4 NAG T . 50.36 -23.89 -40.22
C5 NAG T . 50.25 -22.86 -39.09
C6 NAG T . 51.57 -22.56 -38.43
C7 NAG T . 46.87 -22.12 -43.14
C8 NAG T . 45.49 -22.37 -43.66
N2 NAG T . 47.21 -22.78 -42.03
O3 NAG T . 49.21 -24.84 -42.12
O4 NAG T . 50.72 -25.15 -39.67
O5 NAG T . 49.76 -21.62 -39.60
O6 NAG T . 51.91 -21.18 -38.53
O7 NAG T . 47.66 -21.36 -43.70
C1 NAG T . 52.00 -25.59 -40.19
C2 NAG T . 51.92 -27.09 -40.45
C3 NAG T . 53.26 -27.58 -41.03
C4 NAG T . 53.64 -26.77 -42.25
C5 NAG T . 53.62 -25.27 -41.93
C6 NAG T . 53.87 -24.41 -43.14
C7 NAG T . 52.28 -27.82 -38.12
C8 NAG T . 51.74 -28.66 -37.00
N2 NAG T . 51.57 -27.83 -39.25
O3 NAG T . 53.14 -28.96 -41.36
O4 NAG T . 54.94 -27.14 -42.68
O5 NAG T . 52.33 -24.89 -41.41
O6 NAG T . 55.09 -24.76 -43.79
O7 NAG T . 53.32 -27.18 -38.00
C1 NAG U . 58.15 -13.95 -35.04
C2 NAG U . 57.76 -14.16 -36.51
C3 NAG U . 58.94 -13.88 -37.43
C4 NAG U . 59.38 -12.43 -37.31
C5 NAG U . 59.59 -12.04 -35.86
C6 NAG U . 58.70 -10.90 -35.39
C7 NAG U . 56.37 -15.82 -37.66
C8 NAG U . 55.96 -17.25 -37.73
N2 NAG U . 57.26 -15.51 -36.71
O3 NAG U . 58.58 -14.17 -38.78
O4 NAG U . 60.58 -12.19 -38.04
O5 NAG U . 59.39 -13.16 -34.96
O6 NAG U . 59.11 -9.67 -35.94
O7 NAG U . 55.90 -14.97 -38.42
C1 NAG U . 60.36 -11.16 -39.01
C2 NAG U . 61.63 -10.28 -39.13
C3 NAG U . 61.48 -9.27 -40.27
C4 NAG U . 61.08 -9.96 -41.57
C5 NAG U . 59.79 -10.74 -41.32
C6 NAG U . 59.30 -11.48 -42.54
C7 NAG U . 63.11 -9.10 -37.59
C8 NAG U . 63.23 -8.43 -36.25
N2 NAG U . 61.91 -9.61 -37.88
O3 NAG U . 62.69 -8.56 -40.46
O4 NAG U . 60.89 -9.02 -42.61
O5 NAG U . 60.02 -11.71 -40.30
O6 NAG U . 60.37 -12.10 -43.24
O7 NAG U . 64.07 -9.16 -38.36
C1 BMA U . 61.93 -9.18 -43.59
C2 BMA U . 61.27 -9.38 -44.98
C3 BMA U . 62.33 -9.40 -46.08
C4 BMA U . 63.24 -8.17 -45.98
C5 BMA U . 63.89 -8.14 -44.58
C6 BMA U . 64.82 -6.95 -44.39
O2 BMA U . 60.38 -8.31 -45.27
O3 BMA U . 61.74 -9.44 -47.38
O4 BMA U . 64.25 -8.23 -46.98
O5 BMA U . 62.83 -8.06 -43.60
O6 BMA U . 65.90 -7.35 -43.57
C1 NAG V . 30.48 -32.02 12.04
C2 NAG V . 31.63 -32.87 12.54
C3 NAG V . 32.46 -32.10 13.57
C4 NAG V . 32.72 -30.67 13.13
C5 NAG V . 31.57 -30.01 12.34
C6 NAG V . 32.00 -28.79 11.57
C7 NAG V . 30.41 -34.50 14.06
C8 NAG V . 29.83 -33.37 14.87
N2 NAG V . 31.21 -34.20 13.02
O3 NAG V . 33.69 -32.78 13.79
O4 NAG V . 32.91 -29.87 14.30
O5 NAG V . 30.98 -30.91 11.40
O6 NAG V . 33.37 -28.86 11.20
O7 NAG V . 30.16 -35.67 14.34
C1 NAG V . 34.25 -29.36 14.36
C2 NAG V . 35.04 -30.17 15.39
C3 NAG V . 36.51 -29.73 15.43
C4 NAG V . 37.10 -29.71 14.03
C5 NAG V . 36.22 -28.91 13.09
C6 NAG V . 36.70 -28.96 11.65
C7 NAG V . 34.19 -29.16 17.56
C8 NAG V . 34.59 -27.78 17.12
N2 NAG V . 34.44 -30.19 16.72
O3 NAG V . 37.25 -30.61 16.27
O4 NAG V . 38.40 -29.14 14.07
O5 NAG V . 34.89 -29.44 13.09
O6 NAG V . 35.61 -29.07 10.74
O7 NAG V . 33.67 -29.35 18.65
C1 NAG W . 0.95 -47.57 -18.30
C2 NAG W . 2.48 -47.58 -18.52
C3 NAG W . 2.88 -48.69 -19.50
C4 NAG W . 2.28 -50.03 -19.07
C5 NAG W . 0.78 -49.89 -18.83
C6 NAG W . 0.16 -51.14 -18.25
C7 NAG W . 2.81 -45.54 -19.99
C8 NAG W . 1.82 -46.07 -21.01
N2 NAG W . 3.04 -46.28 -18.90
O3 NAG W . 4.30 -48.79 -19.54
O4 NAG W . 2.48 -50.98 -20.12
O5 NAG W . 0.52 -48.85 -17.89
O6 NAG W . 0.69 -51.44 -16.97
O7 NAG W . 3.36 -44.46 -20.16
C1 NAG W . 3.29 -52.08 -19.69
C2 NAG W . 2.70 -53.35 -20.30
C3 NAG W . 3.56 -54.55 -19.91
C4 NAG W . 5.00 -54.33 -20.32
C5 NAG W . 5.51 -53.01 -19.74
C6 NAG W . 6.90 -52.65 -20.23
C7 NAG W . 0.31 -53.60 -20.74
C8 NAG W . 0.65 -53.46 -22.19
N2 NAG W . 1.33 -53.54 -19.89
O3 NAG W . 3.01 -55.71 -20.54
O4 NAG W . 5.84 -55.40 -19.88
O5 NAG W . 4.65 -51.93 -20.12
O6 NAG W . 6.85 -51.63 -21.21
O7 NAG W . -0.85 -53.77 -20.37
C1 BMA W . 5.89 -56.44 -20.87
C2 BMA W . 6.57 -55.89 -22.16
C3 BMA W . 6.65 -57.01 -23.20
C4 BMA W . 7.29 -58.28 -22.60
C5 BMA W . 6.57 -58.69 -21.30
C6 BMA W . 7.21 -59.88 -20.62
O2 BMA W . 7.90 -55.49 -21.89
O3 BMA W . 7.36 -56.60 -24.35
O4 BMA W . 7.21 -59.34 -23.54
O5 BMA W . 6.60 -57.58 -20.39
O6 BMA W . 8.53 -59.50 -20.23
C1 NAG X . 17.13 -29.70 23.44
C2 NAG X . 17.41 -30.81 24.47
C3 NAG X . 16.34 -31.90 24.38
C4 NAG X . 14.95 -31.29 24.52
C5 NAG X . 14.76 -30.19 23.47
C6 NAG X . 13.43 -29.49 23.59
C7 NAG X . 19.16 -32.01 23.19
C8 NAG X . 20.57 -32.52 23.24
N2 NAG X . 18.74 -31.38 24.30
O3 NAG X . 16.57 -32.85 25.40
O4 NAG X . 13.96 -32.29 24.34
O5 NAG X . 15.78 -29.20 23.62
O6 NAG X . 13.11 -29.22 24.96
O7 NAG X . 18.44 -32.16 22.21
C1 NAG X . 13.43 -32.72 25.61
C2 NAG X . 13.74 -34.21 25.79
C3 NAG X . 13.26 -34.69 27.16
C4 NAG X . 13.83 -33.82 28.26
C5 NAG X . 13.50 -32.35 27.99
C6 NAG X . 14.13 -31.41 29.00
C7 NAG X . 13.79 -35.33 23.61
C8 NAG X . 13.02 -36.14 22.61
N2 NAG X . 13.15 -35.00 24.73
O3 NAG X . 13.67 -36.05 27.35
O4 NAG X . 13.26 -34.19 29.52
O5 NAG X . 14.02 -31.97 26.70
O6 NAG X . 13.51 -31.52 30.26
O7 NAG X . 14.96 -34.98 23.40
C1 NAG Y . 3.84 -16.04 55.96
C2 NAG Y . 4.67 -15.81 57.21
C3 NAG Y . 5.05 -17.15 57.81
C4 NAG Y . 3.83 -18.06 57.97
C5 NAG Y . 2.91 -18.03 56.75
C6 NAG Y . 1.56 -18.64 57.01
C7 NAG Y . 6.57 -14.38 57.83
C8 NAG Y . 7.77 -13.63 57.34
N2 NAG Y . 5.87 -15.03 56.91
O3 NAG Y . 5.66 -16.94 59.09
O4 NAG Y . 4.28 -19.40 58.13
O5 NAG Y . 2.66 -16.68 56.31
O6 NAG Y . 0.55 -18.05 56.21
O7 NAG Y . 6.26 -14.40 59.02
C1 NAG Y . 4.29 -19.80 59.51
C2 NAG Y . 4.40 -21.31 59.55
C3 NAG Y . 4.45 -21.81 60.99
C4 NAG Y . 5.59 -21.13 61.73
C5 NAG Y . 5.47 -19.62 61.62
C6 NAG Y . 6.65 -18.87 62.21
C7 NAG Y . 3.40 -22.47 57.61
C8 NAG Y . 4.76 -22.41 57.00
N2 NAG Y . 3.29 -21.94 58.83
O3 NAG Y . 4.62 -23.22 61.00
O4 NAG Y . 5.55 -21.49 63.11
O5 NAG Y . 5.39 -19.22 60.24
O6 NAG Y . 7.72 -18.77 61.28
O7 NAG Y . 2.45 -22.98 57.04
C1 BMA Y . 6.67 -22.33 63.48
C2 BMA Y . 6.10 -23.65 64.04
C3 BMA Y . 6.99 -24.84 63.64
C4 BMA Y . 8.50 -24.50 63.54
C5 BMA Y . 8.77 -23.18 62.78
C6 BMA Y . 9.64 -23.36 61.54
O2 BMA Y . 4.81 -23.91 63.50
O3 BMA Y . 6.54 -25.48 62.45
O4 BMA Y . 9.08 -24.44 64.84
O5 BMA Y . 7.51 -22.61 62.37
O6 BMA Y . 9.87 -22.08 60.97
C1 NAG Z . 34.04 8.24 32.88
C2 NAG Z . 35.12 7.45 33.64
C3 NAG Z . 36.52 7.74 33.09
C4 NAG Z . 36.54 7.56 31.57
C5 NAG Z . 35.41 8.36 30.93
C6 NAG Z . 35.30 8.15 29.44
C7 NAG Z . 35.25 8.78 35.80
C8 NAG Z . 35.58 10.05 35.05
N2 NAG Z . 35.05 7.66 35.10
O3 NAG Z . 37.45 6.86 33.69
O4 NAG Z . 37.78 8.06 31.08
O5 NAG Z . 34.15 7.96 31.49
O6 NAG Z . 35.77 9.27 28.71
O7 NAG Z . 35.16 8.79 37.03
C1 NAG Z . 38.49 7.06 30.32
C2 NAG Z . 39.85 7.68 29.95
C3 NAG Z . 40.71 6.68 29.17
C4 NAG Z . 40.80 5.36 29.91
C5 NAG Z . 39.39 4.86 30.25
C6 NAG Z . 39.40 3.58 31.07
C7 NAG Z . 39.16 9.27 28.10
C8 NAG Z . 38.52 8.16 27.32
N2 NAG Z . 39.74 8.98 29.28
O3 NAG Z . 42.01 7.24 28.99
O4 NAG Z . 41.46 4.39 29.12
O5 NAG Z . 38.69 5.84 31.02
O6 NAG Z . 39.11 2.45 30.27
O7 NAG Z . 39.16 10.42 27.66
C1 NAG AA . -9.66 -8.32 67.64
C2 NAG AA . -9.38 -9.82 67.64
C3 NAG AA . -10.38 -10.54 66.74
C4 NAG AA . -11.80 -10.18 67.15
C5 NAG AA . -11.97 -8.65 67.24
C6 NAG AA . -13.31 -8.23 67.79
C7 NAG AA . -7.46 -9.77 66.08
C8 NAG AA . -6.03 -10.16 65.87
N2 NAG AA . -8.01 -10.12 67.25
O3 NAG AA . -10.17 -11.93 66.83
O4 NAG AA . -12.74 -10.69 66.21
O5 NAG AA . -10.98 -8.09 68.12
O6 NAG AA . -14.02 -9.35 68.33
O7 NAG AA . -8.08 -9.15 65.22
C1 NAG AA . -13.23 -11.96 66.69
C2 NAG AA . -14.65 -12.17 66.15
C3 NAG AA . -15.18 -13.53 66.60
C4 NAG AA . -14.22 -14.64 66.19
C5 NAG AA . -12.81 -14.33 66.72
C6 NAG AA . -11.78 -15.33 66.24
C7 NAG AA . -16.18 -10.31 65.73
C8 NAG AA . -15.96 -10.56 64.27
N2 NAG AA . -15.53 -11.11 66.58
O3 NAG AA . -16.45 -13.75 66.01
O4 NAG AA . -14.66 -15.88 66.73
O5 NAG AA . -12.39 -13.04 66.26
O6 NAG AA . -12.23 -16.67 66.41
O7 NAG AA . -16.93 -9.41 66.12
C1 FUC AA . -14.42 -9.08 69.69
C2 FUC AA . -15.21 -10.30 70.18
C3 FUC AA . -14.29 -11.52 70.29
C4 FUC AA . -13.10 -11.21 71.21
C5 FUC AA . -12.38 -9.94 70.74
C6 FUC AA . -11.33 -9.45 71.72
O2 FUC AA . -16.32 -10.58 69.34
O3 FUC AA . -15.00 -12.62 70.85
O4 FUC AA . -13.57 -11.02 72.54
O5 FUC AA . -13.30 -8.83 70.54
C1 NAG BA . -33.52 52.04 -13.97
C2 NAG BA . -32.85 52.95 -12.95
C3 NAG BA . -32.96 52.36 -11.54
C4 NAG BA . -34.41 52.05 -11.22
C5 NAG BA . -34.99 51.13 -12.28
C6 NAG BA . -36.46 50.84 -12.09
C7 NAG BA . -30.51 52.32 -13.42
C8 NAG BA . -29.15 52.83 -13.78
N2 NAG BA . -31.46 53.24 -13.29
O3 NAG BA . -32.43 53.28 -10.59
O4 NAG BA . -34.52 51.44 -9.93
O5 NAG BA . -34.87 51.75 -13.57
O6 NAG BA . -37.16 51.95 -11.56
O7 NAG BA . -30.73 51.12 -13.27
C1 NAG BA . -35.16 52.39 -9.05
C2 NAG BA . -35.24 51.79 -7.64
C3 NAG BA . -35.85 52.79 -6.67
C4 NAG BA . -35.09 54.12 -6.73
C5 NAG BA . -35.02 54.62 -8.17
C6 NAG BA . -34.18 55.87 -8.32
C7 NAG BA . -37.29 50.43 -7.98
C8 NAG BA . -37.88 49.05 -7.89
N2 NAG BA . -36.00 50.54 -7.63
O3 NAG BA . -35.80 52.27 -5.34
O4 NAG BA . -35.73 55.09 -5.91
O5 NAG BA . -34.43 53.62 -9.00
O6 NAG BA . -33.39 55.82 -9.50
O7 NAG BA . -37.95 51.39 -8.34
C1 BMA BA . -34.88 55.41 -4.79
C2 BMA BA . -35.77 55.65 -3.55
C3 BMA BA . -34.89 55.84 -2.31
C4 BMA BA . -33.82 54.74 -2.20
C5 BMA BA . -33.01 54.66 -3.49
C6 BMA BA . -31.98 53.55 -3.47
O2 BMA BA . -36.57 54.51 -3.30
O3 BMA BA . -35.67 55.88 -1.13
O4 BMA BA . -32.95 55.02 -1.11
O5 BMA BA . -33.92 54.38 -4.56
O6 BMA BA . -32.60 52.36 -3.95
C1 FUC BA . -37.73 52.73 -12.64
C2 FUC BA . -39.07 53.32 -12.17
C3 FUC BA . -38.85 54.36 -11.07
C4 FUC BA . -37.86 55.44 -11.55
C5 FUC BA . -36.57 54.78 -12.04
C6 FUC BA . -35.62 55.78 -12.70
O2 FUC BA . -39.98 52.32 -11.75
O3 FUC BA . -40.08 55.01 -10.76
O4 FUC BA . -38.44 56.21 -12.59
O5 FUC BA . -36.83 53.76 -13.02
C1 NAG CA . -10.94 19.06 -36.00
C2 NAG CA . -10.01 19.63 -34.95
C3 NAG CA . -9.08 20.68 -35.56
C4 NAG CA . -8.35 20.10 -36.77
C5 NAG CA . -9.36 19.49 -37.74
C6 NAG CA . -8.70 18.76 -38.89
C7 NAG CA . -10.25 20.34 -32.61
C8 NAG CA . -11.16 20.96 -31.60
N2 NAG CA . -10.76 20.20 -33.83
O3 NAG CA . -8.15 21.09 -34.58
O4 NAG CA . -7.64 21.12 -37.46
O5 NAG CA . -10.18 18.52 -37.07
O6 NAG CA . -8.16 17.51 -38.48
O7 NAG CA . -9.10 20.01 -32.33
C1 NAG CA . -6.30 21.17 -36.95
C2 NAG CA . -5.32 21.18 -38.11
C3 NAG CA . -3.89 21.32 -37.60
C4 NAG CA . -3.78 22.53 -36.66
C5 NAG CA . -4.83 22.47 -35.57
C6 NAG CA . -4.86 23.70 -34.71
C7 NAG CA . -5.58 20.00 -40.25
C8 NAG CA . -5.70 18.66 -40.92
N2 NAG CA . -5.44 19.98 -38.92
O3 NAG CA . -3.00 21.47 -38.69
O4 NAG CA . -2.48 22.55 -36.06
O5 NAG CA . -6.14 22.34 -36.17
O6 NAG CA . -5.81 23.57 -33.65
O7 NAG CA . -5.62 21.05 -40.88
C1 BMA CA . -1.71 23.58 -36.68
C2 BMA CA . -0.68 24.05 -35.65
C3 BMA CA . 0.34 24.97 -36.28
C4 BMA CA . 0.87 24.43 -37.60
C5 BMA CA . -0.29 24.06 -38.52
C6 BMA CA . 0.17 23.48 -39.84
O2 BMA CA . 0.04 22.94 -35.13
O3 BMA CA . 1.42 25.18 -35.40
O4 BMA CA . 1.67 25.41 -38.24
O5 BMA CA . -1.08 23.08 -37.85
O6 BMA CA . 1.44 24.05 -40.12
C1 MAN CA . 1.17 26.34 -34.59
C2 MAN CA . 2.51 27.11 -34.54
C3 MAN CA . 3.53 26.36 -33.67
C4 MAN CA . 2.93 25.98 -32.31
C5 MAN CA . 1.66 25.17 -32.54
C6 MAN CA . 0.97 24.77 -31.24
O2 MAN CA . 2.36 28.42 -33.98
O3 MAN CA . 4.73 27.11 -33.49
O4 MAN CA . 3.87 25.19 -31.58
O5 MAN CA . 0.73 25.97 -33.29
O6 MAN CA . 0.01 23.76 -31.53
C1 MAN CA . 2.98 29.35 -34.90
C2 MAN CA . 3.06 30.75 -34.23
C3 MAN CA . 3.04 31.84 -35.30
C4 MAN CA . 3.69 31.34 -36.60
C5 MAN CA . 2.85 30.18 -37.19
C6 MAN CA . 3.64 29.26 -38.09
O2 MAN CA . 4.28 30.92 -33.51
O3 MAN CA . 3.67 33.03 -34.85
O4 MAN CA . 3.76 32.40 -37.54
O5 MAN CA . 2.27 29.38 -36.14
O6 MAN CA . 4.38 30.06 -39.01
C1 MAN CA . 2.11 23.38 -41.21
C2 MAN CA . 2.21 21.86 -40.92
C3 MAN CA . 3.18 21.58 -39.77
C4 MAN CA . 4.51 22.35 -39.93
C5 MAN CA . 4.22 23.83 -40.19
C6 MAN CA . 5.48 24.65 -40.43
O2 MAN CA . 2.74 21.15 -42.04
O3 MAN CA . 3.44 20.17 -39.65
O4 MAN CA . 5.30 22.22 -38.76
O5 MAN CA . 3.40 23.95 -41.36
O6 MAN CA . 6.14 24.81 -39.17
C1 MAN CA . 3.38 19.70 -38.28
C2 MAN CA . 2.15 20.33 -37.55
C3 MAN CA . 2.46 20.50 -36.07
C4 MAN CA . 3.37 19.37 -35.57
C5 MAN CA . 4.74 19.48 -36.26
C6 MAN CA . 5.45 18.15 -36.38
O2 MAN CA . 1.02 19.47 -37.62
O3 MAN CA . 1.27 20.56 -35.29
O4 MAN CA . 3.53 19.46 -34.17
O5 MAN CA . 4.60 20.02 -37.61
O6 MAN CA . 5.07 17.35 -35.26
C1 NAG DA . 0.80 36.91 -46.72
C2 NAG DA . 1.25 37.50 -48.06
C3 NAG DA . 2.76 37.40 -48.21
C4 NAG DA . 3.46 38.03 -47.02
C5 NAG DA . 2.94 37.41 -45.72
C6 NAG DA . 3.50 38.07 -44.48
C7 NAG DA . -0.57 37.30 -49.69
C8 NAG DA . -1.13 36.51 -50.83
N2 NAG DA . 0.58 36.86 -49.17
O3 NAG DA . 3.16 38.05 -49.41
O4 NAG DA . 4.86 37.82 -47.10
O5 NAG DA . 1.51 37.57 -45.65
O6 NAG DA . 3.39 39.49 -44.55
O7 NAG DA . -1.14 38.30 -49.25
C1 FUC DA . 2.55 39.96 -43.47
C2 FUC DA . 1.84 41.24 -43.98
C3 FUC DA . 0.37 41.28 -43.56
C4 FUC DA . 0.21 40.79 -42.11
C5 FUC DA . 0.68 39.33 -42.02
C6 FUC DA . 1.36 38.99 -40.71
O2 FUC DA . 1.97 41.41 -45.38
O3 FUC DA . -0.12 42.62 -43.63
O4 FUC DA . 0.96 41.61 -41.22
O5 FUC DA . 1.61 38.97 -43.08
C1 NAG EA . -32.96 37.17 -29.97
C2 NAG EA . -33.47 35.73 -29.96
C3 NAG EA . -33.91 35.32 -28.56
C4 NAG EA . -34.72 36.42 -27.90
C5 NAG EA . -33.94 37.74 -27.90
C6 NAG EA . -33.55 38.22 -26.52
C7 NAG EA . -34.69 34.46 -31.69
C8 NAG EA . -35.87 34.44 -32.61
N2 NAG EA . -34.57 35.55 -30.91
O3 NAG EA . -32.75 35.03 -27.78
O4 NAG EA . -35.92 36.58 -28.64
O5 NAG EA . -32.72 37.59 -28.65
O6 NAG EA . -32.26 38.80 -26.53
O7 NAG EA . -33.88 33.54 -31.64
C1 NAG EA . -37.00 37.07 -27.82
C2 NAG EA . -38.28 36.76 -28.58
C3 NAG EA . -39.47 37.29 -27.79
C4 NAG EA . -39.46 36.77 -26.35
C5 NAG EA . -38.08 36.95 -25.70
C6 NAG EA . -37.94 36.24 -24.38
C7 NAG EA . -38.56 36.66 -31.01
C8 NAG EA . -38.97 35.23 -30.81
N2 NAG EA . -38.25 37.34 -29.91
O3 NAG EA . -40.67 36.87 -28.43
O4 NAG EA . -40.38 37.56 -25.61
O5 NAG EA . -37.04 36.43 -26.55
O6 NAG EA . -38.54 34.93 -24.44
O7 NAG EA . -38.53 37.17 -32.13
C1 BMA EA . -41.31 36.85 -24.75
C2 BMA EA . -42.72 37.44 -25.01
C3 BMA EA . -43.71 36.77 -24.07
C4 BMA EA . -43.63 35.24 -24.15
C5 BMA EA . -42.16 34.77 -23.97
C6 BMA EA . -41.99 33.27 -24.10
O2 BMA EA . -43.16 37.15 -26.33
O3 BMA EA . -45.05 37.20 -24.32
O4 BMA EA . -44.44 34.65 -23.13
O5 BMA EA . -41.34 35.43 -24.96
O6 BMA EA . -42.76 32.65 -23.07
C1 NAG FA . -14.20 33.20 -56.62
C2 NAG FA . -14.37 33.57 -58.09
C3 NAG FA . -13.40 34.68 -58.46
C4 NAG FA . -13.51 35.86 -57.49
C5 NAG FA . -13.41 35.38 -56.05
C6 NAG FA . -13.66 36.46 -55.03
C7 NAG FA . -15.14 31.52 -59.20
C8 NAG FA . -14.76 30.39 -60.10
N2 NAG FA . -14.17 32.42 -58.93
O3 NAG FA . -13.66 35.12 -59.79
O4 NAG FA . -12.46 36.79 -57.78
O5 NAG FA . -14.37 34.35 -55.81
O6 NAG FA . -12.75 36.38 -53.94
O7 NAG FA . -16.26 31.63 -58.74
C1 NAG FA . -12.96 38.14 -57.88
C2 NAG FA . -11.88 38.99 -58.56
C3 NAG FA . -12.36 40.44 -58.70
C4 NAG FA . -13.71 40.48 -59.41
C5 NAG FA . -14.71 39.57 -58.70
C6 NAG FA . -16.04 39.48 -59.40
C7 NAG FA . -10.44 39.29 -56.57
C8 NAG FA . -9.05 39.14 -56.04
N2 NAG FA . -10.62 38.93 -57.86
O3 NAG FA . -11.41 41.18 -59.45
O4 NAG FA . -14.21 41.81 -59.40
O5 NAG FA . -14.19 38.23 -58.63
O6 NAG FA . -16.66 40.75 -59.50
O7 NAG FA . -11.36 39.71 -55.88
C1 NAG GA . -25.48 39.69 -50.82
C2 NAG GA . -25.32 39.31 -52.30
C3 NAG GA . -26.37 40.00 -53.16
C4 NAG GA . -27.78 39.73 -52.62
C5 NAG GA . -27.83 40.22 -51.18
C6 NAG GA . -29.16 39.98 -50.50
C7 NAG GA . -23.01 38.75 -52.95
C8 NAG GA . -21.71 39.28 -53.44
N2 NAG GA . -23.99 39.65 -52.77
O3 NAG GA . -26.28 39.51 -54.50
O4 NAG GA . -28.73 40.44 -53.39
O5 NAG GA . -26.85 39.50 -50.41
O6 NAG GA . -29.60 38.64 -50.70
O7 NAG GA . -23.19 37.55 -52.73
C1 NAG GA . -29.70 39.50 -53.91
C2 NAG GA . -31.06 40.20 -54.01
C3 NAG GA . -32.10 39.26 -54.62
C4 NAG GA . -31.60 38.72 -55.96
C5 NAG GA . -30.24 38.05 -55.76
C6 NAG GA . -29.63 37.55 -57.04
C7 NAG GA . -32.27 41.75 -52.54
C8 NAG GA . -32.64 42.09 -51.13
N2 NAG GA . -31.50 40.67 -52.71
O3 NAG GA . -33.32 39.97 -54.80
O4 NAG GA . -32.52 37.76 -56.47
O5 NAG GA . -29.31 38.99 -55.19
O6 NAG GA . -30.12 38.27 -58.17
O7 NAG GA . -32.66 42.42 -53.49
C1 BMA GA . -33.28 38.38 -57.53
C2 BMA GA . -33.78 37.25 -58.46
C3 BMA GA . -34.73 37.83 -59.51
C4 BMA GA . -35.82 38.68 -58.85
C5 BMA GA . -35.18 39.76 -57.98
C6 BMA GA . -36.20 40.64 -57.27
O2 BMA GA . -34.52 36.28 -57.74
O3 BMA GA . -35.32 36.81 -60.31
O4 BMA GA . -36.63 39.29 -59.85
O5 BMA GA . -34.37 39.12 -56.99
O6 BMA GA . -35.61 41.91 -57.02
C1 NAG HA . 13.97 42.97 -7.64
C2 NAG HA . 14.28 44.25 -8.41
C3 NAG HA . 13.87 45.49 -7.60
C4 NAG HA . 12.41 45.36 -7.11
C5 NAG HA . 12.22 44.01 -6.42
C6 NAG HA . 10.78 43.73 -6.07
C7 NAG HA . 16.80 44.35 -8.13
C8 NAG HA . 16.69 44.29 -6.63
N2 NAG HA . 15.67 44.35 -8.86
O3 NAG HA . 13.99 46.66 -8.41
O4 NAG HA . 12.15 46.38 -6.17
O5 NAG HA . 12.62 42.95 -7.29
O6 NAG HA . 10.05 43.28 -7.20
O7 NAG HA . 17.91 44.43 -8.67
C1 NAG HA . 10.97 47.16 -6.48
C2 NAG HA . 10.23 47.43 -5.18
C3 NAG HA . 8.99 48.27 -5.44
C4 NAG HA . 9.35 49.52 -6.25
C5 NAG HA . 10.17 49.17 -7.48
C6 NAG HA . 10.70 50.38 -8.20
C7 NAG HA . 10.00 46.00 -3.19
C8 NAG HA . 9.58 44.65 -2.67
N2 NAG HA . 9.87 46.20 -4.51
O3 NAG HA . 8.38 48.63 -4.21
O4 NAG HA . 8.15 50.20 -6.65
O5 NAG HA . 11.31 48.38 -7.10
O6 NAG HA . 10.01 51.57 -7.81
O7 NAG HA . 10.45 46.87 -2.45
C1 NAG IA . 37.79 12.40 -32.42
C2 NAG IA . 36.95 13.30 -33.32
C3 NAG IA . 37.62 13.42 -34.70
C4 NAG IA . 39.07 13.85 -34.57
C5 NAG IA . 39.81 12.95 -33.58
C6 NAG IA . 41.22 13.42 -33.27
C7 NAG IA . 34.53 13.59 -33.42
C8 NAG IA . 33.20 12.90 -33.56
N2 NAG IA . 35.60 12.80 -33.45
O3 NAG IA . 36.90 14.35 -35.49
O4 NAG IA . 39.72 13.77 -35.82
O5 NAG IA . 39.11 12.92 -32.32
O6 NAG IA . 41.25 14.23 -32.10
O7 NAG IA . 34.61 14.81 -33.29
C1 NAG IA . 40.10 15.10 -36.26
C2 NAG IA . 41.45 15.01 -36.96
C3 NAG IA . 41.87 16.39 -37.46
C4 NAG IA . 40.78 16.99 -38.33
C5 NAG IA . 39.44 16.97 -37.59
C6 NAG IA . 38.28 17.42 -38.46
C7 NAG IA . 43.02 13.25 -36.26
C8 NAG IA . 42.53 12.48 -37.44
N2 NAG IA . 42.47 14.45 -36.08
O3 NAG IA . 43.09 16.26 -38.18
O4 NAG IA . 41.09 18.34 -38.66
O5 NAG IA . 39.13 15.64 -37.15
O6 NAG IA . 37.87 16.39 -39.34
O7 NAG IA . 43.88 12.80 -35.50
C1 BMA IA . 41.78 18.41 -39.93
C2 BMA IA . 40.90 17.81 -41.05
C3 BMA IA . 41.59 17.97 -42.39
C4 BMA IA . 42.02 19.43 -42.63
C5 BMA IA . 42.89 19.91 -41.45
C6 BMA IA . 43.30 21.37 -41.57
O2 BMA IA . 39.67 18.52 -41.14
O3 BMA IA . 40.77 17.54 -43.47
O4 BMA IA . 42.77 19.54 -43.83
O5 BMA IA . 42.13 19.77 -40.24
O6 BMA IA . 42.12 22.16 -41.63
C1 NAG JA . 20.98 35.90 6.38
C2 NAG JA . 21.81 37.17 6.39
C3 NAG JA . 23.28 36.85 6.16
C4 NAG JA . 23.76 35.81 7.16
C5 NAG JA . 22.85 34.58 7.08
C6 NAG JA . 23.21 33.53 8.12
C7 NAG JA . 21.26 37.92 4.10
C8 NAG JA . 20.72 39.05 3.28
N2 NAG JA . 21.32 38.14 5.42
O3 NAG JA . 24.05 38.05 6.30
O4 NAG JA . 25.09 35.43 6.85
O5 NAG JA . 21.49 34.96 7.33
O6 NAG JA . 22.74 33.90 9.41
O7 NAG JA . 21.62 36.87 3.59
C1 NAG JA . 25.94 35.90 7.93
C2 NAG JA . 27.33 35.30 7.75
C3 NAG JA . 28.26 35.82 8.85
C4 NAG JA . 28.26 37.33 8.89
C5 NAG JA . 26.83 37.85 9.01
C6 NAG JA . 26.73 39.36 8.93
C7 NAG JA . 27.00 33.11 6.68
C8 NAG JA . 26.99 31.63 6.87
N2 NAG JA . 27.29 33.85 7.76
O3 NAG JA . 29.59 35.33 8.62
O4 NAG JA . 29.03 37.80 10.00
O5 NAG JA . 26.03 37.33 7.94
O6 NAG JA . 28.01 39.95 8.80
O7 NAG JA . 26.76 33.63 5.59
C1 NAG KA . 20.65 31.75 44.63
C2 NAG KA . 20.24 32.99 45.39
C3 NAG KA . 21.36 34.04 45.27
C4 NAG KA . 22.73 33.44 45.59
C5 NAG KA . 22.92 32.04 45.00
C6 NAG KA . 24.12 31.31 45.58
C7 NAG KA . 18.23 34.37 45.60
C8 NAG KA . 16.96 34.82 44.94
N2 NAG KA . 18.99 33.53 44.89
O3 NAG KA . 21.06 35.10 46.17
O4 NAG KA . 23.75 34.23 44.99
O5 NAG KA . 21.78 31.19 45.23
O6 NAG KA . 24.50 30.21 44.77
O7 NAG KA . 18.56 34.76 46.72
C1 NAG KA . 23.96 35.52 45.57
C2 NAG KA . 25.28 35.51 46.36
C3 NAG KA . 25.60 36.91 46.87
C4 NAG KA . 25.59 37.91 45.73
C5 NAG KA . 24.25 37.85 45.01
C6 NAG KA . 24.18 38.75 43.80
C7 NAG KA . 26.28 33.91 47.93
C8 NAG KA . 26.03 32.96 49.06
N2 NAG KA . 25.20 34.55 47.45
O3 NAG KA . 26.88 36.90 47.50
O4 NAG KA . 25.80 39.22 46.23
O5 NAG KA . 24.02 36.51 44.55
O6 NAG KA . 25.26 38.52 42.92
O7 NAG KA . 27.40 34.07 47.44
C1 BMA KA . 27.04 39.73 45.69
C2 BMA KA . 27.12 41.24 46.01
C3 BMA KA . 28.57 41.65 46.33
C4 BMA KA . 29.65 40.83 45.55
C5 BMA KA . 29.35 39.31 45.52
C6 BMA KA . 30.46 38.47 46.13
O2 BMA KA . 26.34 41.55 47.14
O3 BMA KA . 28.83 41.60 47.73
O4 BMA KA . 29.77 41.32 44.22
O5 BMA KA . 28.14 39.06 46.24
O6 BMA KA . 31.68 38.79 45.46
C1 NAG LA . -18.50 37.65 23.86
C2 NAG LA . -18.09 39.13 23.72
C3 NAG LA . -19.02 39.87 22.76
C4 NAG LA . -19.16 39.12 21.44
C5 NAG LA . -19.51 37.65 21.68
C6 NAG LA . -19.49 36.83 20.42
C7 NAG LA . -18.86 40.08 25.94
C8 NAG LA . -20.26 39.59 25.70
N2 NAG LA . -17.93 39.82 24.99
O3 NAG LA . -18.51 41.17 22.52
O4 NAG LA . -20.18 39.72 20.67
O5 NAG LA . -18.56 37.05 22.58
O6 NAG LA . -20.78 36.73 19.83
O7 NAG LA . -18.56 40.69 26.96
C1 NAG LA . -19.63 40.23 19.44
C2 NAG LA . -20.77 40.93 18.68
C3 NAG LA . -20.25 41.57 17.38
C4 NAG LA . -19.04 42.44 17.67
C5 NAG LA . -17.99 41.65 18.44
C6 NAG LA . -16.79 42.47 18.83
C7 NAG LA . -22.03 38.93 17.73
C8 NAG LA . -20.79 38.43 17.05
N2 NAG LA . -21.93 40.07 18.45
O3 NAG LA . -21.29 42.36 16.81
O4 NAG LA . -18.48 42.90 16.44
O5 NAG LA . -18.56 41.15 19.66
O6 NAG LA . -16.37 43.32 17.76
O7 NAG LA . -23.09 38.33 17.64
C1 NAG MA . 23.30 21.83 61.05
C2 NAG MA . 24.49 22.69 60.59
C3 NAG MA . 25.54 21.82 59.90
C4 NAG MA . 25.95 20.67 60.81
C5 NAG MA . 24.72 19.87 61.21
C6 NAG MA . 25.02 18.75 62.18
C7 NAG MA . 23.43 23.63 58.57
C8 NAG MA . 23.10 24.89 57.83
N2 NAG MA . 24.07 23.78 59.73
O3 NAG MA . 26.68 22.62 59.58
O4 NAG MA . 26.90 19.83 60.15
O5 NAG MA . 23.77 20.73 61.87
O6 NAG MA . 26.18 19.04 62.96
O7 NAG MA . 23.13 22.52 58.12
C1 NAG MA . 28.17 20.00 60.82
C2 NAG MA . 29.22 19.10 60.15
C3 NAG MA . 30.57 19.27 60.82
C4 NAG MA . 30.96 20.74 60.85
C5 NAG MA . 29.85 21.58 61.48
C6 NAG MA . 30.13 23.07 61.42
C7 NAG MA . 28.77 16.92 59.10
C8 NAG MA . 29.19 17.56 57.81
N2 NAG MA . 28.80 17.71 60.18
O3 NAG MA . 31.55 18.51 60.12
O4 NAG MA . 32.16 20.90 61.62
O5 NAG MA . 28.62 21.36 60.77
O6 NAG MA . 31.51 23.34 61.64
O7 NAG MA . 28.41 15.75 59.15
C1 FUC MA . 25.80 19.36 64.31
C2 FUC MA . 27.10 19.32 65.16
C3 FUC MA . 28.00 20.51 64.84
C4 FUC MA . 27.24 21.82 65.04
C5 FUC MA . 26.01 21.81 64.15
C6 FUC MA . 25.11 23.02 64.38
O2 FUC MA . 27.80 18.09 64.99
O3 FUC MA . 29.13 20.53 65.74
O4 FUC MA . 26.84 21.95 66.39
O5 FUC MA . 25.18 20.65 64.39
C1 NAG NA . -39.99 17.69 -18.29
C2 NAG NA . -39.16 18.35 -17.19
C3 NAG NA . -40.09 18.82 -16.07
C4 NAG NA . -41.23 19.67 -16.65
C5 NAG NA . -41.87 19.01 -17.88
C6 NAG NA . -42.85 19.90 -18.59
C7 NAG NA . -36.99 17.84 -16.16
C8 NAG NA . -36.07 16.77 -15.67
N2 NAG NA . -38.16 17.43 -16.67
O3 NAG NA . -39.35 19.58 -15.13
O4 NAG NA . -42.22 19.88 -15.66
O5 NAG NA . -40.87 18.64 -18.84
O6 NAG NA . -42.21 21.01 -19.18
O7 NAG NA . -36.69 19.03 -16.11
C1 NAG OA . -27.73 2.24 46.40
C2 NAG OA . -29.09 1.57 46.69
C3 NAG OA . -30.26 2.49 46.35
C4 NAG OA . -30.09 3.86 46.97
C5 NAG OA . -28.76 4.45 46.53
C6 NAG OA . -28.46 5.79 47.14
C7 NAG OA . -29.54 -0.85 46.59
C8 NAG OA . -29.78 -0.78 48.06
N2 NAG OA . -29.21 0.31 45.99
O3 NAG OA . -31.47 1.90 46.81
O4 NAG OA . -31.13 4.73 46.54
O5 NAG OA . -27.71 3.56 46.96
O6 NAG OA . -27.61 5.68 48.27
O7 NAG OA . -29.62 -1.89 45.96
C1 NAG PA . -27.21 -11.34 32.13
C2 NAG PA . -27.48 -12.13 33.44
C3 NAG PA . -28.87 -11.83 33.97
C4 NAG PA . -29.08 -10.33 34.10
C5 NAG PA . -28.81 -9.65 32.76
C6 NAG PA . -28.93 -8.14 32.83
C7 NAG PA . -26.97 -14.41 34.21
C8 NAG PA . -26.83 -15.85 33.81
N2 NAG PA . -27.29 -13.56 33.23
O3 NAG PA . -29.03 -12.46 35.24
O4 NAG PA . -30.43 -10.06 34.50
O5 NAG PA . -27.46 -9.94 32.35
O6 NAG PA . -27.65 -7.53 32.76
O7 NAG PA . -26.80 -14.02 35.36
C1 NAG QA . -5.23 31.69 72.54
C2 NAG QA . -5.61 33.16 72.69
C3 NAG QA . -4.56 34.04 72.02
C4 NAG QA . -3.17 33.71 72.53
C5 NAG QA . -2.89 32.21 72.38
C6 NAG QA . -1.57 31.80 72.99
C7 NAG QA . -8.01 33.59 72.92
C8 NAG QA . -9.29 33.87 72.20
N2 NAG QA . -6.93 33.42 72.16
O3 NAG QA . -4.86 35.40 72.27
O4 NAG QA . -2.19 34.44 71.80
O5 NAG QA . -3.91 31.47 73.06
O6 NAG QA . -1.74 31.35 74.33
O7 NAG QA . -7.96 33.51 74.14
C1 NAG RA . 0.03 -47.03 0.39
C2 NAG RA . 1.15 -46.62 1.37
C3 NAG RA . 0.64 -46.50 2.81
C4 NAG RA . -0.56 -45.56 2.85
C5 NAG RA . -1.63 -46.06 1.90
C6 NAG RA . -2.84 -45.16 1.85
C7 NAG RA . 2.45 -48.80 1.54
C8 NAG RA . 1.21 -49.55 1.97
N2 NAG RA . 2.34 -47.48 1.28
O3 NAG RA . 1.68 -45.99 3.64
O4 NAG RA . -1.08 -45.49 4.18
O5 NAG RA . -1.11 -46.14 0.57
O6 NAG RA . -3.87 -45.72 1.04
O7 NAG RA . 3.53 -49.38 1.41
C1 NAG SA . 19.50 -6.53 50.54
C2 NAG SA . 20.78 -6.13 51.29
C3 NAG SA . 20.95 -6.98 52.54
C4 NAG SA . 19.69 -6.92 53.40
C5 NAG SA . 18.47 -7.29 52.57
C6 NAG SA . 17.17 -7.17 53.32
C7 NAG SA . 22.92 -5.34 50.37
C8 NAG SA . 22.75 -4.12 51.24
N2 NAG SA . 21.95 -6.25 50.43
O3 NAG SA . 22.07 -6.54 53.29
O4 NAG SA . 19.80 -7.81 54.49
O5 NAG SA . 18.38 -6.43 51.42
O6 NAG SA . 16.62 -8.45 53.61
O7 NAG SA . 23.89 -5.47 49.63
C1 NAG TA . 28.60 -4.78 32.89
C2 NAG TA . 29.77 -4.08 33.61
C3 NAG TA . 30.44 -5.04 34.58
C4 NAG TA . 29.41 -5.62 35.54
C5 NAG TA . 28.28 -6.27 34.76
C6 NAG TA . 27.16 -6.78 35.65
C7 NAG TA . 31.32 -2.37 32.77
C8 NAG TA . 32.29 -2.01 31.69
N2 NAG TA . 30.74 -3.57 32.65
O3 NAG TA . 31.44 -4.33 35.31
O4 NAG TA . 30.02 -6.57 36.40
O5 NAG TA . 27.69 -5.32 33.86
O6 NAG TA . 26.53 -5.71 36.34
O7 NAG TA . 31.06 -1.62 33.70
C1 NAG UA . -11.28 10.99 77.19
C2 NAG UA . -11.70 10.53 78.57
C3 NAG UA . -13.21 10.70 78.76
C4 NAG UA . -13.65 12.10 78.36
C5 NAG UA . -13.11 12.51 77.00
C6 NAG UA . -13.38 13.94 76.65
C7 NAG UA . -10.95 8.68 80.01
C8 NAG UA . -10.59 7.23 80.05
N2 NAG UA . -11.31 9.15 78.80
O3 NAG UA . -13.55 10.45 80.12
O4 NAG UA . -15.07 12.17 78.33
O5 NAG UA . -11.68 12.34 76.98
O6 NAG UA . -13.17 14.80 77.77
O7 NAG UA . -10.94 9.39 81.00
C1 NAG VA . 40.64 19.63 -16.59
C2 NAG VA . 40.00 20.70 -15.70
C3 NAG VA . 40.50 22.08 -16.11
C4 NAG VA . 42.03 22.11 -16.09
C5 NAG VA . 42.59 20.97 -16.94
C6 NAG VA . 44.09 20.86 -16.86
C7 NAG VA . 37.79 19.95 -14.93
C8 NAG VA . 36.32 20.00 -15.17
N2 NAG VA . 38.55 20.64 -15.79
O3 NAG VA . 39.99 23.06 -15.21
O4 NAG VA . 42.49 23.35 -16.61
O5 NAG VA . 42.06 19.71 -16.48
O6 NAG VA . 44.72 21.86 -17.65
O7 NAG VA . 38.28 19.30 -14.01
C1 NAG WA . 3.05 38.84 38.38
C2 NAG WA . 2.20 39.99 38.94
C3 NAG WA . 3.12 41.13 39.38
C4 NAG WA . 4.19 40.62 40.34
C5 NAG WA . 4.91 39.41 39.74
C6 NAG WA . 5.88 38.77 40.71
C7 NAG WA . -0.06 40.59 38.20
C8 NAG WA . -0.51 40.22 39.58
N2 NAG WA . 1.25 40.45 37.94
O3 NAG WA . 2.34 42.15 40.00
O4 NAG WA . 5.14 41.64 40.60
O5 NAG WA . 3.96 38.40 39.38
O6 NAG WA . 5.62 37.38 40.86
O7 NAG WA . -0.84 40.98 37.34
C1 NAG XA . -4.74 38.65 20.57
C2 NAG XA . -5.88 39.60 20.98
C3 NAG XA . -5.32 40.99 21.31
C4 NAG XA . -4.19 40.88 22.34
C5 NAG XA . -3.13 39.89 21.85
C6 NAG XA . -2.03 39.67 22.86
C7 NAG XA . -8.16 39.98 20.19
C8 NAG XA . -9.06 40.04 18.99
N2 NAG XA . -6.88 39.69 19.94
O3 NAG XA . -6.36 41.80 21.83
O4 NAG XA . -3.59 42.16 22.53
O5 NAG XA . -3.74 38.62 21.60
O6 NAG XA . -1.53 38.33 22.79
O7 NAG XA . -8.57 40.19 21.32
C1 NAG YA . 8.87 15.67 77.29
C2 NAG YA . 9.99 15.35 76.30
C3 NAG YA . 10.31 13.87 76.34
C4 NAG YA . 10.62 13.42 77.76
C5 NAG YA . 9.48 13.83 78.70
C6 NAG YA . 9.78 13.53 80.14
C7 NAG YA . 10.15 16.85 74.35
C8 NAG YA . 11.15 17.63 75.15
N2 NAG YA . 9.62 15.77 74.96
O3 NAG YA . 11.43 13.60 75.49
O4 NAG YA . 10.78 12.00 77.80
O5 NAG YA . 9.25 15.23 78.60
O6 NAG YA . 10.05 14.72 80.88
O7 NAG YA . 9.81 17.17 73.22
#